data_8PZY
#
_entry.id   8PZY
#
_cell.length_a   87.530
_cell.length_b   183.030
_cell.length_c   316.530
_cell.angle_alpha   90.00
_cell.angle_beta   90.00
_cell.angle_gamma   90.00
#
_symmetry.space_group_name_H-M   'P 21 21 21'
#
loop_
_entity.id
_entity.type
_entity.pdbx_description
1 polymer 'Probable cytosol aminopeptidase'
2 non-polymer 'BICARBONATE ION'
3 non-polymer 'AMMONIUM ION'
4 non-polymer 1,2-ETHANEDIOL
5 non-polymer 'NITRATE ION'
6 non-polymer 'MANGANESE (II) ION'
7 non-polymer 'SODIUM ION'
8 non-polymer 2-[3-[3-(2-hydroxyethoxy)propoxy]propoxy]ethanol
9 water water
#
_entity_poly.entity_id   1
_entity_poly.type   'polypeptide(L)'
_entity_poly.pdbx_seq_one_letter_code
;MHHHHHHDYDIPTTENLYFQGGMEFLVKSVRPETLKTATLVLAVGEGRKLGASAKAVDDATGGAISAVLKRGDLAGKVGQ
TLLLQSLPNLKAERVLLVGAGKERELGDRQYRKLASAVLSTLKGLAGADAALALGDLAVKGRGAHAKARLLVETLADGLY
VFDRYKSQKAEPLKLKKLTLLADKADSAAVEQGSKEAQAIANGMALTRDLGNLPPNVCHPTFLGEQAKGLAKEFKSLKVE
VLDEKKLRELGMGSFLAVAQGSDQPPRLIILQYNGAKKDQAPHVLVGKGITFDTGGISLKPGLGMDEMKFDMCGAASVFG
TFRAVLELQLPINLVGLLACAENMPSGGATRPGDIVTTMSGQTVEILNTDAEGRLVLCDALTYAERFKPQSVIDIATLTG
ACIVALGSNTSGLMGNNEALVRQLLKAGEFADDRAWQLPLFDEYQEQLDSPFADIANIGGPKAGTITAGCFLSRFAKKYH
WAHLDIAGTAWISGGKDKGATGRPVPLLTQYLLERAK
;
_entity_poly.pdbx_strand_id   A,B,C,D,E,F
#
# COMPACT_ATOMS: atom_id res chain seq x y z
N PHE A 19 27.41 -31.94 5.13
CA PHE A 19 26.51 -32.39 6.18
C PHE A 19 27.08 -33.64 6.86
N GLN A 20 27.29 -34.69 6.05
CA GLN A 20 28.04 -35.91 6.36
C GLN A 20 28.78 -36.38 5.11
N GLY A 21 28.05 -36.49 3.99
CA GLY A 21 28.65 -36.94 2.75
C GLY A 21 28.74 -38.45 2.73
N GLY A 22 29.92 -38.96 2.40
CA GLY A 22 30.13 -40.40 2.41
C GLY A 22 30.17 -41.03 1.03
N MET A 23 29.35 -40.57 0.10
CA MET A 23 29.29 -41.16 -1.23
C MET A 23 30.68 -41.42 -1.77
N GLU A 24 30.95 -42.67 -2.12
CA GLU A 24 32.18 -43.01 -2.82
C GLU A 24 31.92 -42.96 -4.33
N PHE A 25 32.77 -42.25 -5.06
CA PHE A 25 32.70 -42.18 -6.51
C PHE A 25 33.94 -42.88 -7.07
N LEU A 26 33.72 -43.92 -7.88
CA LEU A 26 34.80 -44.67 -8.48
C LEU A 26 34.67 -44.58 -9.98
N VAL A 27 35.82 -44.58 -10.67
CA VAL A 27 35.89 -44.66 -12.13
C VAL A 27 36.52 -46.00 -12.49
N LYS A 28 35.82 -46.78 -13.32
CA LYS A 28 36.32 -48.07 -13.78
C LYS A 28 36.15 -48.20 -15.28
N SER A 29 37.03 -49.00 -15.91
CA SER A 29 37.04 -49.20 -17.35
C SER A 29 36.62 -50.62 -17.74
N VAL A 30 35.82 -51.28 -16.91
CA VAL A 30 35.44 -52.67 -17.18
C VAL A 30 34.16 -52.76 -17.99
N ARG A 31 33.88 -53.95 -18.53
CA ARG A 31 32.69 -54.14 -19.36
C ARG A 31 31.42 -54.03 -18.52
N PRO A 32 30.43 -53.26 -18.94
CA PRO A 32 29.18 -53.16 -18.16
C PRO A 32 28.47 -54.50 -17.98
N GLU A 33 28.45 -55.35 -19.01
CA GLU A 33 27.62 -56.56 -18.98
C GLU A 33 28.09 -57.63 -18.00
N THR A 34 29.30 -57.54 -17.45
CA THR A 34 29.76 -58.48 -16.44
C THR A 34 30.07 -57.84 -15.09
N LEU A 35 29.83 -56.55 -14.92
CA LEU A 35 30.08 -55.90 -13.63
C LEU A 35 29.02 -56.31 -12.60
N LYS A 36 29.47 -56.78 -11.45
CA LYS A 36 28.57 -57.01 -10.33
C LYS A 36 28.15 -55.67 -9.73
N THR A 37 26.85 -55.40 -9.74
CA THR A 37 26.33 -54.17 -9.17
C THR A 37 24.87 -54.39 -8.78
N ALA A 38 24.40 -53.64 -7.79
CA ALA A 38 22.99 -53.69 -7.47
C ALA A 38 22.13 -53.09 -8.58
N THR A 39 22.61 -52.05 -9.26
CA THR A 39 21.85 -51.39 -10.32
C THR A 39 22.80 -50.92 -11.41
N LEU A 40 22.57 -51.36 -12.63
CA LEU A 40 23.30 -50.86 -13.78
C LEU A 40 22.43 -49.85 -14.50
N VAL A 41 22.98 -48.66 -14.77
CA VAL A 41 22.22 -47.56 -15.35
C VAL A 41 22.64 -47.37 -16.81
N LEU A 42 21.68 -47.47 -17.73
CA LEU A 42 21.93 -47.31 -19.16
C LEU A 42 21.04 -46.21 -19.74
N ALA A 43 21.56 -45.48 -20.72
CA ALA A 43 20.78 -44.45 -21.40
C ALA A 43 20.05 -45.03 -22.62
N VAL A 44 18.85 -44.53 -22.88
CA VAL A 44 18.03 -44.95 -24.02
C VAL A 44 17.56 -43.71 -24.76
N GLY A 45 17.84 -43.64 -26.05
CA GLY A 45 17.41 -42.50 -26.84
C GLY A 45 15.95 -42.61 -27.26
N GLU A 46 15.43 -41.49 -27.72
CA GLU A 46 14.07 -41.44 -28.27
C GLU A 46 14.07 -42.02 -29.69
N GLY A 47 13.39 -43.14 -29.90
CA GLY A 47 12.59 -43.90 -28.93
C GLY A 47 13.25 -45.15 -28.37
N ARG A 48 14.29 -45.65 -29.06
CA ARG A 48 15.21 -46.68 -28.54
C ARG A 48 16.67 -46.32 -28.90
N LYS A 49 17.02 -46.43 -30.18
CA LYS A 49 18.34 -46.06 -30.72
C LYS A 49 19.51 -46.90 -30.19
N LEU A 50 19.52 -47.21 -28.88
CA LEU A 50 20.59 -47.88 -28.15
C LEU A 50 22.01 -47.55 -28.62
N GLY A 51 22.76 -46.80 -27.81
CA GLY A 51 24.17 -46.58 -28.02
C GLY A 51 25.00 -47.83 -27.70
N ALA A 52 26.33 -47.65 -27.78
CA ALA A 52 27.23 -48.81 -27.81
C ALA A 52 27.15 -49.63 -26.52
N SER A 53 27.22 -48.95 -25.35
CA SER A 53 27.14 -49.66 -24.08
C SER A 53 25.80 -50.37 -23.90
N ALA A 54 24.70 -49.67 -24.15
CA ALA A 54 23.39 -50.30 -23.99
C ALA A 54 23.24 -51.48 -24.95
N LYS A 55 23.69 -51.32 -26.20
CA LYS A 55 23.65 -52.42 -27.17
C LYS A 55 24.40 -53.64 -26.66
N ALA A 56 25.61 -53.44 -26.12
CA ALA A 56 26.38 -54.59 -25.63
C ALA A 56 25.65 -55.30 -24.50
N VAL A 57 24.98 -54.52 -23.64
CA VAL A 57 24.25 -55.15 -22.55
C VAL A 57 23.03 -55.88 -23.08
N ASP A 58 22.30 -55.27 -24.02
CA ASP A 58 21.17 -55.95 -24.66
C ASP A 58 21.60 -57.29 -25.25
N ASP A 59 22.68 -57.27 -26.04
CA ASP A 59 23.19 -58.50 -26.65
C ASP A 59 23.44 -59.57 -25.59
N ALA A 60 24.14 -59.19 -24.52
CA ALA A 60 24.44 -60.15 -23.46
C ALA A 60 23.17 -60.78 -22.87
N THR A 61 22.04 -60.06 -22.85
CA THR A 61 20.79 -60.66 -22.37
C THR A 61 20.03 -61.42 -23.44
N GLY A 62 20.56 -61.51 -24.66
CA GLY A 62 19.78 -62.15 -25.71
C GLY A 62 18.61 -61.31 -26.17
N GLY A 63 18.72 -59.98 -26.10
CA GLY A 63 17.70 -59.08 -26.59
C GLY A 63 16.57 -58.77 -25.63
N ALA A 64 16.71 -59.11 -24.35
CA ALA A 64 15.61 -58.86 -23.41
C ALA A 64 15.32 -57.37 -23.26
N ILE A 65 16.36 -56.52 -23.33
CA ILE A 65 16.14 -55.09 -23.13
C ILE A 65 15.40 -54.48 -24.32
N SER A 66 15.86 -54.76 -25.54
CA SER A 66 15.11 -54.29 -26.70
C SER A 66 13.72 -54.93 -26.77
N ALA A 67 13.56 -56.15 -26.27
CA ALA A 67 12.23 -56.73 -26.21
C ALA A 67 11.31 -55.92 -25.29
N VAL A 68 11.81 -55.50 -24.12
CA VAL A 68 11.01 -54.66 -23.24
C VAL A 68 10.70 -53.33 -23.90
N LEU A 69 11.73 -52.65 -24.41
CA LEU A 69 11.54 -51.33 -25.02
C LEU A 69 10.50 -51.40 -26.15
N LYS A 70 10.44 -52.51 -26.86
CA LYS A 70 9.49 -52.63 -27.96
C LYS A 70 8.06 -52.55 -27.45
N ARG A 71 7.82 -52.95 -26.20
CA ARG A 71 6.46 -52.85 -25.67
C ARG A 71 6.01 -51.40 -25.50
N GLY A 72 6.94 -50.45 -25.45
CA GLY A 72 6.62 -49.05 -25.60
C GLY A 72 6.37 -48.26 -24.33
N ASP A 73 6.69 -48.81 -23.15
CA ASP A 73 6.43 -48.07 -21.91
C ASP A 73 7.37 -46.89 -21.73
N LEU A 74 8.54 -46.89 -22.37
CA LEU A 74 9.53 -45.84 -22.17
C LEU A 74 9.72 -45.08 -23.49
N ALA A 75 9.15 -43.87 -23.58
CA ALA A 75 9.30 -43.07 -24.79
C ALA A 75 10.75 -42.62 -25.02
N GLY A 76 11.54 -42.52 -23.96
CA GLY A 76 12.90 -42.08 -24.10
C GLY A 76 13.14 -40.59 -23.96
N LYS A 77 12.16 -39.84 -23.46
CA LYS A 77 12.40 -38.43 -23.21
C LYS A 77 13.36 -38.26 -22.05
N VAL A 78 14.11 -37.17 -22.06
CA VAL A 78 15.12 -36.90 -21.05
C VAL A 78 14.54 -37.08 -19.65
N GLY A 79 15.11 -38.01 -18.89
CA GLY A 79 14.72 -38.18 -17.51
C GLY A 79 13.63 -39.19 -17.25
N GLN A 80 12.97 -39.69 -18.28
CA GLN A 80 12.06 -40.82 -18.09
C GLN A 80 12.86 -42.04 -17.68
N THR A 81 12.20 -42.96 -16.98
CA THR A 81 12.90 -44.14 -16.49
C THR A 81 12.05 -45.38 -16.65
N LEU A 82 12.73 -46.53 -16.74
CA LEU A 82 12.11 -47.85 -16.70
C LEU A 82 13.07 -48.77 -15.94
N LEU A 83 12.62 -49.37 -14.84
CA LEU A 83 13.49 -50.16 -13.97
C LEU A 83 13.21 -51.65 -14.14
N LEU A 84 14.24 -52.42 -14.50
CA LEU A 84 14.10 -53.87 -14.65
C LEU A 84 14.80 -54.60 -13.51
N GLN A 85 14.31 -55.80 -13.19
CA GLN A 85 14.95 -56.60 -12.15
C GLN A 85 16.08 -57.46 -12.74
N SER A 86 16.15 -58.73 -12.37
CA SER A 86 17.22 -59.58 -12.88
C SER A 86 16.98 -59.94 -14.34
N LEU A 87 17.97 -59.67 -15.18
CA LEU A 87 17.95 -60.05 -16.58
C LEU A 87 18.95 -61.18 -16.83
N PRO A 88 18.69 -62.02 -17.81
CA PRO A 88 19.52 -63.23 -17.99
C PRO A 88 20.96 -62.88 -18.35
N ASN A 89 21.90 -63.58 -17.72
CA ASN A 89 23.33 -63.53 -18.00
C ASN A 89 24.02 -62.27 -17.52
N LEU A 90 23.31 -61.39 -16.80
CA LEU A 90 23.91 -60.18 -16.25
C LEU A 90 24.32 -60.43 -14.81
N LYS A 91 25.34 -59.70 -14.36
CA LYS A 91 25.70 -59.71 -12.95
C LYS A 91 25.07 -58.56 -12.17
N ALA A 92 24.29 -57.71 -12.84
CA ALA A 92 23.56 -56.61 -12.21
C ALA A 92 22.23 -57.12 -11.65
N GLU A 93 21.95 -56.81 -10.38
CA GLU A 93 20.65 -57.25 -9.85
C GLU A 93 19.48 -56.53 -10.52
N ARG A 94 19.70 -55.29 -10.98
CA ARG A 94 18.69 -54.46 -11.60
C ARG A 94 19.31 -53.69 -12.76
N VAL A 95 18.49 -53.34 -13.76
CA VAL A 95 18.93 -52.45 -14.84
C VAL A 95 17.96 -51.27 -14.90
N LEU A 96 18.49 -50.05 -14.78
CA LEU A 96 17.68 -48.83 -14.86
C LEU A 96 17.95 -48.15 -16.20
N LEU A 97 16.89 -48.03 -17.01
CA LEU A 97 16.95 -47.32 -18.28
C LEU A 97 16.44 -45.89 -18.07
N VAL A 98 17.20 -44.91 -18.55
CA VAL A 98 16.82 -43.51 -18.44
C VAL A 98 16.81 -42.90 -19.82
N GLY A 99 15.78 -42.11 -20.12
CA GLY A 99 15.67 -41.51 -21.44
C GLY A 99 16.70 -40.41 -21.64
N ALA A 100 17.23 -40.33 -22.87
CA ALA A 100 18.23 -39.34 -23.21
C ALA A 100 17.76 -38.38 -24.28
N GLY A 101 16.48 -38.43 -24.65
CA GLY A 101 15.94 -37.52 -25.65
C GLY A 101 16.30 -37.94 -27.07
N LYS A 102 15.95 -37.07 -28.01
CA LYS A 102 16.21 -37.40 -29.40
C LYS A 102 17.44 -36.68 -29.96
N GLU A 103 17.95 -35.66 -29.29
CA GLU A 103 19.08 -34.89 -29.80
C GLU A 103 20.32 -35.77 -29.79
N ARG A 104 21.27 -35.47 -30.69
CA ARG A 104 22.53 -36.18 -30.63
C ARG A 104 23.35 -35.73 -29.43
N GLU A 105 23.35 -34.44 -29.13
CA GLU A 105 23.99 -33.90 -27.94
C GLU A 105 22.95 -33.32 -26.99
N LEU A 106 23.19 -33.49 -25.69
CA LEU A 106 22.42 -32.81 -24.66
C LEU A 106 23.09 -31.48 -24.32
N GLY A 107 22.27 -30.51 -23.91
CA GLY A 107 22.78 -29.33 -23.25
C GLY A 107 22.98 -29.59 -21.76
N ASP A 108 23.59 -28.60 -21.09
CA ASP A 108 23.90 -28.74 -19.67
C ASP A 108 22.65 -29.00 -18.84
N ARG A 109 21.56 -28.31 -19.17
CA ARG A 109 20.34 -28.46 -18.38
C ARG A 109 19.74 -29.86 -18.56
N GLN A 110 19.73 -30.39 -19.78
CA GLN A 110 19.25 -31.76 -19.96
C GLN A 110 20.16 -32.77 -19.26
N TYR A 111 21.48 -32.57 -19.33
CA TYR A 111 22.40 -33.50 -18.66
C TYR A 111 22.12 -33.57 -17.17
N ARG A 112 22.00 -32.42 -16.51
CA ARG A 112 21.67 -32.39 -15.09
C ARG A 112 20.32 -33.03 -14.81
N LYS A 113 19.35 -32.77 -15.67
CA LYS A 113 18.03 -33.33 -15.45
C LYS A 113 18.09 -34.86 -15.52
N LEU A 114 18.84 -35.39 -16.49
CA LEU A 114 19.05 -36.84 -16.60
C LEU A 114 19.74 -37.38 -15.34
N ALA A 115 20.82 -36.72 -14.90
CA ALA A 115 21.50 -37.18 -13.69
C ALA A 115 20.56 -37.18 -12.49
N SER A 116 19.74 -36.13 -12.35
CA SER A 116 18.86 -36.03 -11.18
C SER A 116 17.76 -37.07 -11.21
N ALA A 117 17.23 -37.39 -12.38
CA ALA A 117 16.25 -38.46 -12.47
C ALA A 117 16.86 -39.79 -12.06
N VAL A 118 18.11 -40.05 -12.43
CA VAL A 118 18.76 -41.30 -12.05
C VAL A 118 18.95 -41.35 -10.53
N LEU A 119 19.49 -40.27 -9.97
CA LEU A 119 19.74 -40.24 -8.53
C LEU A 119 18.44 -40.40 -7.75
N SER A 120 17.36 -39.77 -8.21
CA SER A 120 16.09 -39.87 -7.50
C SER A 120 15.59 -41.32 -7.45
N THR A 121 15.72 -42.05 -8.56
CA THR A 121 15.33 -43.45 -8.53
C THR A 121 16.24 -44.24 -7.58
N LEU A 122 17.56 -44.07 -7.70
CA LEU A 122 18.47 -44.86 -6.85
C LEU A 122 18.24 -44.61 -5.37
N LYS A 123 17.94 -43.36 -4.99
CA LYS A 123 17.69 -43.05 -3.58
C LYS A 123 16.56 -43.92 -3.01
N GLY A 124 15.55 -44.24 -3.80
CA GLY A 124 14.41 -45.01 -3.31
C GLY A 124 14.62 -46.51 -3.26
N LEU A 125 15.69 -46.99 -3.88
CA LEU A 125 15.98 -48.41 -3.96
C LEU A 125 16.81 -48.84 -2.76
N ALA A 126 16.79 -50.13 -2.48
CA ALA A 126 17.60 -50.69 -1.40
C ALA A 126 18.96 -51.18 -1.89
N GLY A 127 19.35 -50.83 -3.11
CA GLY A 127 20.66 -51.22 -3.61
C GLY A 127 21.78 -50.44 -2.92
N ALA A 128 22.88 -51.16 -2.62
CA ALA A 128 24.00 -50.53 -1.94
C ALA A 128 24.93 -49.79 -2.89
N ASP A 129 24.83 -50.04 -4.20
CA ASP A 129 25.65 -49.30 -5.14
C ASP A 129 24.89 -49.23 -6.46
N ALA A 130 25.45 -48.47 -7.38
CA ALA A 130 24.97 -48.41 -8.76
C ALA A 130 26.17 -48.12 -9.65
N ALA A 131 26.07 -48.58 -10.90
CA ALA A 131 27.10 -48.35 -11.90
C ALA A 131 26.49 -47.57 -13.06
N LEU A 132 27.10 -46.45 -13.42
CA LEU A 132 26.61 -45.60 -14.50
C LEU A 132 27.39 -45.90 -15.80
N ALA A 133 26.71 -46.49 -16.78
CA ALA A 133 27.27 -46.67 -18.12
C ALA A 133 26.74 -45.59 -19.06
N LEU A 134 27.14 -44.35 -18.76
CA LEU A 134 26.64 -43.17 -19.44
C LEU A 134 27.69 -42.50 -20.33
N GLY A 135 28.79 -43.19 -20.63
CA GLY A 135 29.85 -42.60 -21.43
C GLY A 135 29.46 -42.31 -22.87
N ASP A 136 28.43 -42.97 -23.39
CA ASP A 136 27.95 -42.70 -24.74
C ASP A 136 27.19 -41.38 -24.88
N LEU A 137 26.79 -40.73 -23.78
CA LEU A 137 26.11 -39.43 -23.90
C LEU A 137 27.07 -38.35 -24.38
N ALA A 138 26.61 -37.50 -25.28
CA ALA A 138 27.34 -36.31 -25.69
C ALA A 138 26.66 -35.07 -25.11
N VAL A 139 27.48 -34.16 -24.59
CA VAL A 139 27.04 -32.89 -24.03
C VAL A 139 27.75 -31.76 -24.77
N LYS A 140 26.98 -30.78 -25.25
CA LYS A 140 27.51 -29.73 -26.13
C LYS A 140 28.68 -29.00 -25.49
N GLY A 141 29.81 -28.99 -26.20
CA GLY A 141 30.99 -28.27 -25.77
C GLY A 141 31.80 -28.92 -24.67
N ARG A 142 31.48 -30.17 -24.27
CA ARG A 142 32.06 -30.78 -23.09
C ARG A 142 32.74 -32.11 -23.44
N GLY A 143 34.05 -32.19 -23.18
CA GLY A 143 34.75 -33.46 -23.25
C GLY A 143 34.61 -34.27 -21.97
N ALA A 144 35.50 -35.24 -21.81
CA ALA A 144 35.38 -36.23 -20.75
C ALA A 144 35.52 -35.58 -19.37
N HIS A 145 36.52 -34.70 -19.21
CA HIS A 145 36.71 -34.02 -17.94
C HIS A 145 35.54 -33.06 -17.63
N ALA A 146 35.11 -32.27 -18.61
CA ALA A 146 34.06 -31.29 -18.35
C ALA A 146 32.73 -31.96 -18.07
N LYS A 147 32.46 -33.13 -18.68
CA LYS A 147 31.24 -33.86 -18.37
C LYS A 147 31.29 -34.46 -16.97
N ALA A 148 32.42 -35.09 -16.61
CA ALA A 148 32.54 -35.64 -15.26
C ALA A 148 32.31 -34.57 -14.20
N ARG A 149 32.88 -33.37 -14.41
CA ARG A 149 32.69 -32.28 -13.44
C ARG A 149 31.22 -31.96 -13.23
N LEU A 150 30.46 -31.86 -14.32
CA LEU A 150 29.04 -31.57 -14.23
C LEU A 150 28.25 -32.75 -13.65
N LEU A 151 28.55 -33.98 -14.10
CA LEU A 151 27.78 -35.14 -13.64
C LEU A 151 27.98 -35.39 -12.16
N VAL A 152 29.24 -35.41 -11.72
CA VAL A 152 29.54 -35.77 -10.34
C VAL A 152 29.10 -34.65 -9.40
N GLU A 153 29.23 -33.39 -9.82
CA GLU A 153 28.78 -32.31 -8.96
C GLU A 153 27.27 -32.40 -8.74
N THR A 154 26.52 -32.69 -9.80
CA THR A 154 25.07 -32.82 -9.69
C THR A 154 24.70 -33.98 -8.76
N LEU A 155 25.36 -35.13 -8.96
CA LEU A 155 25.05 -36.30 -8.14
C LEU A 155 25.39 -36.05 -6.68
N ALA A 156 26.61 -35.56 -6.42
CA ALA A 156 27.04 -35.35 -5.04
C ALA A 156 26.22 -34.27 -4.33
N ASP A 157 25.98 -33.13 -5.01
CA ASP A 157 25.20 -32.06 -4.39
C ASP A 157 23.74 -32.49 -4.20
N GLY A 158 23.24 -33.35 -5.10
CA GLY A 158 21.90 -33.90 -4.99
C GLY A 158 21.68 -34.76 -3.76
N LEU A 159 22.75 -35.30 -3.18
CA LEU A 159 22.66 -36.10 -1.96
C LEU A 159 22.56 -35.26 -0.70
N TYR A 160 22.64 -33.92 -0.80
CA TYR A 160 22.62 -33.06 0.39
C TYR A 160 21.33 -33.23 1.18
N VAL A 161 21.45 -33.27 2.50
CA VAL A 161 20.32 -33.35 3.42
C VAL A 161 20.59 -32.40 4.59
N PHE A 162 19.60 -31.61 4.96
CA PHE A 162 19.65 -30.76 6.16
C PHE A 162 18.42 -31.14 6.97
N ASP A 163 18.62 -31.79 8.11
CA ASP A 163 17.51 -32.24 8.94
C ASP A 163 17.82 -32.11 10.42
N ARG A 164 18.76 -31.25 10.81
CA ARG A 164 19.19 -31.32 12.20
C ARG A 164 18.14 -30.81 13.20
N TYR A 165 17.13 -30.03 12.77
CA TYR A 165 16.08 -29.65 13.71
C TYR A 165 14.79 -30.45 13.51
N LYS A 166 14.83 -31.48 12.69
CA LYS A 166 13.68 -32.36 12.52
C LYS A 166 13.75 -33.48 13.56
N SER A 167 12.64 -33.70 14.27
CA SER A 167 12.56 -34.81 15.21
C SER A 167 12.50 -36.15 14.49
N GLN A 168 11.84 -36.20 13.34
CA GLN A 168 11.79 -37.40 12.50
C GLN A 168 12.82 -37.21 11.38
N LYS A 169 13.95 -37.89 11.50
CA LYS A 169 15.01 -37.81 10.50
C LYS A 169 14.73 -38.75 9.32
N ALA A 170 15.31 -38.42 8.17
CA ALA A 170 15.14 -39.25 6.99
C ALA A 170 15.83 -40.59 7.18
N GLU A 171 15.16 -41.66 6.74
CA GLU A 171 15.76 -42.99 6.65
C GLU A 171 17.10 -42.90 5.92
N PRO A 172 18.18 -43.44 6.48
CA PRO A 172 19.48 -43.39 5.80
C PRO A 172 19.40 -44.12 4.47
N LEU A 173 20.12 -43.60 3.47
CA LEU A 173 20.15 -44.22 2.15
C LEU A 173 20.88 -45.56 2.20
N LYS A 174 20.38 -46.53 1.45
CA LYS A 174 21.17 -47.74 1.21
C LYS A 174 22.31 -47.47 0.23
N LEU A 175 22.10 -46.59 -0.75
CA LEU A 175 23.12 -46.26 -1.75
C LEU A 175 24.35 -45.64 -1.10
N LYS A 176 25.50 -46.29 -1.24
CA LYS A 176 26.74 -45.79 -0.67
C LYS A 176 27.88 -45.74 -1.67
N LYS A 177 27.66 -46.14 -2.92
CA LYS A 177 28.75 -46.18 -3.88
C LYS A 177 28.20 -45.95 -5.26
N LEU A 178 28.85 -45.08 -6.04
CA LEU A 178 28.51 -44.84 -7.43
C LEU A 178 29.75 -45.05 -8.29
N THR A 179 29.66 -45.91 -9.29
CA THR A 179 30.75 -46.17 -10.22
C THR A 179 30.46 -45.53 -11.57
N LEU A 180 31.42 -44.76 -12.07
CA LEU A 180 31.35 -44.20 -13.42
C LEU A 180 32.14 -45.11 -14.36
N LEU A 181 31.45 -45.74 -15.30
CA LEU A 181 32.15 -46.51 -16.34
C LEU A 181 32.66 -45.58 -17.43
N ALA A 182 33.95 -45.68 -17.74
CA ALA A 182 34.55 -44.92 -18.83
C ALA A 182 35.52 -45.82 -19.61
N ASP A 183 35.74 -45.46 -20.88
CA ASP A 183 36.81 -46.09 -21.64
C ASP A 183 38.17 -45.78 -21.01
N LYS A 184 39.10 -46.71 -21.16
CA LYS A 184 40.41 -46.56 -20.55
C LYS A 184 41.10 -45.30 -21.02
N ALA A 185 40.83 -44.86 -22.25
CA ALA A 185 41.48 -43.64 -22.74
C ALA A 185 40.93 -42.39 -22.06
N ASP A 186 39.71 -42.45 -21.51
CA ASP A 186 39.11 -41.30 -20.87
C ASP A 186 39.21 -41.36 -19.36
N SER A 187 39.61 -42.50 -18.80
CA SER A 187 39.38 -42.73 -17.38
C SER A 187 40.15 -41.72 -16.52
N ALA A 188 41.33 -41.29 -16.99
CA ALA A 188 42.10 -40.32 -16.21
C ALA A 188 41.38 -38.98 -16.16
N ALA A 189 40.82 -38.54 -17.29
CA ALA A 189 40.07 -37.29 -17.32
C ALA A 189 38.82 -37.35 -16.45
N VAL A 190 38.09 -38.47 -16.52
CA VAL A 190 36.90 -38.64 -15.69
C VAL A 190 37.27 -38.67 -14.23
N GLU A 191 38.35 -39.37 -13.90
CA GLU A 191 38.82 -39.39 -12.52
C GLU A 191 39.13 -37.99 -12.01
N GLN A 192 39.89 -37.20 -12.78
CA GLN A 192 40.22 -35.86 -12.31
C GLN A 192 38.97 -35.00 -12.18
N GLY A 193 38.06 -35.07 -13.15
CA GLY A 193 36.83 -34.31 -13.05
C GLY A 193 36.01 -34.72 -11.84
N SER A 194 35.97 -36.03 -11.56
CA SER A 194 35.24 -36.52 -10.39
C SER A 194 35.85 -36.01 -9.09
N LYS A 195 37.19 -36.03 -8.98
CA LYS A 195 37.82 -35.59 -7.74
C LYS A 195 37.56 -34.09 -7.49
N GLU A 196 37.65 -33.27 -8.54
CA GLU A 196 37.36 -31.84 -8.35
C GLU A 196 35.89 -31.62 -8.01
N ALA A 197 34.99 -32.35 -8.68
CA ALA A 197 33.56 -32.20 -8.43
C ALA A 197 33.22 -32.56 -6.99
N GLN A 198 33.85 -33.61 -6.44
CA GLN A 198 33.57 -33.99 -5.06
C GLN A 198 34.02 -32.93 -4.08
N ALA A 199 35.20 -32.34 -4.32
CA ALA A 199 35.66 -31.26 -3.44
C ALA A 199 34.73 -30.05 -3.50
N ILE A 200 34.23 -29.72 -4.70
CA ILE A 200 33.29 -28.62 -4.84
C ILE A 200 31.98 -28.93 -4.12
N ALA A 201 31.44 -30.15 -4.31
CA ALA A 201 30.21 -30.52 -3.62
C ALA A 201 30.36 -30.51 -2.10
N ASN A 202 31.52 -30.93 -1.59
CA ASN A 202 31.77 -30.87 -0.15
C ASN A 202 31.79 -29.43 0.33
N GLY A 203 32.44 -28.54 -0.42
CA GLY A 203 32.36 -27.13 -0.13
C GLY A 203 30.94 -26.61 -0.13
N MET A 204 30.15 -26.97 -1.16
CA MET A 204 28.78 -26.47 -1.15
C MET A 204 27.98 -27.01 0.02
N ALA A 205 28.31 -28.20 0.52
CA ALA A 205 27.51 -28.73 1.64
C ALA A 205 27.74 -27.93 2.90
N LEU A 206 28.98 -27.48 3.11
CA LEU A 206 29.27 -26.59 4.22
C LEU A 206 28.54 -25.26 4.04
N THR A 207 28.59 -24.71 2.82
CA THR A 207 27.92 -23.43 2.56
C THR A 207 26.43 -23.55 2.82
N ARG A 208 25.82 -24.62 2.33
CA ARG A 208 24.37 -24.82 2.48
C ARG A 208 23.98 -24.99 3.94
N ASP A 209 24.77 -25.76 4.71
CA ASP A 209 24.50 -25.88 6.13
C ASP A 209 24.53 -24.53 6.83
N LEU A 210 25.59 -23.73 6.58
CA LEU A 210 25.68 -22.44 7.24
C LEU A 210 24.50 -21.54 6.86
N GLY A 211 24.09 -21.59 5.59
CA GLY A 211 22.97 -20.77 5.17
C GLY A 211 21.64 -21.21 5.75
N ASN A 212 21.45 -22.54 5.91
CA ASN A 212 20.16 -23.09 6.33
C ASN A 212 19.94 -22.99 7.83
N LEU A 213 21.00 -22.83 8.62
CA LEU A 213 20.88 -22.73 10.06
C LEU A 213 20.03 -21.52 10.44
N PRO A 214 19.22 -21.64 11.51
CA PRO A 214 18.39 -20.51 11.92
C PRO A 214 19.25 -19.39 12.48
N PRO A 215 18.77 -18.13 12.42
CA PRO A 215 19.63 -17.00 12.81
C PRO A 215 19.86 -16.88 14.29
N ASN A 216 19.02 -17.49 15.14
CA ASN A 216 19.31 -17.51 16.57
C ASN A 216 20.46 -18.45 16.92
N VAL A 217 20.84 -19.37 16.03
CA VAL A 217 22.03 -20.23 16.20
C VAL A 217 23.22 -19.66 15.44
N CYS A 218 23.02 -19.30 14.18
CA CYS A 218 24.12 -18.91 13.31
C CYS A 218 24.27 -17.38 13.35
N HIS A 219 24.91 -16.92 14.42
CA HIS A 219 25.25 -15.51 14.60
C HIS A 219 26.74 -15.32 14.33
N PRO A 220 27.26 -14.09 14.36
CA PRO A 220 28.67 -13.88 14.00
C PRO A 220 29.65 -14.62 14.90
N THR A 221 29.38 -14.70 16.21
CA THR A 221 30.26 -15.45 17.11
C THR A 221 30.30 -16.92 16.72
N PHE A 222 29.14 -17.49 16.40
CA PHE A 222 29.09 -18.88 15.93
C PHE A 222 29.95 -19.07 14.67
N LEU A 223 29.86 -18.15 13.71
CA LEU A 223 30.68 -18.27 12.50
C LEU A 223 32.17 -18.20 12.83
N GLY A 224 32.55 -17.38 13.81
CA GLY A 224 33.94 -17.37 14.23
C GLY A 224 34.38 -18.74 14.71
N GLU A 225 33.55 -19.40 15.52
N GLU A 225 33.53 -19.39 15.52
CA GLU A 225 33.92 -20.72 16.02
CA GLU A 225 33.84 -20.71 16.04
C GLU A 225 33.93 -21.75 14.90
C GLU A 225 33.92 -21.74 14.91
N GLN A 226 33.07 -21.60 13.89
CA GLN A 226 33.09 -22.53 12.77
C GLN A 226 34.40 -22.43 12.02
N ALA A 227 34.90 -21.20 11.84
CA ALA A 227 36.20 -21.02 11.20
C ALA A 227 37.31 -21.70 11.98
N LYS A 228 37.30 -21.56 13.31
CA LYS A 228 38.30 -22.24 14.13
C LYS A 228 38.20 -23.75 13.98
N GLY A 229 36.97 -24.28 13.90
CA GLY A 229 36.81 -25.70 13.65
C GLY A 229 37.39 -26.13 12.30
N LEU A 230 37.20 -25.31 11.26
CA LEU A 230 37.78 -25.66 9.96
C LEU A 230 39.31 -25.69 10.03
N ALA A 231 39.90 -24.85 10.88
CA ALA A 231 41.35 -24.89 11.07
C ALA A 231 41.78 -26.15 11.82
N LYS A 232 40.93 -26.66 12.73
CA LYS A 232 41.21 -27.94 13.37
C LYS A 232 41.26 -29.07 12.35
N GLU A 233 40.34 -29.07 11.38
CA GLU A 233 40.28 -30.14 10.39
C GLU A 233 41.45 -30.08 9.40
N PHE A 234 41.90 -28.87 9.08
CA PHE A 234 42.88 -28.65 8.00
C PHE A 234 44.07 -27.88 8.55
N LYS A 235 45.16 -28.60 8.80
CA LYS A 235 46.36 -27.97 9.35
C LYS A 235 46.91 -26.88 8.44
N SER A 236 46.56 -26.91 7.15
CA SER A 236 47.05 -25.91 6.22
C SER A 236 46.38 -24.55 6.38
N LEU A 237 45.31 -24.46 7.18
CA LEU A 237 44.51 -23.24 7.27
C LEU A 237 44.86 -22.50 8.56
N LYS A 238 45.07 -21.19 8.44
CA LYS A 238 45.23 -20.33 9.61
C LYS A 238 44.05 -19.37 9.72
N VAL A 239 43.53 -19.23 10.95
CA VAL A 239 42.32 -18.46 11.19
C VAL A 239 42.61 -17.42 12.27
N GLU A 240 42.12 -16.21 12.06
CA GLU A 240 42.08 -15.20 13.10
C GLU A 240 40.69 -14.56 13.13
N VAL A 241 40.19 -14.28 14.33
CA VAL A 241 38.84 -13.74 14.52
C VAL A 241 38.94 -12.44 15.32
N LEU A 242 38.60 -11.31 14.70
CA LEU A 242 38.65 -10.00 15.34
C LEU A 242 37.28 -9.62 15.90
N ASP A 243 37.26 -9.13 17.14
CA ASP A 243 36.03 -8.70 17.80
C ASP A 243 35.86 -7.17 17.70
N GLU A 244 34.84 -6.63 18.39
CA GLU A 244 34.47 -5.24 18.17
C GLU A 244 35.56 -4.29 18.63
N LYS A 245 36.27 -4.65 19.70
CA LYS A 245 37.35 -3.78 20.18
C LYS A 245 38.43 -3.63 19.10
N LYS A 246 38.80 -4.73 18.45
CA LYS A 246 39.80 -4.66 17.39
C LYS A 246 39.27 -3.88 16.18
N LEU A 247 38.00 -4.09 15.81
CA LEU A 247 37.43 -3.34 14.69
C LEU A 247 37.44 -1.83 14.98
N ARG A 248 37.21 -1.43 16.23
CA ARG A 248 37.20 0.00 16.54
C ARG A 248 38.62 0.55 16.52
N GLU A 249 39.59 -0.25 16.97
CA GLU A 249 41.00 0.09 16.83
C GLU A 249 41.38 0.32 15.38
N LEU A 250 40.85 -0.50 14.47
CA LEU A 250 41.17 -0.35 13.06
C LEU A 250 40.42 0.80 12.38
N GLY A 251 39.40 1.37 13.03
CA GLY A 251 38.64 2.46 12.44
C GLY A 251 37.50 2.08 11.51
N MET A 252 36.93 0.88 11.65
CA MET A 252 35.87 0.42 10.75
C MET A 252 34.51 0.96 11.22
N GLY A 253 34.33 2.26 10.99
CA GLY A 253 33.17 2.97 11.51
C GLY A 253 31.87 2.57 10.87
N SER A 254 31.88 2.22 9.59
CA SER A 254 30.63 1.82 8.96
C SER A 254 30.27 0.36 9.23
N PHE A 255 31.28 -0.52 9.32
CA PHE A 255 31.07 -1.88 9.85
C PHE A 255 30.43 -1.81 11.23
N LEU A 256 31.02 -1.03 12.13
CA LEU A 256 30.50 -0.93 13.50
C LEU A 256 29.10 -0.30 13.51
N ALA A 257 28.82 0.65 12.61
CA ALA A 257 27.49 1.26 12.56
C ALA A 257 26.41 0.23 12.26
N VAL A 258 26.68 -0.70 11.34
CA VAL A 258 25.70 -1.75 11.05
C VAL A 258 25.45 -2.59 12.29
N ALA A 259 26.53 -2.95 13.02
CA ALA A 259 26.44 -3.91 14.11
C ALA A 259 25.80 -3.35 15.39
N GLN A 260 25.85 -2.04 15.60
CA GLN A 260 25.61 -1.50 16.93
C GLN A 260 24.17 -1.70 17.43
N GLY A 261 23.19 -1.86 16.55
CA GLY A 261 21.85 -2.06 17.06
C GLY A 261 21.56 -3.41 17.68
N SER A 262 22.44 -4.40 17.47
CA SER A 262 22.18 -5.78 17.88
C SER A 262 22.86 -6.15 19.20
N ASP A 263 22.19 -7.02 19.98
CA ASP A 263 22.84 -7.64 21.13
C ASP A 263 24.04 -8.52 20.73
N GLN A 264 24.03 -9.04 19.50
CA GLN A 264 25.10 -9.96 19.07
C GLN A 264 26.33 -9.17 18.61
N PRO A 265 27.51 -9.44 19.15
CA PRO A 265 28.70 -8.68 18.72
C PRO A 265 29.12 -9.06 17.30
N PRO A 266 29.71 -8.13 16.56
CA PRO A 266 30.23 -8.46 15.23
C PRO A 266 31.55 -9.22 15.31
N ARG A 267 31.95 -9.80 14.16
CA ARG A 267 33.23 -10.49 13.97
C ARG A 267 33.77 -10.23 12.57
N LEU A 268 35.08 -9.98 12.46
CA LEU A 268 35.79 -10.07 11.18
C LEU A 268 36.67 -11.32 11.21
N ILE A 269 36.37 -12.28 10.34
CA ILE A 269 37.03 -13.57 10.30
C ILE A 269 38.05 -13.59 9.16
N ILE A 270 39.31 -13.86 9.47
CA ILE A 270 40.38 -13.89 8.47
C ILE A 270 40.85 -15.34 8.27
N LEU A 271 40.72 -15.84 7.05
CA LEU A 271 41.22 -17.17 6.66
C LEU A 271 42.45 -17.02 5.78
N GLN A 272 43.48 -17.82 6.05
CA GLN A 272 44.70 -17.75 5.24
C GLN A 272 45.20 -19.14 4.88
N TYR A 273 45.42 -19.35 3.59
CA TYR A 273 45.96 -20.60 3.05
C TYR A 273 47.10 -20.27 2.09
N ASN A 274 48.28 -20.84 2.34
CA ASN A 274 49.48 -20.55 1.54
C ASN A 274 49.91 -21.85 0.87
N GLY A 275 49.34 -22.12 -0.30
CA GLY A 275 49.67 -23.29 -1.09
C GLY A 275 50.69 -23.06 -2.19
N ALA A 276 51.08 -21.81 -2.42
CA ALA A 276 52.08 -21.45 -3.43
C ALA A 276 53.31 -20.88 -2.74
N LYS A 277 54.30 -20.49 -3.55
CA LYS A 277 55.52 -19.89 -3.03
C LYS A 277 55.20 -18.60 -2.27
N LYS A 278 56.05 -18.29 -1.28
CA LYS A 278 55.86 -17.07 -0.48
C LYS A 278 55.78 -15.81 -1.35
N ASP A 279 56.37 -15.84 -2.53
CA ASP A 279 56.46 -14.66 -3.39
C ASP A 279 55.26 -14.48 -4.32
N GLN A 280 54.23 -15.32 -4.19
CA GLN A 280 53.08 -15.26 -5.08
C GLN A 280 51.99 -14.43 -4.40
N ALA A 281 51.52 -13.38 -5.07
CA ALA A 281 50.50 -12.51 -4.49
C ALA A 281 49.21 -13.31 -4.25
N PRO A 282 48.53 -13.09 -3.12
CA PRO A 282 47.33 -13.88 -2.82
C PRO A 282 46.10 -13.41 -3.58
N HIS A 283 45.12 -14.30 -3.65
CA HIS A 283 43.77 -13.97 -4.06
C HIS A 283 42.94 -13.82 -2.80
N VAL A 284 42.10 -12.79 -2.76
CA VAL A 284 41.29 -12.47 -1.58
C VAL A 284 39.82 -12.65 -1.93
N LEU A 285 39.11 -13.39 -1.08
CA LEU A 285 37.65 -13.51 -1.19
C LEU A 285 37.02 -12.78 0.00
N VAL A 286 36.12 -11.84 -0.28
CA VAL A 286 35.48 -11.02 0.75
C VAL A 286 33.99 -11.38 0.76
N GLY A 287 33.49 -11.82 1.91
CA GLY A 287 32.12 -12.32 2.00
C GLY A 287 31.25 -11.50 2.93
N LYS A 288 30.06 -11.14 2.46
CA LYS A 288 29.06 -10.48 3.28
C LYS A 288 28.45 -11.48 4.28
N GLY A 289 28.66 -11.24 5.57
CA GLY A 289 28.11 -12.13 6.56
C GLY A 289 27.06 -11.53 7.48
N ILE A 290 25.99 -10.97 6.92
CA ILE A 290 24.90 -10.44 7.76
C ILE A 290 24.06 -11.65 8.17
N THR A 291 24.18 -12.05 9.44
CA THR A 291 23.57 -13.31 9.87
C THR A 291 22.05 -13.20 10.00
N PHE A 292 21.52 -11.99 10.10
CA PHE A 292 20.10 -11.76 9.88
C PHE A 292 19.91 -10.27 9.58
N ASP A 293 19.08 -9.99 8.58
CA ASP A 293 18.89 -8.62 8.10
C ASP A 293 17.44 -8.21 8.35
N THR A 294 17.16 -7.50 9.45
CA THR A 294 15.81 -6.96 9.64
C THR A 294 15.58 -5.68 8.86
N GLY A 295 16.65 -5.10 8.27
CA GLY A 295 16.65 -3.73 7.80
C GLY A 295 17.07 -2.70 8.85
N GLY A 296 16.98 -3.03 10.14
CA GLY A 296 17.27 -2.04 11.17
C GLY A 296 16.13 -1.04 11.31
N ILE A 297 16.49 0.21 11.63
CA ILE A 297 15.48 1.25 11.80
C ILE A 297 14.67 1.42 10.52
N SER A 298 15.32 1.27 9.35
CA SER A 298 14.64 1.15 8.07
C SER A 298 14.07 -0.28 7.92
N LEU A 299 13.15 -0.61 8.82
CA LEU A 299 12.69 -2.00 9.00
C LEU A 299 12.03 -2.57 7.75
N LYS A 300 12.31 -3.86 7.47
CA LYS A 300 11.66 -4.59 6.39
C LYS A 300 10.22 -4.95 6.72
N PRO A 301 9.40 -5.18 5.70
CA PRO A 301 8.08 -5.77 5.94
C PRO A 301 8.21 -7.20 6.46
N GLY A 302 7.14 -7.65 7.12
CA GLY A 302 7.19 -8.96 7.73
C GLY A 302 7.18 -10.09 6.72
N LEU A 303 6.47 -9.90 5.62
CA LEU A 303 6.21 -10.99 4.69
C LEU A 303 7.52 -11.52 4.12
N GLY A 304 7.77 -12.81 4.35
CA GLY A 304 8.95 -13.51 3.87
C GLY A 304 10.27 -13.10 4.49
N MET A 305 10.27 -12.47 5.66
CA MET A 305 11.55 -11.95 6.10
C MET A 305 12.41 -13.04 6.75
N ASP A 306 11.83 -14.21 7.04
CA ASP A 306 12.63 -15.36 7.47
C ASP A 306 13.74 -15.69 6.49
N GLU A 307 13.62 -15.28 5.22
CA GLU A 307 14.64 -15.62 4.20
C GLU A 307 15.93 -14.79 4.38
N MET A 308 15.93 -13.85 5.32
CA MET A 308 17.12 -12.99 5.57
C MET A 308 18.15 -13.75 6.41
N LYS A 309 17.85 -15.01 6.76
CA LYS A 309 18.89 -15.85 7.41
C LYS A 309 19.88 -16.24 6.31
N PHE A 310 19.48 -16.07 5.05
CA PHE A 310 20.42 -16.35 3.96
C PHE A 310 21.31 -15.16 3.62
N ASP A 311 21.23 -14.08 4.41
CA ASP A 311 22.01 -12.88 4.10
C ASP A 311 23.48 -13.03 4.45
N MET A 312 23.89 -14.21 4.96
CA MET A 312 25.31 -14.42 5.19
C MET A 312 25.83 -15.42 4.16
N CYS A 313 25.04 -15.72 3.12
CA CYS A 313 25.45 -16.73 2.16
C CYS A 313 26.71 -16.32 1.41
N GLY A 314 26.96 -15.01 1.29
CA GLY A 314 28.21 -14.52 0.74
C GLY A 314 29.39 -15.03 1.54
N ALA A 315 29.39 -14.76 2.85
CA ALA A 315 30.44 -15.30 3.71
C ALA A 315 30.43 -16.83 3.71
N ALA A 316 29.24 -17.43 3.75
CA ALA A 316 29.18 -18.89 3.68
C ALA A 316 29.91 -19.41 2.43
N SER A 317 29.78 -18.72 1.29
CA SER A 317 30.41 -19.25 0.09
C SER A 317 31.94 -19.12 0.15
N VAL A 318 32.45 -18.20 0.97
CA VAL A 318 33.89 -18.14 1.21
C VAL A 318 34.33 -19.35 2.04
N PHE A 319 33.57 -19.69 3.08
CA PHE A 319 33.79 -20.97 3.77
C PHE A 319 33.82 -22.13 2.78
N GLY A 320 32.78 -22.23 1.95
CA GLY A 320 32.66 -23.38 1.06
C GLY A 320 33.82 -23.48 0.08
N THR A 321 34.27 -22.34 -0.45
CA THR A 321 35.37 -22.31 -1.41
C THR A 321 36.67 -22.72 -0.73
N PHE A 322 36.90 -22.25 0.50
CA PHE A 322 38.10 -22.67 1.23
C PHE A 322 38.07 -24.17 1.47
N ARG A 323 36.92 -24.71 1.87
CA ARG A 323 36.80 -26.14 2.09
C ARG A 323 37.19 -26.93 0.83
N ALA A 324 36.76 -26.47 -0.35
CA ALA A 324 37.07 -27.20 -1.58
C ALA A 324 38.56 -27.11 -1.92
N VAL A 325 39.16 -25.92 -1.73
CA VAL A 325 40.57 -25.70 -2.04
C VAL A 325 41.47 -26.43 -1.06
N LEU A 326 41.07 -26.51 0.21
CA LEU A 326 41.87 -27.21 1.22
C LEU A 326 41.88 -28.72 0.95
N GLU A 327 40.75 -29.28 0.51
CA GLU A 327 40.73 -30.67 0.10
C GLU A 327 41.60 -30.92 -1.13
N LEU A 328 41.56 -30.01 -2.11
CA LEU A 328 42.35 -30.22 -3.31
C LEU A 328 43.82 -29.85 -3.14
N GLN A 329 44.16 -29.08 -2.12
CA GLN A 329 45.54 -28.66 -1.88
C GLN A 329 46.10 -27.90 -3.09
N LEU A 330 45.31 -26.96 -3.59
CA LEU A 330 45.72 -26.21 -4.78
C LEU A 330 46.98 -25.39 -4.50
N PRO A 331 47.89 -25.28 -5.46
CA PRO A 331 49.07 -24.42 -5.30
C PRO A 331 48.73 -22.95 -5.55
N ILE A 332 48.00 -22.34 -4.60
CA ILE A 332 47.71 -20.90 -4.62
C ILE A 332 47.78 -20.37 -3.20
N ASN A 333 47.85 -19.04 -3.10
CA ASN A 333 47.73 -18.35 -1.84
C ASN A 333 46.36 -17.67 -1.79
N LEU A 334 45.59 -17.96 -0.74
CA LEU A 334 44.19 -17.59 -0.68
C LEU A 334 43.90 -16.93 0.67
N VAL A 335 43.21 -15.79 0.63
CA VAL A 335 42.80 -15.07 1.82
C VAL A 335 41.28 -14.95 1.78
N GLY A 336 40.62 -15.21 2.91
CA GLY A 336 39.19 -14.99 3.05
C GLY A 336 38.94 -13.98 4.16
N LEU A 337 38.08 -13.00 3.86
CA LEU A 337 37.65 -12.00 4.84
C LEU A 337 36.13 -12.06 4.94
N LEU A 338 35.62 -12.41 6.12
CA LEU A 338 34.18 -12.56 6.33
C LEU A 338 33.73 -11.46 7.29
N ALA A 339 32.99 -10.48 6.77
CA ALA A 339 32.49 -9.37 7.58
C ALA A 339 31.12 -9.74 8.11
N CYS A 340 31.05 -10.04 9.41
CA CYS A 340 29.86 -10.65 10.01
C CYS A 340 29.25 -9.72 11.05
N ALA A 341 27.94 -9.49 10.92
CA ALA A 341 27.17 -8.69 11.85
C ALA A 341 25.71 -9.08 11.71
N GLU A 342 24.90 -8.69 12.70
CA GLU A 342 23.45 -8.82 12.71
C GLU A 342 22.81 -7.43 12.66
N ASN A 343 21.82 -7.23 11.78
CA ASN A 343 21.19 -5.91 11.55
C ASN A 343 19.81 -5.85 12.22
N MET A 344 19.72 -5.19 13.39
CA MET A 344 18.55 -5.20 14.28
C MET A 344 18.09 -3.78 14.60
N PRO A 345 16.79 -3.57 14.84
CA PRO A 345 16.36 -2.27 15.39
C PRO A 345 16.50 -2.25 16.91
N SER A 346 16.80 -1.08 17.44
CA SER A 346 16.88 -0.95 18.90
C SER A 346 17.08 0.51 19.32
N GLY A 347 17.11 0.76 20.63
CA GLY A 347 17.33 2.12 21.13
C GLY A 347 18.72 2.68 20.91
N GLY A 348 19.64 1.87 20.40
CA GLY A 348 20.99 2.31 20.11
C GLY A 348 21.39 2.00 18.67
N ALA A 349 20.42 1.67 17.82
CA ALA A 349 20.71 1.35 16.44
C ALA A 349 21.06 2.61 15.64
N THR A 350 21.74 2.38 14.51
CA THR A 350 22.07 3.44 13.57
C THR A 350 20.79 4.05 12.99
N ARG A 351 20.78 5.37 12.86
CA ARG A 351 19.60 6.04 12.32
C ARG A 351 19.83 6.43 10.87
N PRO A 352 18.81 6.38 10.04
CA PRO A 352 18.87 7.07 8.74
C PRO A 352 19.33 8.52 8.93
N GLY A 353 20.33 8.91 8.16
CA GLY A 353 20.92 10.24 8.28
C GLY A 353 22.20 10.29 9.09
N ASP A 354 22.52 9.24 9.84
CA ASP A 354 23.81 9.15 10.52
C ASP A 354 24.93 9.30 9.50
N ILE A 355 26.03 9.91 9.92
CA ILE A 355 27.23 10.00 9.10
C ILE A 355 28.37 9.34 9.86
N VAL A 356 29.12 8.47 9.19
CA VAL A 356 30.19 7.72 9.83
C VAL A 356 31.43 7.82 8.96
N THR A 357 32.57 7.54 9.58
CA THR A 357 33.87 7.55 8.90
C THR A 357 34.33 6.12 8.65
N THR A 358 34.42 5.73 7.39
CA THR A 358 34.89 4.38 7.05
C THR A 358 36.37 4.26 7.40
N MET A 359 36.87 3.03 7.38
CA MET A 359 38.28 2.82 7.68
C MET A 359 39.17 3.49 6.63
N SER A 360 38.69 3.61 5.38
CA SER A 360 39.41 4.36 4.35
C SER A 360 39.53 5.85 4.63
N GLY A 361 38.77 6.38 5.61
CA GLY A 361 38.67 7.81 5.83
C GLY A 361 37.54 8.50 5.08
N GLN A 362 36.95 7.87 4.07
CA GLN A 362 35.78 8.48 3.42
C GLN A 362 34.59 8.49 4.38
N THR A 363 33.84 9.59 4.41
CA THR A 363 32.63 9.66 5.22
C THR A 363 31.44 9.18 4.41
N VAL A 364 30.48 8.53 5.09
CA VAL A 364 29.30 7.96 4.44
C VAL A 364 28.06 8.40 5.19
N GLU A 365 27.07 8.94 4.45
CA GLU A 365 25.78 9.27 5.01
C GLU A 365 24.87 8.05 4.82
N ILE A 366 24.39 7.50 5.92
CA ILE A 366 23.61 6.26 5.89
C ILE A 366 22.17 6.72 5.73
N LEU A 367 21.73 6.86 4.48
CA LEU A 367 20.35 7.27 4.22
C LEU A 367 19.37 6.14 4.54
N ASN A 368 19.80 4.89 4.40
CA ASN A 368 18.91 3.75 4.54
C ASN A 368 19.65 2.65 5.29
N THR A 369 19.16 2.29 6.49
CA THR A 369 19.91 1.31 7.28
C THR A 369 19.75 -0.10 6.76
N ASP A 370 18.88 -0.31 5.77
CA ASP A 370 18.71 -1.60 5.14
C ASP A 370 19.65 -1.79 3.95
N ALA A 371 20.45 -0.78 3.60
CA ALA A 371 21.55 -0.98 2.66
C ALA A 371 22.84 -1.15 3.44
N GLU A 372 22.87 -2.21 4.24
CA GLU A 372 23.92 -2.43 5.23
C GLU A 372 25.05 -3.32 4.75
N GLY A 373 24.79 -4.19 3.77
CA GLY A 373 25.84 -5.09 3.32
C GLY A 373 27.03 -4.33 2.78
N ARG A 374 26.79 -3.25 2.03
CA ARG A 374 27.89 -2.48 1.48
C ARG A 374 28.68 -1.74 2.55
N LEU A 375 28.09 -1.54 3.74
CA LEU A 375 28.80 -0.85 4.82
C LEU A 375 29.72 -1.78 5.61
N VAL A 376 29.45 -3.08 5.65
CA VAL A 376 30.46 -3.97 6.20
C VAL A 376 31.48 -4.36 5.14
N LEU A 377 31.08 -4.48 3.87
CA LEU A 377 32.05 -4.86 2.84
C LEU A 377 33.08 -3.76 2.60
N CYS A 378 32.66 -2.49 2.64
CA CYS A 378 33.61 -1.43 2.25
C CYS A 378 34.78 -1.38 3.22
N ASP A 379 34.52 -1.59 4.52
CA ASP A 379 35.60 -1.64 5.48
C ASP A 379 36.47 -2.89 5.29
N ALA A 380 35.87 -4.01 4.86
CA ALA A 380 36.69 -5.20 4.58
C ALA A 380 37.55 -5.01 3.34
N LEU A 381 37.02 -4.31 2.32
CA LEU A 381 37.80 -4.04 1.12
C LEU A 381 39.02 -3.15 1.41
N THR A 382 38.86 -2.19 2.32
CA THR A 382 40.00 -1.40 2.77
C THR A 382 41.01 -2.28 3.50
N TYR A 383 40.52 -3.17 4.37
CA TYR A 383 41.37 -4.08 5.10
C TYR A 383 42.16 -4.97 4.16
N ALA A 384 41.56 -5.38 3.03
CA ALA A 384 42.21 -6.27 2.09
C ALA A 384 43.49 -5.69 1.48
N GLU A 385 43.63 -4.35 1.44
CA GLU A 385 44.81 -3.75 0.81
C GLU A 385 46.11 -4.29 1.37
N ARG A 386 46.14 -4.62 2.67
CA ARG A 386 47.39 -5.00 3.32
C ARG A 386 48.01 -6.26 2.72
N PHE A 387 47.20 -7.10 2.06
CA PHE A 387 47.70 -8.36 1.51
C PHE A 387 48.37 -8.20 0.14
N LYS A 388 48.35 -7.00 -0.45
CA LYS A 388 48.98 -6.77 -1.75
C LYS A 388 48.42 -7.78 -2.76
N PRO A 389 47.10 -7.90 -2.88
CA PRO A 389 46.53 -9.03 -3.62
C PRO A 389 46.58 -8.84 -5.13
N GLN A 390 46.65 -9.97 -5.85
CA GLN A 390 46.52 -9.90 -7.30
C GLN A 390 45.06 -9.97 -7.76
N SER A 391 44.14 -10.34 -6.88
CA SER A 391 42.73 -10.12 -7.17
C SER A 391 41.95 -10.17 -5.87
N VAL A 392 40.80 -9.48 -5.88
CA VAL A 392 39.93 -9.36 -4.73
C VAL A 392 38.51 -9.52 -5.27
N ILE A 393 37.77 -10.50 -4.76
CA ILE A 393 36.40 -10.73 -5.17
C ILE A 393 35.52 -10.70 -3.92
N ASP A 394 34.52 -9.81 -3.92
CA ASP A 394 33.53 -9.83 -2.84
C ASP A 394 32.28 -10.55 -3.34
N ILE A 395 31.66 -11.29 -2.43
CA ILE A 395 30.47 -12.09 -2.72
C ILE A 395 29.41 -11.70 -1.68
N ALA A 396 28.21 -11.35 -2.15
CA ALA A 396 27.22 -10.76 -1.26
C ALA A 396 25.81 -10.91 -1.83
N THR A 397 24.86 -11.27 -0.95
CA THR A 397 23.42 -11.23 -1.24
C THR A 397 22.99 -9.76 -1.11
N LEU A 398 23.35 -8.96 -2.09
CA LEU A 398 23.38 -7.51 -1.87
C LEU A 398 22.07 -6.78 -2.19
N THR A 399 21.49 -6.98 -3.37
CA THR A 399 20.36 -6.13 -3.77
C THR A 399 19.23 -6.95 -4.35
N GLY A 400 17.99 -6.65 -3.91
CA GLY A 400 16.83 -7.23 -4.57
C GLY A 400 16.71 -6.79 -6.02
N ALA A 401 17.24 -5.60 -6.34
CA ALA A 401 17.28 -5.15 -7.73
C ALA A 401 18.01 -6.14 -8.63
N CYS A 402 18.98 -6.89 -8.12
CA CYS A 402 19.67 -7.82 -9.00
C CYS A 402 18.72 -8.92 -9.47
N ILE A 403 17.79 -9.32 -8.61
CA ILE A 403 16.79 -10.32 -8.97
C ILE A 403 15.87 -9.77 -10.06
N VAL A 404 15.47 -8.50 -9.94
CA VAL A 404 14.72 -7.85 -11.02
C VAL A 404 15.53 -7.87 -12.32
N ALA A 405 16.84 -7.63 -12.23
CA ALA A 405 17.68 -7.53 -13.42
C ALA A 405 17.98 -8.90 -14.04
N LEU A 406 18.43 -9.86 -13.23
CA LEU A 406 18.95 -11.12 -13.75
C LEU A 406 18.21 -12.35 -13.24
N GLY A 407 17.28 -12.21 -12.31
CA GLY A 407 16.50 -13.33 -11.88
C GLY A 407 17.23 -14.19 -10.86
N SER A 408 16.78 -15.44 -10.75
CA SER A 408 17.33 -16.34 -9.74
C SER A 408 18.34 -17.32 -10.30
N ASN A 409 18.62 -17.31 -11.59
CA ASN A 409 19.56 -18.31 -12.08
C ASN A 409 20.88 -17.75 -12.60
N THR A 410 21.08 -16.43 -12.61
CA THR A 410 22.34 -15.83 -13.06
C THR A 410 22.76 -14.78 -12.04
N SER A 411 23.99 -14.88 -11.53
CA SER A 411 24.50 -13.89 -10.58
C SER A 411 24.93 -12.61 -11.30
N GLY A 412 24.76 -11.48 -10.61
CA GLY A 412 25.26 -10.21 -11.11
C GLY A 412 26.75 -10.09 -10.88
N LEU A 413 27.46 -9.59 -11.89
CA LEU A 413 28.93 -9.43 -11.83
C LEU A 413 29.33 -8.03 -12.29
N MET A 414 30.09 -7.32 -11.44
CA MET A 414 30.74 -6.07 -11.78
C MET A 414 32.19 -6.05 -11.30
N GLY A 415 33.00 -5.13 -11.83
CA GLY A 415 34.38 -5.04 -11.42
C GLY A 415 35.11 -3.87 -12.06
N ASN A 416 36.35 -3.64 -11.60
CA ASN A 416 37.17 -2.54 -12.09
C ASN A 416 38.32 -3.03 -12.98
N ASN A 417 38.33 -4.31 -13.36
CA ASN A 417 39.38 -4.88 -14.20
C ASN A 417 38.74 -5.86 -15.16
N GLU A 418 38.82 -5.57 -16.46
CA GLU A 418 38.08 -6.42 -17.39
C GLU A 418 38.69 -7.80 -17.52
N ALA A 419 40.01 -7.95 -17.37
CA ALA A 419 40.58 -9.30 -17.43
C ALA A 419 40.02 -10.17 -16.33
N LEU A 420 39.88 -9.63 -15.12
CA LEU A 420 39.35 -10.40 -14.01
C LEU A 420 37.87 -10.71 -14.22
N VAL A 421 37.10 -9.73 -14.70
CA VAL A 421 35.69 -9.99 -14.98
C VAL A 421 35.56 -11.12 -16.00
N ARG A 422 36.36 -11.07 -17.07
CA ARG A 422 36.35 -12.14 -18.08
C ARG A 422 36.64 -13.51 -17.46
N GLN A 423 37.65 -13.58 -16.59
CA GLN A 423 38.00 -14.86 -15.97
C GLN A 423 36.84 -15.43 -15.18
N LEU A 424 36.10 -14.58 -14.46
CA LEU A 424 34.98 -15.04 -13.65
C LEU A 424 33.81 -15.48 -14.52
N LEU A 425 33.53 -14.75 -15.61
CA LEU A 425 32.47 -15.19 -16.51
C LEU A 425 32.80 -16.56 -17.08
N LYS A 426 34.04 -16.73 -17.52
CA LYS A 426 34.47 -17.99 -18.11
C LYS A 426 34.37 -19.13 -17.10
N ALA A 427 34.78 -18.88 -15.85
CA ALA A 427 34.66 -19.92 -14.83
C ALA A 427 33.21 -20.27 -14.59
N GLY A 428 32.32 -19.27 -14.62
CA GLY A 428 30.92 -19.54 -14.41
C GLY A 428 30.31 -20.34 -15.55
N GLU A 429 30.74 -20.08 -16.79
CA GLU A 429 30.22 -20.88 -17.88
C GLU A 429 30.71 -22.33 -17.80
N PHE A 430 31.98 -22.54 -17.45
CA PHE A 430 32.47 -23.92 -17.33
C PHE A 430 31.73 -24.66 -16.21
N ALA A 431 31.54 -24.02 -15.05
CA ALA A 431 30.86 -24.65 -13.91
C ALA A 431 29.35 -24.84 -14.10
N ASP A 432 28.75 -24.24 -15.12
CA ASP A 432 27.30 -24.09 -15.20
C ASP A 432 26.75 -23.47 -13.91
N ASP A 433 27.47 -22.43 -13.46
CA ASP A 433 27.13 -21.54 -12.35
C ASP A 433 27.29 -20.10 -12.84
N ARG A 434 26.40 -19.69 -13.73
CA ARG A 434 26.70 -18.55 -14.59
C ARG A 434 26.49 -17.21 -13.88
N ALA A 435 27.30 -16.24 -14.29
CA ALA A 435 27.18 -14.83 -13.91
C ALA A 435 26.99 -13.99 -15.17
N TRP A 436 26.73 -12.70 -15.00
CA TRP A 436 26.53 -11.79 -16.11
C TRP A 436 27.01 -10.41 -15.71
N GLN A 437 27.78 -9.75 -16.58
CA GLN A 437 28.35 -8.46 -16.22
C GLN A 437 27.32 -7.35 -16.31
N LEU A 438 27.34 -6.44 -15.34
CA LEU A 438 26.65 -5.17 -15.45
C LEU A 438 27.69 -4.04 -15.42
N PRO A 439 27.42 -2.93 -16.12
CA PRO A 439 28.44 -1.86 -16.24
C PRO A 439 28.52 -0.95 -15.03
N LEU A 440 29.74 -0.55 -14.68
CA LEU A 440 29.96 0.48 -13.68
C LEU A 440 30.34 1.82 -14.32
N PHE A 441 29.57 2.25 -15.34
CA PHE A 441 29.86 3.51 -16.02
C PHE A 441 29.95 4.68 -15.04
N ASP A 442 30.87 5.59 -15.31
CA ASP A 442 31.11 6.65 -14.36
C ASP A 442 29.87 7.52 -14.17
N GLU A 443 28.99 7.58 -15.19
CA GLU A 443 27.78 8.38 -15.08
C GLU A 443 26.87 7.93 -13.94
N TYR A 444 26.95 6.66 -13.52
CA TYR A 444 26.10 6.19 -12.43
C TYR A 444 26.57 6.71 -11.07
N GLN A 445 27.85 7.08 -10.97
CA GLN A 445 28.43 7.39 -9.65
C GLN A 445 27.72 8.56 -8.98
N GLU A 446 27.26 9.53 -9.75
CA GLU A 446 26.69 10.72 -9.14
C GLU A 446 25.39 10.42 -8.39
N GLN A 447 24.77 9.26 -8.63
CA GLN A 447 23.61 8.88 -7.84
C GLN A 447 23.96 8.74 -6.37
N LEU A 448 25.24 8.55 -6.04
CA LEU A 448 25.69 8.42 -4.66
C LEU A 448 26.14 9.73 -4.03
N ASP A 449 26.00 10.85 -4.74
CA ASP A 449 26.37 12.14 -4.16
C ASP A 449 25.48 12.48 -2.95
N SER A 450 26.10 13.01 -1.91
CA SER A 450 25.41 13.47 -0.71
C SER A 450 25.79 14.91 -0.44
N PRO A 451 24.83 15.77 -0.12
CA PRO A 451 25.19 17.15 0.28
C PRO A 451 25.98 17.20 1.56
N PHE A 452 26.00 16.13 2.36
CA PHE A 452 26.55 16.18 3.70
C PHE A 452 27.79 15.34 3.93
N ALA A 453 28.10 14.39 3.05
CA ALA A 453 29.20 13.45 3.28
C ALA A 453 29.86 13.13 1.96
N ASP A 454 30.96 12.36 2.01
CA ASP A 454 31.67 11.98 0.79
C ASP A 454 30.85 11.05 -0.10
N ILE A 455 30.02 10.18 0.48
CA ILE A 455 29.22 9.21 -0.27
C ILE A 455 27.90 9.00 0.48
N ALA A 456 26.80 8.91 -0.28
CA ALA A 456 25.56 8.37 0.26
C ALA A 456 25.57 6.84 0.10
N ASN A 457 24.92 6.13 1.02
CA ASN A 457 24.99 4.68 0.91
C ASN A 457 23.92 4.09 -0.01
N ILE A 458 23.03 4.89 -0.58
CA ILE A 458 22.08 4.41 -1.58
C ILE A 458 21.98 5.42 -2.70
N GLY A 459 21.65 4.93 -3.89
CA GLY A 459 21.49 5.77 -5.05
C GLY A 459 20.08 5.95 -5.58
N GLY A 460 19.05 5.53 -4.85
CA GLY A 460 17.71 5.71 -5.36
C GLY A 460 17.20 4.53 -6.17
N PRO A 461 16.02 4.67 -6.78
CA PRO A 461 15.35 3.50 -7.36
C PRO A 461 15.86 3.07 -8.73
N LYS A 462 16.66 3.87 -9.42
CA LYS A 462 17.20 3.47 -10.72
C LYS A 462 18.55 2.76 -10.57
N ALA A 463 18.69 1.62 -11.25
CA ALA A 463 19.98 0.92 -11.38
C ALA A 463 20.55 0.53 -10.01
N GLY A 464 19.71 -0.11 -9.18
CA GLY A 464 20.11 -0.37 -7.81
C GLY A 464 21.32 -1.30 -7.69
N THR A 465 21.39 -2.31 -8.56
CA THR A 465 22.51 -3.25 -8.46
C THR A 465 23.83 -2.56 -8.83
N ILE A 466 23.78 -1.75 -9.89
CA ILE A 466 24.96 -1.01 -10.35
C ILE A 466 25.40 0.03 -9.32
N THR A 467 24.46 0.79 -8.75
CA THR A 467 24.92 1.84 -7.84
C THR A 467 25.52 1.21 -6.57
N ALA A 468 25.03 0.03 -6.18
CA ALA A 468 25.69 -0.68 -5.08
C ALA A 468 27.12 -1.07 -5.45
N GLY A 469 27.34 -1.58 -6.67
CA GLY A 469 28.70 -1.84 -7.13
C GLY A 469 29.57 -0.59 -7.24
N CYS A 470 28.96 0.53 -7.64
CA CYS A 470 29.69 1.80 -7.68
C CYS A 470 30.15 2.22 -6.30
N PHE A 471 29.29 2.01 -5.30
CA PHE A 471 29.67 2.31 -3.92
C PHE A 471 30.88 1.50 -3.51
N LEU A 472 30.84 0.17 -3.71
CA LEU A 472 31.97 -0.68 -3.36
C LEU A 472 33.23 -0.32 -4.15
N SER A 473 33.08 0.00 -5.44
CA SER A 473 34.24 0.33 -6.26
C SER A 473 35.10 1.44 -5.64
N ARG A 474 34.48 2.34 -4.87
CA ARG A 474 35.21 3.46 -4.29
C ARG A 474 36.18 3.03 -3.20
N PHE A 475 36.11 1.78 -2.76
CA PHE A 475 37.02 1.23 -1.77
C PHE A 475 38.00 0.23 -2.37
N ALA A 476 37.93 -0.02 -3.68
CA ALA A 476 38.68 -1.09 -4.33
C ALA A 476 39.67 -0.57 -5.37
N LYS A 477 40.06 0.71 -5.29
CA LYS A 477 40.86 1.29 -6.37
C LYS A 477 42.30 0.79 -6.41
N LYS A 478 42.83 0.30 -5.29
CA LYS A 478 44.23 -0.10 -5.20
C LYS A 478 44.52 -1.49 -5.73
N TYR A 479 43.53 -2.21 -6.29
CA TYR A 479 43.79 -3.56 -6.75
C TYR A 479 42.72 -3.95 -7.78
N HIS A 480 42.95 -5.10 -8.42
CA HIS A 480 41.99 -5.69 -9.36
C HIS A 480 40.86 -6.33 -8.57
N TRP A 481 39.63 -5.94 -8.87
CA TRP A 481 38.52 -6.28 -8.00
C TRP A 481 37.30 -6.62 -8.83
N ALA A 482 36.51 -7.58 -8.34
CA ALA A 482 35.20 -7.88 -8.89
C ALA A 482 34.21 -8.13 -7.76
N HIS A 483 32.93 -8.09 -8.11
CA HIS A 483 31.82 -8.07 -7.16
C HIS A 483 30.72 -8.98 -7.72
N LEU A 484 30.40 -10.05 -6.98
CA LEU A 484 29.32 -10.95 -7.33
C LEU A 484 28.13 -10.67 -6.42
N ASP A 485 27.00 -10.30 -7.02
CA ASP A 485 25.75 -10.07 -6.32
C ASP A 485 24.89 -11.32 -6.47
N ILE A 486 24.77 -12.07 -5.39
CA ILE A 486 24.14 -13.39 -5.41
C ILE A 486 22.78 -13.34 -4.72
N ALA A 487 22.14 -12.16 -4.62
CA ALA A 487 20.82 -12.10 -3.99
C ALA A 487 19.81 -13.02 -4.65
N GLY A 488 19.97 -13.35 -5.92
CA GLY A 488 19.02 -14.21 -6.59
C GLY A 488 19.41 -15.67 -6.67
N THR A 489 20.70 -15.97 -6.59
CA THR A 489 21.19 -17.32 -6.85
C THR A 489 21.57 -18.07 -5.58
N ALA A 490 21.67 -17.39 -4.44
CA ALA A 490 22.16 -18.00 -3.21
C ALA A 490 21.14 -18.87 -2.49
N TRP A 491 19.85 -18.74 -2.79
CA TRP A 491 18.88 -19.60 -2.13
C TRP A 491 17.62 -19.73 -2.97
N ILE A 492 16.83 -20.77 -2.65
CA ILE A 492 15.50 -20.99 -3.22
C ILE A 492 14.47 -20.53 -2.19
N SER A 493 13.49 -19.72 -2.65
CA SER A 493 12.57 -19.03 -1.73
C SER A 493 11.52 -19.95 -1.13
N GLY A 494 10.93 -20.83 -1.95
CA GLY A 494 9.81 -21.60 -1.45
C GLY A 494 9.73 -23.00 -2.00
N GLY A 495 8.65 -23.70 -1.68
CA GLY A 495 8.45 -25.05 -2.17
C GLY A 495 9.22 -26.07 -1.36
N LYS A 496 9.14 -27.31 -1.82
CA LYS A 496 9.84 -28.39 -1.15
C LYS A 496 11.32 -28.08 -1.00
N ASP A 497 11.89 -27.34 -1.95
CA ASP A 497 13.32 -27.17 -2.05
C ASP A 497 13.80 -25.81 -1.52
N LYS A 498 13.00 -25.13 -0.72
CA LYS A 498 13.45 -23.88 -0.10
C LYS A 498 14.74 -24.13 0.68
N GLY A 499 15.72 -23.26 0.51
CA GLY A 499 16.97 -23.39 1.25
C GLY A 499 18.16 -22.87 0.45
N ALA A 500 19.31 -22.82 1.11
CA ALA A 500 20.52 -22.34 0.45
C ALA A 500 20.92 -23.27 -0.69
N THR A 501 21.52 -22.69 -1.73
CA THR A 501 21.97 -23.41 -2.93
C THR A 501 23.45 -23.78 -2.93
N GLY A 502 24.28 -23.06 -2.19
CA GLY A 502 25.71 -23.26 -2.28
C GLY A 502 26.38 -22.51 -3.42
N ARG A 503 25.60 -21.77 -4.26
CA ARG A 503 26.24 -20.89 -5.23
C ARG A 503 26.78 -19.65 -4.52
N PRO A 504 27.94 -19.13 -4.96
CA PRO A 504 28.70 -19.49 -6.17
C PRO A 504 29.99 -20.30 -5.93
N VAL A 505 29.97 -21.26 -5.02
CA VAL A 505 31.16 -22.09 -4.81
C VAL A 505 31.65 -22.72 -6.11
N PRO A 506 30.78 -23.28 -6.97
CA PRO A 506 31.33 -23.88 -8.20
C PRO A 506 32.07 -22.86 -9.06
N LEU A 507 31.53 -21.66 -9.23
CA LEU A 507 32.20 -20.63 -10.02
C LEU A 507 33.52 -20.23 -9.36
N LEU A 508 33.50 -19.91 -8.05
CA LEU A 508 34.70 -19.46 -7.37
C LEU A 508 35.81 -20.52 -7.41
N THR A 509 35.47 -21.79 -7.14
CA THR A 509 36.48 -22.85 -7.14
C THR A 509 37.07 -23.07 -8.54
N GLN A 510 36.22 -23.01 -9.58
CA GLN A 510 36.73 -23.17 -10.94
C GLN A 510 37.66 -22.01 -11.34
N TYR A 511 37.35 -20.79 -10.88
CA TYR A 511 38.25 -19.66 -11.09
C TYR A 511 39.60 -19.92 -10.43
N LEU A 512 39.60 -20.41 -9.18
CA LEU A 512 40.86 -20.67 -8.49
C LEU A 512 41.61 -21.85 -9.13
N LEU A 513 40.88 -22.86 -9.59
CA LEU A 513 41.50 -24.00 -10.27
C LEU A 513 42.28 -23.54 -11.51
N GLU A 514 41.72 -22.61 -12.29
CA GLU A 514 42.44 -22.07 -13.45
C GLU A 514 43.60 -21.18 -13.02
N ARG A 515 43.42 -20.39 -11.95
CA ARG A 515 44.51 -19.54 -11.52
C ARG A 515 45.67 -20.35 -10.97
N ALA A 516 45.41 -21.59 -10.57
CA ALA A 516 46.44 -22.45 -10.00
C ALA A 516 47.27 -23.20 -11.04
N LYS A 517 46.84 -23.24 -12.31
CA LYS A 517 47.60 -23.94 -13.36
C LYS A 517 48.90 -23.21 -13.72
N PHE B 19 -14.11 -32.63 -21.79
CA PHE B 19 -13.38 -33.26 -22.89
C PHE B 19 -14.04 -34.60 -23.27
N GLN B 20 -13.40 -35.37 -24.16
CA GLN B 20 -14.04 -36.55 -24.75
C GLN B 20 -14.36 -37.62 -23.69
N GLY B 21 -13.44 -37.88 -22.78
CA GLY B 21 -13.69 -38.88 -21.74
C GLY B 21 -13.70 -40.29 -22.31
N GLY B 22 -14.78 -41.02 -22.05
CA GLY B 22 -14.99 -42.31 -22.67
C GLY B 22 -14.06 -43.43 -22.25
N MET B 23 -13.54 -43.39 -21.03
CA MET B 23 -12.77 -44.51 -20.54
C MET B 23 -13.75 -45.54 -19.99
N GLU B 24 -13.53 -46.81 -20.29
CA GLU B 24 -14.48 -47.85 -19.93
C GLU B 24 -14.15 -48.41 -18.55
N PHE B 25 -15.15 -48.44 -17.66
CA PHE B 25 -15.01 -49.00 -16.31
C PHE B 25 -15.87 -50.26 -16.21
N LEU B 26 -15.25 -51.39 -15.87
CA LEU B 26 -15.92 -52.67 -15.77
C LEU B 26 -15.72 -53.26 -14.39
N VAL B 27 -16.71 -54.01 -13.92
CA VAL B 27 -16.61 -54.74 -12.66
C VAL B 27 -16.69 -56.22 -12.99
N LYS B 28 -15.71 -56.99 -12.55
CA LYS B 28 -15.68 -58.43 -12.78
C LYS B 28 -15.35 -59.13 -11.46
N SER B 29 -15.77 -60.40 -11.37
CA SER B 29 -15.56 -61.19 -10.16
C SER B 29 -14.60 -62.36 -10.37
N VAL B 30 -13.77 -62.32 -11.40
CA VAL B 30 -12.88 -63.44 -11.72
C VAL B 30 -11.66 -63.47 -10.81
N ARG B 31 -10.83 -64.50 -10.97
CA ARG B 31 -9.58 -64.64 -10.22
C ARG B 31 -8.52 -63.70 -10.78
N PRO B 32 -7.86 -62.88 -9.95
CA PRO B 32 -6.80 -62.01 -10.51
C PRO B 32 -5.68 -62.79 -11.17
N GLU B 33 -5.36 -63.98 -10.67
CA GLU B 33 -4.13 -64.62 -11.15
C GLU B 33 -4.28 -65.25 -12.53
N THR B 34 -5.50 -65.38 -13.07
CA THR B 34 -5.68 -65.89 -14.43
C THR B 34 -6.29 -64.87 -15.38
N LEU B 35 -6.38 -63.60 -14.97
CA LEU B 35 -7.02 -62.58 -15.80
C LEU B 35 -6.02 -62.02 -16.81
N LYS B 36 -6.39 -62.04 -18.08
CA LYS B 36 -5.55 -61.46 -19.13
C LYS B 36 -5.68 -59.95 -19.08
N THR B 37 -4.57 -59.27 -18.84
CA THR B 37 -4.60 -57.81 -18.74
C THR B 37 -3.20 -57.30 -19.04
N ALA B 38 -3.13 -56.06 -19.54
CA ALA B 38 -1.82 -55.44 -19.76
C ALA B 38 -1.10 -55.16 -18.44
N THR B 39 -1.84 -54.82 -17.38
CA THR B 39 -1.25 -54.49 -16.08
C THR B 39 -2.21 -54.93 -14.99
N LEU B 40 -1.75 -55.78 -14.08
CA LEU B 40 -2.50 -56.16 -12.89
C LEU B 40 -1.98 -55.33 -11.72
N VAL B 41 -2.89 -54.68 -10.98
CA VAL B 41 -2.53 -53.74 -9.91
C VAL B 41 -2.87 -54.35 -8.56
N LEU B 42 -1.87 -54.49 -7.69
CA LEU B 42 -2.03 -55.08 -6.36
C LEU B 42 -1.54 -54.12 -5.28
N ALA B 43 -2.16 -54.18 -4.11
CA ALA B 43 -1.75 -53.37 -2.96
C ALA B 43 -0.74 -54.12 -2.11
N VAL B 44 0.23 -53.38 -1.57
CA VAL B 44 1.26 -53.93 -0.70
C VAL B 44 1.28 -53.09 0.56
N GLY B 45 1.09 -53.75 1.70
CA GLY B 45 1.17 -53.06 2.97
C GLY B 45 2.60 -52.80 3.40
N GLU B 46 2.75 -51.72 4.18
CA GLU B 46 4.00 -51.39 4.83
C GLU B 46 4.17 -52.30 6.04
N GLY B 47 5.09 -53.26 5.94
CA GLY B 47 5.39 -54.11 7.08
C GLY B 47 4.22 -54.89 7.65
N ARG B 48 3.33 -55.37 6.78
CA ARG B 48 2.33 -56.37 7.15
C ARG B 48 2.19 -57.33 5.97
N LYS B 49 1.50 -58.44 6.19
CA LYS B 49 1.46 -59.48 5.16
C LYS B 49 0.70 -58.99 3.93
N LEU B 50 1.06 -59.55 2.77
CA LEU B 50 0.27 -59.37 1.57
C LEU B 50 -1.19 -59.73 1.85
N GLY B 51 -2.12 -58.91 1.33
CA GLY B 51 -3.54 -59.22 1.43
C GLY B 51 -3.92 -60.46 0.64
N ALA B 52 -5.21 -60.80 0.70
CA ALA B 52 -5.69 -62.05 0.11
C ALA B 52 -5.41 -62.10 -1.40
N SER B 53 -5.94 -61.11 -2.14
CA SER B 53 -5.69 -61.05 -3.57
C SER B 53 -4.20 -61.12 -3.88
N ALA B 54 -3.42 -60.26 -3.24
CA ALA B 54 -1.99 -60.21 -3.54
C ALA B 54 -1.30 -61.53 -3.23
N LYS B 55 -1.69 -62.16 -2.12
CA LYS B 55 -1.10 -63.46 -1.76
C LYS B 55 -1.46 -64.53 -2.79
N ALA B 56 -2.73 -64.54 -3.23
CA ALA B 56 -3.09 -65.48 -4.28
C ALA B 56 -2.20 -65.33 -5.50
N VAL B 57 -1.91 -64.09 -5.91
CA VAL B 57 -1.11 -63.88 -7.12
C VAL B 57 0.33 -64.31 -6.87
N ASP B 58 0.92 -63.88 -5.75
CA ASP B 58 2.26 -64.33 -5.39
C ASP B 58 2.37 -65.86 -5.43
N ASP B 59 1.40 -66.56 -4.80
CA ASP B 59 1.40 -68.02 -4.83
C ASP B 59 1.43 -68.54 -6.26
N ALA B 60 0.58 -67.99 -7.12
CA ALA B 60 0.50 -68.47 -8.50
C ALA B 60 1.81 -68.26 -9.25
N THR B 61 2.63 -67.28 -8.85
CA THR B 61 3.93 -67.08 -9.48
C THR B 61 5.03 -67.91 -8.84
N GLY B 62 4.70 -68.69 -7.81
CA GLY B 62 5.71 -69.44 -7.09
C GLY B 62 6.58 -68.60 -6.18
N GLY B 63 6.03 -67.53 -5.62
CA GLY B 63 6.76 -66.66 -4.71
C GLY B 63 7.58 -65.56 -5.36
N ALA B 64 7.34 -65.26 -6.64
CA ALA B 64 8.16 -64.25 -7.32
C ALA B 64 7.94 -62.86 -6.74
N ILE B 65 6.68 -62.50 -6.44
CA ILE B 65 6.41 -61.16 -5.93
C ILE B 65 7.00 -60.99 -4.54
N SER B 66 6.83 -62.00 -3.69
CA SER B 66 7.39 -61.90 -2.34
C SER B 66 8.93 -61.92 -2.37
N ALA B 67 9.52 -62.61 -3.35
CA ALA B 67 10.98 -62.59 -3.48
C ALA B 67 11.50 -61.20 -3.81
N VAL B 68 10.83 -60.50 -4.76
CA VAL B 68 11.21 -59.13 -5.09
C VAL B 68 11.03 -58.22 -3.88
N LEU B 69 9.88 -58.33 -3.20
CA LEU B 69 9.62 -57.45 -2.06
C LEU B 69 10.66 -57.64 -0.97
N LYS B 70 11.17 -58.86 -0.81
CA LYS B 70 12.21 -59.09 0.19
C LYS B 70 13.46 -58.27 -0.11
N ARG B 71 13.72 -57.94 -1.37
CA ARG B 71 14.89 -57.11 -1.69
C ARG B 71 14.76 -55.69 -1.14
N GLY B 72 13.55 -55.21 -0.87
CA GLY B 72 13.35 -54.00 -0.11
C GLY B 72 13.16 -52.70 -0.88
N ASP B 73 12.98 -52.75 -2.19
CA ASP B 73 12.86 -51.50 -2.95
C ASP B 73 11.55 -50.77 -2.64
N LEU B 74 10.50 -51.48 -2.25
CA LEU B 74 9.18 -50.89 -2.02
C LEU B 74 8.89 -50.93 -0.53
N ALA B 75 9.03 -49.77 0.14
CA ALA B 75 8.74 -49.71 1.57
C ALA B 75 7.26 -49.93 1.89
N GLY B 76 6.38 -49.67 0.93
CA GLY B 76 4.96 -49.86 1.16
C GLY B 76 4.22 -48.64 1.67
N LYS B 77 4.84 -47.46 1.66
CA LYS B 77 4.11 -46.26 2.05
C LYS B 77 3.08 -45.91 0.97
N VAL B 78 1.98 -45.28 1.41
CA VAL B 78 0.84 -44.94 0.56
C VAL B 78 1.32 -44.28 -0.73
N GLY B 79 1.01 -44.91 -1.87
CA GLY B 79 1.35 -44.33 -3.16
C GLY B 79 2.71 -44.68 -3.73
N GLN B 80 3.62 -45.28 -2.96
CA GLN B 80 4.85 -45.81 -3.56
C GLN B 80 4.52 -46.93 -4.54
N THR B 81 5.33 -47.06 -5.59
CA THR B 81 5.07 -48.08 -6.61
C THR B 81 6.32 -48.89 -6.94
N LEU B 82 6.07 -50.10 -7.45
CA LEU B 82 7.09 -50.97 -8.01
C LEU B 82 6.47 -51.73 -9.16
N LEU B 83 7.01 -51.58 -10.36
CA LEU B 83 6.42 -52.12 -11.57
C LEU B 83 7.24 -53.31 -12.05
N LEU B 84 6.59 -54.46 -12.21
CA LEU B 84 7.23 -55.70 -12.66
C LEU B 84 6.72 -56.05 -14.05
N GLN B 85 7.54 -56.78 -14.82
CA GLN B 85 7.14 -57.20 -16.16
C GLN B 85 6.43 -58.55 -16.13
N SER B 86 6.70 -59.43 -17.08
CA SER B 86 6.01 -60.71 -17.09
C SER B 86 6.51 -61.60 -15.96
N LEU B 87 5.59 -62.11 -15.18
CA LEU B 87 5.91 -63.01 -14.10
C LEU B 87 5.44 -64.42 -14.46
N PRO B 88 6.07 -65.46 -13.91
CA PRO B 88 5.73 -66.83 -14.33
C PRO B 88 4.29 -67.18 -13.96
N ASN B 89 3.61 -67.80 -14.91
CA ASN B 89 2.28 -68.38 -14.76
C ASN B 89 1.17 -67.35 -14.70
N LEU B 90 1.44 -66.08 -15.00
CA LEU B 90 0.40 -65.05 -15.02
C LEU B 90 -0.01 -64.72 -16.45
N LYS B 91 -1.27 -64.33 -16.62
CA LYS B 91 -1.72 -63.76 -17.88
C LYS B 91 -1.62 -62.23 -17.90
N ALA B 92 -1.13 -61.63 -16.83
CA ALA B 92 -0.88 -60.19 -16.79
C ALA B 92 0.48 -59.89 -17.42
N GLU B 93 0.49 -58.97 -18.38
CA GLU B 93 1.75 -58.60 -19.01
C GLU B 93 2.69 -57.93 -18.00
N ARG B 94 2.11 -57.23 -17.03
CA ARG B 94 2.81 -56.43 -16.04
C ARG B 94 2.06 -56.53 -14.73
N VAL B 95 2.80 -56.40 -13.62
CA VAL B 95 2.21 -56.31 -12.30
C VAL B 95 2.69 -55.01 -11.65
N LEU B 96 1.75 -54.14 -11.29
CA LEU B 96 2.04 -52.90 -10.58
C LEU B 96 1.73 -53.10 -9.10
N LEU B 97 2.74 -52.95 -8.25
CA LEU B 97 2.58 -52.95 -6.80
C LEU B 97 2.52 -51.52 -6.29
N VAL B 98 1.51 -51.21 -5.48
CA VAL B 98 1.33 -49.88 -4.91
C VAL B 98 1.20 -50.01 -3.40
N GLY B 99 1.95 -49.18 -2.67
CA GLY B 99 1.95 -49.26 -1.21
C GLY B 99 0.66 -48.72 -0.61
N ALA B 100 0.21 -49.37 0.47
CA ALA B 100 -1.04 -48.99 1.12
C ALA B 100 -0.83 -48.54 2.56
N GLY B 101 0.39 -48.20 2.94
CA GLY B 101 0.64 -47.75 4.29
C GLY B 101 0.60 -48.89 5.30
N LYS B 102 0.70 -48.51 6.56
CA LYS B 102 0.73 -49.48 7.64
C LYS B 102 -0.59 -49.57 8.40
N GLU B 103 -1.54 -48.70 8.09
CA GLU B 103 -2.81 -48.67 8.81
C GLU B 103 -3.67 -49.85 8.39
N ARG B 104 -4.62 -50.22 9.25
CA ARG B 104 -5.57 -51.24 8.82
C ARG B 104 -6.62 -50.64 7.90
N GLU B 105 -7.03 -49.40 8.15
CA GLU B 105 -7.96 -48.67 7.31
C GLU B 105 -7.29 -47.42 6.76
N LEU B 106 -7.62 -47.07 5.53
CA LEU B 106 -7.18 -45.81 4.95
C LEU B 106 -8.25 -44.74 5.18
N GLY B 107 -7.79 -43.48 5.29
CA GLY B 107 -8.71 -42.37 5.21
C GLY B 107 -9.00 -42.01 3.78
N ASP B 108 -10.03 -41.19 3.58
CA ASP B 108 -10.39 -40.79 2.21
C ASP B 108 -9.18 -40.22 1.48
N ARG B 109 -8.39 -39.38 2.16
CA ARG B 109 -7.25 -38.73 1.52
C ARG B 109 -6.20 -39.75 1.09
N GLN B 110 -5.89 -40.73 1.94
CA GLN B 110 -4.93 -41.75 1.53
C GLN B 110 -5.47 -42.59 0.36
N TYR B 111 -6.76 -42.94 0.39
CA TYR B 111 -7.35 -43.71 -0.71
C TYR B 111 -7.21 -42.97 -2.04
N ARG B 112 -7.52 -41.68 -2.06
CA ARG B 112 -7.36 -40.89 -3.29
C ARG B 112 -5.90 -40.85 -3.72
N LYS B 113 -5.00 -40.65 -2.76
CA LYS B 113 -3.58 -40.59 -3.10
C LYS B 113 -3.12 -41.91 -3.71
N LEU B 114 -3.54 -43.03 -3.13
CA LEU B 114 -3.23 -44.34 -3.70
C LEU B 114 -3.79 -44.47 -5.12
N ALA B 115 -5.07 -44.13 -5.30
CA ALA B 115 -5.65 -44.24 -6.64
C ALA B 115 -4.92 -43.34 -7.64
N SER B 116 -4.57 -42.11 -7.22
CA SER B 116 -3.90 -41.17 -8.15
C SER B 116 -2.51 -41.66 -8.52
N ALA B 117 -1.81 -42.31 -7.60
CA ALA B 117 -0.48 -42.83 -7.91
C ALA B 117 -0.58 -43.97 -8.92
N VAL B 118 -1.62 -44.81 -8.79
CA VAL B 118 -1.81 -45.87 -9.77
C VAL B 118 -2.09 -45.26 -11.14
N LEU B 119 -3.03 -44.30 -11.20
CA LEU B 119 -3.37 -43.73 -12.50
C LEU B 119 -2.15 -43.06 -13.15
N SER B 120 -1.35 -42.34 -12.36
CA SER B 120 -0.18 -41.68 -12.91
C SER B 120 0.77 -42.68 -13.58
N THR B 121 0.99 -43.84 -12.97
CA THR B 121 1.83 -44.86 -13.60
C THR B 121 1.21 -45.38 -14.88
N LEU B 122 -0.06 -45.79 -14.83
CA LEU B 122 -0.73 -46.36 -15.99
C LEU B 122 -0.73 -45.42 -17.18
N LYS B 123 -0.94 -44.11 -16.92
CA LYS B 123 -0.95 -43.11 -17.97
C LYS B 123 0.33 -43.14 -18.80
N GLY B 124 1.47 -43.40 -18.15
CA GLY B 124 2.75 -43.45 -18.83
C GLY B 124 3.08 -44.76 -19.53
N LEU B 125 2.29 -45.82 -19.31
CA LEU B 125 2.52 -47.11 -19.94
C LEU B 125 1.80 -47.21 -21.28
N ALA B 126 2.26 -48.15 -22.10
CA ALA B 126 1.61 -48.44 -23.37
C ALA B 126 0.52 -49.53 -23.25
N GLY B 127 0.20 -49.98 -22.04
CA GLY B 127 -0.88 -50.94 -21.87
C GLY B 127 -2.23 -50.36 -22.24
N ALA B 128 -3.01 -51.13 -23.00
CA ALA B 128 -4.34 -50.73 -23.39
C ALA B 128 -5.38 -50.91 -22.28
N ASP B 129 -5.11 -51.71 -21.25
CA ASP B 129 -6.07 -51.79 -20.15
C ASP B 129 -5.29 -51.99 -18.86
N ALA B 130 -6.03 -51.99 -17.75
CA ALA B 130 -5.47 -52.39 -16.46
C ALA B 130 -6.58 -52.97 -15.58
N ALA B 131 -6.19 -53.90 -14.72
CA ALA B 131 -7.13 -54.51 -13.77
C ALA B 131 -6.68 -54.18 -12.35
N LEU B 132 -7.63 -53.77 -11.51
CA LEU B 132 -7.31 -53.31 -10.16
C LEU B 132 -7.83 -54.33 -9.16
N ALA B 133 -6.91 -54.99 -8.46
CA ALA B 133 -7.26 -55.96 -7.43
C ALA B 133 -7.07 -55.35 -6.04
N LEU B 134 -7.89 -54.33 -5.75
CA LEU B 134 -7.78 -53.52 -4.54
C LEU B 134 -8.94 -53.75 -3.57
N GLY B 135 -9.68 -54.85 -3.74
CA GLY B 135 -10.84 -55.07 -2.89
C GLY B 135 -10.49 -55.28 -1.43
N ASP B 136 -9.28 -55.76 -1.16
CA ASP B 136 -8.85 -55.95 0.23
C ASP B 136 -8.66 -54.63 0.99
N LEU B 137 -8.54 -53.49 0.29
CA LEU B 137 -8.32 -52.23 0.98
C LEU B 137 -9.54 -51.82 1.79
N ALA B 138 -9.32 -51.50 3.06
CA ALA B 138 -10.37 -50.96 3.91
C ALA B 138 -10.25 -49.44 3.92
N VAL B 139 -11.36 -48.76 3.76
CA VAL B 139 -11.43 -47.31 3.86
C VAL B 139 -12.39 -46.97 4.99
N LYS B 140 -11.91 -46.18 5.94
CA LYS B 140 -12.65 -45.87 7.15
C LYS B 140 -14.06 -45.37 6.83
N GLY B 141 -15.07 -46.07 7.36
CA GLY B 141 -16.45 -45.65 7.22
C GLY B 141 -17.11 -45.94 5.89
N ARG B 142 -16.47 -46.69 5.00
CA ARG B 142 -16.96 -46.86 3.63
C ARG B 142 -17.11 -48.34 3.29
N GLY B 143 -18.33 -48.73 2.91
CA GLY B 143 -18.57 -50.06 2.36
C GLY B 143 -18.18 -50.13 0.89
N ALA B 144 -18.65 -51.20 0.25
CA ALA B 144 -18.26 -51.45 -1.14
C ALA B 144 -18.73 -50.32 -2.06
N HIS B 145 -19.99 -49.91 -1.91
CA HIS B 145 -20.53 -48.86 -2.77
C HIS B 145 -19.82 -47.53 -2.53
N ALA B 146 -19.53 -47.19 -1.27
CA ALA B 146 -18.92 -45.91 -0.98
C ALA B 146 -17.46 -45.87 -1.41
N LYS B 147 -16.75 -47.00 -1.30
CA LYS B 147 -15.38 -47.06 -1.81
C LYS B 147 -15.35 -46.94 -3.33
N ALA B 148 -16.30 -47.58 -4.01
CA ALA B 148 -16.34 -47.50 -5.48
C ALA B 148 -16.64 -46.09 -5.94
N ARG B 149 -17.58 -45.41 -5.28
CA ARG B 149 -17.85 -44.01 -5.58
C ARG B 149 -16.58 -43.17 -5.51
N LEU B 150 -15.79 -43.33 -4.45
CA LEU B 150 -14.60 -42.51 -4.28
C LEU B 150 -13.52 -42.91 -5.28
N LEU B 151 -13.30 -44.22 -5.43
CA LEU B 151 -12.24 -44.71 -6.30
C LEU B 151 -12.50 -44.34 -7.75
N VAL B 152 -13.72 -44.59 -8.24
CA VAL B 152 -13.97 -44.37 -9.66
C VAL B 152 -14.01 -42.89 -9.99
N GLU B 153 -14.49 -42.05 -9.05
CA GLU B 153 -14.53 -40.62 -9.31
C GLU B 153 -13.11 -40.06 -9.39
N THR B 154 -12.23 -40.52 -8.51
CA THR B 154 -10.83 -40.07 -8.55
C THR B 154 -10.15 -40.47 -9.86
N LEU B 155 -10.36 -41.72 -10.31
CA LEU B 155 -9.76 -42.19 -11.55
C LEU B 155 -10.33 -41.46 -12.75
N ALA B 156 -11.66 -41.36 -12.84
CA ALA B 156 -12.29 -40.74 -13.99
C ALA B 156 -11.96 -39.26 -14.06
N ASP B 157 -12.03 -38.55 -12.92
CA ASP B 157 -11.70 -37.13 -12.94
C ASP B 157 -10.21 -36.90 -13.18
N GLY B 158 -9.35 -37.83 -12.73
CA GLY B 158 -7.91 -37.72 -13.00
C GLY B 158 -7.52 -37.86 -14.47
N LEU B 159 -8.42 -38.38 -15.32
CA LEU B 159 -8.18 -38.46 -16.75
C LEU B 159 -8.44 -37.14 -17.48
N TYR B 160 -9.00 -36.13 -16.79
CA TYR B 160 -9.39 -34.88 -17.43
C TYR B 160 -8.20 -34.18 -18.09
N VAL B 161 -8.43 -33.65 -19.29
CA VAL B 161 -7.40 -32.90 -20.01
C VAL B 161 -8.09 -31.71 -20.66
N PHE B 162 -7.46 -30.54 -20.56
CA PHE B 162 -7.93 -29.33 -21.23
C PHE B 162 -6.75 -28.78 -22.02
N ASP B 163 -6.84 -28.83 -23.35
CA ASP B 163 -5.71 -28.40 -24.18
C ASP B 163 -6.17 -27.69 -25.47
N ARG B 164 -7.37 -27.13 -25.50
CA ARG B 164 -7.89 -26.70 -26.79
CA ARG B 164 -7.95 -26.62 -26.74
C ARG B 164 -7.15 -25.49 -27.34
N TYR B 165 -6.44 -24.71 -26.52
CA TYR B 165 -5.67 -23.59 -27.06
C TYR B 165 -4.17 -23.86 -27.10
N LYS B 166 -3.75 -25.10 -26.83
CA LYS B 166 -2.36 -25.49 -26.99
C LYS B 166 -2.14 -25.97 -28.42
N SER B 167 -1.07 -25.48 -29.06
CA SER B 167 -0.75 -25.96 -30.41
C SER B 167 -0.18 -27.39 -30.36
N GLN B 168 0.59 -27.69 -29.33
CA GLN B 168 1.08 -29.04 -29.08
C GLN B 168 0.08 -29.75 -28.19
N LYS B 169 -0.67 -30.69 -28.74
CA LYS B 169 -1.60 -31.46 -27.94
C LYS B 169 -0.91 -32.64 -27.25
N ALA B 170 -1.55 -33.13 -26.19
CA ALA B 170 -1.05 -34.29 -25.48
C ALA B 170 -1.20 -35.54 -26.34
N GLU B 171 -0.18 -36.40 -26.31
CA GLU B 171 -0.28 -37.73 -26.90
C GLU B 171 -1.48 -38.48 -26.31
N PRO B 172 -2.36 -39.02 -27.14
CA PRO B 172 -3.47 -39.82 -26.61
C PRO B 172 -2.95 -40.96 -25.74
N LEU B 173 -3.70 -41.26 -24.68
CA LEU B 173 -3.35 -42.38 -23.82
C LEU B 173 -3.58 -43.70 -24.53
N LYS B 174 -2.70 -44.67 -24.27
CA LYS B 174 -2.98 -46.05 -24.65
C LYS B 174 -4.05 -46.66 -23.75
N LEU B 175 -4.11 -46.25 -22.48
CA LEU B 175 -5.06 -46.83 -21.53
C LEU B 175 -6.49 -46.46 -21.88
N LYS B 176 -7.34 -47.47 -22.13
CA LYS B 176 -8.72 -47.23 -22.55
C LYS B 176 -9.74 -48.03 -21.75
N LYS B 177 -9.31 -48.86 -20.80
CA LYS B 177 -10.23 -49.71 -20.05
C LYS B 177 -9.60 -49.98 -18.69
N LEU B 178 -10.43 -49.88 -17.65
CA LEU B 178 -10.05 -50.19 -16.29
C LEU B 178 -11.06 -51.19 -15.74
N THR B 179 -10.56 -52.27 -15.16
CA THR B 179 -11.41 -53.30 -14.56
C THR B 179 -11.25 -53.25 -13.05
N LEU B 180 -12.37 -53.15 -12.34
CA LEU B 180 -12.42 -53.30 -10.89
C LEU B 180 -12.77 -54.74 -10.55
N LEU B 181 -11.87 -55.43 -9.85
CA LEU B 181 -12.12 -56.78 -9.36
C LEU B 181 -12.81 -56.73 -8.01
N ALA B 182 -13.95 -57.43 -7.90
CA ALA B 182 -14.74 -57.45 -6.69
C ALA B 182 -15.32 -58.85 -6.47
N ASP B 183 -15.47 -59.25 -5.21
CA ASP B 183 -16.20 -60.48 -4.89
C ASP B 183 -17.60 -60.43 -5.45
N LYS B 184 -18.12 -61.59 -5.84
CA LYS B 184 -19.45 -61.59 -6.42
C LYS B 184 -20.46 -61.02 -5.44
N ALA B 185 -20.21 -61.15 -4.14
CA ALA B 185 -21.16 -60.63 -3.16
C ALA B 185 -21.21 -59.10 -3.16
N ASP B 186 -20.13 -58.44 -3.59
CA ASP B 186 -20.06 -56.97 -3.58
C ASP B 186 -20.24 -56.36 -4.96
N SER B 187 -20.27 -57.18 -6.02
CA SER B 187 -20.11 -56.66 -7.36
C SER B 187 -21.27 -55.73 -7.74
N ALA B 188 -22.49 -56.05 -7.32
CA ALA B 188 -23.60 -55.18 -7.68
C ALA B 188 -23.43 -53.79 -7.07
N ALA B 189 -22.95 -53.73 -5.82
CA ALA B 189 -22.76 -52.42 -5.18
C ALA B 189 -21.60 -51.64 -5.82
N VAL B 190 -20.51 -52.34 -6.16
CA VAL B 190 -19.39 -51.68 -6.85
C VAL B 190 -19.85 -51.17 -8.21
N GLU B 191 -20.58 -51.99 -8.96
CA GLU B 191 -21.18 -51.56 -10.22
C GLU B 191 -22.01 -50.30 -10.04
N GLN B 192 -22.89 -50.26 -9.03
CA GLN B 192 -23.70 -49.07 -8.86
C GLN B 192 -22.85 -47.85 -8.50
N GLY B 193 -21.85 -48.01 -7.64
CA GLY B 193 -20.99 -46.88 -7.33
C GLY B 193 -20.23 -46.39 -8.54
N SER B 194 -19.74 -47.32 -9.36
CA SER B 194 -19.00 -46.96 -10.57
C SER B 194 -19.87 -46.19 -11.55
N LYS B 195 -21.12 -46.62 -11.74
CA LYS B 195 -22.00 -45.93 -12.66
C LYS B 195 -22.29 -44.51 -12.18
N GLU B 196 -22.57 -44.34 -10.89
CA GLU B 196 -22.81 -42.99 -10.36
C GLU B 196 -21.54 -42.15 -10.49
N ALA B 197 -20.38 -42.71 -10.13
CA ALA B 197 -19.13 -41.96 -10.19
C ALA B 197 -18.82 -41.48 -11.59
N GLN B 198 -19.00 -42.35 -12.61
CA GLN B 198 -18.71 -41.87 -13.95
C GLN B 198 -19.66 -40.77 -14.40
N ALA B 199 -20.94 -40.81 -14.00
CA ALA B 199 -21.83 -39.70 -14.34
C ALA B 199 -21.38 -38.40 -13.68
N ILE B 200 -20.93 -38.48 -12.43
CA ILE B 200 -20.43 -37.30 -11.72
C ILE B 200 -19.17 -36.76 -12.39
N ALA B 201 -18.23 -37.66 -12.71
CA ALA B 201 -17.01 -37.25 -13.40
C ALA B 201 -17.29 -36.64 -14.77
N ASN B 202 -18.28 -37.17 -15.51
CA ASN B 202 -18.64 -36.56 -16.78
C ASN B 202 -19.18 -35.15 -16.58
N GLY B 203 -20.00 -34.95 -15.55
CA GLY B 203 -20.46 -33.60 -15.23
C GLY B 203 -19.32 -32.69 -14.80
N MET B 204 -18.40 -33.21 -13.98
CA MET B 204 -17.30 -32.34 -13.60
C MET B 204 -16.45 -31.94 -14.81
N ALA B 205 -16.40 -32.78 -15.84
CA ALA B 205 -15.57 -32.45 -17.01
C ALA B 205 -16.19 -31.29 -17.79
N LEU B 206 -17.51 -31.29 -17.91
CA LEU B 206 -18.19 -30.15 -18.50
C LEU B 206 -17.99 -28.89 -17.66
N THR B 207 -18.16 -28.99 -16.33
CA THR B 207 -17.92 -27.87 -15.44
C THR B 207 -16.50 -27.33 -15.60
N ARG B 208 -15.52 -28.22 -15.63
CA ARG B 208 -14.12 -27.79 -15.71
C ARG B 208 -13.82 -27.13 -17.04
N ASP B 209 -14.34 -27.69 -18.13
CA ASP B 209 -14.16 -27.06 -19.44
C ASP B 209 -14.72 -25.64 -19.44
N LEU B 210 -15.97 -25.46 -18.97
CA LEU B 210 -16.56 -24.13 -18.96
C LEU B 210 -15.74 -23.17 -18.09
N GLY B 211 -15.27 -23.63 -16.92
CA GLY B 211 -14.47 -22.75 -16.07
C GLY B 211 -13.12 -22.39 -16.67
N ASN B 212 -12.47 -23.36 -17.35
CA ASN B 212 -11.15 -23.13 -17.92
C ASN B 212 -11.15 -22.27 -19.18
N LEU B 213 -12.29 -22.14 -19.85
CA LEU B 213 -12.31 -21.37 -21.09
C LEU B 213 -11.96 -19.91 -20.81
N PRO B 214 -11.25 -19.25 -21.72
CA PRO B 214 -10.89 -17.84 -21.50
C PRO B 214 -12.13 -16.96 -21.61
N PRO B 215 -12.16 -15.83 -20.92
CA PRO B 215 -13.40 -15.04 -20.86
C PRO B 215 -13.76 -14.32 -22.13
N ASN B 216 -12.85 -14.20 -23.10
CA ASN B 216 -13.23 -13.61 -24.37
C ASN B 216 -13.99 -14.61 -25.24
N VAL B 217 -13.88 -15.91 -24.94
CA VAL B 217 -14.69 -16.93 -25.60
C VAL B 217 -15.95 -17.22 -24.78
N CYS B 218 -15.79 -17.42 -23.48
CA CYS B 218 -16.87 -17.87 -22.61
C CYS B 218 -17.54 -16.66 -21.97
N HIS B 219 -18.43 -16.03 -22.73
CA HIS B 219 -19.26 -14.93 -22.28
C HIS B 219 -20.70 -15.43 -22.07
N PRO B 220 -21.63 -14.58 -21.60
CA PRO B 220 -23.00 -15.08 -21.30
C PRO B 220 -23.72 -15.68 -22.50
N THR B 221 -23.61 -15.05 -23.67
CA THR B 221 -24.24 -15.55 -24.87
C THR B 221 -23.74 -16.97 -25.18
N PHE B 222 -22.42 -17.16 -25.08
CA PHE B 222 -21.81 -18.47 -25.28
C PHE B 222 -22.40 -19.51 -24.32
N LEU B 223 -22.56 -19.15 -23.05
CA LEU B 223 -23.12 -20.09 -22.09
C LEU B 223 -24.56 -20.45 -22.45
N GLY B 224 -25.32 -19.50 -22.99
CA GLY B 224 -26.66 -19.81 -23.45
C GLY B 224 -26.65 -20.81 -24.58
N GLU B 225 -25.77 -20.60 -25.58
N GLU B 225 -25.77 -20.58 -25.58
CA GLU B 225 -25.67 -21.58 -26.64
CA GLU B 225 -25.58 -21.53 -26.67
C GLU B 225 -25.19 -22.93 -26.13
C GLU B 225 -25.19 -22.91 -26.14
N GLN B 226 -24.33 -22.95 -25.12
CA GLN B 226 -23.91 -24.23 -24.55
C GLN B 226 -25.10 -24.96 -23.93
N ALA B 227 -26.00 -24.22 -23.28
CA ALA B 227 -27.20 -24.84 -22.72
C ALA B 227 -28.05 -25.44 -23.84
N LYS B 228 -28.17 -24.75 -24.97
CA LYS B 228 -28.97 -25.30 -26.06
C LYS B 228 -28.35 -26.58 -26.60
N GLY B 229 -27.02 -26.58 -26.78
CA GLY B 229 -26.33 -27.80 -27.15
C GLY B 229 -26.59 -28.94 -26.18
N LEU B 230 -26.62 -28.64 -24.88
CA LEU B 230 -26.91 -29.70 -23.92
C LEU B 230 -28.30 -30.28 -24.16
N ALA B 231 -29.27 -29.43 -24.56
CA ALA B 231 -30.62 -29.90 -24.82
C ALA B 231 -30.70 -30.72 -26.10
N LYS B 232 -29.84 -30.46 -27.08
CA LYS B 232 -29.75 -31.32 -28.25
C LYS B 232 -29.27 -32.70 -27.87
N GLU B 233 -28.32 -32.79 -26.94
CA GLU B 233 -27.75 -34.07 -26.56
C GLU B 233 -28.68 -34.87 -25.65
N PHE B 234 -29.49 -34.21 -24.81
CA PHE B 234 -30.38 -34.89 -23.87
C PHE B 234 -31.82 -34.46 -24.11
N LYS B 235 -32.65 -35.36 -24.65
CA LYS B 235 -34.03 -35.02 -25.00
C LYS B 235 -34.89 -34.73 -23.78
N SER B 236 -34.50 -35.23 -22.61
CA SER B 236 -35.24 -34.94 -21.39
C SER B 236 -35.08 -33.49 -20.91
N LEU B 237 -34.08 -32.76 -21.43
CA LEU B 237 -33.78 -31.42 -20.93
C LEU B 237 -34.49 -30.36 -21.75
N LYS B 238 -35.17 -29.43 -21.08
CA LYS B 238 -35.72 -28.25 -21.74
C LYS B 238 -34.97 -27.00 -21.28
N VAL B 239 -34.66 -26.13 -22.25
CA VAL B 239 -33.82 -24.96 -22.02
C VAL B 239 -34.56 -23.73 -22.53
N GLU B 240 -34.47 -22.65 -21.77
CA GLU B 240 -34.98 -21.33 -22.11
C GLU B 240 -33.86 -20.32 -21.83
N VAL B 241 -33.63 -19.37 -22.75
CA VAL B 241 -32.58 -18.37 -22.58
C VAL B 241 -33.19 -16.98 -22.72
N LEU B 242 -33.20 -16.21 -21.63
CA LEU B 242 -33.77 -14.86 -21.60
C LEU B 242 -32.67 -13.82 -21.81
N ASP B 243 -32.93 -12.86 -22.69
CA ASP B 243 -32.01 -11.76 -22.99
C ASP B 243 -32.36 -10.52 -22.15
N GLU B 244 -31.68 -9.40 -22.42
CA GLU B 244 -31.75 -8.24 -21.53
C GLU B 244 -33.13 -7.56 -21.60
N LYS B 245 -33.76 -7.58 -22.77
CA LYS B 245 -35.13 -7.09 -22.89
C LYS B 245 -36.06 -7.85 -21.95
N LYS B 246 -35.97 -9.18 -21.93
CA LYS B 246 -36.85 -9.94 -21.07
C LYS B 246 -36.54 -9.69 -19.58
N LEU B 247 -35.25 -9.59 -19.22
CA LEU B 247 -34.91 -9.32 -17.83
C LEU B 247 -35.51 -7.99 -17.36
N ARG B 248 -35.54 -6.99 -18.24
CA ARG B 248 -36.07 -5.70 -17.85
C ARG B 248 -37.58 -5.72 -17.72
N GLU B 249 -38.26 -6.43 -18.63
CA GLU B 249 -39.69 -6.63 -18.47
C GLU B 249 -40.00 -7.34 -17.16
N LEU B 250 -39.13 -8.27 -16.74
CA LEU B 250 -39.34 -8.91 -15.43
C LEU B 250 -39.01 -8.01 -14.26
N GLY B 251 -38.30 -6.89 -14.50
CA GLY B 251 -37.95 -5.94 -13.46
C GLY B 251 -36.71 -6.26 -12.67
N MET B 252 -35.75 -6.99 -13.26
CA MET B 252 -34.54 -7.41 -12.54
C MET B 252 -33.48 -6.29 -12.57
N GLY B 253 -33.80 -5.19 -11.89
CA GLY B 253 -32.94 -4.01 -11.97
C GLY B 253 -31.54 -4.22 -11.41
N SER B 254 -31.39 -5.13 -10.46
CA SER B 254 -30.11 -5.38 -9.82
C SER B 254 -29.20 -6.23 -10.71
N PHE B 255 -29.77 -7.27 -11.31
CA PHE B 255 -29.11 -8.05 -12.35
C PHE B 255 -28.64 -7.13 -13.49
N LEU B 256 -29.56 -6.33 -14.04
CA LEU B 256 -29.22 -5.41 -15.12
C LEU B 256 -28.17 -4.38 -14.70
N ALA B 257 -28.17 -3.95 -13.42
CA ALA B 257 -27.15 -3.00 -12.99
C ALA B 257 -25.74 -3.58 -13.11
N VAL B 258 -25.58 -4.87 -12.79
CA VAL B 258 -24.26 -5.50 -12.92
C VAL B 258 -23.84 -5.53 -14.39
N ALA B 259 -24.77 -5.86 -15.29
CA ALA B 259 -24.42 -6.12 -16.68
C ALA B 259 -24.16 -4.86 -17.49
N GLN B 260 -24.69 -3.70 -17.07
CA GLN B 260 -24.78 -2.57 -17.99
C GLN B 260 -23.42 -2.03 -18.39
N GLY B 261 -22.38 -2.21 -17.58
CA GLY B 261 -21.10 -1.64 -17.97
C GLY B 261 -20.41 -2.36 -19.12
N SER B 262 -20.88 -3.56 -19.46
CA SER B 262 -20.16 -4.39 -20.42
C SER B 262 -20.81 -4.34 -21.81
N ASP B 263 -19.97 -4.47 -22.84
CA ASP B 263 -20.48 -4.71 -24.20
C ASP B 263 -21.14 -6.08 -24.37
N GLN B 264 -20.85 -7.05 -23.50
CA GLN B 264 -21.47 -8.38 -23.62
C GLN B 264 -22.85 -8.36 -22.97
N PRO B 265 -23.92 -8.68 -23.70
CA PRO B 265 -25.25 -8.70 -23.09
C PRO B 265 -25.36 -9.82 -22.07
N PRO B 266 -26.22 -9.67 -21.06
CA PRO B 266 -26.42 -10.71 -20.06
C PRO B 266 -27.40 -11.77 -20.54
N ARG B 267 -27.46 -12.86 -19.79
CA ARG B 267 -28.40 -13.95 -20.04
C ARG B 267 -28.86 -14.54 -18.72
N LEU B 268 -30.15 -14.88 -18.66
CA LEU B 268 -30.68 -15.79 -17.65
C LEU B 268 -31.03 -17.09 -18.37
N ILE B 269 -30.37 -18.18 -17.97
CA ILE B 269 -30.56 -19.49 -18.60
C ILE B 269 -31.40 -20.34 -17.66
N ILE B 270 -32.51 -20.89 -18.17
CA ILE B 270 -33.40 -21.75 -17.39
C ILE B 270 -33.32 -23.17 -17.93
N LEU B 271 -32.86 -24.10 -17.10
CA LEU B 271 -32.88 -25.52 -17.42
C LEU B 271 -33.99 -26.21 -16.63
N GLN B 272 -34.69 -27.13 -17.29
CA GLN B 272 -35.76 -27.86 -16.63
C GLN B 272 -35.71 -29.33 -17.01
N TYR B 273 -35.75 -30.19 -16.00
CA TYR B 273 -35.75 -31.64 -16.19
C TYR B 273 -36.84 -32.22 -15.30
N ASN B 274 -37.75 -32.99 -15.89
CA ASN B 274 -38.89 -33.52 -15.16
C ASN B 274 -38.82 -35.04 -15.17
N GLY B 275 -38.05 -35.60 -14.23
CA GLY B 275 -37.88 -37.02 -14.08
C GLY B 275 -38.80 -37.71 -13.10
N ALA B 276 -39.71 -36.97 -12.45
CA ALA B 276 -40.64 -37.50 -11.46
C ALA B 276 -42.06 -37.15 -11.88
N LYS B 277 -43.03 -37.61 -11.07
CA LYS B 277 -44.43 -37.27 -11.30
C LYS B 277 -44.61 -35.76 -11.30
N LYS B 278 -45.48 -35.26 -12.17
CA LYS B 278 -45.64 -33.82 -12.26
C LYS B 278 -46.05 -33.19 -10.93
N ASP B 279 -46.48 -33.98 -9.95
CA ASP B 279 -46.91 -33.48 -8.66
C ASP B 279 -45.78 -33.41 -7.62
N GLN B 280 -44.55 -33.76 -7.99
CA GLN B 280 -43.39 -33.54 -7.11
C GLN B 280 -42.85 -32.14 -7.33
N ALA B 281 -42.75 -31.37 -6.25
CA ALA B 281 -42.18 -30.04 -6.33
C ALA B 281 -40.70 -30.15 -6.73
N PRO B 282 -40.21 -29.22 -7.52
CA PRO B 282 -38.83 -29.31 -8.02
C PRO B 282 -37.80 -28.85 -6.98
N HIS B 283 -36.57 -29.32 -7.19
CA HIS B 283 -35.37 -28.74 -6.59
C HIS B 283 -34.77 -27.75 -7.58
N VAL B 284 -34.36 -26.59 -7.09
CA VAL B 284 -33.85 -25.49 -7.93
C VAL B 284 -32.39 -25.23 -7.56
N LEU B 285 -31.53 -25.18 -8.58
CA LEU B 285 -30.13 -24.81 -8.42
C LEU B 285 -29.90 -23.46 -9.09
N VAL B 286 -29.33 -22.51 -8.35
CA VAL B 286 -29.11 -21.15 -8.84
C VAL B 286 -27.61 -20.92 -8.90
N GLY B 287 -27.12 -20.52 -10.07
CA GLY B 287 -25.68 -20.46 -10.27
C GLY B 287 -25.20 -19.08 -10.64
N LYS B 288 -24.17 -18.59 -9.95
CA LYS B 288 -23.59 -17.30 -10.32
C LYS B 288 -22.74 -17.49 -11.58
N GLY B 289 -23.12 -16.82 -12.66
CA GLY B 289 -22.32 -16.93 -13.88
C GLY B 289 -21.71 -15.61 -14.32
N ILE B 290 -20.88 -15.00 -13.49
CA ILE B 290 -20.15 -13.80 -13.89
C ILE B 290 -18.97 -14.28 -14.71
N THR B 291 -19.02 -14.08 -16.03
CA THR B 291 -18.04 -14.72 -16.91
C THR B 291 -16.67 -14.06 -16.82
N PHE B 292 -16.61 -12.80 -16.37
CA PHE B 292 -15.38 -12.20 -15.91
C PHE B 292 -15.73 -11.08 -14.94
N ASP B 293 -14.97 -10.98 -13.86
CA ASP B 293 -15.23 -9.99 -12.82
C ASP B 293 -14.03 -9.05 -12.73
N THR B 294 -14.10 -7.89 -13.41
CA THR B 294 -13.08 -6.85 -13.17
C THR B 294 -13.30 -6.11 -11.85
N GLY B 295 -14.45 -6.32 -11.19
CA GLY B 295 -14.88 -5.45 -10.11
C GLY B 295 -15.68 -4.24 -10.56
N GLY B 296 -15.57 -3.85 -11.84
CA GLY B 296 -16.29 -2.67 -12.32
C GLY B 296 -15.59 -1.39 -11.90
N ILE B 297 -16.40 -0.34 -11.65
CA ILE B 297 -15.85 0.95 -11.21
C ILE B 297 -15.03 0.77 -9.93
N SER B 298 -15.49 -0.10 -9.02
CA SER B 298 -14.71 -0.61 -7.89
C SER B 298 -13.67 -1.65 -8.38
N LEU B 299 -12.77 -1.18 -9.24
CA LEU B 299 -11.85 -2.04 -9.99
C LEU B 299 -10.93 -2.86 -9.10
N LYS B 300 -10.76 -4.15 -9.46
CA LYS B 300 -9.80 -5.01 -8.76
C LYS B 300 -8.35 -4.62 -9.08
N PRO B 301 -7.40 -5.00 -8.22
CA PRO B 301 -5.98 -4.90 -8.60
C PRO B 301 -5.62 -5.85 -9.74
N GLY B 302 -4.52 -5.54 -10.42
CA GLY B 302 -4.11 -6.35 -11.55
C GLY B 302 -3.64 -7.75 -11.20
N LEU B 303 -2.95 -7.92 -10.07
CA LEU B 303 -2.29 -9.17 -9.80
C LEU B 303 -3.29 -10.31 -9.61
N GLY B 304 -3.11 -11.38 -10.37
CA GLY B 304 -3.99 -12.52 -10.33
C GLY B 304 -5.39 -12.30 -10.89
N MET B 305 -5.68 -11.16 -11.53
CA MET B 305 -7.03 -10.94 -12.02
C MET B 305 -7.44 -11.98 -13.07
N ASP B 306 -6.49 -12.62 -13.76
CA ASP B 306 -6.85 -13.64 -14.73
C ASP B 306 -7.70 -14.73 -14.10
N GLU B 307 -7.61 -14.94 -12.78
CA GLU B 307 -8.37 -16.04 -12.13
C GLU B 307 -9.86 -15.69 -12.00
N MET B 308 -10.28 -14.52 -12.47
CA MET B 308 -11.70 -14.10 -12.38
C MET B 308 -12.50 -14.68 -13.54
N LYS B 309 -11.85 -15.45 -14.42
CA LYS B 309 -12.59 -16.18 -15.47
C LYS B 309 -13.30 -17.35 -14.77
N PHE B 310 -12.84 -17.68 -13.55
CA PHE B 310 -13.51 -18.73 -12.79
C PHE B 310 -14.73 -18.21 -12.03
N ASP B 311 -15.10 -16.95 -12.22
CA ASP B 311 -16.20 -16.37 -11.45
C ASP B 311 -17.56 -16.85 -11.94
N MET B 312 -17.59 -17.73 -12.96
CA MET B 312 -18.84 -18.31 -13.43
C MET B 312 -18.88 -19.79 -13.09
N CYS B 313 -18.04 -20.23 -12.14
CA CYS B 313 -17.97 -21.65 -11.82
C CYS B 313 -19.23 -22.11 -11.10
N GLY B 314 -19.90 -21.22 -10.37
CA GLY B 314 -21.19 -21.53 -9.77
C GLY B 314 -22.16 -21.99 -10.86
N ALA B 315 -22.35 -21.16 -11.89
CA ALA B 315 -23.21 -21.55 -12.99
C ALA B 315 -22.71 -22.82 -13.69
N ALA B 316 -21.38 -22.93 -13.88
CA ALA B 316 -20.85 -24.14 -14.51
C ALA B 316 -21.18 -25.40 -13.70
N SER B 317 -21.18 -25.31 -12.38
CA SER B 317 -21.52 -26.49 -11.58
C SER B 317 -22.98 -26.88 -11.72
N VAL B 318 -23.87 -25.94 -12.06
CA VAL B 318 -25.26 -26.30 -12.33
C VAL B 318 -25.32 -27.10 -13.64
N PHE B 319 -24.64 -26.61 -14.69
CA PHE B 319 -24.39 -27.41 -15.90
C PHE B 319 -23.93 -28.82 -15.57
N GLY B 320 -22.85 -28.92 -14.78
CA GLY B 320 -22.26 -30.24 -14.51
C GLY B 320 -23.20 -31.16 -13.74
N THR B 321 -23.94 -30.60 -12.78
CA THR B 321 -24.89 -31.42 -12.03
C THR B 321 -26.04 -31.90 -12.93
N PHE B 322 -26.54 -31.03 -13.80
CA PHE B 322 -27.56 -31.47 -14.76
C PHE B 322 -27.00 -32.58 -15.66
N ARG B 323 -25.76 -32.39 -16.16
CA ARG B 323 -25.15 -33.39 -17.03
C ARG B 323 -25.09 -34.76 -16.36
N ALA B 324 -24.77 -34.79 -15.05
CA ALA B 324 -24.75 -36.06 -14.33
C ALA B 324 -26.16 -36.60 -14.09
N VAL B 325 -27.10 -35.73 -13.69
CA VAL B 325 -28.46 -36.17 -13.44
C VAL B 325 -29.12 -36.71 -14.72
N LEU B 326 -28.87 -36.04 -15.85
CA LEU B 326 -29.45 -36.46 -17.13
C LEU B 326 -28.88 -37.82 -17.57
N GLU B 327 -27.59 -38.05 -17.34
CA GLU B 327 -27.01 -39.36 -17.62
C GLU B 327 -27.66 -40.45 -16.77
N LEU B 328 -27.87 -40.18 -15.48
CA LEU B 328 -28.41 -41.18 -14.58
C LEU B 328 -29.92 -41.31 -14.68
N GLN B 329 -30.61 -40.38 -15.34
CA GLN B 329 -32.07 -40.38 -15.44
C GLN B 329 -32.75 -40.52 -14.08
N LEU B 330 -32.25 -39.77 -13.09
CA LEU B 330 -32.82 -39.80 -11.75
C LEU B 330 -34.31 -39.44 -11.74
N PRO B 331 -35.10 -40.11 -10.92
CA PRO B 331 -36.52 -39.71 -10.80
C PRO B 331 -36.72 -38.49 -9.89
N ILE B 332 -36.44 -37.30 -10.42
CA ILE B 332 -36.57 -36.04 -9.70
C ILE B 332 -36.92 -34.94 -10.68
N ASN B 333 -37.51 -33.87 -10.16
CA ASN B 333 -37.78 -32.68 -10.95
C ASN B 333 -36.76 -31.62 -10.54
N LEU B 334 -36.08 -31.05 -11.54
CA LEU B 334 -34.88 -30.24 -11.31
C LEU B 334 -34.95 -29.02 -12.20
N VAL B 335 -34.67 -27.85 -11.63
CA VAL B 335 -34.64 -26.58 -12.34
C VAL B 335 -33.29 -25.93 -12.13
N GLY B 336 -32.75 -25.33 -13.19
CA GLY B 336 -31.47 -24.65 -13.11
C GLY B 336 -31.62 -23.20 -13.55
N LEU B 337 -31.09 -22.26 -12.76
CA LEU B 337 -31.15 -20.84 -13.09
C LEU B 337 -29.71 -20.31 -13.08
N LEU B 338 -29.19 -19.94 -14.24
CA LEU B 338 -27.82 -19.45 -14.37
C LEU B 338 -27.91 -17.97 -14.70
N ALA B 339 -27.47 -17.14 -13.76
CA ALA B 339 -27.52 -15.68 -13.89
C ALA B 339 -26.16 -15.24 -14.42
N CYS B 340 -26.09 -14.91 -15.71
CA CYS B 340 -24.84 -14.71 -16.42
C CYS B 340 -24.68 -13.28 -16.88
N ALA B 341 -23.56 -12.66 -16.51
CA ALA B 341 -23.23 -11.29 -16.88
C ALA B 341 -21.72 -11.15 -16.80
N GLU B 342 -21.19 -10.10 -17.42
CA GLU B 342 -19.78 -9.73 -17.34
C GLU B 342 -19.67 -8.37 -16.65
N ASN B 343 -18.73 -8.25 -15.69
CA ASN B 343 -18.62 -7.05 -14.83
C ASN B 343 -17.41 -6.22 -15.30
N MET B 344 -17.67 -5.11 -16.00
CA MET B 344 -16.66 -4.30 -16.67
C MET B 344 -16.81 -2.83 -16.29
N PRO B 345 -15.70 -2.08 -16.24
CA PRO B 345 -15.79 -0.62 -16.11
C PRO B 345 -16.03 -0.02 -17.48
N SER B 346 -16.80 1.07 -17.50
CA SER B 346 -17.03 1.81 -18.74
C SER B 346 -17.73 3.12 -18.37
N GLY B 347 -18.00 3.94 -19.39
CA GLY B 347 -18.68 5.22 -19.22
C GLY B 347 -20.16 5.09 -18.90
N GLY B 348 -20.71 3.88 -19.03
CA GLY B 348 -22.08 3.60 -18.62
C GLY B 348 -22.18 2.58 -17.50
N ALA B 349 -21.09 2.30 -16.79
CA ALA B 349 -21.15 1.28 -15.73
C ALA B 349 -21.86 1.81 -14.47
N THR B 350 -22.40 0.88 -13.69
CA THR B 350 -22.97 1.21 -12.38
C THR B 350 -21.92 1.90 -11.49
N ARG B 351 -22.35 2.96 -10.80
CA ARG B 351 -21.40 3.65 -9.91
C ARG B 351 -21.63 3.24 -8.47
N PRO B 352 -20.59 3.19 -7.65
CA PRO B 352 -20.83 3.10 -6.19
C PRO B 352 -21.81 4.18 -5.77
N GLY B 353 -22.80 3.77 -4.96
CA GLY B 353 -23.84 4.68 -4.53
C GLY B 353 -25.10 4.65 -5.38
N ASP B 354 -25.08 4.00 -6.55
CA ASP B 354 -26.33 3.83 -7.27
C ASP B 354 -27.33 3.08 -6.39
N ILE B 355 -28.61 3.40 -6.57
CA ILE B 355 -29.69 2.65 -5.93
C ILE B 355 -30.56 2.05 -7.03
N VAL B 356 -30.86 0.75 -6.89
CA VAL B 356 -31.63 0.05 -7.90
C VAL B 356 -32.78 -0.70 -7.22
N THR B 357 -33.81 -0.99 -8.00
CA THR B 357 -34.97 -1.73 -7.49
C THR B 357 -34.90 -3.17 -7.96
N THR B 358 -34.77 -4.11 -7.02
CA THR B 358 -34.71 -5.53 -7.36
C THR B 358 -36.08 -6.04 -7.82
N MET B 359 -36.09 -7.22 -8.42
CA MET B 359 -37.35 -7.83 -8.84
C MET B 359 -38.33 -7.95 -7.67
N SER B 360 -37.82 -8.26 -6.47
CA SER B 360 -38.66 -8.40 -5.29
C SER B 360 -39.28 -7.07 -4.88
N GLY B 361 -38.78 -5.95 -5.39
CA GLY B 361 -39.22 -4.64 -4.98
C GLY B 361 -38.35 -3.99 -3.92
N GLN B 362 -37.49 -4.74 -3.25
CA GLN B 362 -36.55 -4.13 -2.32
C GLN B 362 -35.53 -3.29 -3.08
N THR B 363 -35.25 -2.09 -2.58
CA THR B 363 -34.22 -1.23 -3.15
C THR B 363 -32.87 -1.60 -2.53
N VAL B 364 -31.81 -1.54 -3.34
CA VAL B 364 -30.45 -1.89 -2.90
C VAL B 364 -29.53 -0.73 -3.25
N GLU B 365 -28.74 -0.28 -2.27
CA GLU B 365 -27.73 0.71 -2.57
C GLU B 365 -26.41 -0.04 -2.82
N ILE B 366 -25.85 0.16 -4.00
CA ILE B 366 -24.68 -0.58 -4.45
C ILE B 366 -23.47 0.21 -3.99
N LEU B 367 -22.98 -0.09 -2.77
CA LEU B 367 -21.83 0.65 -2.25
C LEU B 367 -20.54 0.24 -2.94
N ASN B 368 -20.48 -0.97 -3.47
CA ASN B 368 -19.24 -1.50 -4.05
C ASN B 368 -19.64 -2.36 -5.25
N THR B 369 -19.20 -1.96 -6.44
CA THR B 369 -19.64 -2.67 -7.63
C THR B 369 -18.95 -4.02 -7.80
N ASP B 370 -17.95 -4.34 -6.96
CA ASP B 370 -17.29 -5.63 -6.93
C ASP B 370 -18.02 -6.62 -6.03
N ALA B 371 -19.09 -6.21 -5.35
CA ALA B 371 -20.01 -7.16 -4.70
C ALA B 371 -21.19 -7.40 -5.61
N GLU B 372 -20.89 -7.98 -6.77
CA GLU B 372 -21.83 -8.07 -7.89
C GLU B 372 -22.50 -9.43 -7.99
N GLY B 373 -21.87 -10.49 -7.49
CA GLY B 373 -22.49 -11.81 -7.54
C GLY B 373 -23.85 -11.82 -6.86
N ARG B 374 -23.93 -11.23 -5.67
CA ARG B 374 -25.19 -11.26 -4.94
C ARG B 374 -26.29 -10.47 -5.63
N LEU B 375 -25.91 -9.54 -6.52
CA LEU B 375 -26.88 -8.70 -7.23
C LEU B 375 -27.53 -9.41 -8.41
N VAL B 376 -26.82 -10.35 -9.06
CA VAL B 376 -27.48 -11.19 -10.07
C VAL B 376 -28.19 -12.36 -9.42
N LEU B 377 -27.66 -12.90 -8.32
CA LEU B 377 -28.32 -14.02 -7.65
C LEU B 377 -29.64 -13.61 -7.02
N CYS B 378 -29.71 -12.40 -6.44
CA CYS B 378 -30.91 -12.04 -5.69
C CYS B 378 -32.12 -11.97 -6.61
N ASP B 379 -31.95 -11.42 -7.82
CA ASP B 379 -33.05 -11.45 -8.77
C ASP B 379 -33.37 -12.87 -9.24
N ALA B 380 -32.37 -13.76 -9.34
CA ALA B 380 -32.68 -15.15 -9.70
C ALA B 380 -33.44 -15.86 -8.58
N LEU B 381 -33.09 -15.59 -7.32
CA LEU B 381 -33.81 -16.18 -6.19
C LEU B 381 -35.27 -15.75 -6.19
N THR B 382 -35.55 -14.49 -6.55
CA THR B 382 -36.94 -14.03 -6.67
C THR B 382 -37.63 -14.74 -7.83
N TYR B 383 -36.93 -14.88 -8.95
CA TYR B 383 -37.47 -15.59 -10.09
C TYR B 383 -37.82 -17.03 -9.73
N ALA B 384 -37.04 -17.65 -8.84
CA ALA B 384 -37.23 -19.04 -8.46
C ALA B 384 -38.56 -19.29 -7.73
N GLU B 385 -39.23 -18.26 -7.21
CA GLU B 385 -40.46 -18.50 -6.46
C GLU B 385 -41.54 -19.13 -7.32
N ARG B 386 -41.58 -18.79 -8.62
CA ARG B 386 -42.64 -19.30 -9.49
C ARG B 386 -42.68 -20.83 -9.59
N PHE B 387 -41.57 -21.51 -9.29
CA PHE B 387 -41.52 -22.96 -9.39
C PHE B 387 -42.06 -23.67 -8.15
N LYS B 388 -42.44 -22.92 -7.11
CA LYS B 388 -42.89 -23.48 -5.85
C LYS B 388 -41.96 -24.59 -5.38
N PRO B 389 -40.67 -24.33 -5.23
CA PRO B 389 -39.69 -25.40 -5.03
C PRO B 389 -39.73 -25.96 -3.62
N GLN B 390 -39.32 -27.22 -3.49
CA GLN B 390 -39.11 -27.81 -2.18
C GLN B 390 -37.69 -27.61 -1.65
N SER B 391 -36.74 -27.22 -2.50
CA SER B 391 -35.48 -26.68 -2.01
C SER B 391 -34.88 -25.79 -3.10
N VAL B 392 -34.16 -24.75 -2.68
CA VAL B 392 -33.45 -23.84 -3.56
C VAL B 392 -32.01 -23.72 -3.06
N ILE B 393 -31.04 -24.05 -3.92
CA ILE B 393 -29.62 -24.01 -3.56
C ILE B 393 -28.90 -23.09 -4.54
N ASP B 394 -28.26 -22.03 -4.04
CA ASP B 394 -27.43 -21.22 -4.92
C ASP B 394 -25.97 -21.58 -4.70
N ILE B 395 -25.18 -21.47 -5.77
CA ILE B 395 -23.76 -21.84 -5.79
C ILE B 395 -23.01 -20.68 -6.43
N ALA B 396 -21.98 -20.18 -5.74
CA ALA B 396 -21.35 -18.95 -6.20
C ALA B 396 -19.93 -18.85 -5.66
N THR B 397 -19.02 -18.39 -6.51
CA THR B 397 -17.68 -17.98 -6.10
C THR B 397 -17.81 -16.57 -5.52
N LEU B 398 -18.35 -16.49 -4.29
CA LEU B 398 -18.93 -15.24 -3.83
C LEU B 398 -17.95 -14.32 -3.09
N THR B 399 -17.24 -14.81 -2.07
CA THR B 399 -16.42 -13.92 -1.25
C THR B 399 -15.02 -14.49 -1.04
N GLY B 400 -13.99 -13.66 -1.27
CA GLY B 400 -12.66 -13.99 -0.78
C GLY B 400 -12.59 -14.16 0.72
N ALA B 401 -13.50 -13.55 1.47
CA ALA B 401 -13.57 -13.82 2.91
C ALA B 401 -13.80 -15.31 3.21
N CYS B 402 -14.44 -16.05 2.30
CA CYS B 402 -14.67 -17.48 2.58
C CYS B 402 -13.34 -18.25 2.60
N ILE B 403 -12.40 -17.83 1.76
CA ILE B 403 -11.09 -18.46 1.73
C ILE B 403 -10.33 -18.18 3.03
N VAL B 404 -10.45 -16.96 3.56
CA VAL B 404 -9.87 -16.68 4.86
C VAL B 404 -10.52 -17.55 5.94
N ALA B 405 -11.84 -17.76 5.86
CA ALA B 405 -12.51 -18.50 6.93
C ALA B 405 -12.31 -20.02 6.81
N LEU B 406 -12.37 -20.56 5.59
CA LEU B 406 -12.39 -22.01 5.41
C LEU B 406 -11.34 -22.55 4.43
N GLY B 407 -10.61 -21.69 3.74
CA GLY B 407 -9.50 -22.19 2.97
C GLY B 407 -9.94 -22.61 1.58
N SER B 408 -9.10 -23.45 0.95
CA SER B 408 -9.36 -23.88 -0.41
C SER B 408 -9.96 -25.28 -0.49
N ASN B 409 -10.14 -25.95 0.64
CA ASN B 409 -10.60 -27.32 0.60
C ASN B 409 -12.00 -27.54 1.19
N THR B 410 -12.63 -26.54 1.80
CA THR B 410 -13.97 -26.68 2.36
C THR B 410 -14.84 -25.53 1.88
N SER B 411 -15.98 -25.82 1.27
CA SER B 411 -16.88 -24.76 0.83
C SER B 411 -17.67 -24.21 2.03
N GLY B 412 -17.98 -22.92 1.99
CA GLY B 412 -18.87 -22.33 3.00
C GLY B 412 -20.32 -22.62 2.67
N LEU B 413 -21.10 -22.95 3.71
CA LEU B 413 -22.52 -23.28 3.57
C LEU B 413 -23.35 -22.51 4.58
N MET B 414 -24.48 -21.95 4.12
CA MET B 414 -25.36 -21.08 4.90
C MET B 414 -26.79 -21.37 4.42
N GLY B 415 -27.79 -21.16 5.27
CA GLY B 415 -29.15 -21.46 4.82
C GLY B 415 -30.19 -21.00 5.81
N ASN B 416 -31.46 -21.02 5.36
CA ASN B 416 -32.60 -20.67 6.20
C ASN B 416 -33.39 -21.90 6.70
N ASN B 417 -32.86 -23.10 6.52
CA ASN B 417 -33.56 -24.32 6.90
C ASN B 417 -32.56 -25.35 7.35
N GLU B 418 -32.67 -25.77 8.62
CA GLU B 418 -31.63 -26.60 9.20
C GLU B 418 -31.63 -28.00 8.60
N ALA B 419 -32.79 -28.52 8.21
CA ALA B 419 -32.83 -29.85 7.60
C ALA B 419 -32.11 -29.86 6.25
N LEU B 420 -32.40 -28.86 5.40
CA LEU B 420 -31.71 -28.76 4.11
C LEU B 420 -30.21 -28.63 4.31
N VAL B 421 -29.79 -27.77 5.24
CA VAL B 421 -28.37 -27.57 5.50
C VAL B 421 -27.72 -28.89 5.91
N ARG B 422 -28.40 -29.67 6.77
CA ARG B 422 -27.83 -30.95 7.19
C ARG B 422 -27.77 -31.95 6.03
N GLN B 423 -28.74 -31.91 5.14
CA GLN B 423 -28.69 -32.79 3.97
C GLN B 423 -27.47 -32.49 3.10
N LEU B 424 -27.15 -31.20 2.94
CA LEU B 424 -26.00 -30.83 2.10
C LEU B 424 -24.68 -31.16 2.78
N LEU B 425 -24.57 -30.92 4.09
CA LEU B 425 -23.35 -31.33 4.78
C LEU B 425 -23.11 -32.82 4.65
N LYS B 426 -24.17 -33.62 4.84
CA LYS B 426 -24.04 -35.07 4.78
C LYS B 426 -23.66 -35.53 3.36
N ALA B 427 -24.29 -34.95 2.35
CA ALA B 427 -23.91 -35.24 0.97
C ALA B 427 -22.42 -34.92 0.73
N GLY B 428 -21.93 -33.81 1.27
CA GLY B 428 -20.54 -33.45 1.03
C GLY B 428 -19.57 -34.38 1.73
N GLU B 429 -19.95 -34.89 2.89
CA GLU B 429 -19.12 -35.85 3.61
C GLU B 429 -19.03 -37.16 2.84
N PHE B 430 -20.15 -37.63 2.31
CA PHE B 430 -20.14 -38.86 1.53
C PHE B 430 -19.33 -38.69 0.26
N ALA B 431 -19.52 -37.56 -0.44
CA ALA B 431 -18.79 -37.27 -1.66
C ALA B 431 -17.31 -37.03 -1.45
N ASP B 432 -16.88 -36.84 -0.19
CA ASP B 432 -15.59 -36.25 0.13
C ASP B 432 -15.36 -34.96 -0.65
N ASP B 433 -16.38 -34.08 -0.63
CA ASP B 433 -16.36 -32.78 -1.28
C ASP B 433 -17.04 -31.86 -0.26
N ARG B 434 -16.34 -31.62 0.85
CA ARG B 434 -17.00 -31.17 2.06
C ARG B 434 -17.33 -29.69 2.07
N ALA B 435 -18.40 -29.37 2.80
CA ALA B 435 -18.78 -28.01 3.14
C ALA B 435 -18.78 -27.87 4.66
N TRP B 436 -19.01 -26.64 5.12
CA TRP B 436 -19.06 -26.34 6.54
C TRP B 436 -20.04 -25.20 6.74
N GLN B 437 -20.91 -25.32 7.73
CA GLN B 437 -21.93 -24.32 7.93
C GLN B 437 -21.36 -23.11 8.66
N LEU B 438 -21.78 -21.91 8.22
CA LEU B 438 -21.58 -20.68 8.96
C LEU B 438 -22.93 -20.08 9.34
N PRO B 439 -23.03 -19.42 10.50
CA PRO B 439 -24.34 -19.00 11.01
C PRO B 439 -24.84 -17.72 10.34
N LEU B 440 -26.16 -17.64 10.14
CA LEU B 440 -26.79 -16.41 9.69
C LEU B 440 -27.56 -15.75 10.83
N PHE B 441 -26.93 -15.59 12.00
CA PHE B 441 -27.62 -14.99 13.14
C PHE B 441 -28.20 -13.63 12.78
N ASP B 442 -29.33 -13.31 13.39
CA ASP B 442 -29.99 -12.06 13.05
C ASP B 442 -29.13 -10.84 13.37
N GLU B 443 -28.25 -10.95 14.38
CA GLU B 443 -27.39 -9.83 14.74
C GLU B 443 -26.53 -9.37 13.57
N TYR B 444 -26.19 -10.27 12.63
CA TYR B 444 -25.37 -9.86 11.49
C TYR B 444 -26.15 -9.02 10.49
N GLN B 445 -27.49 -9.06 10.51
CA GLN B 445 -28.24 -8.42 9.43
C GLN B 445 -28.06 -6.91 9.42
N GLU B 446 -27.83 -6.31 10.59
CA GLU B 446 -27.77 -4.85 10.61
C GLU B 446 -26.54 -4.29 9.92
N GLN B 447 -25.52 -5.12 9.63
CA GLN B 447 -24.38 -4.64 8.85
C GLN B 447 -24.81 -4.24 7.43
N LEU B 448 -25.97 -4.71 6.98
CA LEU B 448 -26.51 -4.35 5.67
C LEU B 448 -27.44 -3.13 5.72
N ASP B 449 -27.57 -2.48 6.86
CA ASP B 449 -28.41 -1.29 6.92
C ASP B 449 -27.83 -0.16 6.06
N SER B 450 -28.70 0.48 5.29
CA SER B 450 -28.35 1.66 4.51
C SER B 450 -29.22 2.85 4.91
N PRO B 451 -28.65 4.05 5.08
CA PRO B 451 -29.50 5.24 5.29
C PRO B 451 -30.38 5.58 4.10
N PHE B 452 -30.09 5.03 2.90
CA PHE B 452 -30.74 5.49 1.68
C PHE B 452 -31.62 4.47 0.98
N ALA B 453 -31.58 3.19 1.36
CA ALA B 453 -32.27 2.15 0.61
C ALA B 453 -32.66 1.03 1.57
N ASP B 454 -33.41 0.06 1.05
CA ASP B 454 -33.83 -1.06 1.90
C ASP B 454 -32.63 -1.87 2.36
N ILE B 455 -31.62 -2.04 1.52
CA ILE B 455 -30.45 -2.88 1.82
C ILE B 455 -29.22 -2.26 1.18
N ALA B 456 -28.09 -2.27 1.90
CA ALA B 456 -26.78 -2.07 1.27
C ALA B 456 -26.24 -3.42 0.77
N ASN B 457 -25.43 -3.39 -0.30
CA ASN B 457 -24.95 -4.65 -0.86
C ASN B 457 -23.65 -5.13 -0.23
N ILE B 458 -23.12 -4.44 0.77
CA ILE B 458 -21.95 -4.90 1.51
C ILE B 458 -22.11 -4.52 2.97
N GLY B 459 -21.50 -5.32 3.85
CA GLY B 459 -21.56 -5.03 5.27
C GLY B 459 -20.26 -4.70 5.99
N GLY B 460 -19.21 -4.30 5.26
CA GLY B 460 -17.96 -3.96 5.92
C GLY B 460 -17.00 -5.14 6.07
N PRO B 461 -15.86 -4.91 6.72
CA PRO B 461 -14.78 -5.91 6.72
C PRO B 461 -14.99 -7.11 7.66
N LYS B 462 -15.97 -7.08 8.56
CA LYS B 462 -16.17 -8.20 9.47
C LYS B 462 -17.22 -9.14 8.92
N ALA B 463 -16.94 -10.44 9.02
CA ALA B 463 -17.92 -11.49 8.76
C ALA B 463 -18.43 -11.42 7.32
N GLY B 464 -17.50 -11.24 6.37
CA GLY B 464 -17.90 -10.97 4.99
C GLY B 464 -18.65 -12.11 4.33
N THR B 465 -18.28 -13.36 4.63
CA THR B 465 -19.01 -14.46 4.02
C THR B 465 -20.43 -14.51 4.57
N ILE B 466 -20.58 -14.26 5.87
CA ILE B 466 -21.88 -14.33 6.53
C ILE B 466 -22.78 -13.19 6.07
N THR B 467 -22.27 -11.96 6.01
CA THR B 467 -23.17 -10.87 5.61
C THR B 467 -23.61 -11.03 4.16
N ALA B 468 -22.75 -11.64 3.31
CA ALA B 468 -23.18 -11.98 1.95
C ALA B 468 -24.34 -12.97 1.96
N GLY B 469 -24.25 -14.00 2.81
CA GLY B 469 -25.37 -14.92 2.96
C GLY B 469 -26.60 -14.24 3.53
N CYS B 470 -26.41 -13.31 4.47
CA CYS B 470 -27.52 -12.52 5.00
C CYS B 470 -28.23 -11.74 3.91
N PHE B 471 -27.46 -11.09 3.02
CA PHE B 471 -28.06 -10.36 1.92
C PHE B 471 -28.94 -11.27 1.06
N LEU B 472 -28.41 -12.42 0.64
CA LEU B 472 -29.18 -13.35 -0.18
C LEU B 472 -30.41 -13.86 0.57
N SER B 473 -30.30 -14.07 1.88
CA SER B 473 -31.41 -14.66 2.62
C SER B 473 -32.67 -13.80 2.54
N ARG B 474 -32.49 -12.49 2.33
CA ARG B 474 -33.62 -11.58 2.25
C ARG B 474 -34.46 -11.76 1.01
N PHE B 475 -33.99 -12.54 0.04
CA PHE B 475 -34.73 -12.85 -1.17
C PHE B 475 -35.25 -14.27 -1.20
N ALA B 476 -34.99 -15.06 -0.16
CA ALA B 476 -35.26 -16.49 -0.13
C ALA B 476 -36.26 -16.90 0.96
N LYS B 477 -37.01 -15.94 1.52
CA LYS B 477 -37.83 -16.28 2.69
C LYS B 477 -39.00 -17.17 2.35
N LYS B 478 -39.42 -17.26 1.08
CA LYS B 478 -40.59 -18.03 0.67
C LYS B 478 -40.31 -19.52 0.46
N TYR B 479 -39.08 -19.99 0.67
CA TYR B 479 -38.82 -21.42 0.48
C TYR B 479 -37.62 -21.84 1.30
N HIS B 480 -37.42 -23.15 1.37
CA HIS B 480 -36.22 -23.72 1.98
C HIS B 480 -35.01 -23.48 1.07
N TRP B 481 -33.98 -22.83 1.60
CA TRP B 481 -32.90 -22.31 0.77
C TRP B 481 -31.56 -22.52 1.46
N ALA B 482 -30.53 -22.76 0.66
CA ALA B 482 -29.18 -22.87 1.16
C ALA B 482 -28.24 -22.27 0.12
N HIS B 483 -27.06 -21.89 0.57
CA HIS B 483 -26.12 -21.08 -0.21
C HIS B 483 -24.73 -21.66 -0.03
N LEU B 484 -24.08 -22.04 -1.14
CA LEU B 484 -22.75 -22.61 -1.13
C LEU B 484 -21.76 -21.58 -1.68
N ASP B 485 -20.82 -21.14 -0.84
CA ASP B 485 -19.75 -20.23 -1.24
C ASP B 485 -18.51 -21.03 -1.64
N ILE B 486 -18.24 -21.10 -2.94
CA ILE B 486 -17.19 -21.97 -3.44
C ILE B 486 -16.03 -21.11 -3.94
N ALA B 487 -15.88 -19.91 -3.37
CA ALA B 487 -14.80 -19.04 -3.80
C ALA B 487 -13.44 -19.72 -3.64
N GLY B 488 -13.30 -20.59 -2.64
CA GLY B 488 -12.02 -21.25 -2.43
C GLY B 488 -11.89 -22.64 -3.04
N THR B 489 -13.01 -23.33 -3.32
CA THR B 489 -12.97 -24.73 -3.74
C THR B 489 -13.14 -24.91 -5.25
N ALA B 490 -13.58 -23.88 -5.97
CA ALA B 490 -13.95 -24.06 -7.36
C ALA B 490 -12.76 -24.05 -8.32
N TRP B 491 -11.60 -23.57 -7.89
CA TRP B 491 -10.45 -23.64 -8.79
C TRP B 491 -9.17 -23.68 -7.99
N ILE B 492 -8.09 -24.05 -8.68
CA ILE B 492 -6.74 -24.03 -8.12
C ILE B 492 -5.99 -22.86 -8.76
N SER B 493 -5.26 -22.11 -7.94
CA SER B 493 -4.73 -20.80 -8.33
C SER B 493 -3.49 -20.88 -9.22
N GLY B 494 -2.53 -21.72 -8.86
CA GLY B 494 -1.29 -21.76 -9.61
C GLY B 494 -0.66 -23.14 -9.59
N GLY B 495 0.61 -23.23 -10.02
CA GLY B 495 1.26 -24.51 -10.14
C GLY B 495 0.86 -25.20 -11.43
N LYS B 496 1.32 -26.45 -11.56
CA LYS B 496 1.03 -27.22 -12.75
C LYS B 496 -0.48 -27.42 -12.93
N ASP B 497 -1.22 -27.52 -11.83
CA ASP B 497 -2.63 -27.89 -11.88
C ASP B 497 -3.57 -26.69 -11.75
N LYS B 498 -3.12 -25.49 -12.10
CA LYS B 498 -4.01 -24.34 -12.13
C LYS B 498 -5.22 -24.63 -13.00
N GLY B 499 -6.42 -24.36 -12.48
CA GLY B 499 -7.61 -24.55 -13.28
C GLY B 499 -8.81 -24.88 -12.42
N ALA B 500 -9.96 -24.98 -13.08
CA ALA B 500 -11.19 -25.30 -12.39
C ALA B 500 -11.17 -26.73 -11.84
N THR B 501 -11.83 -26.93 -10.70
CA THR B 501 -11.89 -28.23 -10.04
C THR B 501 -13.14 -29.04 -10.34
N GLY B 502 -14.23 -28.38 -10.72
CA GLY B 502 -15.49 -29.06 -10.86
C GLY B 502 -16.28 -29.25 -9.57
N ARG B 503 -15.75 -28.78 -8.43
CA ARG B 503 -16.55 -28.74 -7.22
C ARG B 503 -17.57 -27.60 -7.31
N PRO B 504 -18.75 -27.77 -6.71
CA PRO B 504 -19.20 -28.91 -5.90
C PRO B 504 -20.14 -29.87 -6.65
N VAL B 505 -19.86 -30.26 -7.90
CA VAL B 505 -20.71 -31.24 -8.59
C VAL B 505 -20.81 -32.54 -7.79
N PRO B 506 -19.75 -33.06 -7.19
CA PRO B 506 -19.93 -34.30 -6.41
C PRO B 506 -20.92 -34.11 -5.26
N LEU B 507 -20.83 -33.01 -4.51
CA LEU B 507 -21.75 -32.76 -3.41
C LEU B 507 -23.18 -32.63 -3.93
N LEU B 508 -23.40 -31.79 -4.94
CA LEU B 508 -24.75 -31.54 -5.41
C LEU B 508 -25.38 -32.82 -5.96
N THR B 509 -24.64 -33.58 -6.74
CA THR B 509 -25.17 -34.82 -7.30
C THR B 509 -25.49 -35.83 -6.21
N GLN B 510 -24.64 -35.94 -5.19
CA GLN B 510 -24.96 -36.83 -4.08
C GLN B 510 -26.22 -36.36 -3.35
N TYR B 511 -26.38 -35.05 -3.16
CA TYR B 511 -27.61 -34.53 -2.57
C TYR B 511 -28.82 -34.96 -3.39
N LEU B 512 -28.74 -34.84 -4.72
CA LEU B 512 -29.89 -35.19 -5.57
C LEU B 512 -30.15 -36.69 -5.58
N LEU B 513 -29.08 -37.50 -5.57
CA LEU B 513 -29.23 -38.96 -5.49
C LEU B 513 -30.05 -39.36 -4.25
N GLU B 514 -29.74 -38.78 -3.09
CA GLU B 514 -30.47 -39.09 -1.87
C GLU B 514 -31.91 -38.56 -1.91
N ARG B 515 -32.14 -37.41 -2.54
CA ARG B 515 -33.49 -36.87 -2.65
C ARG B 515 -34.36 -37.71 -3.58
N ALA B 516 -33.74 -38.51 -4.45
CA ALA B 516 -34.45 -39.29 -5.46
C ALA B 516 -34.85 -40.68 -4.99
N LYS B 517 -34.49 -41.07 -3.77
CA LYS B 517 -34.84 -42.38 -3.24
C LYS B 517 -36.24 -42.37 -2.67
N PHE C 19 28.42 28.23 10.64
CA PHE C 19 29.83 28.26 10.22
C PHE C 19 30.40 29.59 10.71
N GLN C 20 31.62 29.93 10.28
CA GLN C 20 32.38 31.02 10.91
C GLN C 20 32.00 32.40 10.39
N GLY C 21 31.27 32.50 9.28
CA GLY C 21 30.87 33.80 8.77
C GLY C 21 32.07 34.65 8.38
N GLY C 22 32.07 35.90 8.83
CA GLY C 22 33.19 36.79 8.62
C GLY C 22 32.98 37.90 7.62
N MET C 23 31.82 37.98 6.96
CA MET C 23 31.65 38.97 5.92
C MET C 23 31.40 40.35 6.53
N GLU C 24 32.14 41.34 6.05
CA GLU C 24 31.99 42.71 6.52
C GLU C 24 30.98 43.44 5.64
N PHE C 25 29.99 44.08 6.27
CA PHE C 25 29.01 44.91 5.59
C PHE C 25 29.19 46.36 6.02
N LEU C 26 29.46 47.24 5.05
CA LEU C 26 29.66 48.66 5.30
C LEU C 26 28.67 49.48 4.49
N VAL C 27 28.21 50.58 5.09
CA VAL C 27 27.33 51.53 4.44
C VAL C 27 28.14 52.80 4.19
N LYS C 28 28.20 53.23 2.94
CA LYS C 28 28.94 54.43 2.56
C LYS C 28 28.05 55.30 1.69
N SER C 29 28.35 56.61 1.73
CA SER C 29 27.58 57.61 1.01
C SER C 29 28.41 58.31 -0.06
N VAL C 30 29.42 57.63 -0.61
CA VAL C 30 30.32 58.24 -1.57
C VAL C 30 29.80 58.03 -2.99
N ARG C 31 30.35 58.82 -3.91
CA ARG C 31 30.05 58.72 -5.33
C ARG C 31 30.43 57.34 -5.85
N PRO C 32 29.52 56.62 -6.52
CA PRO C 32 29.90 55.29 -7.06
C PRO C 32 31.03 55.34 -8.06
N GLU C 33 31.10 56.41 -8.86
CA GLU C 33 32.03 56.42 -10.00
C GLU C 33 33.47 56.71 -9.62
N THR C 34 33.75 57.10 -8.38
CA THR C 34 35.14 57.27 -7.95
C THR C 34 35.53 56.31 -6.84
N LEU C 35 34.67 55.36 -6.49
CA LEU C 35 34.96 54.43 -5.40
C LEU C 35 35.86 53.31 -5.89
N LYS C 36 36.98 53.10 -5.20
CA LYS C 36 37.87 52.01 -5.57
C LYS C 36 37.26 50.72 -5.02
N THR C 37 37.04 49.75 -5.89
CA THR C 37 36.43 48.49 -5.51
C THR C 37 36.82 47.44 -6.53
N ALA C 38 36.82 46.17 -6.10
CA ALA C 38 37.08 45.10 -7.05
C ALA C 38 35.94 44.98 -8.07
N THR C 39 34.70 45.16 -7.62
CA THR C 39 33.53 45.07 -8.50
C THR C 39 32.50 46.08 -8.04
N LEU C 40 32.00 46.88 -8.98
CA LEU C 40 30.90 47.81 -8.72
C LEU C 40 29.63 47.25 -9.36
N VAL C 41 28.54 47.19 -8.60
CA VAL C 41 27.34 46.48 -9.03
C VAL C 41 26.25 47.50 -9.32
N LEU C 42 25.74 47.49 -10.55
CA LEU C 42 24.71 48.43 -10.98
C LEU C 42 23.47 47.70 -11.48
N ALA C 43 22.30 48.29 -11.26
CA ALA C 43 21.06 47.72 -11.77
C ALA C 43 20.76 48.29 -13.16
N VAL C 44 20.21 47.44 -14.02
CA VAL C 44 19.77 47.82 -15.37
C VAL C 44 18.32 47.38 -15.52
N GLY C 45 17.46 48.34 -15.81
CA GLY C 45 16.08 48.03 -16.06
C GLY C 45 15.85 47.45 -17.44
N GLU C 46 14.75 46.71 -17.54
CA GLU C 46 14.33 46.13 -18.81
C GLU C 46 13.54 47.18 -19.58
N GLY C 47 14.14 47.71 -20.65
CA GLY C 47 13.41 48.65 -21.50
C GLY C 47 13.03 49.96 -20.83
N ARG C 48 13.77 50.38 -19.81
CA ARG C 48 13.69 51.72 -19.27
C ARG C 48 15.11 52.25 -19.09
N LYS C 49 15.21 53.57 -18.96
CA LYS C 49 16.53 54.18 -18.89
C LYS C 49 17.25 53.78 -17.61
N LEU C 50 18.59 53.72 -17.70
CA LEU C 50 19.43 53.55 -16.52
C LEU C 50 18.99 54.48 -15.41
N GLY C 51 19.05 54.00 -14.18
CA GLY C 51 18.73 54.80 -13.02
C GLY C 51 19.80 55.84 -12.71
N ALA C 52 19.56 56.60 -11.64
CA ALA C 52 20.41 57.74 -11.30
C ALA C 52 21.87 57.31 -11.13
N SER C 53 22.12 56.31 -10.27
CA SER C 53 23.50 55.86 -10.06
C SER C 53 24.11 55.31 -11.33
N ALA C 54 23.36 54.47 -12.06
CA ALA C 54 23.89 53.86 -13.27
C ALA C 54 24.19 54.91 -14.33
N LYS C 55 23.32 55.91 -14.46
CA LYS C 55 23.55 57.01 -15.39
C LYS C 55 24.85 57.75 -15.07
N ALA C 56 25.07 58.07 -13.80
CA ALA C 56 26.27 58.80 -13.42
C ALA C 56 27.53 58.00 -13.73
N VAL C 57 27.49 56.68 -13.49
CA VAL C 57 28.66 55.86 -13.82
C VAL C 57 28.84 55.82 -15.33
N ASP C 58 27.76 55.64 -16.07
CA ASP C 58 27.86 55.60 -17.53
C ASP C 58 28.49 56.89 -18.07
N ASP C 59 28.02 58.05 -17.59
CA ASP C 59 28.61 59.32 -18.01
C ASP C 59 30.09 59.39 -17.66
N ALA C 60 30.44 59.02 -16.43
CA ALA C 60 31.85 59.00 -16.04
C ALA C 60 32.70 58.19 -17.00
N THR C 61 32.13 57.15 -17.62
CA THR C 61 32.89 56.34 -18.58
C THR C 61 32.86 56.92 -19.99
N GLY C 62 32.07 57.96 -20.25
CA GLY C 62 31.90 58.43 -21.61
C GLY C 62 30.92 57.62 -22.41
N GLY C 63 29.93 57.01 -21.74
CA GLY C 63 28.96 56.17 -22.42
C GLY C 63 29.40 54.77 -22.76
N ALA C 64 30.44 54.24 -22.11
CA ALA C 64 30.87 52.87 -22.39
C ALA C 64 29.76 51.87 -22.06
N ILE C 65 29.05 52.09 -20.95
CA ILE C 65 28.03 51.14 -20.51
C ILE C 65 26.81 51.21 -21.41
N SER C 66 26.35 52.42 -21.70
CA SER C 66 25.32 52.61 -22.72
C SER C 66 25.66 51.88 -24.02
N ALA C 67 26.92 51.97 -24.46
CA ALA C 67 27.28 51.37 -25.73
C ALA C 67 27.22 49.84 -25.67
N VAL C 68 27.67 49.25 -24.55
CA VAL C 68 27.59 47.80 -24.42
C VAL C 68 26.13 47.37 -24.42
N LEU C 69 25.31 48.00 -23.58
CA LEU C 69 23.90 47.60 -23.47
C LEU C 69 23.17 47.73 -24.80
N LYS C 70 23.65 48.60 -25.68
CA LYS C 70 23.01 48.80 -26.97
C LYS C 70 23.19 47.58 -27.86
N ARG C 71 24.27 46.82 -27.65
CA ARG C 71 24.49 45.59 -28.41
C ARG C 71 23.50 44.49 -28.02
N GLY C 72 22.78 44.64 -26.91
CA GLY C 72 21.63 43.80 -26.59
C GLY C 72 21.87 42.49 -25.87
N ASP C 73 23.07 42.22 -25.35
CA ASP C 73 23.28 40.96 -24.67
C ASP C 73 22.49 40.84 -23.37
N LEU C 74 22.17 41.97 -22.72
CA LEU C 74 21.49 41.97 -21.43
C LEU C 74 20.08 42.48 -21.60
N ALA C 75 19.09 41.58 -21.54
CA ALA C 75 17.71 42.02 -21.70
C ALA C 75 17.21 42.78 -20.49
N GLY C 76 17.84 42.62 -19.33
CA GLY C 76 17.43 43.33 -18.14
C GLY C 76 16.32 42.66 -17.35
N LYS C 77 16.08 41.37 -17.56
CA LYS C 77 15.14 40.64 -16.72
C LYS C 77 15.75 40.42 -15.34
N VAL C 78 14.88 40.36 -14.32
CA VAL C 78 15.35 40.27 -12.95
C VAL C 78 16.40 39.17 -12.81
N GLY C 79 17.60 39.54 -12.35
CA GLY C 79 18.64 38.56 -12.09
C GLY C 79 19.55 38.24 -13.26
N GLN C 80 19.25 38.70 -14.47
CA GLN C 80 20.22 38.55 -15.55
C GLN C 80 21.46 39.40 -15.24
N THR C 81 22.62 38.97 -15.72
CA THR C 81 23.86 39.67 -15.44
C THR C 81 24.70 39.87 -16.69
N LEU C 82 25.54 40.91 -16.66
CA LEU C 82 26.57 41.17 -17.67
C LEU C 82 27.78 41.73 -16.95
N LEU C 83 28.92 41.06 -17.07
CA LEU C 83 30.11 41.42 -16.31
C LEU C 83 31.14 42.09 -17.23
N LEU C 84 31.54 43.31 -16.87
CA LEU C 84 32.53 44.07 -17.62
C LEU C 84 33.84 44.16 -16.84
N GLN C 85 34.96 44.20 -17.56
CA GLN C 85 36.25 44.40 -16.92
C GLN C 85 36.50 45.88 -16.65
N SER C 86 37.66 46.40 -17.01
CA SER C 86 37.99 47.80 -16.72
C SER C 86 37.37 48.74 -17.74
N LEU C 87 36.75 49.81 -17.24
CA LEU C 87 36.10 50.82 -18.04
C LEU C 87 36.77 52.18 -17.84
N PRO C 88 36.83 53.01 -18.88
CA PRO C 88 37.55 54.28 -18.77
C PRO C 88 37.07 55.12 -17.59
N ASN C 89 38.04 55.67 -16.86
CA ASN C 89 37.87 56.67 -15.82
C ASN C 89 37.25 56.14 -14.53
N LEU C 90 37.05 54.84 -14.41
CA LEU C 90 36.52 54.25 -13.19
C LEU C 90 37.65 53.73 -12.30
N LYS C 91 37.40 53.71 -10.99
CA LYS C 91 38.32 53.07 -10.05
C LYS C 91 37.88 51.66 -9.65
N ALA C 92 36.78 51.17 -10.23
CA ALA C 92 36.35 49.77 -10.06
C ALA C 92 37.08 48.88 -11.07
N GLU C 93 37.62 47.75 -10.60
CA GLU C 93 38.26 46.85 -11.56
C GLU C 93 37.25 46.21 -12.49
N ARG C 94 36.02 46.05 -12.04
CA ARG C 94 34.98 45.37 -12.81
C ARG C 94 33.67 46.10 -12.56
N VAL C 95 32.77 46.04 -13.53
CA VAL C 95 31.41 46.51 -13.34
C VAL C 95 30.45 45.34 -13.64
N LEU C 96 29.59 45.03 -12.69
CA LEU C 96 28.58 43.99 -12.85
C LEU C 96 27.21 44.64 -13.03
N LEU C 97 26.57 44.39 -14.17
CA LEU C 97 25.21 44.87 -14.42
C LEU C 97 24.24 43.73 -14.15
N VAL C 98 23.19 44.01 -13.38
CA VAL C 98 22.18 43.01 -13.04
C VAL C 98 20.81 43.56 -13.44
N GLY C 99 20.04 42.74 -14.17
CA GLY C 99 18.73 43.18 -14.62
C GLY C 99 17.76 43.35 -13.46
N ALA C 100 16.90 44.36 -13.58
CA ALA C 100 15.93 44.66 -12.52
C ALA C 100 14.48 44.59 -12.99
N GLY C 101 14.24 44.05 -14.19
CA GLY C 101 12.88 43.91 -14.69
C GLY C 101 12.33 45.19 -15.27
N LYS C 102 11.05 45.14 -15.62
CA LYS C 102 10.43 46.27 -16.29
C LYS C 102 9.52 47.07 -15.37
N GLU C 103 9.18 46.56 -14.18
CA GLU C 103 8.29 47.29 -13.29
C GLU C 103 9.08 48.33 -12.50
N ARG C 104 8.36 49.35 -12.02
CA ARG C 104 9.03 50.40 -11.27
C ARG C 104 9.35 49.97 -9.85
N GLU C 105 8.52 49.13 -9.24
CA GLU C 105 8.80 48.52 -7.95
C GLU C 105 8.95 47.02 -8.08
N LEU C 106 9.85 46.46 -7.27
CA LEU C 106 9.99 45.02 -7.16
C LEU C 106 9.21 44.49 -5.95
N GLY C 107 8.74 43.25 -6.06
CA GLY C 107 8.26 42.54 -4.90
C GLY C 107 9.42 41.93 -4.13
N ASP C 108 9.11 41.43 -2.93
CA ASP C 108 10.15 40.84 -2.09
C ASP C 108 10.86 39.68 -2.78
N ARG C 109 10.09 38.82 -3.47
CA ARG C 109 10.69 37.70 -4.18
C ARG C 109 11.66 38.16 -5.26
N GLN C 110 11.28 39.14 -6.07
CA GLN C 110 12.22 39.59 -7.10
C GLN C 110 13.44 40.27 -6.47
N TYR C 111 13.25 41.05 -5.40
CA TYR C 111 14.40 41.67 -4.73
C TYR C 111 15.40 40.61 -4.28
N ARG C 112 14.91 39.56 -3.61
CA ARG C 112 15.76 38.45 -3.21
C ARG C 112 16.44 37.78 -4.40
N LYS C 113 15.67 37.53 -5.47
CA LYS C 113 16.24 36.93 -6.67
C LYS C 113 17.42 37.75 -7.18
N LEU C 114 17.21 39.06 -7.28
CA LEU C 114 18.26 39.97 -7.74
C LEU C 114 19.49 39.88 -6.84
N ALA C 115 19.29 39.98 -5.52
CA ALA C 115 20.39 39.89 -4.58
C ALA C 115 21.14 38.58 -4.71
N SER C 116 20.42 37.46 -4.89
CA SER C 116 21.06 36.16 -4.95
C SER C 116 21.86 36.00 -6.24
N ALA C 117 21.36 36.55 -7.34
CA ALA C 117 22.10 36.49 -8.59
C ALA C 117 23.39 37.28 -8.49
N VAL C 118 23.34 38.45 -7.85
CA VAL C 118 24.54 39.24 -7.63
C VAL C 118 25.56 38.45 -6.81
N LEU C 119 25.10 37.90 -5.68
CA LEU C 119 26.00 37.14 -4.80
C LEU C 119 26.61 35.95 -5.52
N SER C 120 25.81 35.24 -6.30
CA SER C 120 26.33 34.07 -7.01
C SER C 120 27.46 34.46 -7.97
N THR C 121 27.33 35.59 -8.67
CA THR C 121 28.41 36.04 -9.55
C THR C 121 29.66 36.42 -8.74
N LEU C 122 29.49 37.24 -7.71
CA LEU C 122 30.62 37.65 -6.87
C LEU C 122 31.36 36.46 -6.28
N LYS C 123 30.62 35.44 -5.82
CA LYS C 123 31.25 34.26 -5.22
C LYS C 123 32.27 33.63 -6.16
N GLY C 124 32.00 33.65 -7.46
CA GLY C 124 32.88 33.03 -8.43
C GLY C 124 34.04 33.88 -8.89
N LEU C 125 34.09 35.16 -8.48
CA LEU C 125 35.15 36.08 -8.85
C LEU C 125 36.27 36.07 -7.82
N ALA C 126 37.43 36.54 -8.24
CA ALA C 126 38.59 36.67 -7.37
C ALA C 126 38.67 38.04 -6.69
N GLY C 127 37.65 38.88 -6.82
CA GLY C 127 37.68 40.18 -6.16
C GLY C 127 37.53 40.05 -4.65
N ALA C 128 38.29 40.88 -3.92
CA ALA C 128 38.24 40.85 -2.46
C ALA C 128 37.06 41.63 -1.88
N ASP C 129 36.41 42.49 -2.65
CA ASP C 129 35.31 43.29 -2.14
C ASP C 129 34.35 43.55 -3.30
N ALA C 130 33.17 44.07 -2.97
CA ALA C 130 32.27 44.59 -4.00
C ALA C 130 31.45 45.73 -3.42
N ALA C 131 31.08 46.68 -4.27
CA ALA C 131 30.24 47.79 -3.88
C ALA C 131 28.93 47.73 -4.65
N LEU C 132 27.82 47.79 -3.92
CA LEU C 132 26.48 47.70 -4.50
C LEU C 132 25.88 49.10 -4.60
N ALA C 133 25.72 49.60 -5.82
CA ALA C 133 25.01 50.85 -6.06
C ALA C 133 23.56 50.58 -6.44
N LEU C 134 22.83 49.98 -5.51
CA LEU C 134 21.45 49.54 -5.73
C LEU C 134 20.42 50.40 -5.00
N GLY C 135 20.83 51.56 -4.47
CA GLY C 135 19.88 52.40 -3.77
C GLY C 135 18.70 52.83 -4.63
N ASP C 136 18.86 52.81 -5.96
CA ASP C 136 17.81 53.25 -6.86
C ASP C 136 16.61 52.29 -6.86
N LEU C 137 16.83 51.00 -6.62
CA LEU C 137 15.72 50.04 -6.67
C LEU C 137 14.61 50.42 -5.69
N ALA C 138 13.37 50.24 -6.13
CA ALA C 138 12.21 50.40 -5.28
C ALA C 138 11.60 49.02 -5.00
N VAL C 139 11.11 48.84 -3.79
CA VAL C 139 10.55 47.56 -3.36
C VAL C 139 9.20 47.84 -2.70
N LYS C 140 8.16 47.16 -3.19
CA LYS C 140 6.78 47.40 -2.75
C LYS C 140 6.68 47.51 -1.24
N GLY C 141 6.35 48.70 -0.74
CA GLY C 141 6.05 48.86 0.66
C GLY C 141 7.25 48.87 1.59
N ARG C 142 8.47 49.02 1.08
CA ARG C 142 9.68 48.97 1.89
C ARG C 142 10.46 50.27 1.78
N GLY C 143 10.69 50.93 2.90
CA GLY C 143 11.60 52.07 2.96
C GLY C 143 13.05 51.61 3.02
N ALA C 144 13.92 52.55 3.37
CA ALA C 144 15.36 52.28 3.33
C ALA C 144 15.77 51.25 4.38
N HIS C 145 15.18 51.32 5.57
CA HIS C 145 15.49 50.34 6.61
C HIS C 145 14.93 48.96 6.26
N ALA C 146 13.67 48.91 5.81
CA ALA C 146 13.04 47.64 5.46
C ALA C 146 13.76 46.96 4.31
N LYS C 147 14.17 47.74 3.29
CA LYS C 147 14.95 47.17 2.19
C LYS C 147 16.30 46.64 2.67
N ALA C 148 16.97 47.37 3.54
CA ALA C 148 18.28 46.92 3.99
C ALA C 148 18.17 45.64 4.80
N ARG C 149 17.12 45.52 5.61
CA ARG C 149 16.90 44.28 6.35
C ARG C 149 16.81 43.09 5.39
N LEU C 150 16.08 43.27 4.29
CA LEU C 150 15.87 42.18 3.35
C LEU C 150 17.13 41.89 2.53
N LEU C 151 17.78 42.95 2.03
CA LEU C 151 18.95 42.76 1.18
C LEU C 151 20.09 42.08 1.94
N VAL C 152 20.43 42.63 3.12
CA VAL C 152 21.59 42.13 3.86
C VAL C 152 21.33 40.73 4.40
N GLU C 153 20.10 40.45 4.85
CA GLU C 153 19.83 39.10 5.33
C GLU C 153 19.94 38.08 4.21
N THR C 154 19.48 38.44 3.00
CA THR C 154 19.61 37.51 1.88
C THR C 154 21.07 37.28 1.51
N LEU C 155 21.87 38.35 1.51
CA LEU C 155 23.27 38.23 1.15
C LEU C 155 24.05 37.43 2.19
N ALA C 156 23.86 37.77 3.47
CA ALA C 156 24.60 37.10 4.54
C ALA C 156 24.21 35.63 4.66
N ASP C 157 22.90 35.35 4.64
CA ASP C 157 22.48 33.95 4.75
C ASP C 157 22.85 33.18 3.49
N GLY C 158 22.91 33.86 2.34
CA GLY C 158 23.41 33.24 1.12
C GLY C 158 24.87 32.77 1.18
N LEU C 159 25.66 33.25 2.15
CA LEU C 159 27.06 32.85 2.29
C LEU C 159 27.23 31.61 3.14
N TYR C 160 26.13 31.06 3.67
CA TYR C 160 26.22 29.91 4.56
C TYR C 160 26.82 28.71 3.83
N VAL C 161 27.71 28.00 4.53
CA VAL C 161 28.33 26.78 4.01
C VAL C 161 28.33 25.75 5.13
N PHE C 162 27.91 24.53 4.83
CA PHE C 162 28.03 23.41 5.77
C PHE C 162 28.83 22.33 5.06
N ASP C 163 30.05 22.08 5.53
CA ASP C 163 30.88 21.09 4.87
C ASP C 163 31.73 20.28 5.86
N ARG C 164 31.32 20.21 7.12
CA ARG C 164 32.24 19.66 8.10
CA ARG C 164 32.13 19.62 8.18
C ARG C 164 32.46 18.15 7.95
N TYR C 165 31.62 17.42 7.22
CA TYR C 165 31.90 16.00 6.97
C TYR C 165 32.36 15.75 5.55
N LYS C 166 32.61 16.79 4.76
CA LYS C 166 33.20 16.62 3.43
C LYS C 166 34.72 16.56 3.55
N SER C 167 35.34 15.52 2.97
CA SER C 167 36.79 15.46 2.97
C SER C 167 37.40 16.55 2.10
N GLN C 168 36.78 16.81 0.95
CA GLN C 168 37.21 17.85 0.02
C GLN C 168 36.37 19.10 0.34
N LYS C 169 36.99 20.07 1.03
CA LYS C 169 36.28 21.28 1.44
C LYS C 169 36.27 22.30 0.31
N ALA C 170 35.31 23.22 0.38
CA ALA C 170 35.17 24.25 -0.65
C ALA C 170 36.31 25.27 -0.56
N GLU C 171 36.73 25.75 -1.73
CA GLU C 171 37.70 26.83 -1.80
C GLU C 171 37.21 28.06 -1.03
N PRO C 172 37.99 28.60 -0.10
CA PRO C 172 37.59 29.85 0.58
C PRO C 172 37.30 30.94 -0.44
N LEU C 173 36.26 31.72 -0.19
CA LEU C 173 35.93 32.84 -1.07
C LEU C 173 36.99 33.93 -0.97
N LYS C 174 37.29 34.56 -2.12
CA LYS C 174 38.05 35.81 -2.10
C LYS C 174 37.21 36.96 -1.54
N LEU C 175 35.90 36.93 -1.75
CA LEU C 175 35.04 38.03 -1.34
C LEU C 175 34.95 38.13 0.17
N LYS C 176 35.41 39.27 0.72
CA LYS C 176 35.43 39.46 2.16
C LYS C 176 34.71 40.71 2.63
N LYS C 177 34.23 41.55 1.72
CA LYS C 177 33.68 42.84 2.14
C LYS C 177 32.63 43.28 1.12
N LEU C 178 31.48 43.70 1.61
CA LEU C 178 30.42 44.22 0.76
C LEU C 178 30.06 45.61 1.26
N THR C 179 30.05 46.58 0.35
CA THR C 179 29.70 47.96 0.64
C THR C 179 28.33 48.27 0.06
N LEU C 180 27.44 48.79 0.91
CA LEU C 180 26.14 49.29 0.48
C LEU C 180 26.25 50.80 0.28
N LEU C 181 26.03 51.27 -0.95
CA LEU C 181 26.01 52.70 -1.24
C LEU C 181 24.61 53.24 -0.98
N ALA C 182 24.53 54.26 -0.12
CA ALA C 182 23.27 54.87 0.25
C ALA C 182 23.46 56.38 0.34
N ASP C 183 22.40 57.11 0.02
CA ASP C 183 22.43 58.54 0.19
C ASP C 183 22.58 58.89 1.67
N LYS C 184 23.26 60.01 1.94
CA LYS C 184 23.44 60.45 3.32
C LYS C 184 22.14 60.48 4.09
N ALA C 185 21.05 60.90 3.44
CA ALA C 185 19.78 60.96 4.13
C ALA C 185 19.31 59.58 4.59
N ASP C 186 19.72 58.52 3.91
CA ASP C 186 19.25 57.17 4.21
C ASP C 186 20.26 56.33 5.00
N SER C 187 21.53 56.72 5.05
CA SER C 187 22.56 55.79 5.51
C SER C 187 22.31 55.35 6.95
N ALA C 188 21.73 56.20 7.79
CA ALA C 188 21.48 55.80 9.18
C ALA C 188 20.51 54.64 9.24
N ALA C 189 19.43 54.70 8.46
CA ALA C 189 18.46 53.61 8.43
C ALA C 189 19.04 52.37 7.76
N VAL C 190 19.77 52.56 6.66
CA VAL C 190 20.41 51.44 5.99
C VAL C 190 21.36 50.73 6.95
N GLU C 191 22.10 51.49 7.75
CA GLU C 191 23.08 50.81 8.57
C GLU C 191 22.42 50.10 9.75
N GLN C 192 21.30 50.62 10.26
CA GLN C 192 20.57 49.91 11.29
C GLN C 192 19.94 48.63 10.75
N GLY C 193 19.30 48.70 9.58
CA GLY C 193 18.81 47.49 8.94
C GLY C 193 19.92 46.48 8.73
N SER C 194 21.10 46.96 8.28
CA SER C 194 22.21 46.05 8.04
C SER C 194 22.66 45.37 9.32
N LYS C 195 22.76 46.14 10.41
CA LYS C 195 23.22 45.57 11.68
C LYS C 195 22.24 44.51 12.20
N GLU C 196 20.94 44.78 12.07
CA GLU C 196 19.94 43.80 12.48
C GLU C 196 19.98 42.56 11.58
N ALA C 197 20.02 42.77 10.27
CA ALA C 197 20.10 41.67 9.32
C ALA C 197 21.30 40.75 9.61
N GLN C 198 22.46 41.34 9.94
CA GLN C 198 23.63 40.50 10.21
C GLN C 198 23.43 39.65 11.46
N ALA C 199 22.85 40.23 12.51
CA ALA C 199 22.60 39.45 13.72
C ALA C 199 21.62 38.31 13.44
N ILE C 200 20.57 38.58 12.66
CA ILE C 200 19.62 37.53 12.28
C ILE C 200 20.34 36.44 11.47
N ALA C 201 21.17 36.83 10.50
CA ALA C 201 21.86 35.84 9.69
C ALA C 201 22.79 34.98 10.54
N ASN C 202 23.49 35.59 11.50
CA ASN C 202 24.37 34.82 12.38
C ASN C 202 23.57 33.83 13.21
N GLY C 203 22.38 34.24 13.66
CA GLY C 203 21.52 33.31 14.37
C GLY C 203 21.05 32.19 13.46
N MET C 204 20.71 32.53 12.21
CA MET C 204 20.32 31.50 11.27
C MET C 204 21.45 30.51 11.03
N ALA C 205 22.69 30.98 11.01
CA ALA C 205 23.78 30.07 10.71
C ALA C 205 23.92 29.04 11.82
N LEU C 206 23.72 29.47 13.07
CA LEU C 206 23.77 28.54 14.19
C LEU C 206 22.62 27.54 14.10
N THR C 207 21.42 28.02 13.76
CA THR C 207 20.26 27.16 13.63
C THR C 207 20.47 26.14 12.51
N ARG C 208 21.00 26.60 11.38
CA ARG C 208 21.22 25.73 10.23
C ARG C 208 22.27 24.67 10.55
N ASP C 209 23.38 25.07 11.18
CA ASP C 209 24.39 24.09 11.59
C ASP C 209 23.77 23.01 12.46
N LEU C 210 23.00 23.40 13.47
CA LEU C 210 22.49 22.42 14.42
C LEU C 210 21.50 21.48 13.72
N GLY C 211 20.70 22.03 12.80
CA GLY C 211 19.77 21.21 12.06
C GLY C 211 20.45 20.28 11.06
N ASN C 212 21.56 20.73 10.45
CA ASN C 212 22.25 19.90 9.45
C ASN C 212 23.12 18.80 10.04
N LEU C 213 23.49 18.90 11.31
CA LEU C 213 24.32 17.87 11.93
C LEU C 213 23.62 16.51 11.89
N PRO C 214 24.37 15.42 11.73
CA PRO C 214 23.75 14.10 11.69
C PRO C 214 23.27 13.71 13.07
N PRO C 215 22.25 12.86 13.18
CA PRO C 215 21.65 12.58 14.49
C PRO C 215 22.51 11.72 15.40
N ASN C 216 23.52 11.00 14.88
CA ASN C 216 24.43 10.30 15.76
C ASN C 216 25.40 11.24 16.47
N VAL C 217 25.53 12.48 16.00
CA VAL C 217 26.34 13.52 16.65
C VAL C 217 25.48 14.46 17.48
N CYS C 218 24.38 14.94 16.91
CA CYS C 218 23.56 15.97 17.55
C CYS C 218 22.42 15.29 18.29
N HIS C 219 22.74 14.77 19.47
CA HIS C 219 21.75 14.20 20.37
C HIS C 219 21.46 15.20 21.49
N PRO C 220 20.54 14.89 22.42
CA PRO C 220 20.17 15.90 23.44
C PRO C 220 21.34 16.33 24.32
N THR C 221 22.23 15.40 24.71
CA THR C 221 23.40 15.77 25.48
C THR C 221 24.28 16.76 24.72
N PHE C 222 24.45 16.52 23.41
CA PHE C 222 25.23 17.45 22.59
C PHE C 222 24.62 18.85 22.58
N LEU C 223 23.29 18.94 22.45
CA LEU C 223 22.64 20.24 22.48
C LEU C 223 22.86 20.93 23.83
N GLY C 224 22.82 20.17 24.92
CA GLY C 224 23.11 20.76 26.22
C GLY C 224 24.50 21.39 26.25
N GLU C 225 25.50 20.66 25.77
N GLU C 225 25.49 20.65 25.75
CA GLU C 225 26.84 21.23 25.74
CA GLU C 225 26.86 21.16 25.70
C GLU C 225 26.92 22.43 24.82
C GLU C 225 26.96 22.38 24.78
N GLN C 226 26.14 22.42 23.73
CA GLN C 226 26.16 23.56 22.83
C GLN C 226 25.64 24.81 23.53
N ALA C 227 24.63 24.64 24.39
CA ALA C 227 24.08 25.77 25.13
C ALA C 227 25.09 26.33 26.12
N LYS C 228 25.79 25.44 26.84
CA LYS C 228 26.87 25.87 27.72
C LYS C 228 27.94 26.63 26.95
N GLY C 229 28.27 26.18 25.74
CA GLY C 229 29.23 26.90 24.92
C GLY C 229 28.74 28.29 24.56
N LEU C 230 27.45 28.42 24.27
CA LEU C 230 26.93 29.75 23.97
C LEU C 230 27.04 30.69 25.16
N ALA C 231 26.95 30.15 26.38
CA ALA C 231 27.09 30.98 27.57
C ALA C 231 28.53 31.43 27.78
N LYS C 232 29.51 30.59 27.41
CA LYS C 232 30.90 31.06 27.45
C LYS C 232 31.13 32.20 26.47
N GLU C 233 30.39 32.24 25.36
CA GLU C 233 30.58 33.26 24.36
C GLU C 233 29.87 34.57 24.70
N PHE C 234 28.71 34.50 25.36
CA PHE C 234 27.92 35.67 25.70
C PHE C 234 27.70 35.68 27.20
N LYS C 235 28.40 36.57 27.90
CA LYS C 235 28.33 36.58 29.36
C LYS C 235 26.96 37.03 29.88
N SER C 236 26.15 37.66 29.04
CA SER C 236 24.78 38.00 29.41
C SER C 236 23.84 36.79 29.49
N LEU C 237 24.26 35.62 29.00
CA LEU C 237 23.41 34.45 28.92
C LEU C 237 23.65 33.54 30.12
N LYS C 238 22.57 33.11 30.77
CA LYS C 238 22.64 32.08 31.81
C LYS C 238 22.01 30.78 31.28
N VAL C 239 22.67 29.65 31.51
CA VAL C 239 22.21 28.35 31.02
C VAL C 239 22.13 27.36 32.17
N GLU C 240 21.02 26.59 32.19
CA GLU C 240 20.86 25.42 33.03
C GLU C 240 20.38 24.23 32.20
N VAL C 241 20.97 23.07 32.43
CA VAL C 241 20.63 21.85 31.69
C VAL C 241 20.13 20.81 32.68
N LEU C 242 18.86 20.41 32.56
CA LEU C 242 18.25 19.40 33.41
C LEU C 242 18.28 18.02 32.76
N ASP C 243 18.68 17.02 33.51
CA ASP C 243 18.75 15.67 33.00
C ASP C 243 17.52 14.86 33.47
N GLU C 244 17.55 13.56 33.18
CA GLU C 244 16.37 12.71 33.36
C GLU C 244 15.93 12.66 34.82
N LYS C 245 16.89 12.60 35.74
CA LYS C 245 16.54 12.51 37.16
C LYS C 245 15.76 13.76 37.62
N LYS C 246 16.20 14.94 37.18
CA LYS C 246 15.48 16.16 37.50
C LYS C 246 14.10 16.22 36.84
N LEU C 247 13.99 15.70 35.60
CA LEU C 247 12.70 15.68 34.93
C LEU C 247 11.69 14.82 35.67
N ARG C 248 12.18 13.69 36.23
CA ARG C 248 11.29 12.82 37.00
C ARG C 248 10.88 13.49 38.31
N GLU C 249 11.81 14.21 38.95
CA GLU C 249 11.47 15.02 40.12
C GLU C 249 10.33 15.99 39.81
N LEU C 250 10.37 16.63 38.65
CA LEU C 250 9.39 17.64 38.27
C LEU C 250 8.05 17.04 37.84
N GLY C 251 7.97 15.72 37.67
CA GLY C 251 6.72 15.09 37.27
C GLY C 251 6.44 15.11 35.79
N MET C 252 7.47 15.15 34.95
CA MET C 252 7.34 15.39 33.51
C MET C 252 7.10 14.07 32.77
N GLY C 253 5.96 13.43 33.09
CA GLY C 253 5.75 12.04 32.69
C GLY C 253 5.66 11.82 31.20
N SER C 254 5.12 12.79 30.46
CA SER C 254 4.95 12.61 29.02
C SER C 254 6.23 12.93 28.25
N PHE C 255 6.99 13.91 28.72
CA PHE C 255 8.35 14.11 28.24
C PHE C 255 9.16 12.83 28.42
N LEU C 256 9.16 12.27 29.63
CA LEU C 256 9.92 11.05 29.88
C LEU C 256 9.44 9.87 29.04
N ALA C 257 8.12 9.76 28.78
CA ALA C 257 7.62 8.65 27.98
C ALA C 257 8.19 8.70 26.56
N VAL C 258 8.33 9.90 25.98
CA VAL C 258 8.92 9.99 24.64
C VAL C 258 10.36 9.48 24.66
N ALA C 259 11.12 9.88 25.69
CA ALA C 259 12.56 9.63 25.78
C ALA C 259 12.92 8.18 26.08
N GLN C 260 12.02 7.43 26.72
CA GLN C 260 12.42 6.20 27.38
C GLN C 260 12.87 5.11 26.41
N GLY C 261 12.42 5.14 25.15
CA GLY C 261 12.85 4.11 24.22
C GLY C 261 14.32 4.20 23.81
N SER C 262 14.96 5.35 24.00
CA SER C 262 16.29 5.57 23.42
C SER C 262 17.41 5.35 24.42
N ASP C 263 18.58 4.96 23.90
CA ASP C 263 19.81 4.94 24.71
C ASP C 263 20.27 6.34 25.09
N GLN C 264 19.87 7.36 24.34
CA GLN C 264 20.31 8.73 24.60
C GLN C 264 19.42 9.36 25.66
N PRO C 265 19.99 9.87 26.75
CA PRO C 265 19.18 10.54 27.78
C PRO C 265 18.58 11.83 27.25
N PRO C 266 17.44 12.24 27.81
CA PRO C 266 16.84 13.53 27.44
C PRO C 266 17.47 14.68 28.21
N ARG C 267 17.18 15.89 27.73
CA ARG C 267 17.62 17.13 28.37
C ARG C 267 16.54 18.18 28.22
N LEU C 268 16.29 18.94 29.29
CA LEU C 268 15.58 20.21 29.23
C LEU C 268 16.61 21.33 29.41
N ILE C 269 16.77 22.16 28.38
CA ILE C 269 17.75 23.24 28.40
C ILE C 269 17.01 24.54 28.65
N ILE C 270 17.44 25.27 29.68
CA ILE C 270 16.84 26.56 30.05
C ILE C 270 17.86 27.67 29.76
N LEU C 271 17.48 28.60 28.89
CA LEU C 271 18.28 29.76 28.56
C LEU C 271 17.61 31.00 29.15
N GLN C 272 18.40 31.88 29.78
CA GLN C 272 17.85 33.10 30.37
C GLN C 272 18.70 34.31 30.05
N TYR C 273 18.06 35.35 29.54
CA TYR C 273 18.72 36.60 29.20
C TYR C 273 17.89 37.75 29.75
N ASN C 274 18.49 38.59 30.58
CA ASN C 274 17.79 39.69 31.26
C ASN C 274 18.37 41.02 30.77
N GLY C 275 17.90 41.50 29.63
CA GLY C 275 18.28 42.79 29.11
C GLY C 275 17.43 43.98 29.51
N ALA C 276 16.40 43.78 30.34
CA ALA C 276 15.48 44.84 30.77
C ALA C 276 15.44 44.89 32.30
N LYS C 277 14.63 45.80 32.84
CA LYS C 277 14.48 45.91 34.29
C LYS C 277 13.92 44.61 34.86
N LYS C 278 14.27 44.33 36.13
CA LYS C 278 13.81 43.09 36.76
C LYS C 278 12.29 43.05 36.87
N ASP C 279 11.64 44.20 36.92
CA ASP C 279 10.20 44.28 37.10
C ASP C 279 9.41 44.02 35.81
N GLN C 280 10.07 43.66 34.72
CA GLN C 280 9.40 43.48 33.44
C GLN C 280 9.33 41.99 33.07
N ALA C 281 8.14 41.53 32.69
CA ALA C 281 7.88 40.10 32.53
C ALA C 281 8.57 39.57 31.28
N PRO C 282 9.09 38.34 31.33
CA PRO C 282 9.86 37.81 30.19
C PRO C 282 8.95 37.30 29.07
N HIS C 283 9.53 37.22 27.88
CA HIS C 283 9.00 36.42 26.78
C HIS C 283 9.67 35.06 26.78
N VAL C 284 8.88 34.01 26.55
CA VAL C 284 9.39 32.64 26.61
C VAL C 284 9.26 31.99 25.24
N LEU C 285 10.35 31.40 24.76
CA LEU C 285 10.36 30.61 23.54
C LEU C 285 10.56 29.13 23.91
N VAL C 286 9.66 28.26 23.44
CA VAL C 286 9.68 26.83 23.75
C VAL C 286 9.92 26.08 22.44
N GLY C 287 11.02 25.32 22.37
CA GLY C 287 11.43 24.67 21.13
C GLY C 287 11.37 23.15 21.21
N LYS C 288 10.82 22.54 20.16
CA LYS C 288 10.78 21.08 20.08
C LYS C 288 12.16 20.57 19.68
N GLY C 289 12.80 19.82 20.56
CA GLY C 289 14.13 19.33 20.23
C GLY C 289 14.23 17.82 20.08
N ILE C 290 13.42 17.24 19.20
CA ILE C 290 13.50 15.79 18.97
C ILE C 290 14.66 15.56 18.00
N THR C 291 15.80 15.09 18.52
CA THR C 291 17.02 15.04 17.73
C THR C 291 16.98 13.97 16.63
N PHE C 292 16.17 12.91 16.79
CA PHE C 292 15.76 12.08 15.68
C PHE C 292 14.40 11.47 16.00
N ASP C 293 13.54 11.42 15.00
CA ASP C 293 12.17 10.91 15.16
C ASP C 293 12.01 9.69 14.26
N THR C 294 12.19 8.47 14.81
CA THR C 294 11.84 7.24 14.08
C THR C 294 10.35 6.94 14.07
N GLY C 295 9.56 7.67 14.86
CA GLY C 295 8.19 7.27 15.17
C GLY C 295 8.05 6.42 16.42
N GLY C 296 9.11 5.75 16.85
CA GLY C 296 9.02 4.82 17.95
C GLY C 296 8.33 3.55 17.53
N ILE C 297 7.56 2.98 18.46
CA ILE C 297 6.86 1.72 18.16
C ILE C 297 5.91 1.93 16.98
N SER C 298 5.26 3.11 16.89
CA SER C 298 4.52 3.56 15.71
C SER C 298 5.49 3.99 14.61
N LEU C 299 6.32 3.05 14.16
CA LEU C 299 7.50 3.36 13.35
C LEU C 299 7.14 3.99 12.00
N LYS C 300 7.97 4.97 11.58
CA LYS C 300 7.82 5.57 10.26
C LYS C 300 8.26 4.62 9.15
N PRO C 301 7.80 4.85 7.93
CA PRO C 301 8.40 4.16 6.77
C PRO C 301 9.85 4.61 6.54
N GLY C 302 10.61 3.77 5.83
CA GLY C 302 12.01 4.09 5.60
C GLY C 302 12.26 5.23 4.64
N LEU C 303 11.37 5.40 3.66
CA LEU C 303 11.62 6.39 2.61
C LEU C 303 11.69 7.79 3.20
N GLY C 304 12.82 8.47 2.97
CA GLY C 304 13.01 9.84 3.42
C GLY C 304 13.16 10.05 4.91
N MET C 305 13.39 9.00 5.69
CA MET C 305 13.42 9.17 7.15
C MET C 305 14.67 9.91 7.61
N ASP C 306 15.72 9.95 6.77
CA ASP C 306 16.90 10.74 7.12
C ASP C 306 16.52 12.19 7.42
N GLU C 307 15.42 12.69 6.88
CA GLU C 307 15.05 14.11 7.10
C GLU C 307 14.54 14.36 8.52
N MET C 308 14.48 13.33 9.36
CA MET C 308 13.96 13.46 10.74
C MET C 308 15.07 13.99 11.67
N LYS C 309 16.26 14.23 11.10
CA LYS C 309 17.33 14.89 11.87
C LYS C 309 16.92 16.36 11.99
N PHE C 310 16.01 16.82 11.12
CA PHE C 310 15.54 18.20 11.24
C PHE C 310 14.39 18.34 12.25
N ASP C 311 13.99 17.27 12.97
CA ASP C 311 12.89 17.32 13.93
C ASP C 311 13.23 18.04 15.22
N MET C 312 14.46 18.51 15.33
CA MET C 312 14.90 19.43 16.36
C MET C 312 15.08 20.87 15.88
N CYS C 313 14.58 21.21 14.69
CA CYS C 313 14.77 22.59 14.22
C CYS C 313 13.97 23.60 15.05
N GLY C 314 12.91 23.17 15.73
CA GLY C 314 12.23 24.05 16.67
C GLY C 314 13.17 24.57 17.74
N ALA C 315 13.76 23.65 18.52
CA ALA C 315 14.78 24.05 19.48
C ALA C 315 15.93 24.81 18.80
N ALA C 316 16.36 24.36 17.61
CA ALA C 316 17.47 25.05 16.96
C ALA C 316 17.14 26.52 16.71
N SER C 317 15.87 26.82 16.39
CA SER C 317 15.49 28.21 16.12
C SER C 317 15.50 29.06 17.40
N VAL C 318 15.28 28.43 18.56
CA VAL C 318 15.43 29.16 19.82
C VAL C 318 16.89 29.52 20.04
N PHE C 319 17.80 28.56 19.84
CA PHE C 319 19.24 28.87 19.80
C PHE C 319 19.52 30.07 18.91
N GLY C 320 19.00 30.04 17.69
CA GLY C 320 19.35 31.06 16.71
C GLY C 320 18.78 32.42 17.07
N THR C 321 17.56 32.44 17.62
CA THR C 321 16.96 33.70 18.05
C THR C 321 17.74 34.30 19.22
N PHE C 322 18.09 33.47 20.21
CA PHE C 322 18.96 33.96 21.29
C PHE C 322 20.27 34.51 20.75
N ARG C 323 20.91 33.79 19.83
CA ARG C 323 22.18 34.26 19.28
C ARG C 323 22.05 35.66 18.66
N ALA C 324 20.97 35.91 17.93
CA ALA C 324 20.78 37.22 17.33
C ALA C 324 20.45 38.27 18.38
N VAL C 325 19.66 37.90 19.39
CA VAL C 325 19.28 38.85 20.44
C VAL C 325 20.48 39.20 21.31
N LEU C 326 21.34 38.22 21.57
CA LEU C 326 22.55 38.44 22.37
C LEU C 326 23.52 39.36 21.64
N GLU C 327 23.68 39.19 20.32
CA GLU C 327 24.50 40.11 19.54
C GLU C 327 23.95 41.53 19.61
N LEU C 328 22.64 41.69 19.47
CA LEU C 328 22.07 43.03 19.47
C LEU C 328 21.90 43.62 20.87
N GLN C 329 21.96 42.80 21.92
CA GLN C 329 21.81 43.28 23.29
C GLN C 329 20.47 44.02 23.47
N LEU C 330 19.39 43.39 23.00
CA LEU C 330 18.08 44.03 23.07
C LEU C 330 17.65 44.24 24.53
N PRO C 331 16.98 45.36 24.85
CA PRO C 331 16.46 45.55 26.22
C PRO C 331 15.13 44.79 26.39
N ILE C 332 15.26 43.48 26.53
CA ILE C 332 14.14 42.58 26.81
C ILE C 332 14.62 41.48 27.75
N ASN C 333 13.66 40.89 28.45
CA ASN C 333 13.92 39.68 29.22
C ASN C 333 13.37 38.49 28.43
N LEU C 334 14.23 37.49 28.19
CA LEU C 334 13.96 36.39 27.26
C LEU C 334 14.35 35.07 27.91
N VAL C 335 13.45 34.09 27.83
CA VAL C 335 13.65 32.75 28.37
C VAL C 335 13.50 31.75 27.22
N GLY C 336 14.40 30.78 27.18
CA GLY C 336 14.27 29.70 26.22
C GLY C 336 14.22 28.35 26.90
N LEU C 337 13.28 27.51 26.48
CA LEU C 337 13.14 26.15 26.98
C LEU C 337 13.23 25.20 25.79
N LEU C 338 14.26 24.37 25.76
CA LEU C 338 14.48 23.41 24.68
C LEU C 338 14.21 22.01 25.24
N ALA C 339 13.12 21.39 24.79
CA ALA C 339 12.75 20.06 25.25
C ALA C 339 13.34 19.04 24.26
N CYS C 340 14.40 18.36 24.68
CA CYS C 340 15.19 17.52 23.78
C CYS C 340 15.09 16.05 24.16
N ALA C 341 14.81 15.21 23.16
CA ALA C 341 14.76 13.78 23.33
C ALA C 341 14.97 13.13 21.97
N GLU C 342 15.27 11.84 21.99
CA GLU C 342 15.38 11.03 20.78
C GLU C 342 14.28 9.96 20.83
N ASN C 343 13.53 9.77 19.72
CA ASN C 343 12.36 8.88 19.66
C ASN C 343 12.72 7.59 18.90
N MET C 344 13.01 6.52 19.65
CA MET C 344 13.38 5.23 19.07
C MET C 344 12.56 4.03 19.53
N PRO C 345 12.49 2.99 18.71
CA PRO C 345 11.86 1.73 19.12
C PRO C 345 12.86 0.92 19.93
N SER C 346 12.37 0.23 20.96
CA SER C 346 13.20 -0.64 21.77
C SER C 346 12.28 -1.52 22.63
N GLY C 347 12.90 -2.43 23.38
CA GLY C 347 12.17 -3.28 24.28
C GLY C 347 11.63 -2.58 25.50
N GLY C 348 12.01 -1.32 25.72
CA GLY C 348 11.46 -0.48 26.78
C GLY C 348 10.75 0.76 26.27
N ALA C 349 10.47 0.84 24.96
CA ALA C 349 9.86 2.04 24.43
C ALA C 349 8.40 2.16 24.86
N THR C 350 7.90 3.39 24.84
CA THR C 350 6.48 3.64 25.06
C THR C 350 5.64 2.90 24.02
N ARG C 351 4.49 2.33 24.45
CA ARG C 351 3.59 1.58 23.57
C ARG C 351 2.35 2.42 23.23
N PRO C 352 1.81 2.31 22.03
CA PRO C 352 0.45 2.84 21.81
C PRO C 352 -0.48 2.31 22.87
N GLY C 353 -1.31 3.19 23.43
CA GLY C 353 -2.21 2.84 24.50
C GLY C 353 -1.69 3.11 25.90
N ASP C 354 -0.39 3.41 26.05
CA ASP C 354 0.12 3.82 27.35
C ASP C 354 -0.63 5.07 27.81
N ILE C 355 -0.79 5.20 29.12
CA ILE C 355 -1.38 6.39 29.72
C ILE C 355 -0.36 6.96 30.70
N VAL C 356 -0.06 8.26 30.57
CA VAL C 356 0.94 8.91 31.40
C VAL C 356 0.32 10.14 32.06
N THR C 357 0.98 10.61 33.12
CA THR C 357 0.59 11.82 33.83
C THR C 357 1.56 12.95 33.51
N THR C 358 1.07 14.01 32.87
CA THR C 358 1.89 15.16 32.54
C THR C 358 2.21 15.96 33.81
N MET C 359 3.21 16.84 33.72
CA MET C 359 3.47 17.80 34.81
C MET C 359 2.20 18.43 35.37
N SER C 360 1.34 18.90 34.47
CA SER C 360 0.12 19.59 34.85
C SER C 360 -0.86 18.72 35.61
N GLY C 361 -0.66 17.40 35.62
CA GLY C 361 -1.61 16.50 36.26
C GLY C 361 -2.64 15.91 35.33
N GLN C 362 -2.80 16.48 34.14
CA GLN C 362 -3.67 15.85 33.15
C GLN C 362 -3.06 14.55 32.65
N THR C 363 -3.89 13.52 32.51
CA THR C 363 -3.44 12.24 31.96
C THR C 363 -3.62 12.25 30.45
N VAL C 364 -2.71 11.55 29.75
CA VAL C 364 -2.70 11.51 28.30
C VAL C 364 -2.61 10.05 27.86
N GLU C 365 -3.53 9.64 27.00
CA GLU C 365 -3.43 8.35 26.31
C GLU C 365 -2.60 8.55 25.04
N ILE C 366 -1.49 7.84 24.96
CA ILE C 366 -0.57 7.92 23.83
C ILE C 366 -1.06 6.89 22.81
N LEU C 367 -2.00 7.31 21.97
CA LEU C 367 -2.50 6.44 20.91
C LEU C 367 -1.45 6.21 19.81
N ASN C 368 -0.55 7.17 19.61
CA ASN C 368 0.39 7.08 18.48
C ASN C 368 1.73 7.62 18.95
N THR C 369 2.74 6.76 19.01
CA THR C 369 4.02 7.19 19.57
C THR C 369 4.77 8.11 18.63
N ASP C 370 4.28 8.29 17.40
CA ASP C 370 4.86 9.23 16.47
C ASP C 370 4.26 10.64 16.58
N ALA C 371 3.26 10.85 17.44
CA ALA C 371 2.85 12.21 17.81
C ALA C 371 3.53 12.58 19.13
N GLU C 372 4.86 12.62 19.07
CA GLU C 372 5.70 12.74 20.26
C GLU C 372 6.10 14.17 20.56
N GLY C 373 6.11 15.03 19.55
CA GLY C 373 6.55 16.41 19.77
C GLY C 373 5.68 17.13 20.78
N ARG C 374 4.35 16.97 20.67
CA ARG C 374 3.45 17.61 21.63
C ARG C 374 3.59 17.05 23.04
N LEU C 375 4.13 15.83 23.18
CA LEU C 375 4.31 15.21 24.50
C LEU C 375 5.53 15.75 25.24
N VAL C 376 6.56 16.21 24.53
CA VAL C 376 7.61 16.93 25.22
C VAL C 376 7.26 18.41 25.39
N LEU C 377 6.54 18.99 24.42
CA LEU C 377 6.20 20.41 24.52
C LEU C 377 5.22 20.68 25.66
N CYS C 378 4.25 19.78 25.88
CA CYS C 378 3.22 20.11 26.87
C CYS C 378 3.84 20.20 28.27
N ASP C 379 4.81 19.33 28.59
CA ASP C 379 5.48 19.45 29.89
C ASP C 379 6.33 20.70 29.97
N ALA C 380 6.93 21.12 28.85
CA ALA C 380 7.67 22.38 28.83
C ALA C 380 6.73 23.58 29.00
N LEU C 381 5.53 23.53 28.38
CA LEU C 381 4.58 24.62 28.55
C LEU C 381 4.18 24.78 30.01
N THR C 382 3.99 23.67 30.72
CA THR C 382 3.69 23.74 32.15
C THR C 382 4.87 24.32 32.92
N TYR C 383 6.08 23.86 32.60
CA TYR C 383 7.27 24.42 33.22
C TYR C 383 7.31 25.93 33.07
N ALA C 384 6.87 26.44 31.91
CA ALA C 384 7.03 27.86 31.63
C ALA C 384 6.20 28.76 32.55
N GLU C 385 5.17 28.22 33.22
CA GLU C 385 4.32 29.04 34.10
C GLU C 385 5.14 29.78 35.16
N ARG C 386 6.19 29.15 35.68
CA ARG C 386 6.94 29.75 36.79
C ARG C 386 7.54 31.10 36.43
N PHE C 387 7.74 31.41 35.15
CA PHE C 387 8.34 32.69 34.78
C PHE C 387 7.35 33.84 34.72
N LYS C 388 6.05 33.61 34.98
CA LYS C 388 5.00 34.61 34.87
C LYS C 388 5.17 35.43 33.59
N PRO C 389 5.22 34.78 32.43
CA PRO C 389 5.60 35.48 31.20
C PRO C 389 4.46 36.31 30.64
N GLN C 390 4.84 37.31 29.83
CA GLN C 390 3.86 38.08 29.09
C GLN C 390 3.59 37.51 27.69
N SER C 391 4.47 36.63 27.18
CA SER C 391 4.11 35.84 26.02
C SER C 391 4.93 34.55 26.03
N VAL C 392 4.34 33.49 25.46
CA VAL C 392 4.97 32.18 25.32
C VAL C 392 4.75 31.71 23.89
N ILE C 393 5.82 31.47 23.16
CA ILE C 393 5.72 30.97 21.79
C ILE C 393 6.43 29.62 21.74
N ASP C 394 5.72 28.59 21.29
CA ASP C 394 6.42 27.35 21.00
C ASP C 394 6.63 27.23 19.49
N ILE C 395 7.75 26.62 19.13
CA ILE C 395 8.14 26.42 17.74
C ILE C 395 8.48 24.93 17.55
N ALA C 396 7.90 24.32 16.52
CA ALA C 396 8.02 22.88 16.41
C ALA C 396 7.76 22.44 14.97
N THR C 397 8.57 21.48 14.50
CA THR C 397 8.31 20.73 13.28
C THR C 397 7.28 19.65 13.62
N LEU C 398 6.03 20.07 13.76
CA LEU C 398 5.05 19.26 14.48
C LEU C 398 4.22 18.32 13.59
N THR C 399 3.63 18.80 12.48
CA THR C 399 2.69 17.94 11.73
C THR C 399 2.98 17.97 10.24
N GLY C 400 3.02 16.78 9.61
CA GLY C 400 3.03 16.76 8.16
C GLY C 400 1.76 17.35 7.56
N ALA C 401 0.67 17.35 8.34
CA ALA C 401 -0.58 17.96 7.90
C ALA C 401 -0.42 19.45 7.63
N CYS C 402 0.55 20.11 8.27
CA CYS C 402 0.72 21.53 8.02
C CYS C 402 1.24 21.76 6.60
N ILE C 403 2.10 20.85 6.13
CA ILE C 403 2.58 20.92 4.75
C ILE C 403 1.44 20.76 3.76
N VAL C 404 0.52 19.84 4.05
CA VAL C 404 -0.68 19.73 3.21
C VAL C 404 -1.48 21.04 3.22
N ALA C 405 -1.58 21.68 4.39
CA ALA C 405 -2.38 22.89 4.57
C ALA C 405 -1.71 24.12 3.93
N LEU C 406 -0.42 24.35 4.22
CA LEU C 406 0.22 25.62 3.91
C LEU C 406 1.51 25.46 3.10
N GLY C 407 1.96 24.24 2.83
CA GLY C 407 3.09 24.04 1.94
C GLY C 407 4.42 24.24 2.64
N SER C 408 5.46 24.51 1.85
CA SER C 408 6.81 24.63 2.38
C SER C 408 7.26 26.08 2.56
N ASN C 409 6.39 27.05 2.30
CA ASN C 409 6.83 28.42 2.39
C ASN C 409 6.09 29.27 3.42
N THR C 410 5.03 28.77 4.05
CA THR C 410 4.31 29.55 5.05
C THR C 410 4.15 28.69 6.30
N SER C 411 4.60 29.19 7.45
CA SER C 411 4.46 28.42 8.68
C SER C 411 3.02 28.49 9.20
N GLY C 412 2.57 27.41 9.84
CA GLY C 412 1.27 27.45 10.50
C GLY C 412 1.38 28.16 11.85
N LEU C 413 0.40 29.02 12.12
CA LEU C 413 0.38 29.77 13.40
C LEU C 413 -0.97 29.58 14.12
N MET C 414 -0.91 29.21 15.39
CA MET C 414 -2.15 29.10 16.21
C MET C 414 -1.87 29.77 17.57
N GLY C 415 -2.91 30.13 18.31
CA GLY C 415 -2.73 30.79 19.61
C GLY C 415 -4.00 31.02 20.41
N ASN C 416 -3.85 31.41 21.67
CA ASN C 416 -4.99 31.68 22.54
C ASN C 416 -5.19 33.17 22.82
N ASN C 417 -4.44 34.03 22.13
CA ASN C 417 -4.51 35.47 22.33
C ASN C 417 -4.43 36.15 20.97
N GLU C 418 -5.48 36.86 20.60
CA GLU C 418 -5.53 37.44 19.26
C GLU C 418 -4.45 38.51 19.07
N ALA C 419 -4.11 39.28 20.10
CA ALA C 419 -3.09 40.32 19.92
C ALA C 419 -1.72 39.71 19.64
N LEU C 420 -1.34 38.68 20.39
CA LEU C 420 -0.06 38.02 20.14
C LEU C 420 -0.03 37.41 18.74
N VAL C 421 -1.10 36.72 18.33
CA VAL C 421 -1.13 36.14 16.98
C VAL C 421 -0.91 37.25 15.94
N ARG C 422 -1.56 38.41 16.11
CA ARG C 422 -1.40 39.51 15.15
C ARG C 422 0.04 40.00 15.08
N GLN C 423 0.68 40.14 16.25
CA GLN C 423 2.07 40.59 16.32
C GLN C 423 2.99 39.64 15.55
N LEU C 424 2.80 38.33 15.70
CA LEU C 424 3.65 37.36 15.00
C LEU C 424 3.43 37.41 13.49
N LEU C 425 2.17 37.51 13.05
CA LEU C 425 1.90 37.65 11.63
C LEU C 425 2.57 38.87 11.05
N LYS C 426 2.43 40.02 11.75
CA LYS C 426 3.05 41.25 11.27
C LYS C 426 4.57 41.11 11.20
N ALA C 427 5.17 40.49 12.22
CA ALA C 427 6.62 40.26 12.17
C ALA C 427 6.99 39.40 10.98
N GLY C 428 6.21 38.34 10.73
CA GLY C 428 6.50 37.48 9.59
C GLY C 428 6.44 38.23 8.28
N GLU C 429 5.45 39.11 8.11
CA GLU C 429 5.35 39.89 6.88
C GLU C 429 6.56 40.79 6.73
N PHE C 430 6.95 41.48 7.80
CA PHE C 430 8.10 42.37 7.71
C PHE C 430 9.36 41.58 7.37
N ALA C 431 9.59 40.46 8.06
CA ALA C 431 10.79 39.67 7.81
C ALA C 431 10.77 38.94 6.48
N ASP C 432 9.66 38.95 5.74
CA ASP C 432 9.42 38.03 4.62
C ASP C 432 9.73 36.59 5.03
N ASP C 433 9.17 36.17 6.17
CA ASP C 433 9.30 34.81 6.67
C ASP C 433 7.91 34.46 7.22
N ARG C 434 6.94 34.34 6.31
CA ARG C 434 5.55 34.51 6.68
C ARG C 434 4.96 33.29 7.38
N ALA C 435 3.97 33.55 8.23
CA ALA C 435 3.12 32.55 8.83
C ALA C 435 1.68 32.79 8.41
N TRP C 436 0.78 31.90 8.85
CA TRP C 436 -0.63 32.06 8.56
C TRP C 436 -1.44 31.40 9.66
N GLN C 437 -2.46 32.11 10.16
CA GLN C 437 -3.22 31.62 11.30
C GLN C 437 -4.20 30.52 10.89
N LEU C 438 -4.29 29.48 11.72
CA LEU C 438 -5.35 28.49 11.65
C LEU C 438 -6.19 28.55 12.92
N PRO C 439 -7.51 28.31 12.81
CA PRO C 439 -8.40 28.52 13.97
C PRO C 439 -8.34 27.37 14.97
N LEU C 440 -8.42 27.71 16.25
CA LEU C 440 -8.56 26.69 17.28
C LEU C 440 -9.98 26.69 17.83
N PHE C 441 -10.99 26.65 16.95
CA PHE C 441 -12.38 26.63 17.38
C PHE C 441 -12.62 25.49 18.37
N ASP C 442 -13.40 25.78 19.41
CA ASP C 442 -13.60 24.80 20.47
C ASP C 442 -14.21 23.49 19.95
N GLU C 443 -14.88 23.54 18.79
CA GLU C 443 -15.47 22.35 18.19
C GLU C 443 -14.43 21.30 17.84
N TYR C 444 -13.19 21.72 17.54
CA TYR C 444 -12.13 20.77 17.22
C TYR C 444 -11.68 19.98 18.45
N GLN C 445 -11.87 20.52 19.65
CA GLN C 445 -11.28 19.93 20.85
C GLN C 445 -11.78 18.51 21.11
N GLU C 446 -13.03 18.23 20.75
CA GLU C 446 -13.59 16.92 21.03
C GLU C 446 -12.93 15.80 20.23
N GLN C 447 -12.14 16.14 19.20
CA GLN C 447 -11.37 15.11 18.49
C GLN C 447 -10.31 14.49 19.37
N LEU C 448 -9.97 15.13 20.49
CA LEU C 448 -8.97 14.62 21.44
C LEU C 448 -9.58 13.90 22.62
N ASP C 449 -10.89 13.67 22.63
CA ASP C 449 -11.53 12.88 23.68
C ASP C 449 -11.02 11.45 23.69
N SER C 450 -10.66 10.95 24.89
CA SER C 450 -10.29 9.57 25.10
C SER C 450 -11.23 8.93 26.11
N PRO C 451 -11.67 7.70 25.87
CA PRO C 451 -12.49 7.02 26.90
C PRO C 451 -11.69 6.67 28.14
N PHE C 452 -10.35 6.72 28.09
CA PHE C 452 -9.52 6.21 29.18
C PHE C 452 -8.70 7.27 29.92
N ALA C 453 -8.52 8.47 29.37
CA ALA C 453 -7.65 9.46 29.97
C ALA C 453 -8.25 10.85 29.75
N ASP C 454 -7.59 11.88 30.30
CA ASP C 454 -8.08 13.24 30.12
C ASP C 454 -7.97 13.71 28.67
N ILE C 455 -6.94 13.27 27.95
CA ILE C 455 -6.67 13.73 26.57
C ILE C 455 -6.07 12.57 25.80
N ALA C 456 -6.51 12.37 24.55
CA ALA C 456 -5.75 11.55 23.60
C ALA C 456 -4.68 12.41 22.93
N ASN C 457 -3.56 11.79 22.53
CA ASN C 457 -2.51 12.60 21.94
C ASN C 457 -2.69 12.86 20.44
N ILE C 458 -3.68 12.24 19.78
CA ILE C 458 -3.96 12.50 18.37
C ILE C 458 -5.46 12.61 18.16
N GLY C 459 -5.84 13.37 17.14
CA GLY C 459 -7.26 13.49 16.84
C GLY C 459 -7.75 12.91 15.53
N GLY C 460 -7.05 11.95 14.94
CA GLY C 460 -7.52 11.38 13.69
C GLY C 460 -7.09 12.15 12.46
N PRO C 461 -7.61 11.77 11.29
CA PRO C 461 -7.04 12.26 10.03
C PRO C 461 -7.53 13.63 9.59
N LYS C 462 -8.56 14.20 10.22
CA LYS C 462 -9.08 15.51 9.86
C LYS C 462 -8.45 16.62 10.70
N ALA C 463 -8.05 17.70 10.05
CA ALA C 463 -7.56 18.92 10.74
C ALA C 463 -6.40 18.60 11.68
N GLY C 464 -5.39 17.89 11.15
CA GLY C 464 -4.30 17.41 11.99
C GLY C 464 -3.46 18.52 12.61
N THR C 465 -3.22 19.60 11.88
CA THR C 465 -2.44 20.72 12.43
C THR C 465 -3.21 21.42 13.54
N ILE C 466 -4.50 21.67 13.30
CA ILE C 466 -5.36 22.30 14.30
C ILE C 466 -5.47 21.47 15.57
N THR C 467 -5.65 20.14 15.45
CA THR C 467 -5.89 19.37 16.67
C THR C 467 -4.59 19.23 17.47
N ALA C 468 -3.44 19.22 16.80
CA ALA C 468 -2.18 19.31 17.53
C ALA C 468 -2.12 20.63 18.30
N GLY C 469 -2.53 21.73 17.67
CA GLY C 469 -2.61 22.99 18.38
C GLY C 469 -3.59 22.95 19.56
N CYS C 470 -4.73 22.27 19.38
CA CYS C 470 -5.68 22.21 20.48
C CYS C 470 -5.10 21.44 21.65
N PHE C 471 -4.36 20.37 21.35
CA PHE C 471 -3.69 19.61 22.40
C PHE C 471 -2.77 20.51 23.23
N LEU C 472 -1.89 21.26 22.56
CA LEU C 472 -0.97 22.16 23.27
C LEU C 472 -1.74 23.23 24.05
N SER C 473 -2.82 23.76 23.48
CA SER C 473 -3.54 24.86 24.13
C SER C 473 -4.02 24.46 25.52
N ARG C 474 -4.26 23.18 25.76
CA ARG C 474 -4.72 22.73 27.07
C ARG C 474 -3.67 22.87 28.14
N PHE C 475 -2.42 23.16 27.79
CA PHE C 475 -1.35 23.38 28.74
C PHE C 475 -0.92 24.84 28.83
N ALA C 476 -1.55 25.72 28.04
CA ALA C 476 -1.15 27.12 27.93
C ALA C 476 -2.21 28.09 28.45
N LYS C 477 -3.15 27.63 29.27
CA LYS C 477 -4.29 28.49 29.61
C LYS C 477 -3.89 29.63 30.53
N LYS C 478 -2.76 29.54 31.21
CA LYS C 478 -2.41 30.54 32.21
C LYS C 478 -1.67 31.74 31.65
N TYR C 479 -1.43 31.79 30.34
CA TYR C 479 -0.69 32.92 29.80
C TYR C 479 -1.05 33.13 28.33
N HIS C 480 -0.54 34.22 27.76
CA HIS C 480 -0.72 34.52 26.34
C HIS C 480 0.24 33.65 25.53
N TRP C 481 -0.30 32.84 24.62
CA TRP C 481 0.49 31.78 23.99
C TRP C 481 0.20 31.69 22.51
N ALA C 482 1.24 31.39 21.72
CA ALA C 482 1.09 31.09 20.31
C ALA C 482 1.99 29.90 19.94
N HIS C 483 1.67 29.30 18.81
CA HIS C 483 2.29 28.04 18.39
C HIS C 483 2.60 28.13 16.89
N LEU C 484 3.87 27.98 16.55
CA LEU C 484 4.34 27.96 15.16
C LEU C 484 4.67 26.52 14.75
N ASP C 485 3.93 26.01 13.76
CA ASP C 485 4.20 24.70 13.17
C ASP C 485 5.07 24.92 11.94
N ILE C 486 6.35 24.52 12.03
CA ILE C 486 7.34 24.81 11.01
C ILE C 486 7.76 23.51 10.30
N ALA C 487 6.90 22.50 10.32
CA ALA C 487 7.19 21.25 9.62
C ALA C 487 7.51 21.44 8.15
N GLY C 488 6.96 22.45 7.49
CA GLY C 488 7.23 22.67 6.08
C GLY C 488 8.32 23.69 5.78
N THR C 489 8.58 24.61 6.70
CA THR C 489 9.45 25.75 6.43
C THR C 489 10.86 25.59 7.01
N ALA C 490 11.09 24.59 7.86
CA ALA C 490 12.34 24.49 8.61
C ALA C 490 13.46 23.86 7.81
N TRP C 491 13.16 23.19 6.70
CA TRP C 491 14.20 22.56 5.91
C TRP C 491 13.70 22.37 4.49
N ILE C 492 14.66 22.18 3.58
CA ILE C 492 14.41 21.85 2.19
C ILE C 492 14.71 20.36 1.99
N SER C 493 13.78 19.65 1.33
CA SER C 493 13.78 18.19 1.37
C SER C 493 14.82 17.55 0.45
N GLY C 494 14.97 18.06 -0.77
CA GLY C 494 15.87 17.39 -1.69
C GLY C 494 16.61 18.35 -2.58
N GLY C 495 17.34 17.82 -3.57
CA GLY C 495 18.04 18.64 -4.51
C GLY C 495 19.36 19.15 -3.95
N LYS C 496 19.90 20.13 -4.65
CA LYS C 496 21.19 20.69 -4.27
C LYS C 496 21.10 21.37 -2.91
N ASP C 497 20.02 22.11 -2.67
CA ASP C 497 19.87 22.93 -1.48
C ASP C 497 19.23 22.18 -0.31
N LYS C 498 19.21 20.85 -0.33
CA LYS C 498 18.69 20.10 0.81
C LYS C 498 19.39 20.52 2.09
N GLY C 499 18.60 20.75 3.14
CA GLY C 499 19.18 21.16 4.41
C GLY C 499 18.32 22.13 5.19
N ALA C 500 18.73 22.46 6.42
CA ALA C 500 17.98 23.38 7.26
C ALA C 500 17.94 24.79 6.67
N THR C 501 16.82 25.49 6.91
CA THR C 501 16.61 26.84 6.40
C THR C 501 16.93 27.93 7.39
N GLY C 502 16.85 27.66 8.69
CA GLY C 502 16.97 28.71 9.67
C GLY C 502 15.67 29.44 9.99
N ARG C 503 14.59 29.16 9.26
CA ARG C 503 13.31 29.71 9.65
C ARG C 503 12.83 29.00 10.91
N PRO C 504 12.15 29.70 11.82
CA PRO C 504 11.66 31.07 11.71
C PRO C 504 12.46 32.09 12.52
N VAL C 505 13.80 31.99 12.54
CA VAL C 505 14.60 33.00 13.25
C VAL C 505 14.27 34.40 12.76
N PRO C 506 14.09 34.66 11.47
CA PRO C 506 13.81 36.04 11.06
C PRO C 506 12.49 36.56 11.61
N LEU C 507 11.44 35.74 11.63
CA LEU C 507 10.15 36.17 12.19
C LEU C 507 10.28 36.42 13.69
N LEU C 508 10.86 35.46 14.42
CA LEU C 508 10.94 35.56 15.87
C LEU C 508 11.76 36.79 16.31
N THR C 509 12.90 37.02 15.64
CA THR C 509 13.74 38.15 16.02
C THR C 509 13.05 39.48 15.74
N GLN C 510 12.35 39.57 14.60
CA GLN C 510 11.60 40.79 14.31
C GLN C 510 10.49 41.02 15.34
N TYR C 511 9.86 39.95 15.82
CA TYR C 511 8.88 40.08 16.89
C TYR C 511 9.52 40.64 18.16
N LEU C 512 10.69 40.13 18.52
CA LEU C 512 11.37 40.63 19.72
C LEU C 512 11.86 42.06 19.52
N LEU C 513 12.34 42.38 18.32
CA LEU C 513 12.76 43.75 18.02
C LEU C 513 11.62 44.72 18.27
N GLU C 514 10.42 44.38 17.78
CA GLU C 514 9.26 45.24 18.01
C GLU C 514 8.87 45.27 19.49
N ARG C 515 8.92 44.12 20.16
CA ARG C 515 8.59 44.11 21.59
C ARG C 515 9.61 44.87 22.42
N ALA C 516 10.80 45.12 21.89
CA ALA C 516 11.86 45.79 22.64
C ALA C 516 11.78 47.31 22.58
N LYS C 517 10.93 47.88 21.74
CA LYS C 517 10.88 49.33 21.54
C LYS C 517 10.17 50.10 22.66
N PHE D 19 -37.46 17.69 1.17
CA PHE D 19 -38.74 17.04 1.41
C PHE D 19 -39.82 18.13 1.39
N GLN D 20 -41.01 17.86 1.94
CA GLN D 20 -42.12 18.80 1.82
C GLN D 20 -42.13 19.88 2.89
N GLY D 21 -41.56 19.63 4.08
CA GLY D 21 -41.56 20.62 5.13
C GLY D 21 -42.93 20.73 5.79
N GLY D 22 -43.37 21.97 6.02
CA GLY D 22 -44.71 22.25 6.47
C GLY D 22 -44.83 22.84 7.86
N MET D 23 -43.79 22.74 8.69
CA MET D 23 -43.85 23.25 10.04
C MET D 23 -44.27 24.71 10.02
N GLU D 24 -45.32 25.03 10.76
CA GLU D 24 -45.69 26.43 10.96
C GLU D 24 -44.93 26.99 12.16
N PHE D 25 -44.31 28.14 11.98
CA PHE D 25 -43.60 28.85 13.06
C PHE D 25 -44.34 30.15 13.32
N LEU D 26 -44.86 30.31 14.53
CA LEU D 26 -45.56 31.52 14.96
C LEU D 26 -44.76 32.19 16.06
N VAL D 27 -44.80 33.51 16.10
CA VAL D 27 -44.28 34.30 17.21
C VAL D 27 -45.47 34.93 17.93
N LYS D 28 -45.62 34.66 19.23
CA LYS D 28 -46.66 35.28 20.03
C LYS D 28 -46.05 35.95 21.26
N SER D 29 -46.74 36.98 21.79
CA SER D 29 -46.28 37.68 22.97
C SER D 29 -47.18 37.44 24.19
N VAL D 30 -48.00 36.39 24.17
CA VAL D 30 -48.91 36.10 25.27
C VAL D 30 -48.16 35.50 26.47
N ARG D 31 -48.90 35.23 27.54
CA ARG D 31 -48.30 34.72 28.77
C ARG D 31 -48.20 33.20 28.70
N PRO D 32 -47.03 32.61 28.92
CA PRO D 32 -46.92 31.14 28.83
C PRO D 32 -47.92 30.39 29.69
N GLU D 33 -48.22 30.87 30.90
CA GLU D 33 -49.00 30.06 31.83
C GLU D 33 -50.48 29.93 31.46
N THR D 34 -50.99 30.72 30.52
CA THR D 34 -52.37 30.57 30.06
C THR D 34 -52.48 30.16 28.61
N LEU D 35 -51.36 29.91 27.92
CA LEU D 35 -51.42 29.48 26.53
C LEU D 35 -51.87 28.04 26.44
N LYS D 36 -52.89 27.79 25.62
CA LYS D 36 -53.28 26.43 25.28
C LYS D 36 -52.26 25.85 24.31
N THR D 37 -51.69 24.71 24.66
CA THR D 37 -50.68 24.05 23.83
C THR D 37 -50.57 22.59 24.26
N ALA D 38 -50.19 21.72 23.32
CA ALA D 38 -49.94 20.34 23.69
C ALA D 38 -48.68 20.20 24.56
N THR D 39 -47.67 21.04 24.33
CA THR D 39 -46.44 20.99 25.13
C THR D 39 -45.88 22.40 25.29
N LEU D 40 -45.64 22.79 26.55
CA LEU D 40 -44.98 24.05 26.85
C LEU D 40 -43.55 23.74 27.26
N VAL D 41 -42.59 24.41 26.64
CA VAL D 41 -41.18 24.07 26.82
C VAL D 41 -40.52 25.18 27.61
N LEU D 42 -39.89 24.82 28.73
CA LEU D 42 -39.26 25.77 29.64
C LEU D 42 -37.82 25.39 29.88
N ALA D 43 -36.94 26.39 30.01
CA ALA D 43 -35.54 26.15 30.31
C ALA D 43 -35.30 26.09 31.81
N VAL D 44 -34.44 25.17 32.24
CA VAL D 44 -34.05 25.04 33.65
C VAL D 44 -32.53 25.11 33.74
N GLY D 45 -32.04 26.10 34.46
CA GLY D 45 -30.62 26.24 34.65
C GLY D 45 -30.09 25.24 35.67
N GLU D 46 -28.82 24.93 35.52
CA GLU D 46 -28.11 24.11 36.49
C GLU D 46 -27.68 25.02 37.63
N GLY D 47 -28.33 24.89 38.80
CA GLY D 47 -27.80 25.48 40.02
C GLY D 47 -27.87 27.00 40.17
N ARG D 48 -28.52 27.71 39.24
CA ARG D 48 -28.99 29.09 39.39
C ARG D 48 -30.51 28.99 39.49
N LYS D 49 -31.20 30.07 39.84
CA LYS D 49 -32.65 30.03 40.05
C LYS D 49 -33.40 30.03 38.73
N LEU D 50 -34.59 29.38 38.69
CA LEU D 50 -35.45 29.45 37.50
C LEU D 50 -35.59 30.87 36.96
N GLY D 51 -35.61 30.98 35.62
CA GLY D 51 -35.73 32.27 34.97
C GLY D 51 -37.15 32.82 34.99
N ALA D 52 -37.30 34.01 34.42
CA ALA D 52 -38.53 34.78 34.55
C ALA D 52 -39.76 33.96 34.11
N SER D 53 -39.74 33.44 32.87
CA SER D 53 -40.89 32.70 32.36
C SER D 53 -41.14 31.43 33.15
N ALA D 54 -40.08 30.67 33.43
CA ALA D 54 -40.24 29.41 34.17
C ALA D 54 -40.77 29.67 35.57
N LYS D 55 -40.31 30.73 36.23
CA LYS D 55 -40.84 31.07 37.56
C LYS D 55 -42.32 31.42 37.49
N ALA D 56 -42.73 32.16 36.44
CA ALA D 56 -44.15 32.49 36.30
C ALA D 56 -45.00 31.23 36.20
N VAL D 57 -44.56 30.24 35.42
CA VAL D 57 -45.34 29.03 35.24
C VAL D 57 -45.37 28.24 36.54
N ASP D 58 -44.24 28.16 37.23
CA ASP D 58 -44.18 27.42 38.49
C ASP D 58 -45.16 28.00 39.51
N ASP D 59 -45.15 29.32 39.68
CA ASP D 59 -46.11 29.98 40.55
C ASP D 59 -47.53 29.59 40.19
N ALA D 60 -47.89 29.75 38.91
CA ALA D 60 -49.25 29.43 38.48
C ALA D 60 -49.65 28.00 38.83
N THR D 61 -48.71 27.06 38.84
CA THR D 61 -49.01 25.71 39.31
C THR D 61 -48.95 25.59 40.82
N GLY D 62 -48.57 26.67 41.51
CA GLY D 62 -48.40 26.59 42.96
C GLY D 62 -47.20 25.79 43.38
N GLY D 63 -46.06 25.94 42.69
CA GLY D 63 -44.82 25.29 43.05
C GLY D 63 -44.69 23.84 42.64
N ALA D 64 -45.55 23.32 41.77
CA ALA D 64 -45.45 21.92 41.36
C ALA D 64 -44.14 21.65 40.61
N ILE D 65 -43.70 22.58 39.77
CA ILE D 65 -42.45 22.40 39.02
C ILE D 65 -41.27 22.42 39.99
N SER D 66 -41.19 23.46 40.83
CA SER D 66 -40.18 23.50 41.88
C SER D 66 -40.17 22.21 42.69
N ALA D 67 -41.35 21.72 43.04
CA ALA D 67 -41.43 20.48 43.82
C ALA D 67 -40.81 19.31 43.06
N VAL D 68 -41.10 19.20 41.76
CA VAL D 68 -40.51 18.11 40.98
C VAL D 68 -39.00 18.25 40.94
N LEU D 69 -38.52 19.43 40.54
CA LEU D 69 -37.08 19.67 40.39
C LEU D 69 -36.31 19.39 41.67
N LYS D 70 -36.95 19.51 42.84
CA LYS D 70 -36.24 19.31 44.09
C LYS D 70 -35.94 17.83 44.34
N ARG D 71 -36.74 16.91 43.76
CA ARG D 71 -36.42 15.50 43.83
C ARG D 71 -35.11 15.14 43.10
N GLY D 72 -34.59 16.03 42.27
CA GLY D 72 -33.23 15.87 41.77
C GLY D 72 -33.05 15.09 40.48
N ASP D 73 -34.13 14.76 39.77
CA ASP D 73 -33.97 13.94 38.57
C ASP D 73 -33.35 14.71 37.40
N LEU D 74 -33.41 16.04 37.39
CA LEU D 74 -32.90 16.85 36.28
C LEU D 74 -31.76 17.73 36.78
N ALA D 75 -30.52 17.36 36.44
CA ALA D 75 -29.36 18.13 36.91
C ALA D 75 -29.31 19.51 36.27
N GLY D 76 -29.89 19.66 35.08
CA GLY D 76 -29.89 20.94 34.39
C GLY D 76 -28.78 21.15 33.40
N LYS D 77 -28.00 20.11 33.08
CA LYS D 77 -26.97 20.25 32.07
C LYS D 77 -27.60 20.43 30.70
N VAL D 78 -26.90 21.16 29.83
CA VAL D 78 -27.42 21.52 28.52
C VAL D 78 -27.99 20.29 27.81
N GLY D 79 -29.26 20.36 27.41
CA GLY D 79 -29.91 19.32 26.64
C GLY D 79 -30.59 18.24 27.45
N GLN D 80 -30.36 18.16 28.77
CA GLN D 80 -31.10 17.22 29.58
C GLN D 80 -32.58 17.59 29.59
N THR D 81 -33.45 16.60 29.75
CA THR D 81 -34.88 16.87 29.68
C THR D 81 -35.63 16.16 30.80
N LEU D 82 -36.78 16.73 31.16
CA LEU D 82 -37.72 16.13 32.10
C LEU D 82 -39.13 16.50 31.64
N LEU D 83 -39.97 15.50 31.40
CA LEU D 83 -41.27 15.71 30.78
C LEU D 83 -42.39 15.47 31.80
N LEU D 84 -43.20 16.48 32.02
CA LEU D 84 -44.32 16.40 32.96
C LEU D 84 -45.63 16.37 32.19
N GLN D 85 -46.61 15.65 32.75
CA GLN D 85 -47.92 15.62 32.11
C GLN D 85 -48.73 16.85 32.49
N SER D 86 -49.99 16.67 32.87
CA SER D 86 -50.84 17.81 33.19
C SER D 86 -50.53 18.35 34.59
N LEU D 87 -50.39 19.67 34.69
CA LEU D 87 -50.08 20.33 35.95
C LEU D 87 -51.22 21.26 36.35
N PRO D 88 -51.40 21.50 37.64
CA PRO D 88 -52.56 22.30 38.08
C PRO D 88 -52.55 23.71 37.51
N ASN D 89 -53.71 24.13 37.01
CA ASN D 89 -53.98 25.49 36.55
C ASN D 89 -53.27 25.87 35.26
N LEU D 90 -52.74 24.89 34.53
CA LEU D 90 -52.11 25.18 33.25
C LEU D 90 -53.03 24.77 32.12
N LYS D 91 -52.92 25.48 31.01
CA LYS D 91 -53.63 25.11 29.78
C LYS D 91 -52.77 24.21 28.90
N ALA D 92 -51.53 23.93 29.32
CA ALA D 92 -50.63 23.05 28.59
C ALA D 92 -50.90 21.60 28.99
N GLU D 93 -51.13 20.73 27.99
CA GLU D 93 -51.27 19.31 28.30
C GLU D 93 -50.01 18.74 28.93
N ARG D 94 -48.84 19.25 28.55
CA ARG D 94 -47.55 18.73 29.03
C ARG D 94 -46.60 19.90 29.19
N VAL D 95 -45.65 19.77 30.11
CA VAL D 95 -44.57 20.73 30.28
C VAL D 95 -43.24 19.99 30.09
N LEU D 96 -42.43 20.48 29.14
CA LEU D 96 -41.11 19.92 28.87
C LEU D 96 -40.07 20.86 29.48
N LEU D 97 -39.29 20.33 30.42
CA LEU D 97 -38.18 21.07 31.02
C LEU D 97 -36.88 20.64 30.33
N VAL D 98 -36.09 21.62 29.88
CA VAL D 98 -34.82 21.34 29.22
C VAL D 98 -33.71 22.09 29.96
N GLY D 99 -32.62 21.38 30.28
CA GLY D 99 -31.50 21.98 30.99
C GLY D 99 -30.72 22.95 30.13
N ALA D 100 -30.29 24.05 30.74
CA ALA D 100 -29.58 25.11 30.04
C ALA D 100 -28.19 25.37 30.60
N GLY D 101 -27.66 24.45 31.41
CA GLY D 101 -26.31 24.62 31.91
C GLY D 101 -26.23 25.61 33.06
N LYS D 102 -24.99 25.94 33.42
CA LYS D 102 -24.75 26.83 34.55
C LYS D 102 -24.25 28.21 34.14
N GLU D 103 -23.83 28.41 32.90
CA GLU D 103 -23.38 29.71 32.45
C GLU D 103 -24.55 30.69 32.41
N ARG D 104 -24.23 31.98 32.34
CA ARG D 104 -25.27 32.98 32.12
C ARG D 104 -25.59 33.13 30.63
N GLU D 105 -24.58 32.99 29.77
CA GLU D 105 -24.73 32.97 28.33
C GLU D 105 -24.35 31.61 27.77
N LEU D 106 -25.08 31.17 26.75
CA LEU D 106 -24.72 29.97 25.98
C LEU D 106 -23.96 30.40 24.74
N GLY D 107 -23.04 29.54 24.31
CA GLY D 107 -22.48 29.68 22.99
C GLY D 107 -23.40 29.09 21.94
N ASP D 108 -23.05 29.35 20.67
CA ASP D 108 -23.85 28.87 19.55
C ASP D 108 -24.07 27.35 19.63
N ARG D 109 -23.00 26.60 19.94
CA ARG D 109 -23.10 25.15 19.93
C ARG D 109 -24.00 24.65 21.06
N GLN D 110 -23.95 25.29 22.23
CA GLN D 110 -24.85 24.88 23.29
C GLN D 110 -26.30 25.22 22.91
N TYR D 111 -26.53 26.38 22.29
CA TYR D 111 -27.89 26.77 21.90
C TYR D 111 -28.47 25.77 20.93
N ARG D 112 -27.72 25.39 19.89
CA ARG D 112 -28.18 24.37 18.95
C ARG D 112 -28.43 23.04 19.65
N LYS D 113 -27.54 22.66 20.57
CA LYS D 113 -27.72 21.39 21.24
C LYS D 113 -28.99 21.39 22.08
N LEU D 114 -29.26 22.51 22.76
CA LEU D 114 -30.51 22.64 23.51
C LEU D 114 -31.72 22.53 22.58
N ALA D 115 -31.71 23.31 21.48
CA ALA D 115 -32.79 23.27 20.52
C ALA D 115 -33.02 21.87 19.98
N SER D 116 -31.93 21.15 19.67
CA SER D 116 -32.03 19.81 19.08
C SER D 116 -32.57 18.80 20.09
N ALA D 117 -32.21 18.95 21.37
CA ALA D 117 -32.77 18.05 22.39
C ALA D 117 -34.27 18.26 22.53
N VAL D 118 -34.74 19.52 22.47
CA VAL D 118 -36.17 19.77 22.57
C VAL D 118 -36.89 19.15 21.38
N LEU D 119 -36.36 19.38 20.17
CA LEU D 119 -36.98 18.86 18.96
C LEU D 119 -37.04 17.34 18.98
N SER D 120 -35.96 16.68 19.42
CA SER D 120 -35.96 15.23 19.43
C SER D 120 -37.03 14.69 20.38
N THR D 121 -37.25 15.36 21.51
CA THR D 121 -38.36 14.98 22.38
C THR D 121 -39.71 15.21 21.68
N LEU D 122 -39.91 16.39 21.11
CA LEU D 122 -41.22 16.71 20.53
C LEU D 122 -41.58 15.76 19.39
N LYS D 123 -40.58 15.33 18.61
CA LYS D 123 -40.82 14.42 17.49
C LYS D 123 -41.44 13.10 17.95
N GLY D 124 -41.06 12.64 19.13
CA GLY D 124 -41.61 11.39 19.64
C GLY D 124 -42.96 11.49 20.31
N LEU D 125 -43.45 12.72 20.56
CA LEU D 125 -44.73 12.92 21.22
C LEU D 125 -45.86 12.99 20.20
N ALA D 126 -47.07 12.68 20.67
CA ALA D 126 -48.26 12.81 19.84
C ALA D 126 -48.87 14.21 19.91
N GLY D 127 -48.17 15.17 20.50
CA GLY D 127 -48.68 16.53 20.56
C GLY D 127 -48.66 17.19 19.18
N ALA D 128 -49.75 17.90 18.87
CA ALA D 128 -49.87 18.52 17.56
C ALA D 128 -49.15 19.84 17.45
N ASP D 129 -48.73 20.43 18.58
CA ASP D 129 -48.01 21.70 18.57
C ASP D 129 -47.15 21.79 19.83
N ALA D 130 -46.27 22.78 19.86
CA ALA D 130 -45.56 23.05 21.09
C ALA D 130 -45.23 24.53 21.13
N ALA D 131 -45.13 25.05 22.34
CA ALA D 131 -44.83 26.46 22.58
C ALA D 131 -43.49 26.55 23.31
N LEU D 132 -42.55 27.32 22.76
CA LEU D 132 -41.21 27.45 23.32
C LEU D 132 -41.12 28.77 24.08
N ALA D 133 -41.03 28.67 25.40
CA ALA D 133 -40.87 29.82 26.29
C ALA D 133 -39.39 29.97 26.68
N LEU D 134 -38.57 30.23 25.66
CA LEU D 134 -37.12 30.23 25.81
C LEU D 134 -36.52 31.63 25.72
N GLY D 135 -37.35 32.67 25.86
CA GLY D 135 -36.85 34.03 25.65
C GLY D 135 -35.81 34.45 26.67
N ASP D 136 -35.83 33.83 27.85
CA ASP D 136 -34.88 34.20 28.90
C ASP D 136 -33.46 33.68 28.63
N LEU D 137 -33.28 32.72 27.73
CA LEU D 137 -31.94 32.25 27.38
C LEU D 137 -31.11 33.39 26.77
N ALA D 138 -29.85 33.46 27.17
CA ALA D 138 -28.91 34.40 26.59
C ALA D 138 -27.87 33.62 25.79
N VAL D 139 -27.52 34.13 24.62
CA VAL D 139 -26.54 33.50 23.75
C VAL D 139 -25.46 34.52 23.42
N LYS D 140 -24.20 34.11 23.52
CA LYS D 140 -23.10 35.06 23.47
C LYS D 140 -23.12 35.83 22.16
N GLY D 141 -23.27 37.15 22.25
CA GLY D 141 -23.18 38.00 21.08
C GLY D 141 -24.42 38.09 20.20
N ARG D 142 -25.56 37.55 20.62
CA ARG D 142 -26.74 37.46 19.77
C ARG D 142 -27.91 38.20 20.40
N GLY D 143 -28.45 39.21 19.69
CA GLY D 143 -29.70 39.83 20.08
C GLY D 143 -30.90 38.94 19.76
N ALA D 144 -32.08 39.55 19.83
CA ALA D 144 -33.32 38.80 19.59
C ALA D 144 -33.37 38.24 18.17
N HIS D 145 -32.94 39.03 17.18
CA HIS D 145 -32.99 38.57 15.80
C HIS D 145 -31.97 37.47 15.55
N ALA D 146 -30.74 37.66 16.04
CA ALA D 146 -29.70 36.69 15.77
C ALA D 146 -29.99 35.36 16.45
N LYS D 147 -30.60 35.40 17.64
CA LYS D 147 -30.99 34.16 18.30
C LYS D 147 -32.08 33.43 17.53
N ALA D 148 -33.08 34.17 17.03
CA ALA D 148 -34.17 33.52 16.31
C ALA D 148 -33.66 32.89 15.02
N ARG D 149 -32.77 33.59 14.31
CA ARG D 149 -32.14 32.99 13.13
C ARG D 149 -31.51 31.63 13.47
N LEU D 150 -30.70 31.60 14.52
CA LEU D 150 -30.04 30.35 14.92
C LEU D 150 -31.07 29.31 15.37
N LEU D 151 -31.98 29.70 16.27
CA LEU D 151 -32.92 28.73 16.83
C LEU D 151 -33.83 28.16 15.75
N VAL D 152 -34.35 29.01 14.87
CA VAL D 152 -35.37 28.53 13.94
C VAL D 152 -34.73 27.69 12.84
N GLU D 153 -33.53 28.08 12.41
CA GLU D 153 -32.91 27.29 11.35
C GLU D 153 -32.52 25.91 11.89
N THR D 154 -32.13 25.82 13.16
CA THR D 154 -31.79 24.52 13.75
C THR D 154 -33.03 23.63 13.82
N LEU D 155 -34.15 24.21 14.25
CA LEU D 155 -35.40 23.47 14.36
C LEU D 155 -35.91 23.04 12.99
N ALA D 156 -35.98 23.97 12.04
CA ALA D 156 -36.54 23.64 10.74
C ALA D 156 -35.64 22.65 10.01
N ASP D 157 -34.32 22.87 10.03
CA ASP D 157 -33.45 21.89 9.38
C ASP D 157 -33.47 20.55 10.11
N GLY D 158 -33.68 20.55 11.43
CA GLY D 158 -33.77 19.29 12.14
C GLY D 158 -34.94 18.41 11.73
N LEU D 159 -35.94 18.98 11.05
CA LEU D 159 -37.09 18.22 10.61
C LEU D 159 -36.87 17.55 9.26
N TYR D 160 -35.74 17.82 8.60
CA TYR D 160 -35.47 17.24 7.29
C TYR D 160 -35.54 15.72 7.35
N VAL D 161 -36.17 15.13 6.33
CA VAL D 161 -36.26 13.68 6.17
C VAL D 161 -36.01 13.36 4.70
N PHE D 162 -35.17 12.36 4.44
CA PHE D 162 -34.95 11.84 3.10
C PHE D 162 -35.24 10.36 3.15
N ASP D 163 -36.30 9.92 2.48
CA ASP D 163 -36.68 8.51 2.56
C ASP D 163 -37.30 7.99 1.27
N ARG D 164 -37.01 8.60 0.13
CA ARG D 164 -37.79 8.26 -1.06
CA ARG D 164 -37.71 8.29 -1.11
C ARG D 164 -37.46 6.86 -1.58
N TYR D 165 -36.27 6.30 -1.30
CA TYR D 165 -36.00 4.93 -1.73
C TYR D 165 -36.18 3.91 -0.62
N LYS D 166 -36.75 4.30 0.52
CA LYS D 166 -37.05 3.35 1.57
C LYS D 166 -38.44 2.79 1.33
N SER D 167 -38.58 1.46 1.31
CA SER D 167 -39.92 0.88 1.17
C SER D 167 -40.77 1.19 2.42
N GLN D 168 -40.18 1.11 3.60
CA GLN D 168 -40.84 1.46 4.85
C GLN D 168 -40.53 2.91 5.18
N LYS D 169 -41.48 3.81 4.90
CA LYS D 169 -41.31 5.23 5.21
C LYS D 169 -41.54 5.49 6.69
N ALA D 170 -41.12 6.68 7.13
CA ALA D 170 -41.30 7.06 8.52
C ALA D 170 -42.74 7.48 8.77
N GLU D 171 -43.27 7.09 9.94
CA GLU D 171 -44.58 7.58 10.40
C GLU D 171 -44.58 9.11 10.44
N PRO D 172 -45.58 9.76 9.87
CA PRO D 172 -45.64 11.22 9.91
C PRO D 172 -45.59 11.74 11.34
N LEU D 173 -45.01 12.92 11.52
CA LEU D 173 -44.98 13.56 12.84
C LEU D 173 -46.37 14.10 13.18
N LYS D 174 -46.74 14.01 14.46
CA LYS D 174 -47.90 14.74 14.94
C LYS D 174 -47.61 16.22 15.08
N LEU D 175 -46.38 16.59 15.44
CA LEU D 175 -46.02 17.99 15.61
C LEU D 175 -46.13 18.74 14.28
N LYS D 176 -47.00 19.77 14.25
CA LYS D 176 -47.19 20.56 13.03
C LYS D 176 -47.07 22.05 13.26
N LYS D 177 -46.88 22.50 14.49
CA LYS D 177 -46.86 23.91 14.80
C LYS D 177 -45.89 24.14 15.94
N LEU D 178 -45.06 25.18 15.80
CA LEU D 178 -44.15 25.63 16.85
C LEU D 178 -44.37 27.11 17.08
N THR D 179 -44.57 27.49 18.34
CA THR D 179 -44.76 28.87 18.74
C THR D 179 -43.56 29.36 19.53
N LEU D 180 -42.95 30.44 19.06
CA LEU D 180 -41.91 31.16 19.79
C LEU D 180 -42.58 32.26 20.62
N LEU D 181 -42.52 32.13 21.95
CA LEU D 181 -43.01 33.18 22.83
C LEU D 181 -41.93 34.25 23.00
N ALA D 182 -42.30 35.50 22.78
CA ALA D 182 -41.35 36.61 22.86
C ALA D 182 -42.02 37.84 23.46
N ASP D 183 -41.19 38.69 24.05
CA ASP D 183 -41.69 39.98 24.56
C ASP D 183 -42.14 40.86 23.40
N LYS D 184 -43.24 41.58 23.63
CA LYS D 184 -43.74 42.51 22.63
C LYS D 184 -42.64 43.36 22.05
N ALA D 185 -41.66 43.75 22.88
CA ALA D 185 -40.59 44.61 22.41
C ALA D 185 -39.72 43.89 21.38
N ASP D 186 -39.61 42.58 21.47
CA ASP D 186 -38.70 41.81 20.62
C ASP D 186 -39.39 41.09 19.48
N SER D 187 -40.72 40.98 19.51
CA SER D 187 -41.40 40.07 18.60
C SER D 187 -41.12 40.40 17.14
N ALA D 188 -40.97 41.69 16.81
CA ALA D 188 -40.72 42.02 15.42
C ALA D 188 -39.38 41.45 14.95
N ALA D 189 -38.35 41.58 15.79
CA ALA D 189 -37.04 41.03 15.48
C ALA D 189 -37.08 39.51 15.42
N VAL D 190 -37.77 38.88 16.38
CA VAL D 190 -37.90 37.43 16.37
C VAL D 190 -38.63 36.95 15.12
N GLU D 191 -39.68 37.69 14.72
CA GLU D 191 -40.46 37.30 13.56
C GLU D 191 -39.65 37.42 12.26
N GLN D 192 -38.81 38.45 12.15
CA GLN D 192 -37.98 38.58 10.96
C GLN D 192 -36.89 37.51 10.91
N GLY D 193 -36.28 37.20 12.05
CA GLY D 193 -35.31 36.12 12.07
C GLY D 193 -35.94 34.76 11.73
N SER D 194 -37.14 34.52 12.26
CA SER D 194 -37.83 33.28 11.93
C SER D 194 -38.15 33.21 10.44
N LYS D 195 -38.61 34.32 9.87
CA LYS D 195 -38.92 34.38 8.45
C LYS D 195 -37.68 34.03 7.62
N GLU D 196 -36.55 34.65 7.95
CA GLU D 196 -35.33 34.38 7.20
C GLU D 196 -34.84 32.96 7.44
N ALA D 197 -34.94 32.47 8.69
CA ALA D 197 -34.50 31.12 8.99
C ALA D 197 -35.29 30.08 8.21
N GLN D 198 -36.60 30.28 8.04
CA GLN D 198 -37.42 29.32 7.30
C GLN D 198 -37.03 29.27 5.83
N ALA D 199 -36.78 30.44 5.22
CA ALA D 199 -36.32 30.46 3.83
C ALA D 199 -34.99 29.72 3.67
N ILE D 200 -34.06 29.93 4.61
CA ILE D 200 -32.76 29.25 4.53
C ILE D 200 -32.92 27.75 4.67
N ALA D 201 -33.69 27.31 5.67
CA ALA D 201 -33.92 25.88 5.88
C ALA D 201 -34.63 25.25 4.68
N ASN D 202 -35.55 25.99 4.05
CA ASN D 202 -36.17 25.48 2.83
C ASN D 202 -35.16 25.29 1.71
N GLY D 203 -34.23 26.26 1.56
CA GLY D 203 -33.20 26.09 0.54
C GLY D 203 -32.28 24.92 0.86
N MET D 204 -31.90 24.78 2.13
CA MET D 204 -31.09 23.66 2.58
C MET D 204 -31.74 22.33 2.24
N ALA D 205 -33.08 22.24 2.40
CA ALA D 205 -33.76 20.97 2.18
C ALA D 205 -33.68 20.56 0.72
N LEU D 206 -33.79 21.54 -0.19
CA LEU D 206 -33.59 21.26 -1.61
C LEU D 206 -32.15 20.85 -1.87
N THR D 207 -31.19 21.55 -1.27
CA THR D 207 -29.79 21.17 -1.44
C THR D 207 -29.54 19.75 -0.93
N ARG D 208 -30.04 19.44 0.27
CA ARG D 208 -29.83 18.12 0.84
C ARG D 208 -30.48 17.04 -0.03
N ASP D 209 -31.68 17.30 -0.56
CA ASP D 209 -32.33 16.34 -1.44
C ASP D 209 -31.46 16.02 -2.65
N LEU D 210 -31.00 17.07 -3.34
CA LEU D 210 -30.19 16.86 -4.55
C LEU D 210 -28.88 16.14 -4.23
N GLY D 211 -28.22 16.51 -3.14
CA GLY D 211 -27.00 15.82 -2.76
C GLY D 211 -27.21 14.35 -2.41
N ASN D 212 -28.35 14.04 -1.76
CA ASN D 212 -28.59 12.69 -1.28
C ASN D 212 -29.05 11.73 -2.37
N LEU D 213 -29.50 12.23 -3.51
CA LEU D 213 -30.00 11.36 -4.56
C LEU D 213 -28.87 10.50 -5.12
N PRO D 214 -29.16 9.24 -5.51
CA PRO D 214 -28.11 8.39 -6.03
C PRO D 214 -27.66 8.87 -7.40
N PRO D 215 -26.41 8.60 -7.79
CA PRO D 215 -25.90 9.22 -9.03
C PRO D 215 -26.52 8.67 -10.31
N ASN D 216 -27.13 7.48 -10.28
CA ASN D 216 -27.81 6.98 -11.46
C ASN D 216 -29.11 7.74 -11.75
N VAL D 217 -29.68 8.40 -10.74
CA VAL D 217 -30.84 9.28 -10.93
C VAL D 217 -30.42 10.73 -11.13
N CYS D 218 -29.52 11.23 -10.27
CA CYS D 218 -29.17 12.65 -10.26
C CYS D 218 -27.94 12.87 -11.15
N HIS D 219 -28.20 12.96 -12.45
CA HIS D 219 -27.15 13.22 -13.43
C HIS D 219 -27.35 14.64 -13.99
N PRO D 220 -26.44 15.11 -14.85
CA PRO D 220 -26.54 16.52 -15.30
C PRO D 220 -27.87 16.87 -15.96
N THR D 221 -28.42 15.97 -16.79
CA THR D 221 -29.70 16.24 -17.44
C THR D 221 -30.81 16.42 -16.40
N PHE D 222 -30.85 15.51 -15.41
CA PHE D 222 -31.80 15.62 -14.30
C PHE D 222 -31.67 16.97 -13.59
N LEU D 223 -30.46 17.42 -13.33
CA LEU D 223 -30.28 18.71 -12.67
C LEU D 223 -30.83 19.83 -13.55
N GLY D 224 -30.65 19.73 -14.87
CA GLY D 224 -31.24 20.72 -15.74
C GLY D 224 -32.75 20.76 -15.62
N GLU D 225 -33.40 19.59 -15.61
N GLU D 225 -33.39 19.59 -15.63
CA GLU D 225 -34.85 19.58 -15.48
CA GLU D 225 -34.83 19.51 -15.46
C GLU D 225 -35.29 20.09 -14.11
C GLU D 225 -35.27 20.09 -14.13
N GLN D 226 -34.45 19.92 -13.09
CA GLN D 226 -34.79 20.45 -11.77
C GLN D 226 -34.76 21.98 -11.77
N ALA D 227 -33.80 22.58 -12.49
CA ALA D 227 -33.81 24.02 -12.65
C ALA D 227 -35.08 24.51 -13.35
N LYS D 228 -35.50 23.82 -14.40
CA LYS D 228 -36.73 24.21 -15.09
C LYS D 228 -37.94 24.09 -14.18
N GLY D 229 -37.95 23.08 -13.30
CA GLY D 229 -39.03 22.95 -12.33
C GLY D 229 -39.03 24.10 -11.34
N LEU D 230 -37.85 24.55 -10.92
CA LEU D 230 -37.76 25.69 -10.01
C LEU D 230 -38.32 26.96 -10.65
N ALA D 231 -38.12 27.14 -11.97
CA ALA D 231 -38.71 28.27 -12.65
C ALA D 231 -40.24 28.17 -12.75
N LYS D 232 -40.78 26.96 -12.83
CA LYS D 232 -42.23 26.78 -12.79
C LYS D 232 -42.80 27.27 -11.47
N GLU D 233 -42.14 26.92 -10.36
CA GLU D 233 -42.57 27.35 -9.03
C GLU D 233 -42.43 28.85 -8.82
N PHE D 234 -41.38 29.46 -9.38
CA PHE D 234 -41.05 30.87 -9.10
C PHE D 234 -40.95 31.65 -10.41
N LYS D 235 -42.02 32.40 -10.73
CA LYS D 235 -42.07 33.20 -11.96
C LYS D 235 -40.96 34.23 -12.04
N SER D 236 -40.38 34.62 -10.89
CA SER D 236 -39.28 35.58 -10.90
C SER D 236 -37.99 34.97 -11.44
N LEU D 237 -37.89 33.65 -11.52
CA LEU D 237 -36.65 33.00 -11.92
C LEU D 237 -36.65 32.71 -13.42
N LYS D 238 -35.52 32.97 -14.07
CA LYS D 238 -35.36 32.62 -15.48
C LYS D 238 -34.23 31.61 -15.58
N VAL D 239 -34.43 30.56 -16.37
CA VAL D 239 -33.51 29.44 -16.46
C VAL D 239 -33.16 29.18 -17.92
N GLU D 240 -31.90 28.82 -18.15
CA GLU D 240 -31.39 28.44 -19.45
C GLU D 240 -30.41 27.28 -19.28
N VAL D 241 -30.59 26.21 -20.07
CA VAL D 241 -29.76 25.01 -19.96
C VAL D 241 -29.00 24.81 -21.26
N LEU D 242 -27.67 24.88 -21.20
CA LEU D 242 -26.79 24.65 -22.35
C LEU D 242 -26.29 23.20 -22.39
N ASP D 243 -26.40 22.57 -23.56
CA ASP D 243 -25.97 21.20 -23.79
C ASP D 243 -24.56 21.16 -24.39
N GLU D 244 -24.12 19.96 -24.79
CA GLU D 244 -22.73 19.78 -25.21
C GLU D 244 -22.41 20.57 -26.46
N LYS D 245 -23.35 20.60 -27.42
CA LYS D 245 -23.10 21.32 -28.67
C LYS D 245 -22.89 22.82 -28.41
N LYS D 246 -23.69 23.40 -27.50
CA LYS D 246 -23.49 24.80 -27.17
C LYS D 246 -22.17 25.01 -26.43
N LEU D 247 -21.81 24.10 -25.52
CA LEU D 247 -20.52 24.24 -24.83
C LEU D 247 -19.36 24.27 -25.81
N ARG D 248 -19.44 23.50 -26.89
CA ARG D 248 -18.33 23.45 -27.83
C ARG D 248 -18.31 24.69 -28.71
N GLU D 249 -19.47 25.20 -29.09
CA GLU D 249 -19.51 26.50 -29.75
C GLU D 249 -18.87 27.58 -28.87
N LEU D 250 -19.18 27.59 -27.57
CA LEU D 250 -18.53 28.54 -26.67
C LEU D 250 -17.05 28.24 -26.45
N GLY D 251 -16.58 27.05 -26.81
CA GLY D 251 -15.17 26.73 -26.69
C GLY D 251 -14.69 26.31 -25.32
N MET D 252 -15.55 25.72 -24.49
CA MET D 252 -15.07 25.28 -23.17
C MET D 252 -14.45 23.88 -23.25
N GLY D 253 -13.21 23.85 -23.77
CA GLY D 253 -12.52 22.59 -23.99
C GLY D 253 -12.20 21.84 -22.71
N SER D 254 -11.98 22.58 -21.62
CA SER D 254 -11.66 21.98 -20.33
C SER D 254 -12.91 21.33 -19.71
N PHE D 255 -14.03 22.04 -19.73
CA PHE D 255 -15.32 21.48 -19.35
C PHE D 255 -15.63 20.21 -20.14
N LEU D 256 -15.51 20.28 -21.47
CA LEU D 256 -15.82 19.13 -22.33
C LEU D 256 -14.88 17.95 -22.06
N ALA D 257 -13.61 18.22 -21.77
CA ALA D 257 -12.66 17.14 -21.50
C ALA D 257 -13.10 16.31 -20.29
N VAL D 258 -13.61 16.97 -19.25
CA VAL D 258 -14.07 16.24 -18.08
C VAL D 258 -15.23 15.34 -18.46
N ALA D 259 -16.16 15.84 -19.28
CA ALA D 259 -17.40 15.14 -19.58
C ALA D 259 -17.25 14.00 -20.58
N GLN D 260 -16.18 13.97 -21.39
CA GLN D 260 -16.22 13.12 -22.56
C GLN D 260 -16.16 11.64 -22.23
N GLY D 261 -15.64 11.27 -21.06
CA GLY D 261 -15.56 9.85 -20.74
C GLY D 261 -16.90 9.20 -20.43
N SER D 262 -17.92 9.98 -20.14
CA SER D 262 -19.19 9.47 -19.62
C SER D 262 -20.24 9.36 -20.72
N ASP D 263 -21.12 8.37 -20.58
CA ASP D 263 -22.32 8.29 -21.42
C ASP D 263 -23.30 9.45 -21.14
N GLN D 264 -23.24 10.05 -19.95
CA GLN D 264 -24.15 11.14 -19.59
C GLN D 264 -23.64 12.47 -20.15
N PRO D 265 -24.43 13.17 -20.97
CA PRO D 265 -23.98 14.46 -21.50
C PRO D 265 -23.85 15.50 -20.39
N PRO D 266 -22.99 16.49 -20.56
CA PRO D 266 -22.88 17.58 -19.58
C PRO D 266 -23.98 18.63 -19.78
N ARG D 267 -24.11 19.50 -18.77
CA ARG D 267 -25.05 20.63 -18.80
C ARG D 267 -24.41 21.83 -18.12
N LEU D 268 -24.57 23.02 -18.71
CA LEU D 268 -24.31 24.29 -18.04
C LEU D 268 -25.65 24.96 -17.77
N ILE D 269 -26.00 25.11 -16.49
CA ILE D 269 -27.31 25.63 -16.10
C ILE D 269 -27.14 27.07 -15.67
N ILE D 270 -27.90 27.98 -16.27
CA ILE D 270 -27.86 29.42 -15.96
C ILE D 270 -29.17 29.83 -15.30
N LEU D 271 -29.09 30.29 -14.05
CA LEU D 271 -30.21 30.85 -13.31
C LEU D 271 -30.05 32.36 -13.19
N GLN D 272 -31.14 33.10 -13.42
CA GLN D 272 -31.11 34.57 -13.31
C GLN D 272 -32.34 35.06 -12.55
N TYR D 273 -32.09 35.99 -11.63
CA TYR D 273 -33.12 36.60 -10.80
C TYR D 273 -32.81 38.07 -10.68
N ASN D 274 -33.73 38.92 -11.12
CA ASN D 274 -33.50 40.37 -11.17
C ASN D 274 -34.45 41.04 -10.18
N GLY D 275 -34.08 41.01 -8.91
CA GLY D 275 -34.86 41.63 -7.85
C GLY D 275 -34.55 43.08 -7.57
N ALA D 276 -33.59 43.67 -8.28
CA ALA D 276 -33.17 45.04 -8.07
C ALA D 276 -33.23 45.79 -9.40
N LYS D 277 -32.85 47.07 -9.37
CA LYS D 277 -32.87 47.92 -10.57
C LYS D 277 -31.97 47.33 -11.65
N LYS D 278 -32.32 47.60 -12.91
CA LYS D 278 -31.52 47.11 -14.02
C LYS D 278 -30.10 47.67 -14.03
N ASP D 279 -29.81 48.70 -13.26
CA ASP D 279 -28.46 49.24 -13.22
C ASP D 279 -27.60 48.66 -12.11
N GLN D 280 -28.10 47.66 -11.37
CA GLN D 280 -27.36 47.03 -10.29
C GLN D 280 -26.58 45.86 -10.87
N ALA D 281 -25.25 45.89 -10.73
CA ALA D 281 -24.44 44.76 -11.17
C ALA D 281 -24.84 43.50 -10.37
N PRO D 282 -24.91 42.33 -11.02
CA PRO D 282 -25.33 41.13 -10.32
C PRO D 282 -24.22 40.51 -9.47
N HIS D 283 -24.64 39.66 -8.54
CA HIS D 283 -23.76 38.72 -7.87
C HIS D 283 -23.88 37.36 -8.55
N VAL D 284 -22.75 36.70 -8.76
CA VAL D 284 -22.70 35.42 -9.49
C VAL D 284 -22.24 34.31 -8.55
N LEU D 285 -23.02 33.25 -8.47
CA LEU D 285 -22.69 32.02 -7.75
C LEU D 285 -22.40 30.91 -8.76
N VAL D 286 -21.18 30.36 -8.72
CA VAL D 286 -20.70 29.32 -9.61
C VAL D 286 -20.54 28.02 -8.82
N GLY D 287 -21.24 26.97 -9.24
CA GLY D 287 -21.29 25.73 -8.47
C GLY D 287 -20.71 24.55 -9.23
N LYS D 288 -19.84 23.79 -8.56
CA LYS D 288 -19.31 22.58 -9.15
C LYS D 288 -20.40 21.49 -9.13
N GLY D 289 -20.78 21.01 -10.32
CA GLY D 289 -21.83 19.99 -10.40
C GLY D 289 -21.37 18.66 -10.94
N ILE D 290 -20.33 18.05 -10.36
CA ILE D 290 -19.89 16.72 -10.77
C ILE D 290 -20.84 15.69 -10.12
N THR D 291 -21.76 15.14 -10.92
CA THR D 291 -22.80 14.28 -10.36
C THR D 291 -22.25 12.93 -9.89
N PHE D 292 -21.13 12.47 -10.44
CA PHE D 292 -20.35 11.43 -9.78
C PHE D 292 -18.89 11.54 -10.21
N ASP D 293 -18.00 11.38 -9.25
CA ASP D 293 -16.56 11.50 -9.48
C ASP D 293 -15.91 10.14 -9.23
N THR D 294 -15.66 9.37 -10.30
CA THR D 294 -14.87 8.16 -10.17
C THR D 294 -13.37 8.45 -10.17
N GLY D 295 -12.98 9.67 -10.53
CA GLY D 295 -11.62 10.00 -10.80
C GLY D 295 -11.25 9.91 -12.28
N GLY D 296 -12.02 9.18 -13.08
CA GLY D 296 -11.67 8.98 -14.48
C GLY D 296 -10.56 7.93 -14.65
N ILE D 297 -9.70 8.15 -15.63
CA ILE D 297 -8.57 7.24 -15.83
C ILE D 297 -7.69 7.22 -14.59
N SER D 298 -7.51 8.38 -13.93
CA SER D 298 -6.87 8.50 -12.62
C SER D 298 -7.87 8.04 -11.55
N LEU D 299 -8.20 6.75 -11.63
CA LEU D 299 -9.33 6.19 -10.92
C LEU D 299 -9.13 6.21 -9.40
N LYS D 300 -10.20 6.54 -8.66
CA LYS D 300 -10.18 6.49 -7.20
C LYS D 300 -10.13 5.04 -6.69
N PRO D 301 -9.67 4.83 -5.45
CA PRO D 301 -9.88 3.52 -4.81
C PRO D 301 -11.36 3.27 -4.53
N GLY D 302 -11.69 1.99 -4.34
CA GLY D 302 -13.09 1.63 -4.13
C GLY D 302 -13.66 2.07 -2.80
N LEU D 303 -12.87 2.05 -1.73
CA LEU D 303 -13.37 2.30 -0.38
C LEU D 303 -14.01 3.68 -0.27
N GLY D 304 -15.27 3.73 0.17
CA GLY D 304 -15.99 4.98 0.31
C GLY D 304 -16.26 5.76 -0.96
N MET D 305 -16.10 5.16 -2.15
CA MET D 305 -16.38 5.93 -3.36
C MET D 305 -17.86 6.32 -3.49
N ASP D 306 -18.77 5.63 -2.80
CA ASP D 306 -20.18 6.03 -2.88
C ASP D 306 -20.37 7.50 -2.46
N GLU D 307 -19.44 8.08 -1.70
CA GLU D 307 -19.62 9.47 -1.20
C GLU D 307 -19.34 10.51 -2.30
N MET D 308 -18.92 10.07 -3.48
CA MET D 308 -18.64 10.97 -4.62
C MET D 308 -19.95 11.37 -5.30
N LYS D 309 -21.08 10.88 -4.79
CA LYS D 309 -22.40 11.35 -5.25
C LYS D 309 -22.59 12.76 -4.68
N PHE D 310 -21.87 13.07 -3.60
CA PHE D 310 -21.97 14.40 -3.01
C PHE D 310 -21.08 15.40 -3.73
N ASP D 311 -20.41 14.97 -4.80
CA ASP D 311 -19.49 15.86 -5.51
C ASP D 311 -20.21 16.94 -6.32
N MET D 312 -21.54 17.01 -6.25
CA MET D 312 -22.23 18.09 -6.92
C MET D 312 -22.86 19.02 -5.88
N CYS D 313 -22.41 18.93 -4.62
CA CYS D 313 -23.05 19.70 -3.56
C CYS D 313 -22.78 21.19 -3.72
N GLY D 314 -21.74 21.55 -4.47
CA GLY D 314 -21.51 22.96 -4.79
C GLY D 314 -22.65 23.52 -5.63
N ALA D 315 -22.93 22.88 -6.77
CA ALA D 315 -24.10 23.24 -7.56
C ALA D 315 -25.40 23.13 -6.74
N ALA D 316 -25.55 22.06 -5.96
CA ALA D 316 -26.76 21.96 -5.15
C ALA D 316 -26.93 23.18 -4.25
N SER D 317 -25.83 23.70 -3.69
CA SER D 317 -25.96 24.81 -2.78
C SER D 317 -26.34 26.11 -3.51
N VAL D 318 -26.09 26.20 -4.82
CA VAL D 318 -26.57 27.33 -5.60
C VAL D 318 -28.09 27.22 -5.78
N PHE D 319 -28.58 26.03 -6.10
CA PHE D 319 -30.01 25.75 -6.06
C PHE D 319 -30.64 26.22 -4.75
N GLY D 320 -30.06 25.80 -3.63
CA GLY D 320 -30.65 26.11 -2.33
C GLY D 320 -30.62 27.59 -2.01
N THR D 321 -29.52 28.27 -2.36
CA THR D 321 -29.45 29.71 -2.12
C THR D 321 -30.49 30.45 -2.96
N PHE D 322 -30.60 30.12 -4.24
CA PHE D 322 -31.66 30.69 -5.05
C PHE D 322 -33.02 30.44 -4.43
N ARG D 323 -33.28 29.21 -3.98
CA ARG D 323 -34.57 28.88 -3.39
C ARG D 323 -34.89 29.79 -2.20
N ALA D 324 -33.89 30.03 -1.35
CA ALA D 324 -34.08 30.93 -0.21
C ALA D 324 -34.30 32.37 -0.66
N VAL D 325 -33.49 32.86 -1.61
CA VAL D 325 -33.62 34.23 -2.09
C VAL D 325 -34.97 34.46 -2.77
N LEU D 326 -35.48 33.47 -3.50
CA LEU D 326 -36.73 33.62 -4.21
C LEU D 326 -37.91 33.64 -3.25
N GLU D 327 -37.85 32.86 -2.17
CA GLU D 327 -38.88 32.91 -1.15
C GLU D 327 -38.94 34.31 -0.52
N LEU D 328 -37.77 34.86 -0.20
CA LEU D 328 -37.65 36.16 0.46
C LEU D 328 -37.79 37.32 -0.51
N GLN D 329 -37.76 37.08 -1.81
CA GLN D 329 -37.79 38.12 -2.83
C GLN D 329 -36.86 39.29 -2.46
N LEU D 330 -35.60 38.96 -2.21
CA LEU D 330 -34.61 39.98 -1.89
C LEU D 330 -34.43 40.95 -3.06
N PRO D 331 -34.24 42.24 -2.78
CA PRO D 331 -33.93 43.21 -3.87
C PRO D 331 -32.45 43.17 -4.27
N ILE D 332 -32.06 42.12 -5.01
CA ILE D 332 -30.73 42.04 -5.60
C ILE D 332 -30.83 41.33 -6.94
N ASN D 333 -29.79 41.46 -7.75
CA ASN D 333 -29.71 40.75 -9.01
C ASN D 333 -28.71 39.60 -8.83
N LEU D 334 -29.16 38.37 -9.11
CA LEU D 334 -28.40 37.17 -8.80
C LEU D 334 -28.32 36.26 -10.02
N VAL D 335 -27.14 35.70 -10.25
CA VAL D 335 -26.91 34.76 -11.34
C VAL D 335 -26.32 33.47 -10.79
N GLY D 336 -26.82 32.33 -11.27
CA GLY D 336 -26.29 31.02 -10.91
C GLY D 336 -25.74 30.31 -12.14
N LEU D 337 -24.52 29.76 -12.00
CA LEU D 337 -23.89 28.96 -13.05
C LEU D 337 -23.51 27.61 -12.45
N LEU D 338 -24.16 26.55 -12.91
CA LEU D 338 -23.93 25.20 -12.41
C LEU D 338 -23.28 24.42 -13.54
N ALA D 339 -22.00 24.07 -13.36
CA ALA D 339 -21.21 23.35 -14.35
C ALA D 339 -21.30 21.88 -13.99
N CYS D 340 -22.08 21.11 -14.77
CA CYS D 340 -22.49 19.76 -14.39
C CYS D 340 -21.96 18.75 -15.40
N ALA D 341 -21.39 17.66 -14.88
CA ALA D 341 -20.79 16.62 -15.70
C ALA D 341 -20.56 15.41 -14.81
N GLU D 342 -20.32 14.26 -15.42
CA GLU D 342 -20.02 13.05 -14.67
C GLU D 342 -18.64 12.58 -15.12
N ASN D 343 -17.78 12.21 -14.18
CA ASN D 343 -16.37 11.86 -14.44
C ASN D 343 -16.20 10.32 -14.39
N MET D 344 -15.97 9.70 -15.56
CA MET D 344 -16.16 8.25 -15.74
C MET D 344 -14.96 7.76 -16.52
N PRO D 345 -14.44 6.56 -16.24
CA PRO D 345 -13.44 5.98 -17.15
C PRO D 345 -14.13 5.33 -18.34
N SER D 346 -13.44 5.35 -19.49
CA SER D 346 -13.97 4.75 -20.70
C SER D 346 -12.88 4.77 -21.76
N GLY D 347 -13.16 4.14 -22.91
CA GLY D 347 -12.22 4.13 -24.03
C GLY D 347 -12.10 5.44 -24.76
N GLY D 348 -12.94 6.41 -24.43
CA GLY D 348 -12.83 7.74 -24.99
C GLY D 348 -12.57 8.80 -23.93
N ALA D 349 -12.20 8.39 -22.72
CA ALA D 349 -12.06 9.38 -21.66
C ALA D 349 -10.75 10.15 -21.80
N THR D 350 -10.73 11.35 -21.18
CA THR D 350 -9.50 12.16 -21.12
C THR D 350 -8.39 11.35 -20.44
N ARG D 351 -7.14 11.46 -21.01
CA ARG D 351 -5.96 10.78 -20.48
C ARG D 351 -5.11 11.77 -19.68
N PRO D 352 -4.45 11.31 -18.62
CA PRO D 352 -3.37 12.09 -18.04
C PRO D 352 -2.37 12.46 -19.12
N GLY D 353 -1.95 13.73 -19.11
CA GLY D 353 -1.08 14.26 -20.17
C GLY D 353 -1.79 14.96 -21.30
N ASP D 354 -3.12 14.82 -21.43
CA ASP D 354 -3.86 15.56 -22.45
C ASP D 354 -3.67 17.06 -22.23
N ILE D 355 -3.69 17.82 -23.32
CA ILE D 355 -3.61 19.27 -23.25
C ILE D 355 -4.84 19.85 -23.93
N VAL D 356 -5.60 20.70 -23.23
CA VAL D 356 -6.81 21.25 -23.80
C VAL D 356 -6.74 22.77 -23.77
N THR D 357 -7.58 23.40 -24.59
CA THR D 357 -7.70 24.86 -24.61
C THR D 357 -8.98 25.28 -23.88
N THR D 358 -8.82 26.05 -22.79
CA THR D 358 -9.98 26.55 -22.07
C THR D 358 -10.68 27.65 -22.87
N MET D 359 -11.91 27.95 -22.46
CA MET D 359 -12.67 29.05 -23.07
C MET D 359 -11.85 30.33 -23.13
N SER D 360 -11.10 30.64 -22.05
CA SER D 360 -10.28 31.83 -21.98
C SER D 360 -9.11 31.83 -22.95
N GLY D 361 -8.76 30.70 -23.54
CA GLY D 361 -7.60 30.62 -24.40
C GLY D 361 -6.37 30.06 -23.74
N GLN D 362 -6.30 30.04 -22.42
CA GLN D 362 -5.18 29.38 -21.75
C GLN D 362 -5.23 27.87 -21.99
N THR D 363 -4.07 27.27 -22.29
CA THR D 363 -3.95 25.82 -22.42
C THR D 363 -3.70 25.21 -21.04
N VAL D 364 -4.25 24.01 -20.82
CA VAL D 364 -4.12 23.28 -19.56
C VAL D 364 -3.66 21.86 -19.83
N GLU D 365 -2.58 21.44 -19.16
CA GLU D 365 -2.13 20.05 -19.19
C GLU D 365 -2.85 19.33 -18.05
N ILE D 366 -3.65 18.32 -18.40
CA ILE D 366 -4.41 17.56 -17.42
C ILE D 366 -3.51 16.44 -16.95
N LEU D 367 -2.77 16.70 -15.87
CA LEU D 367 -1.86 15.69 -15.32
C LEU D 367 -2.61 14.61 -14.55
N ASN D 368 -3.76 14.95 -13.97
CA ASN D 368 -4.52 14.02 -13.14
C ASN D 368 -6.00 14.25 -13.40
N THR D 369 -6.68 13.23 -13.94
CA THR D 369 -8.08 13.42 -14.34
C THR D 369 -9.04 13.44 -13.15
N ASP D 370 -8.56 13.18 -11.94
CA ASP D 370 -9.31 13.33 -10.70
C ASP D 370 -9.25 14.76 -10.15
N ALA D 371 -8.46 15.65 -10.77
CA ALA D 371 -8.55 17.08 -10.49
C ALA D 371 -9.49 17.74 -11.51
N GLU D 372 -10.74 17.26 -11.52
CA GLU D 372 -11.66 17.61 -12.60
C GLU D 372 -12.59 18.77 -12.24
N GLY D 373 -12.84 19.00 -10.95
CA GLY D 373 -13.72 20.10 -10.57
C GLY D 373 -13.24 21.45 -11.05
N ARG D 374 -11.92 21.69 -10.99
CA ARG D 374 -11.40 22.98 -11.41
C ARG D 374 -11.50 23.15 -12.93
N LEU D 375 -11.57 22.04 -13.68
CA LEU D 375 -11.65 22.09 -15.14
C LEU D 375 -13.04 22.47 -15.63
N VAL D 376 -14.10 22.10 -14.89
CA VAL D 376 -15.41 22.63 -15.26
C VAL D 376 -15.59 24.03 -14.68
N LEU D 377 -14.99 24.32 -13.52
CA LEU D 377 -15.21 25.63 -12.92
C LEU D 377 -14.51 26.72 -13.70
N CYS D 378 -13.30 26.45 -14.21
CA CYS D 378 -12.56 27.53 -14.86
C CYS D 378 -13.31 28.04 -16.08
N ASP D 379 -13.93 27.14 -16.84
CA ASP D 379 -14.68 27.57 -18.01
C ASP D 379 -15.94 28.33 -17.60
N ALA D 380 -16.54 27.94 -16.46
CA ALA D 380 -17.69 28.69 -15.96
C ALA D 380 -17.28 30.08 -15.47
N LEU D 381 -16.08 30.21 -14.88
CA LEU D 381 -15.60 31.50 -14.42
C LEU D 381 -15.36 32.46 -15.59
N THR D 382 -14.89 31.94 -16.72
CA THR D 382 -14.74 32.77 -17.91
C THR D 382 -16.09 33.20 -18.44
N TYR D 383 -17.05 32.28 -18.49
CA TYR D 383 -18.39 32.60 -18.95
C TYR D 383 -19.02 33.69 -18.08
N ALA D 384 -18.73 33.69 -16.78
CA ALA D 384 -19.29 34.66 -15.86
C ALA D 384 -18.91 36.11 -16.20
N GLU D 385 -17.84 36.34 -16.96
CA GLU D 385 -17.44 37.72 -17.27
C GLU D 385 -18.55 38.50 -17.95
N ARG D 386 -19.37 37.81 -18.75
CA ARG D 386 -20.35 38.53 -19.58
C ARG D 386 -21.36 39.30 -18.74
N PHE D 387 -21.61 38.86 -17.49
CA PHE D 387 -22.60 39.53 -16.65
C PHE D 387 -22.06 40.78 -15.97
N LYS D 388 -20.79 41.11 -16.15
CA LYS D 388 -20.12 42.23 -15.50
C LYS D 388 -20.47 42.30 -14.00
N PRO D 389 -20.15 41.25 -13.25
CA PRO D 389 -20.66 41.13 -11.87
C PRO D 389 -19.86 41.97 -10.89
N GLN D 390 -20.50 42.28 -9.75
CA GLN D 390 -19.79 42.95 -8.66
C GLN D 390 -19.21 41.95 -7.68
N SER D 391 -19.66 40.69 -7.70
CA SER D 391 -18.95 39.63 -7.00
C SER D 391 -19.25 38.30 -7.69
N VAL D 392 -18.26 37.40 -7.65
CA VAL D 392 -18.34 36.05 -8.20
C VAL D 392 -17.84 35.09 -7.12
N ILE D 393 -18.68 34.17 -6.68
CA ILE D 393 -18.32 33.18 -5.67
C ILE D 393 -18.51 31.79 -6.27
N ASP D 394 -17.48 30.96 -6.27
CA ASP D 394 -17.61 29.57 -6.67
C ASP D 394 -17.62 28.69 -5.42
N ILE D 395 -18.47 27.66 -5.44
CA ILE D 395 -18.65 26.71 -4.33
C ILE D 395 -18.42 25.30 -4.87
N ALA D 396 -17.53 24.55 -4.22
CA ALA D 396 -17.08 23.28 -4.78
C ALA D 396 -16.59 22.36 -3.67
N THR D 397 -16.96 21.08 -3.78
CA THR D 397 -16.33 19.99 -3.01
C THR D 397 -15.01 19.67 -3.72
N LEU D 398 -14.02 20.56 -3.55
CA LEU D 398 -12.87 20.59 -4.46
C LEU D 398 -11.70 19.71 -4.04
N THR D 399 -11.25 19.76 -2.78
CA THR D 399 -10.02 19.05 -2.46
C THR D 399 -10.12 18.33 -1.13
N GLY D 400 -9.64 17.08 -1.09
CA GLY D 400 -9.48 16.40 0.18
C GLY D 400 -8.44 17.05 1.07
N ALA D 401 -7.45 17.72 0.46
CA ALA D 401 -6.51 18.51 1.26
C ALA D 401 -7.23 19.49 2.18
N CYS D 402 -8.42 19.98 1.79
CA CYS D 402 -9.09 20.96 2.65
C CYS D 402 -9.58 20.32 3.95
N ILE D 403 -9.96 19.04 3.91
CA ILE D 403 -10.34 18.34 5.13
C ILE D 403 -9.11 18.15 6.03
N VAL D 404 -7.95 17.86 5.42
CA VAL D 404 -6.73 17.80 6.21
C VAL D 404 -6.43 19.15 6.86
N ALA D 405 -6.65 20.25 6.13
CA ALA D 405 -6.34 21.57 6.63
C ALA D 405 -7.35 22.07 7.67
N LEU D 406 -8.67 21.89 7.42
CA LEU D 406 -9.68 22.55 8.23
C LEU D 406 -10.76 21.61 8.77
N GLY D 407 -10.76 20.34 8.39
CA GLY D 407 -11.66 19.41 9.02
C GLY D 407 -13.05 19.43 8.38
N SER D 408 -14.02 18.92 9.11
CA SER D 408 -15.37 18.82 8.56
C SER D 408 -16.30 19.93 9.06
N ASN D 409 -15.82 20.89 9.84
CA ASN D 409 -16.69 21.90 10.39
C ASN D 409 -16.46 23.30 9.85
N THR D 410 -15.36 23.56 9.15
CA THR D 410 -15.06 24.89 8.64
C THR D 410 -14.74 24.77 7.17
N SER D 411 -15.43 25.54 6.33
CA SER D 411 -15.09 25.53 4.91
C SER D 411 -13.82 26.34 4.65
N GLY D 412 -13.06 25.92 3.63
CA GLY D 412 -11.95 26.73 3.15
C GLY D 412 -12.44 27.88 2.27
N LEU D 413 -11.78 29.03 2.42
CA LEU D 413 -12.14 30.23 1.67
C LEU D 413 -10.90 30.92 1.14
N MET D 414 -10.91 31.24 -0.15
CA MET D 414 -9.81 31.92 -0.82
C MET D 414 -10.41 32.98 -1.74
N GLY D 415 -9.63 33.99 -2.13
CA GLY D 415 -10.16 34.93 -3.11
C GLY D 415 -9.15 35.98 -3.53
N ASN D 416 -9.56 36.80 -4.52
CA ASN D 416 -8.68 37.84 -5.05
C ASN D 416 -9.07 39.25 -4.58
N ASN D 417 -9.93 39.37 -3.55
CA ASN D 417 -10.41 40.67 -3.08
C ASN D 417 -10.66 40.60 -1.58
N GLU D 418 -9.95 41.42 -0.81
CA GLU D 418 -10.01 41.27 0.63
C GLU D 418 -11.39 41.65 1.18
N ALA D 419 -12.03 42.67 0.62
CA ALA D 419 -13.32 43.09 1.14
C ALA D 419 -14.36 41.98 0.96
N LEU D 420 -14.37 41.34 -0.21
CA LEU D 420 -15.28 40.23 -0.47
C LEU D 420 -15.00 39.06 0.48
N VAL D 421 -13.74 38.69 0.65
CA VAL D 421 -13.40 37.62 1.60
C VAL D 421 -13.89 37.97 3.00
N ARG D 422 -13.75 39.25 3.40
CA ARG D 422 -14.19 39.69 4.72
C ARG D 422 -15.70 39.53 4.87
N GLN D 423 -16.44 39.94 3.84
CA GLN D 423 -17.90 39.82 3.89
C GLN D 423 -18.33 38.37 4.05
N LEU D 424 -17.67 37.45 3.36
CA LEU D 424 -18.07 36.05 3.44
C LEU D 424 -17.75 35.47 4.82
N LEU D 425 -16.58 35.81 5.37
CA LEU D 425 -16.25 35.37 6.72
C LEU D 425 -17.26 35.87 7.74
N LYS D 426 -17.60 37.15 7.67
CA LYS D 426 -18.56 37.73 8.59
C LYS D 426 -19.92 37.03 8.46
N ALA D 427 -20.36 36.81 7.22
CA ALA D 427 -21.59 36.05 6.98
C ALA D 427 -21.52 34.67 7.62
N GLY D 428 -20.41 33.97 7.45
CA GLY D 428 -20.30 32.64 8.04
C GLY D 428 -20.38 32.67 9.56
N GLU D 429 -19.76 33.66 10.18
CA GLU D 429 -19.84 33.77 11.64
C GLU D 429 -21.28 34.03 12.08
N PHE D 430 -21.99 34.92 11.40
CA PHE D 430 -23.36 35.21 11.80
C PHE D 430 -24.25 34.00 11.64
N ALA D 431 -24.14 33.30 10.51
CA ALA D 431 -24.92 32.10 10.25
C ALA D 431 -24.50 30.92 11.12
N ASP D 432 -23.38 31.02 11.83
CA ASP D 432 -22.72 29.85 12.44
C ASP D 432 -22.56 28.73 11.41
N ASP D 433 -22.10 29.10 10.20
CA ASP D 433 -21.73 28.12 9.15
C ASP D 433 -20.39 28.62 8.61
N ARG D 434 -19.34 28.39 9.41
CA ARG D 434 -18.13 29.21 9.30
C ARG D 434 -17.20 28.74 8.19
N ALA D 435 -16.44 29.70 7.67
CA ALA D 435 -15.32 29.50 6.77
C ALA D 435 -14.04 30.04 7.41
N TRP D 436 -12.93 29.83 6.71
CA TRP D 436 -11.63 30.30 7.18
C TRP D 436 -10.74 30.54 5.97
N GLN D 437 -10.10 31.71 5.93
CA GLN D 437 -9.30 32.08 4.78
C GLN D 437 -7.98 31.33 4.73
N LEU D 438 -7.61 30.89 3.52
CA LEU D 438 -6.27 30.43 3.23
C LEU D 438 -5.64 31.36 2.19
N PRO D 439 -4.32 31.54 2.22
CA PRO D 439 -3.68 32.56 1.38
C PRO D 439 -3.40 32.07 -0.03
N LEU D 440 -3.53 32.98 -1.00
CA LEU D 440 -3.15 32.70 -2.38
C LEU D 440 -1.87 33.45 -2.75
N PHE D 441 -0.85 33.37 -1.89
CA PHE D 441 0.42 34.06 -2.16
C PHE D 441 0.95 33.68 -3.54
N ASP D 442 1.54 34.66 -4.21
CA ASP D 442 2.02 34.44 -5.58
C ASP D 442 3.04 33.31 -5.63
N GLU D 443 3.76 33.06 -4.53
CA GLU D 443 4.78 32.03 -4.52
C GLU D 443 4.18 30.64 -4.77
N TYR D 444 2.92 30.41 -4.40
CA TYR D 444 2.33 29.10 -4.64
C TYR D 444 2.08 28.86 -6.13
N GLN D 445 1.95 29.93 -6.92
CA GLN D 445 1.54 29.77 -8.31
C GLN D 445 2.51 28.92 -9.12
N GLU D 446 3.79 28.97 -8.81
CA GLU D 446 4.76 28.22 -9.61
C GLU D 446 4.56 26.70 -9.51
N GLN D 447 3.83 26.22 -8.50
CA GLN D 447 3.55 24.79 -8.43
C GLN D 447 2.68 24.33 -9.60
N LEU D 448 2.01 25.24 -10.30
CA LEU D 448 1.18 24.90 -11.46
C LEU D 448 1.93 25.08 -12.77
N ASP D 449 3.23 25.35 -12.75
CA ASP D 449 3.99 25.46 -13.99
C ASP D 449 4.05 24.11 -14.71
N SER D 450 3.97 24.15 -16.03
CA SER D 450 4.09 22.97 -16.88
C SER D 450 5.05 23.25 -18.03
N PRO D 451 5.93 22.31 -18.36
CA PRO D 451 6.81 22.52 -19.52
C PRO D 451 6.09 22.46 -20.85
N PHE D 452 4.82 22.03 -20.88
CA PHE D 452 4.10 21.80 -22.12
C PHE D 452 2.90 22.70 -22.34
N ALA D 453 2.38 23.37 -21.31
CA ALA D 453 1.15 24.11 -21.45
C ALA D 453 1.21 25.35 -20.55
N ASP D 454 0.20 26.22 -20.69
CA ASP D 454 0.14 27.42 -19.88
C ASP D 454 -0.02 27.09 -18.40
N ILE D 455 -0.77 26.03 -18.08
CA ILE D 455 -1.02 25.66 -16.69
C ILE D 455 -1.11 24.13 -16.61
N ALA D 456 -0.52 23.57 -15.56
CA ALA D 456 -0.83 22.20 -15.15
C ALA D 456 -2.06 22.22 -14.24
N ASN D 457 -2.84 21.14 -14.26
CA ASN D 457 -4.06 21.22 -13.45
C ASN D 457 -3.84 20.80 -12.00
N ILE D 458 -2.64 20.35 -11.63
CA ILE D 458 -2.35 19.97 -10.24
C ILE D 458 -0.97 20.50 -9.86
N GLY D 459 -0.79 20.73 -8.57
CA GLY D 459 0.46 21.26 -8.06
C GLY D 459 1.24 20.38 -7.09
N GLY D 460 0.92 19.10 -7.04
CA GLY D 460 1.67 18.22 -6.17
C GLY D 460 1.11 18.13 -4.77
N PRO D 461 1.82 17.44 -3.88
CA PRO D 461 1.24 17.09 -2.57
C PRO D 461 1.26 18.21 -1.54
N LYS D 462 1.96 19.32 -1.75
CA LYS D 462 2.01 20.41 -0.79
C LYS D 462 0.95 21.46 -1.09
N ALA D 463 0.23 21.88 -0.04
CA ALA D 463 -0.66 23.04 -0.16
C ALA D 463 -1.76 22.80 -1.19
N GLY D 464 -2.35 21.60 -1.16
CA GLY D 464 -3.26 21.18 -2.21
C GLY D 464 -4.51 22.06 -2.34
N THR D 465 -5.07 22.52 -1.21
CA THR D 465 -6.24 23.38 -1.29
C THR D 465 -5.89 24.73 -1.89
N ILE D 466 -4.70 25.24 -1.58
CA ILE D 466 -4.26 26.56 -2.05
C ILE D 466 -3.96 26.53 -3.55
N THR D 467 -3.25 25.49 -4.03
CA THR D 467 -2.91 25.51 -5.45
C THR D 467 -4.15 25.31 -6.32
N ALA D 468 -5.17 24.61 -5.81
CA ALA D 468 -6.45 24.56 -6.52
C ALA D 468 -7.05 25.97 -6.60
N GLY D 469 -7.05 26.70 -5.49
CA GLY D 469 -7.49 28.09 -5.52
C GLY D 469 -6.64 28.95 -6.44
N CYS D 470 -5.33 28.69 -6.49
CA CYS D 470 -4.49 29.44 -7.41
C CYS D 470 -4.88 29.15 -8.86
N PHE D 471 -5.17 27.88 -9.17
CA PHE D 471 -5.59 27.53 -10.53
C PHE D 471 -6.83 28.33 -10.93
N LEU D 472 -7.86 28.32 -10.08
CA LEU D 472 -9.08 29.04 -10.39
C LEU D 472 -8.82 30.54 -10.52
N SER D 473 -7.91 31.08 -9.69
CA SER D 473 -7.71 32.53 -9.69
C SER D 473 -7.25 33.03 -11.06
N ARG D 474 -6.56 32.18 -11.82
CA ARG D 474 -6.11 32.58 -13.15
C ARG D 474 -7.25 32.80 -14.13
N PHE D 475 -8.48 32.50 -13.74
CA PHE D 475 -9.61 32.71 -14.62
C PHE D 475 -10.55 33.79 -14.08
N ALA D 476 -10.24 34.36 -12.92
CA ALA D 476 -11.12 35.26 -12.17
C ALA D 476 -10.53 36.68 -12.07
N LYS D 477 -9.55 37.02 -12.91
CA LYS D 477 -8.84 38.28 -12.73
C LYS D 477 -9.70 39.50 -13.06
N LYS D 478 -10.73 39.36 -13.87
CA LYS D 478 -11.50 40.50 -14.32
C LYS D 478 -12.58 40.94 -13.33
N TYR D 479 -12.67 40.33 -12.14
CA TYR D 479 -13.71 40.73 -11.20
C TYR D 479 -13.31 40.37 -9.78
N HIS D 480 -14.14 40.81 -8.83
CA HIS D 480 -14.00 40.45 -7.42
C HIS D 480 -14.48 39.01 -7.22
N TRP D 481 -13.59 38.13 -6.75
CA TRP D 481 -13.89 36.70 -6.75
C TRP D 481 -13.47 36.04 -5.45
N ALA D 482 -14.22 35.01 -5.06
CA ALA D 482 -13.90 34.21 -3.89
C ALA D 482 -14.33 32.77 -4.16
N HIS D 483 -13.75 31.85 -3.40
CA HIS D 483 -13.83 30.42 -3.68
C HIS D 483 -14.01 29.70 -2.34
N LEU D 484 -15.11 28.95 -2.21
CA LEU D 484 -15.41 28.19 -1.02
C LEU D 484 -15.18 26.72 -1.33
N ASP D 485 -14.29 26.09 -0.58
CA ASP D 485 -13.98 24.68 -0.76
C ASP D 485 -14.73 23.95 0.35
N ILE D 486 -15.79 23.24 -0.01
CA ILE D 486 -16.69 22.66 0.96
C ILE D 486 -16.55 21.14 1.03
N ALA D 487 -15.40 20.62 0.60
CA ALA D 487 -15.21 19.16 0.58
C ALA D 487 -15.42 18.55 1.95
N GLY D 488 -15.11 19.28 3.02
CA GLY D 488 -15.28 18.73 4.35
C GLY D 488 -16.65 19.03 4.95
N THR D 489 -17.32 20.10 4.51
CA THR D 489 -18.51 20.59 5.20
C THR D 489 -19.82 20.25 4.48
N ALA D 490 -19.75 19.83 3.22
CA ALA D 490 -20.94 19.56 2.42
C ALA D 490 -21.66 18.27 2.80
N TRP D 491 -21.01 17.32 3.45
CA TRP D 491 -21.72 16.10 3.80
C TRP D 491 -21.08 15.44 5.01
N ILE D 492 -21.82 14.53 5.61
CA ILE D 492 -21.35 13.72 6.72
C ILE D 492 -21.11 12.30 6.20
N SER D 493 -19.92 11.74 6.49
CA SER D 493 -19.43 10.53 5.81
C SER D 493 -20.13 9.25 6.25
N GLY D 494 -20.27 9.03 7.55
CA GLY D 494 -20.85 7.78 8.00
C GLY D 494 -21.82 7.96 9.16
N GLY D 495 -22.22 6.85 9.78
CA GLY D 495 -23.09 6.90 10.93
C GLY D 495 -24.55 7.13 10.57
N LYS D 496 -25.35 7.38 11.61
CA LYS D 496 -26.79 7.53 11.42
C LYS D 496 -27.12 8.72 10.53
N ASP D 497 -26.38 9.83 10.67
CA ASP D 497 -26.65 11.03 9.89
C ASP D 497 -25.80 11.14 8.63
N LYS D 498 -25.31 10.03 8.07
CA LYS D 498 -24.64 10.12 6.78
C LYS D 498 -25.55 10.81 5.76
N GLY D 499 -25.02 11.80 5.08
CA GLY D 499 -25.78 12.48 4.04
C GLY D 499 -25.36 13.92 3.92
N ALA D 500 -25.94 14.59 2.92
CA ALA D 500 -25.63 15.99 2.64
C ALA D 500 -26.06 16.90 3.80
N THR D 501 -25.30 17.98 4.00
CA THR D 501 -25.58 18.91 5.08
C THR D 501 -26.39 20.13 4.67
N GLY D 502 -26.33 20.52 3.41
CA GLY D 502 -26.91 21.79 3.00
C GLY D 502 -26.02 23.01 3.18
N ARG D 503 -24.83 22.85 3.75
CA ARG D 503 -23.89 23.95 3.77
C ARG D 503 -23.27 24.12 2.39
N PRO D 504 -22.91 25.35 2.01
CA PRO D 504 -22.95 26.58 2.79
C PRO D 504 -24.16 27.45 2.44
N VAL D 505 -25.37 26.91 2.27
CA VAL D 505 -26.53 27.75 1.97
C VAL D 505 -26.69 28.82 3.06
N PRO D 506 -26.53 28.50 4.35
CA PRO D 506 -26.71 29.55 5.36
C PRO D 506 -25.70 30.69 5.22
N LEU D 507 -24.43 30.38 4.95
CA LEU D 507 -23.46 31.44 4.75
C LEU D 507 -23.85 32.30 3.54
N LEU D 508 -24.07 31.66 2.38
CA LEU D 508 -24.33 32.41 1.16
C LEU D 508 -25.59 33.28 1.29
N THR D 509 -26.65 32.72 1.88
CA THR D 509 -27.89 33.48 2.02
C THR D 509 -27.69 34.66 2.95
N GLN D 510 -26.93 34.47 4.04
CA GLN D 510 -26.64 35.61 4.91
C GLN D 510 -25.81 36.65 4.16
N TYR D 511 -24.83 36.20 3.38
CA TYR D 511 -24.07 37.16 2.58
C TYR D 511 -25.01 37.98 1.70
N LEU D 512 -25.96 37.32 1.04
CA LEU D 512 -26.82 38.06 0.11
C LEU D 512 -27.82 38.96 0.86
N LEU D 513 -28.30 38.51 2.03
CA LEU D 513 -29.13 39.38 2.87
C LEU D 513 -28.40 40.69 3.19
N GLU D 514 -27.12 40.62 3.54
CA GLU D 514 -26.37 41.85 3.83
C GLU D 514 -26.19 42.71 2.58
N ARG D 515 -25.91 42.11 1.43
CA ARG D 515 -25.74 42.89 0.21
C ARG D 515 -27.07 43.51 -0.25
N ALA D 516 -28.19 43.01 0.24
CA ALA D 516 -29.51 43.53 -0.14
C ALA D 516 -29.94 44.75 0.67
N LYS D 517 -29.24 45.10 1.75
CA LYS D 517 -29.57 46.29 2.52
C LYS D 517 -29.00 47.56 1.87
N PHE E 19 10.76 19.75 -35.53
CA PHE E 19 11.33 21.02 -35.11
C PHE E 19 12.04 21.70 -36.30
N GLN E 20 12.00 23.03 -36.29
CA GLN E 20 12.32 23.85 -37.46
C GLN E 20 13.82 23.94 -37.72
N GLY E 21 14.65 23.96 -36.68
CA GLY E 21 16.10 23.86 -36.87
C GLY E 21 16.70 25.06 -37.59
N GLY E 22 17.54 24.78 -38.58
CA GLY E 22 18.09 25.82 -39.45
C GLY E 22 19.45 26.37 -39.07
N MET E 23 20.03 25.92 -37.96
CA MET E 23 21.37 26.37 -37.59
C MET E 23 22.32 26.05 -38.74
N GLU E 24 23.09 27.04 -39.19
CA GLU E 24 24.13 26.77 -40.16
C GLU E 24 25.41 26.37 -39.42
N PHE E 25 25.96 25.21 -39.78
CA PHE E 25 27.26 24.76 -39.29
C PHE E 25 28.25 24.82 -40.45
N LEU E 26 29.33 25.58 -40.26
CA LEU E 26 30.38 25.73 -41.25
C LEU E 26 31.71 25.27 -40.66
N VAL E 27 32.55 24.69 -41.52
CA VAL E 27 33.92 24.32 -41.15
C VAL E 27 34.85 25.20 -41.95
N LYS E 28 35.74 25.92 -41.26
CA LYS E 28 36.72 26.78 -41.89
C LYS E 28 38.09 26.49 -41.32
N SER E 29 39.12 26.71 -42.14
CA SER E 29 40.52 26.48 -41.77
C SER E 29 41.30 27.79 -41.65
N VAL E 30 40.62 28.89 -41.34
CA VAL E 30 41.27 30.21 -41.29
C VAL E 30 41.84 30.49 -39.91
N ARG E 31 42.67 31.53 -39.83
CA ARG E 31 43.28 31.92 -38.56
C ARG E 31 42.23 32.53 -37.63
N PRO E 32 42.14 32.05 -36.39
CA PRO E 32 41.14 32.63 -35.46
C PRO E 32 41.31 34.12 -35.23
N GLU E 33 42.55 34.60 -35.10
CA GLU E 33 42.77 35.98 -34.70
C GLU E 33 42.28 37.01 -35.73
N THR E 34 42.03 36.59 -36.97
CA THR E 34 41.56 37.49 -38.02
C THR E 34 40.15 37.17 -38.49
N LEU E 35 39.46 36.23 -37.85
CA LEU E 35 38.10 35.90 -38.27
C LEU E 35 37.13 36.95 -37.73
N LYS E 36 36.34 37.53 -38.63
CA LYS E 36 35.25 38.41 -38.21
C LYS E 36 34.10 37.53 -37.70
N THR E 37 33.64 37.79 -36.49
CA THR E 37 32.62 36.95 -35.86
C THR E 37 32.04 37.73 -34.70
N ALA E 38 30.76 37.47 -34.39
CA ALA E 38 30.18 38.11 -33.21
C ALA E 38 30.80 37.59 -31.92
N THR E 39 31.12 36.30 -31.84
CA THR E 39 31.78 35.73 -30.66
C THR E 39 32.80 34.69 -31.09
N LEU E 40 34.04 34.85 -30.62
CA LEU E 40 35.08 33.84 -30.80
C LEU E 40 35.20 33.05 -29.51
N VAL E 41 35.17 31.72 -29.61
CA VAL E 41 35.15 30.86 -28.42
C VAL E 41 36.49 30.12 -28.31
N LEU E 42 37.15 30.29 -27.17
CA LEU E 42 38.46 29.69 -26.89
C LEU E 42 38.42 28.83 -25.63
N ALA E 43 39.19 27.75 -25.62
CA ALA E 43 39.30 26.90 -24.43
C ALA E 43 40.48 27.31 -23.56
N VAL E 44 40.28 27.26 -22.24
CA VAL E 44 41.28 27.63 -21.26
C VAL E 44 41.48 26.46 -20.32
N GLY E 45 42.71 25.98 -20.21
CA GLY E 45 43.00 24.91 -19.31
C GLY E 45 43.05 25.37 -17.86
N GLU E 46 42.91 24.41 -16.97
CA GLU E 46 43.02 24.65 -15.54
C GLU E 46 44.47 24.43 -15.12
N GLY E 47 45.14 25.51 -14.72
CA GLY E 47 46.53 25.41 -14.32
C GLY E 47 47.43 24.71 -15.32
N ARG E 48 47.29 25.08 -16.60
CA ARG E 48 48.23 24.70 -17.64
C ARG E 48 48.17 25.77 -18.72
N LYS E 49 49.15 25.75 -19.62
CA LYS E 49 49.30 26.85 -20.57
C LYS E 49 48.17 26.83 -21.60
N LEU E 50 47.76 28.02 -22.03
CA LEU E 50 46.90 28.16 -23.19
C LEU E 50 47.39 27.27 -24.34
N GLY E 51 46.45 26.62 -25.01
CA GLY E 51 46.75 25.85 -26.21
C GLY E 51 47.07 26.75 -27.40
N ALA E 52 47.40 26.11 -28.53
CA ALA E 52 47.97 26.82 -29.67
C ALA E 52 47.05 27.95 -30.15
N SER E 53 45.79 27.63 -30.46
CA SER E 53 44.88 28.66 -30.96
C SER E 53 44.70 29.78 -29.94
N ALA E 54 44.54 29.43 -28.66
CA ALA E 54 44.29 30.45 -27.66
C ALA E 54 45.52 31.33 -27.45
N LYS E 55 46.71 30.71 -27.46
CA LYS E 55 47.94 31.50 -27.37
C LYS E 55 48.08 32.43 -28.57
N ALA E 56 47.76 31.95 -29.76
CA ALA E 56 47.83 32.81 -30.94
C ALA E 56 46.95 34.03 -30.77
N VAL E 57 45.75 33.84 -30.22
CA VAL E 57 44.82 34.96 -30.11
C VAL E 57 45.28 35.93 -29.04
N ASP E 58 45.74 35.42 -27.89
CA ASP E 58 46.28 36.28 -26.85
C ASP E 58 47.44 37.13 -27.37
N ASP E 59 48.37 36.50 -28.10
CA ASP E 59 49.47 37.27 -28.70
C ASP E 59 48.92 38.40 -29.56
N ALA E 60 48.01 38.08 -30.47
CA ALA E 60 47.42 39.10 -31.34
C ALA E 60 46.84 40.26 -30.55
N THR E 61 46.42 40.03 -29.30
CA THR E 61 45.89 41.12 -28.49
C THR E 61 46.97 41.85 -27.68
N GLY E 62 48.21 41.40 -27.77
CA GLY E 62 49.24 41.95 -26.89
C GLY E 62 49.16 41.45 -25.47
N GLY E 63 48.67 40.22 -25.26
CA GLY E 63 48.60 39.62 -23.93
C GLY E 63 47.40 40.01 -23.10
N ALA E 64 46.36 40.60 -23.70
CA ALA E 64 45.21 41.06 -22.93
C ALA E 64 44.43 39.89 -22.32
N ILE E 65 44.33 38.76 -23.02
CA ILE E 65 43.64 37.59 -22.46
C ILE E 65 44.41 37.03 -21.27
N SER E 66 45.73 36.84 -21.44
CA SER E 66 46.57 36.42 -20.33
C SER E 66 46.46 37.35 -19.13
N ALA E 67 46.40 38.66 -19.37
CA ALA E 67 46.27 39.62 -18.27
C ALA E 67 44.94 39.46 -17.55
N VAL E 68 43.87 39.22 -18.31
CA VAL E 68 42.58 38.98 -17.68
C VAL E 68 42.64 37.72 -16.82
N LEU E 69 43.12 36.61 -17.39
CA LEU E 69 43.15 35.35 -16.65
C LEU E 69 44.03 35.44 -15.42
N LYS E 70 44.99 36.37 -15.41
CA LYS E 70 45.86 36.54 -14.25
C LYS E 70 45.09 37.05 -13.04
N ARG E 71 44.08 37.91 -13.25
CA ARG E 71 43.30 38.34 -12.10
C ARG E 71 42.51 37.20 -11.47
N GLY E 72 42.39 36.03 -12.12
CA GLY E 72 41.92 34.82 -11.46
C GLY E 72 40.41 34.59 -11.36
N ASP E 73 39.60 35.25 -12.19
CA ASP E 73 38.16 35.03 -12.12
C ASP E 73 37.72 33.69 -12.73
N LEU E 74 38.53 33.11 -13.63
CA LEU E 74 38.19 31.87 -14.31
C LEU E 74 39.18 30.78 -13.90
N ALA E 75 38.76 29.89 -12.99
CA ALA E 75 39.65 28.83 -12.56
C ALA E 75 39.94 27.80 -13.66
N GLY E 76 39.09 27.72 -14.68
CA GLY E 76 39.33 26.79 -15.76
C GLY E 76 38.71 25.42 -15.63
N LYS E 77 37.84 25.19 -14.65
CA LYS E 77 37.14 23.91 -14.58
C LYS E 77 36.16 23.78 -15.74
N VAL E 78 35.93 22.53 -16.17
CA VAL E 78 35.11 22.22 -17.32
C VAL E 78 33.79 22.99 -17.29
N GLY E 79 33.52 23.78 -18.33
CA GLY E 79 32.27 24.48 -18.44
C GLY E 79 32.21 25.85 -17.77
N GLN E 80 33.19 26.22 -16.94
CA GLN E 80 33.26 27.60 -16.48
C GLN E 80 33.47 28.53 -17.67
N THR E 81 32.98 29.77 -17.56
CA THR E 81 33.06 30.72 -18.66
C THR E 81 33.48 32.10 -18.16
N LEU E 82 34.15 32.84 -19.05
CA LEU E 82 34.45 34.26 -18.85
C LEU E 82 34.29 34.95 -20.20
N LEU E 83 33.43 35.96 -20.25
CA LEU E 83 33.04 36.58 -21.51
C LEU E 83 33.64 37.97 -21.60
N LEU E 84 34.43 38.22 -22.64
CA LEU E 84 35.08 39.51 -22.88
C LEU E 84 34.43 40.23 -24.04
N GLN E 85 34.44 41.56 -24.00
CA GLN E 85 33.92 42.34 -25.13
C GLN E 85 35.00 42.52 -26.20
N SER E 86 35.14 43.71 -26.79
CA SER E 86 36.15 43.93 -27.83
C SER E 86 37.55 44.03 -27.21
N LEU E 87 38.48 43.29 -27.79
CA LEU E 87 39.87 43.25 -27.42
C LEU E 87 40.71 43.81 -28.56
N PRO E 88 41.85 44.42 -28.27
CA PRO E 88 42.63 45.10 -29.32
C PRO E 88 43.05 44.13 -30.43
N ASN E 89 43.01 44.63 -31.67
CA ASN E 89 43.50 43.95 -32.87
C ASN E 89 42.73 42.68 -33.24
N LEU E 90 41.54 42.46 -32.68
CA LEU E 90 40.73 41.31 -33.05
C LEU E 90 39.57 41.76 -33.92
N LYS E 91 39.16 40.90 -34.84
CA LYS E 91 37.94 41.10 -35.61
C LYS E 91 36.71 40.50 -34.91
N ALA E 92 36.90 39.88 -33.76
CA ALA E 92 35.81 39.31 -32.95
C ALA E 92 35.20 40.38 -32.05
N GLU E 93 33.87 40.56 -32.13
CA GLU E 93 33.24 41.52 -31.22
C GLU E 93 33.33 41.08 -29.77
N ARG E 94 33.36 39.77 -29.51
CA ARG E 94 33.39 39.20 -28.17
C ARG E 94 34.31 37.98 -28.17
N VAL E 95 34.97 37.73 -27.03
CA VAL E 95 35.74 36.51 -26.84
C VAL E 95 35.14 35.77 -25.64
N LEU E 96 34.73 34.52 -25.86
CA LEU E 96 34.21 33.65 -24.81
C LEU E 96 35.29 32.65 -24.44
N LEU E 97 35.74 32.71 -23.20
CA LEU E 97 36.65 31.71 -22.63
C LEU E 97 35.84 30.66 -21.88
N VAL E 98 36.08 29.37 -22.18
CA VAL E 98 35.40 28.25 -21.52
C VAL E 98 36.47 27.32 -20.94
N GLY E 99 36.29 26.93 -19.67
CA GLY E 99 37.28 26.09 -19.00
C GLY E 99 37.27 24.66 -19.52
N ALA E 100 38.45 24.05 -19.58
CA ALA E 100 38.56 22.69 -20.12
C ALA E 100 39.16 21.70 -19.13
N GLY E 101 39.11 22.00 -17.84
CA GLY E 101 39.66 21.11 -16.83
C GLY E 101 41.19 21.02 -16.88
N LYS E 102 41.73 20.12 -16.07
CA LYS E 102 43.18 20.03 -15.94
C LYS E 102 43.77 18.82 -16.65
N GLU E 103 42.95 17.92 -17.20
CA GLU E 103 43.46 16.70 -17.79
C GLU E 103 43.97 16.93 -19.21
N ARG E 104 44.76 15.97 -19.68
CA ARG E 104 45.25 16.00 -21.06
C ARG E 104 44.12 15.75 -22.05
N GLU E 105 43.30 14.73 -21.80
CA GLU E 105 42.16 14.39 -22.66
C GLU E 105 40.87 14.48 -21.88
N LEU E 106 39.80 14.90 -22.56
CA LEU E 106 38.46 14.90 -21.97
C LEU E 106 37.76 13.60 -22.28
N GLY E 107 36.88 13.19 -21.36
CA GLY E 107 35.92 12.15 -21.65
C GLY E 107 34.71 12.70 -22.38
N ASP E 108 33.92 11.79 -22.94
CA ASP E 108 32.73 12.21 -23.68
C ASP E 108 31.83 13.10 -22.84
N ARG E 109 31.66 12.78 -21.55
CA ARG E 109 30.77 13.56 -20.70
C ARG E 109 31.29 14.99 -20.49
N GLN E 110 32.60 15.15 -20.23
CA GLN E 110 33.16 16.50 -20.14
C GLN E 110 33.04 17.26 -21.46
N TYR E 111 33.33 16.58 -22.58
CA TYR E 111 33.23 17.26 -23.88
C TYR E 111 31.83 17.80 -24.10
N ARG E 112 30.81 16.96 -23.91
CA ARG E 112 29.43 17.43 -24.01
C ARG E 112 29.18 18.57 -23.03
N LYS E 113 29.68 18.45 -21.80
CA LYS E 113 29.40 19.48 -20.80
C LYS E 113 30.01 20.81 -21.23
N LEU E 114 31.23 20.75 -21.77
CA LEU E 114 31.88 21.95 -22.30
C LEU E 114 31.05 22.56 -23.43
N ALA E 115 30.64 21.74 -24.40
CA ALA E 115 29.83 22.22 -25.51
C ALA E 115 28.53 22.85 -25.02
N SER E 116 27.87 22.22 -24.04
CA SER E 116 26.58 22.75 -23.56
C SER E 116 26.77 24.08 -22.82
N ALA E 117 27.87 24.22 -22.07
CA ALA E 117 28.16 25.50 -21.43
C ALA E 117 28.34 26.61 -22.47
N VAL E 118 29.04 26.30 -23.56
CA VAL E 118 29.22 27.29 -24.63
C VAL E 118 27.87 27.68 -25.22
N LEU E 119 27.09 26.68 -25.65
CA LEU E 119 25.82 26.97 -26.30
C LEU E 119 24.90 27.78 -25.38
N SER E 120 24.83 27.42 -24.10
CA SER E 120 24.03 28.17 -23.14
C SER E 120 24.39 29.66 -23.12
N THR E 121 25.68 29.97 -23.03
CA THR E 121 26.09 31.36 -23.09
C THR E 121 25.64 32.01 -24.41
N LEU E 122 25.97 31.39 -25.54
CA LEU E 122 25.68 31.98 -26.84
C LEU E 122 24.18 32.24 -27.01
N LYS E 123 23.33 31.34 -26.51
CA LYS E 123 21.88 31.51 -26.65
C LYS E 123 21.42 32.83 -26.05
N GLY E 124 22.04 33.26 -24.94
CA GLY E 124 21.61 34.48 -24.27
C GLY E 124 22.20 35.78 -24.83
N LEU E 125 23.11 35.69 -25.81
CA LEU E 125 23.71 36.85 -26.45
C LEU E 125 22.96 37.24 -27.71
N ALA E 126 23.16 38.49 -28.13
CA ALA E 126 22.54 39.01 -29.34
C ALA E 126 23.43 38.85 -30.56
N GLY E 127 24.56 38.15 -30.45
CA GLY E 127 25.37 37.86 -31.62
C GLY E 127 24.67 36.92 -32.60
N ALA E 128 24.81 37.23 -33.89
CA ALA E 128 24.20 36.43 -34.94
C ALA E 128 24.99 35.17 -35.29
N ASP E 129 26.24 35.08 -34.86
CA ASP E 129 27.07 33.93 -35.19
C ASP E 129 28.10 33.76 -34.08
N ALA E 130 28.82 32.66 -34.14
CA ALA E 130 29.96 32.44 -33.25
C ALA E 130 30.90 31.46 -33.91
N ALA E 131 32.19 31.63 -33.64
CA ALA E 131 33.24 30.75 -34.16
C ALA E 131 33.86 29.99 -33.01
N LEU E 132 33.96 28.66 -33.14
CA LEU E 132 34.53 27.79 -32.11
C LEU E 132 35.96 27.43 -32.49
N ALA E 133 36.93 27.89 -31.70
CA ALA E 133 38.33 27.55 -31.91
C ALA E 133 38.77 26.50 -30.88
N LEU E 134 38.20 25.30 -31.05
CA LEU E 134 38.30 24.24 -30.06
C LEU E 134 39.06 23.02 -30.58
N GLY E 135 39.74 23.13 -31.73
CA GLY E 135 40.46 21.99 -32.27
C GLY E 135 41.56 21.48 -31.38
N ASP E 136 42.07 22.32 -30.48
CA ASP E 136 43.14 21.92 -29.58
C ASP E 136 42.67 20.90 -28.53
N LEU E 137 41.36 20.84 -28.25
CA LEU E 137 40.87 19.89 -27.26
C LEU E 137 41.04 18.46 -27.74
N ALA E 138 41.51 17.60 -26.84
CA ALA E 138 41.61 16.17 -27.11
C ALA E 138 40.51 15.47 -26.33
N VAL E 139 39.92 14.43 -26.95
CA VAL E 139 38.89 13.60 -26.33
C VAL E 139 39.31 12.15 -26.47
N LYS E 140 39.27 11.39 -25.36
CA LYS E 140 39.83 10.04 -25.35
C LYS E 140 39.21 9.15 -26.41
N GLY E 141 40.07 8.58 -27.26
CA GLY E 141 39.65 7.63 -28.27
C GLY E 141 38.94 8.24 -29.47
N ARG E 142 38.94 9.56 -29.64
CA ARG E 142 38.21 10.20 -30.73
C ARG E 142 39.16 10.99 -31.62
N GLY E 143 39.19 10.66 -32.91
CA GLY E 143 39.85 11.50 -33.89
C GLY E 143 38.99 12.69 -34.29
N ALA E 144 39.42 13.36 -35.36
CA ALA E 144 38.72 14.57 -35.83
C ALA E 144 37.27 14.27 -36.18
N HIS E 145 37.00 13.16 -36.87
CA HIS E 145 35.64 12.86 -37.27
C HIS E 145 34.77 12.52 -36.07
N ALA E 146 35.30 11.72 -35.14
CA ALA E 146 34.51 11.30 -33.98
C ALA E 146 34.20 12.48 -33.06
N LYS E 147 35.15 13.42 -32.91
CA LYS E 147 34.90 14.60 -32.09
C LYS E 147 33.86 15.50 -32.71
N ALA E 148 33.91 15.67 -34.03
CA ALA E 148 32.92 16.51 -34.70
C ALA E 148 31.52 15.91 -34.56
N ARG E 149 31.41 14.58 -34.69
CA ARG E 149 30.13 13.91 -34.51
C ARG E 149 29.55 14.26 -33.14
N LEU E 150 30.35 14.10 -32.09
CA LEU E 150 29.89 14.38 -30.73
C LEU E 150 29.59 15.87 -30.53
N LEU E 151 30.49 16.74 -31.00
CA LEU E 151 30.32 18.17 -30.75
C LEU E 151 29.10 18.72 -31.48
N VAL E 152 28.94 18.39 -32.76
CA VAL E 152 27.86 19.00 -33.52
C VAL E 152 26.51 18.42 -33.10
N GLU E 153 26.49 17.14 -32.70
CA GLU E 153 25.22 16.57 -32.24
C GLU E 153 24.76 17.25 -30.96
N THR E 154 25.68 17.50 -30.02
CA THR E 154 25.32 18.16 -28.77
C THR E 154 24.80 19.59 -29.03
N LEU E 155 25.51 20.34 -29.88
CA LEU E 155 25.10 21.71 -30.18
C LEU E 155 23.73 21.73 -30.87
N ALA E 156 23.57 20.94 -31.93
CA ALA E 156 22.33 20.98 -32.68
C ALA E 156 21.16 20.45 -31.85
N ASP E 157 21.35 19.35 -31.13
CA ASP E 157 20.24 18.86 -30.33
C ASP E 157 20.00 19.79 -29.15
N GLY E 158 21.03 20.49 -28.68
CA GLY E 158 20.81 21.49 -27.64
C GLY E 158 19.95 22.68 -28.07
N LEU E 159 19.79 22.89 -29.39
CA LEU E 159 18.95 23.97 -29.88
C LEU E 159 17.46 23.61 -29.88
N TYR E 160 17.11 22.35 -29.64
CA TYR E 160 15.72 21.92 -29.77
C TYR E 160 14.81 22.71 -28.83
N VAL E 161 13.64 23.08 -29.33
CA VAL E 161 12.61 23.74 -28.52
C VAL E 161 11.26 23.15 -28.90
N PHE E 162 10.43 22.92 -27.89
CA PHE E 162 9.05 22.48 -28.07
C PHE E 162 8.19 23.46 -27.31
N ASP E 163 7.31 24.17 -28.00
CA ASP E 163 6.48 25.18 -27.34
C ASP E 163 5.12 25.36 -28.02
N ARG E 164 4.63 24.35 -28.75
CA ARG E 164 3.47 24.64 -29.58
CA ARG E 164 3.45 24.53 -29.58
C ARG E 164 2.19 24.83 -28.77
N TYR E 165 2.13 24.38 -27.51
CA TYR E 165 0.93 24.63 -26.70
C TYR E 165 1.14 25.70 -25.64
N LYS E 166 2.28 26.41 -25.68
CA LYS E 166 2.53 27.56 -24.84
C LYS E 166 1.99 28.81 -25.54
N SER E 167 1.12 29.55 -24.85
CA SER E 167 0.64 30.81 -25.41
C SER E 167 1.77 31.83 -25.51
N GLN E 168 2.66 31.82 -24.53
CA GLN E 168 3.81 32.72 -24.49
C GLN E 168 5.00 31.97 -25.06
N LYS E 169 5.25 32.16 -26.36
CA LYS E 169 6.35 31.42 -27.04
C LYS E 169 7.68 32.11 -26.70
N ALA E 170 8.79 31.39 -26.86
CA ALA E 170 10.12 31.94 -26.51
C ALA E 170 10.62 32.91 -27.57
N GLU E 171 11.42 33.90 -27.16
CA GLU E 171 12.05 34.84 -28.12
C GLU E 171 12.98 34.05 -29.05
N PRO E 172 12.96 34.31 -30.37
CA PRO E 172 13.89 33.64 -31.30
C PRO E 172 15.33 33.96 -30.93
N LEU E 173 16.22 32.99 -31.19
CA LEU E 173 17.64 33.22 -30.99
C LEU E 173 18.18 34.17 -32.05
N LYS E 174 19.10 35.05 -31.63
CA LYS E 174 19.91 35.80 -32.59
C LYS E 174 20.90 34.88 -33.29
N LEU E 175 21.42 33.89 -32.57
CA LEU E 175 22.46 33.00 -33.11
C LEU E 175 21.89 32.15 -34.25
N LYS E 176 22.48 32.29 -35.44
CA LYS E 176 22.02 31.56 -36.62
C LYS E 176 23.13 30.84 -37.35
N LYS E 177 24.36 30.97 -36.93
CA LYS E 177 25.47 30.34 -37.63
C LYS E 177 26.55 29.99 -36.61
N LEU E 178 27.13 28.82 -36.79
CA LEU E 178 28.23 28.35 -35.96
C LEU E 178 29.33 27.87 -36.87
N THR E 179 30.54 28.38 -36.68
CA THR E 179 31.71 27.96 -37.43
C THR E 179 32.65 27.15 -36.56
N LEU E 180 33.01 25.96 -37.03
CA LEU E 180 34.08 25.15 -36.45
C LEU E 180 35.37 25.44 -37.18
N LEU E 181 36.37 25.92 -36.45
CA LEU E 181 37.71 26.07 -36.99
C LEU E 181 38.48 24.76 -36.84
N ALA E 182 39.07 24.32 -37.94
CA ALA E 182 39.86 23.09 -37.95
C ALA E 182 41.08 23.29 -38.83
N ASP E 183 42.07 22.44 -38.63
CA ASP E 183 43.24 22.41 -39.50
C ASP E 183 42.83 21.99 -40.91
N LYS E 184 43.52 22.55 -41.90
CA LYS E 184 43.28 22.15 -43.27
C LYS E 184 43.31 20.63 -43.40
N ALA E 185 44.20 19.98 -42.66
CA ALA E 185 44.37 18.53 -42.80
C ALA E 185 43.17 17.77 -42.23
N ASP E 186 42.47 18.34 -41.25
CA ASP E 186 41.36 17.67 -40.59
C ASP E 186 39.99 18.12 -41.10
N SER E 187 39.94 19.17 -41.92
CA SER E 187 38.66 19.82 -42.17
C SER E 187 37.69 18.88 -42.89
N ALA E 188 38.21 18.00 -43.75
CA ALA E 188 37.36 17.04 -44.44
C ALA E 188 36.64 16.13 -43.45
N ALA E 189 37.40 15.56 -42.52
CA ALA E 189 36.81 14.70 -41.49
C ALA E 189 35.82 15.47 -40.63
N VAL E 190 36.14 16.72 -40.29
CA VAL E 190 35.23 17.52 -39.46
C VAL E 190 33.94 17.82 -40.21
N GLU E 191 34.06 18.14 -41.51
CA GLU E 191 32.87 18.44 -42.29
C GLU E 191 31.97 17.21 -42.43
N GLN E 192 32.56 16.02 -42.61
CA GLN E 192 31.72 14.84 -42.72
C GLN E 192 31.11 14.49 -41.37
N GLY E 193 31.82 14.71 -40.27
CA GLY E 193 31.23 14.48 -38.97
C GLY E 193 30.09 15.44 -38.69
N SER E 194 30.27 16.71 -39.06
CA SER E 194 29.22 17.72 -38.90
C SER E 194 27.99 17.37 -39.72
N LYS E 195 28.20 16.97 -40.99
CA LYS E 195 27.09 16.60 -41.85
C LYS E 195 26.28 15.43 -41.26
N GLU E 196 26.95 14.41 -40.74
CA GLU E 196 26.21 13.29 -40.18
C GLU E 196 25.51 13.68 -38.89
N ALA E 197 26.18 14.50 -38.06
CA ALA E 197 25.59 14.93 -36.81
C ALA E 197 24.33 15.76 -37.03
N GLN E 198 24.32 16.63 -38.05
CA GLN E 198 23.14 17.43 -38.32
C GLN E 198 21.95 16.56 -38.72
N ALA E 199 22.18 15.55 -39.58
CA ALA E 199 21.10 14.66 -39.96
C ALA E 199 20.55 13.91 -38.75
N ILE E 200 21.42 13.46 -37.86
CA ILE E 200 20.98 12.78 -36.64
C ILE E 200 20.15 13.72 -35.78
N ALA E 201 20.66 14.93 -35.54
CA ALA E 201 19.95 15.91 -34.71
C ALA E 201 18.59 16.27 -35.33
N ASN E 202 18.53 16.39 -36.67
CA ASN E 202 17.23 16.60 -37.32
C ASN E 202 16.29 15.42 -37.10
N GLY E 203 16.81 14.19 -37.17
CA GLY E 203 15.98 13.03 -36.86
C GLY E 203 15.49 13.04 -35.42
N MET E 204 16.39 13.38 -34.49
CA MET E 204 15.98 13.43 -33.08
C MET E 204 14.92 14.49 -32.82
N ALA E 205 14.96 15.61 -33.55
CA ALA E 205 13.97 16.67 -33.34
C ALA E 205 12.58 16.20 -33.72
N LEU E 206 12.46 15.46 -34.83
CA LEU E 206 11.19 14.84 -35.20
C LEU E 206 10.74 13.84 -34.13
N THR E 207 11.66 12.98 -33.68
CA THR E 207 11.37 12.03 -32.62
C THR E 207 10.87 12.74 -31.37
N ARG E 208 11.56 13.80 -30.96
CA ARG E 208 11.21 14.47 -29.72
C ARG E 208 9.86 15.17 -29.84
N ASP E 209 9.57 15.79 -30.98
CA ASP E 209 8.26 16.39 -31.20
C ASP E 209 7.15 15.35 -31.04
N LEU E 210 7.28 14.22 -31.74
CA LEU E 210 6.23 13.20 -31.68
C LEU E 210 6.06 12.70 -30.25
N GLY E 211 7.17 12.44 -29.55
CA GLY E 211 7.07 12.02 -28.16
C GLY E 211 6.44 13.07 -27.24
N ASN E 212 6.80 14.34 -27.44
CA ASN E 212 6.33 15.41 -26.56
C ASN E 212 4.86 15.75 -26.77
N LEU E 213 4.28 15.41 -27.92
CA LEU E 213 2.90 15.77 -28.21
C LEU E 213 1.97 15.10 -27.20
N PRO E 214 0.87 15.78 -26.83
CA PRO E 214 -0.07 15.17 -25.87
C PRO E 214 -0.84 14.04 -26.52
N PRO E 215 -1.28 13.05 -25.74
CA PRO E 215 -1.90 11.85 -26.35
C PRO E 215 -3.26 12.08 -26.98
N ASN E 216 -4.00 13.15 -26.60
CA ASN E 216 -5.24 13.45 -27.30
C ASN E 216 -5.00 13.97 -28.72
N VAL E 217 -3.79 14.42 -29.03
CA VAL E 217 -3.42 14.86 -30.37
C VAL E 217 -2.68 13.76 -31.12
N CYS E 218 -1.65 13.19 -30.48
CA CYS E 218 -0.79 12.17 -31.10
C CYS E 218 -1.38 10.78 -30.83
N HIS E 219 -2.34 10.39 -31.66
CA HIS E 219 -2.92 9.06 -31.67
C HIS E 219 -2.50 8.31 -32.94
N PRO E 220 -2.85 7.03 -33.04
CA PRO E 220 -2.31 6.24 -34.18
C PRO E 220 -2.65 6.82 -35.54
N THR E 221 -3.89 7.30 -35.72
CA THR E 221 -4.25 7.90 -37.01
C THR E 221 -3.35 9.10 -37.32
N PHE E 222 -3.06 9.92 -36.30
CA PHE E 222 -2.17 11.07 -36.47
C PHE E 222 -0.77 10.63 -36.88
N LEU E 223 -0.24 9.57 -36.26
CA LEU E 223 1.07 9.08 -36.66
C LEU E 223 1.05 8.62 -38.13
N GLY E 224 -0.04 7.99 -38.55
CA GLY E 224 -0.15 7.62 -39.95
C GLY E 224 -0.07 8.84 -40.86
N GLU E 225 -0.79 9.91 -40.50
N GLU E 225 -0.80 9.90 -40.49
CA GLU E 225 -0.72 11.12 -41.32
CA GLU E 225 -0.75 11.15 -41.25
C GLU E 225 0.68 11.72 -41.30
C GLU E 225 0.65 11.72 -41.28
N GLN E 226 1.36 11.67 -40.15
CA GLN E 226 2.75 12.11 -40.09
C GLN E 226 3.62 11.35 -41.09
N ALA E 227 3.43 10.03 -41.18
CA ALA E 227 4.18 9.20 -42.12
C ALA E 227 3.96 9.68 -43.56
N LYS E 228 2.70 9.97 -43.92
CA LYS E 228 2.43 10.44 -45.28
C LYS E 228 3.07 11.80 -45.53
N GLY E 229 3.05 12.67 -44.51
CA GLY E 229 3.76 13.94 -44.62
C GLY E 229 5.23 13.75 -44.90
N LEU E 230 5.85 12.77 -44.24
CA LEU E 230 7.28 12.52 -44.44
C LEU E 230 7.57 12.11 -45.88
N ALA E 231 6.69 11.28 -46.47
CA ALA E 231 6.86 10.86 -47.86
C ALA E 231 6.65 12.02 -48.83
N LYS E 232 5.85 13.00 -48.42
CA LYS E 232 5.68 14.21 -49.21
C LYS E 232 6.99 14.99 -49.29
N GLU E 233 7.71 15.08 -48.18
CA GLU E 233 8.98 15.80 -48.14
C GLU E 233 10.13 15.02 -48.77
N PHE E 234 10.14 13.70 -48.68
CA PHE E 234 11.23 12.88 -49.21
C PHE E 234 10.68 11.91 -50.26
N LYS E 235 10.99 12.16 -51.54
CA LYS E 235 10.45 11.34 -52.61
C LYS E 235 11.05 9.94 -52.63
N SER E 236 12.17 9.73 -51.94
CA SER E 236 12.75 8.41 -51.82
C SER E 236 11.93 7.48 -50.92
N LEU E 237 11.03 8.03 -50.11
CA LEU E 237 10.32 7.24 -49.10
C LEU E 237 8.96 6.81 -49.63
N LYS E 238 8.63 5.53 -49.45
CA LYS E 238 7.30 5.01 -49.73
C LYS E 238 6.62 4.64 -48.41
N VAL E 239 5.34 4.99 -48.29
CA VAL E 239 4.59 4.80 -47.05
C VAL E 239 3.30 4.06 -47.38
N GLU E 240 2.94 3.08 -46.54
CA GLU E 240 1.62 2.50 -46.56
C GLU E 240 1.13 2.35 -45.12
N VAL E 241 -0.16 2.67 -44.91
CA VAL E 241 -0.76 2.70 -43.58
C VAL E 241 -1.93 1.72 -43.57
N LEU E 242 -1.84 0.67 -42.74
CA LEU E 242 -2.88 -0.35 -42.63
C LEU E 242 -3.81 -0.06 -41.45
N ASP E 243 -5.11 -0.24 -41.66
CA ASP E 243 -6.11 0.01 -40.63
C ASP E 243 -6.55 -1.31 -40.00
N GLU E 244 -7.57 -1.24 -39.14
CA GLU E 244 -7.93 -2.39 -38.33
C GLU E 244 -8.47 -3.53 -39.19
N LYS E 245 -9.15 -3.21 -40.29
CA LYS E 245 -9.66 -4.24 -41.17
C LYS E 245 -8.52 -5.03 -41.83
N LYS E 246 -7.51 -4.32 -42.32
CA LYS E 246 -6.37 -5.04 -42.91
C LYS E 246 -5.64 -5.86 -41.86
N LEU E 247 -5.48 -5.32 -40.64
CA LEU E 247 -4.84 -6.09 -39.57
C LEU E 247 -5.60 -7.38 -39.30
N ARG E 248 -6.93 -7.32 -39.31
CA ARG E 248 -7.73 -8.52 -39.09
C ARG E 248 -7.57 -9.50 -40.23
N GLU E 249 -7.61 -9.00 -41.47
CA GLU E 249 -7.33 -9.84 -42.64
C GLU E 249 -6.01 -10.59 -42.47
N LEU E 250 -4.98 -9.91 -41.97
CA LEU E 250 -3.68 -10.54 -41.74
C LEU E 250 -3.66 -11.47 -40.54
N GLY E 251 -4.67 -11.43 -39.67
CA GLY E 251 -4.72 -12.29 -38.50
C GLY E 251 -3.88 -11.85 -37.32
N MET E 252 -3.65 -10.54 -37.14
CA MET E 252 -2.87 -10.07 -35.98
C MET E 252 -3.78 -9.89 -34.76
N GLY E 253 -4.15 -11.02 -34.17
CA GLY E 253 -5.10 -11.00 -33.08
C GLY E 253 -4.53 -10.44 -31.79
N SER E 254 -3.22 -10.55 -31.62
CA SER E 254 -2.55 -10.00 -30.45
C SER E 254 -2.55 -8.47 -30.49
N PHE E 255 -2.16 -7.93 -31.64
CA PHE E 255 -2.22 -6.49 -31.91
C PHE E 255 -3.63 -5.95 -31.72
N LEU E 256 -4.63 -6.60 -32.32
CA LEU E 256 -6.01 -6.13 -32.22
C LEU E 256 -6.51 -6.21 -30.78
N ALA E 257 -6.06 -7.23 -30.04
CA ALA E 257 -6.45 -7.37 -28.63
C ALA E 257 -6.06 -6.13 -27.83
N VAL E 258 -4.87 -5.58 -28.11
CA VAL E 258 -4.42 -4.37 -27.40
C VAL E 258 -5.30 -3.17 -27.77
N ALA E 259 -5.64 -3.04 -29.05
CA ALA E 259 -6.33 -1.86 -29.57
C ALA E 259 -7.82 -1.82 -29.24
N GLN E 260 -8.44 -2.96 -28.94
CA GLN E 260 -9.90 -3.03 -28.94
C GLN E 260 -10.55 -2.22 -27.82
N GLY E 261 -9.86 -1.98 -26.71
CA GLY E 261 -10.48 -1.19 -25.64
C GLY E 261 -10.72 0.27 -25.97
N SER E 262 -9.98 0.82 -26.94
CA SER E 262 -9.93 2.26 -27.17
C SER E 262 -10.86 2.67 -28.31
N ASP E 263 -11.39 3.90 -28.19
CA ASP E 263 -12.13 4.52 -29.28
C ASP E 263 -11.23 4.84 -30.48
N GLN E 264 -9.91 5.03 -30.27
CA GLN E 264 -8.98 5.34 -31.37
C GLN E 264 -8.62 4.07 -32.12
N PRO E 265 -8.77 4.03 -33.44
CA PRO E 265 -8.37 2.83 -34.21
C PRO E 265 -6.86 2.65 -34.22
N PRO E 266 -6.39 1.42 -34.34
CA PRO E 266 -4.95 1.16 -34.46
C PRO E 266 -4.47 1.38 -35.90
N ARG E 267 -3.14 1.45 -36.04
CA ARG E 267 -2.50 1.61 -37.35
C ARG E 267 -1.20 0.83 -37.38
N LEU E 268 -0.96 0.14 -38.48
CA LEU E 268 0.36 -0.41 -38.79
C LEU E 268 0.95 0.43 -39.92
N ILE E 269 2.05 1.15 -39.63
CA ILE E 269 2.68 2.05 -40.59
C ILE E 269 3.91 1.36 -41.18
N ILE E 270 3.98 1.27 -42.51
CA ILE E 270 5.10 0.63 -43.21
C ILE E 270 5.85 1.71 -43.98
N LEU E 271 7.13 1.86 -43.67
CA LEU E 271 8.03 2.76 -44.39
C LEU E 271 9.06 1.95 -45.17
N GLN E 272 9.33 2.36 -46.41
CA GLN E 272 10.31 1.67 -47.25
C GLN E 272 11.17 2.67 -47.99
N TYR E 273 12.49 2.49 -47.88
CA TYR E 273 13.49 3.29 -48.56
C TYR E 273 14.47 2.33 -49.21
N ASN E 274 14.70 2.51 -50.51
CA ASN E 274 15.53 1.58 -51.28
C ASN E 274 16.72 2.33 -51.85
N GLY E 275 17.73 2.56 -51.01
CA GLY E 275 18.94 3.28 -51.39
C GLY E 275 20.06 2.41 -51.95
N ALA E 276 19.86 1.10 -52.05
CA ALA E 276 20.86 0.17 -52.56
C ALA E 276 20.26 -0.66 -53.70
N LYS E 277 21.05 -1.57 -54.26
CA LYS E 277 20.60 -2.41 -55.37
C LYS E 277 19.50 -3.35 -54.88
N LYS E 278 18.56 -3.67 -55.79
CA LYS E 278 17.43 -4.51 -55.41
C LYS E 278 17.88 -5.85 -54.83
N ASP E 279 19.10 -6.27 -55.10
CA ASP E 279 19.63 -7.52 -54.57
C ASP E 279 20.13 -7.43 -53.12
N GLN E 280 20.25 -6.24 -52.54
CA GLN E 280 20.67 -6.07 -51.15
C GLN E 280 19.48 -6.32 -50.22
N ALA E 281 19.60 -7.27 -49.30
CA ALA E 281 18.52 -7.53 -48.34
C ALA E 281 18.32 -6.33 -47.41
N PRO E 282 17.07 -6.01 -47.04
CA PRO E 282 16.83 -4.82 -46.21
C PRO E 282 17.15 -5.02 -44.74
N HIS E 283 17.32 -3.90 -44.05
CA HIS E 283 17.30 -3.83 -42.60
C HIS E 283 15.92 -3.32 -42.17
N VAL E 284 15.33 -3.96 -41.15
CA VAL E 284 13.99 -3.63 -40.66
C VAL E 284 14.08 -3.07 -39.24
N LEU E 285 13.43 -1.91 -39.02
CA LEU E 285 13.25 -1.34 -37.70
C LEU E 285 11.77 -1.44 -37.31
N VAL E 286 11.50 -2.03 -36.13
CA VAL E 286 10.14 -2.28 -35.64
C VAL E 286 9.94 -1.45 -34.37
N GLY E 287 8.99 -0.52 -34.38
CA GLY E 287 8.81 0.43 -33.30
C GLY E 287 7.48 0.24 -32.57
N LYS E 288 7.55 0.24 -31.24
CA LYS E 288 6.34 0.18 -30.43
C LYS E 288 5.70 1.57 -30.41
N GLY E 289 4.47 1.66 -30.91
CA GLY E 289 3.79 2.95 -30.93
C GLY E 289 2.53 2.96 -30.09
N ILE E 290 2.64 2.67 -28.79
CA ILE E 290 1.49 2.82 -27.91
C ILE E 290 1.39 4.30 -27.57
N THR E 291 0.41 4.97 -28.17
CA THR E 291 0.31 6.43 -28.06
C THR E 291 -0.14 6.88 -26.66
N PHE E 292 -0.87 6.05 -25.93
CA PHE E 292 -0.99 6.23 -24.50
C PHE E 292 -1.24 4.86 -23.87
N ASP E 293 -0.60 4.62 -22.74
CA ASP E 293 -0.67 3.34 -22.03
C ASP E 293 -1.31 3.59 -20.67
N THR E 294 -2.63 3.38 -20.55
CA THR E 294 -3.26 3.39 -19.22
C THR E 294 -3.03 2.09 -18.45
N GLY E 295 -2.51 1.07 -19.12
CA GLY E 295 -2.51 -0.29 -18.60
C GLY E 295 -3.72 -1.13 -19.00
N GLY E 296 -4.84 -0.48 -19.37
CA GLY E 296 -6.02 -1.25 -19.69
C GLY E 296 -6.78 -1.67 -18.44
N ILE E 297 -7.44 -2.83 -18.52
CA ILE E 297 -8.15 -3.35 -17.34
C ILE E 297 -7.17 -3.56 -16.19
N SER E 298 -5.91 -3.92 -16.50
CA SER E 298 -4.82 -3.94 -15.52
C SER E 298 -4.30 -2.52 -15.33
N LEU E 299 -5.19 -1.65 -14.82
CA LEU E 299 -4.98 -0.21 -14.84
C LEU E 299 -3.77 0.20 -13.99
N LYS E 300 -2.98 1.14 -14.53
CA LYS E 300 -1.87 1.75 -13.79
C LYS E 300 -2.36 2.66 -12.65
N PRO E 301 -1.52 2.89 -11.66
CA PRO E 301 -1.78 3.95 -10.67
C PRO E 301 -1.75 5.34 -11.30
N GLY E 302 -2.43 6.28 -10.65
CA GLY E 302 -2.52 7.62 -11.20
C GLY E 302 -1.20 8.38 -11.23
N LEU E 303 -0.39 8.22 -10.19
CA LEU E 303 0.80 9.07 -10.05
C LEU E 303 1.75 8.92 -11.23
N GLY E 304 2.02 10.02 -11.92
CA GLY E 304 2.94 10.01 -13.04
C GLY E 304 2.44 9.37 -14.32
N MET E 305 1.14 9.02 -14.42
CA MET E 305 0.67 8.39 -15.64
C MET E 305 0.82 9.27 -16.89
N ASP E 306 0.92 10.60 -16.73
CA ASP E 306 1.08 11.46 -17.90
C ASP E 306 2.31 11.10 -18.72
N GLU E 307 3.31 10.45 -18.13
CA GLU E 307 4.56 10.10 -18.84
C GLU E 307 4.34 8.93 -19.80
N MET E 308 3.15 8.35 -19.81
CA MET E 308 2.82 7.22 -20.73
C MET E 308 2.55 7.75 -22.14
N LYS E 309 2.56 9.07 -22.34
CA LYS E 309 2.48 9.64 -23.69
C LYS E 309 3.81 9.35 -24.39
N PHE E 310 4.83 8.99 -23.61
CA PHE E 310 6.13 8.66 -24.18
C PHE E 310 6.20 7.19 -24.56
N ASP E 311 5.10 6.46 -24.44
CA ASP E 311 5.12 5.04 -24.75
C ASP E 311 5.13 4.77 -26.25
N MET E 312 5.19 5.81 -27.11
CA MET E 312 5.25 5.49 -28.53
C MET E 312 6.63 5.91 -29.04
N CYS E 313 7.56 6.17 -28.11
CA CYS E 313 8.88 6.67 -28.45
C CYS E 313 9.70 5.67 -29.23
N GLY E 314 9.42 4.37 -29.10
CA GLY E 314 10.01 3.39 -30.00
C GLY E 314 9.67 3.68 -31.45
N ALA E 315 8.38 3.78 -31.76
CA ALA E 315 7.97 4.17 -33.12
C ALA E 315 8.52 5.55 -33.49
N ALA E 316 8.50 6.51 -32.55
CA ALA E 316 9.05 7.82 -32.88
C ALA E 316 10.51 7.72 -33.32
N SER E 317 11.28 6.80 -32.72
CA SER E 317 12.68 6.68 -33.08
C SER E 317 12.88 6.04 -34.46
N VAL E 318 11.92 5.26 -34.95
CA VAL E 318 12.00 4.80 -36.32
C VAL E 318 11.78 5.97 -37.28
N PHE E 319 10.76 6.80 -37.01
CA PHE E 319 10.60 8.08 -37.72
C PHE E 319 11.91 8.86 -37.76
N GLY E 320 12.52 9.07 -36.60
CA GLY E 320 13.72 9.90 -36.53
C GLY E 320 14.86 9.31 -37.31
N THR E 321 15.06 7.99 -37.21
CA THR E 321 16.13 7.34 -37.95
C THR E 321 15.91 7.40 -39.46
N PHE E 322 14.67 7.17 -39.90
CA PHE E 322 14.38 7.34 -41.33
C PHE E 322 14.71 8.77 -41.78
N ARG E 323 14.35 9.77 -40.96
CA ARG E 323 14.58 11.16 -41.32
C ARG E 323 16.08 11.44 -41.49
N ALA E 324 16.91 10.89 -40.60
CA ALA E 324 18.36 11.05 -40.76
C ALA E 324 18.88 10.32 -42.00
N VAL E 325 18.44 9.07 -42.20
CA VAL E 325 18.89 8.29 -43.36
C VAL E 325 18.47 8.96 -44.67
N LEU E 326 17.24 9.48 -44.73
CA LEU E 326 16.74 10.10 -45.95
C LEU E 326 17.51 11.39 -46.28
N GLU E 327 17.79 12.21 -45.26
CA GLU E 327 18.69 13.36 -45.45
C GLU E 327 20.02 12.95 -46.04
N LEU E 328 20.64 11.89 -45.49
CA LEU E 328 21.98 11.49 -45.91
C LEU E 328 21.99 10.65 -47.18
N GLN E 329 20.84 10.17 -47.63
CA GLN E 329 20.75 9.33 -48.82
C GLN E 329 21.74 8.16 -48.76
N LEU E 330 21.77 7.47 -47.62
CA LEU E 330 22.66 6.33 -47.45
C LEU E 330 22.35 5.24 -48.47
N PRO E 331 23.36 4.55 -48.99
CA PRO E 331 23.12 3.40 -49.89
C PRO E 331 22.76 2.12 -49.14
N ILE E 332 21.53 2.06 -48.61
CA ILE E 332 21.02 0.87 -47.92
C ILE E 332 19.53 0.74 -48.23
N ASN E 333 19.00 -0.45 -47.99
CA ASN E 333 17.56 -0.68 -48.09
C ASN E 333 17.01 -0.82 -46.68
N LEU E 334 16.03 0.02 -46.34
CA LEU E 334 15.54 0.17 -44.97
C LEU E 334 14.02 0.05 -44.96
N VAL E 335 13.51 -0.69 -43.98
CA VAL E 335 12.07 -0.85 -43.78
C VAL E 335 11.74 -0.46 -42.34
N GLY E 336 10.67 0.30 -42.16
CA GLY E 336 10.17 0.63 -40.83
C GLY E 336 8.78 0.08 -40.62
N LEU E 337 8.53 -0.57 -39.48
CA LEU E 337 7.21 -1.06 -39.11
C LEU E 337 6.84 -0.46 -37.76
N LEU E 338 5.81 0.37 -37.74
CA LEU E 338 5.39 1.06 -36.52
C LEU E 338 4.03 0.50 -36.13
N ALA E 339 3.98 -0.22 -35.01
CA ALA E 339 2.75 -0.86 -34.52
C ALA E 339 2.10 0.08 -33.50
N CYS E 340 1.03 0.76 -33.91
CA CYS E 340 0.46 1.87 -33.15
C CYS E 340 -0.94 1.53 -32.67
N ALA E 341 -1.17 1.75 -31.38
CA ALA E 341 -2.47 1.52 -30.77
C ALA E 341 -2.51 2.35 -29.49
N GLU E 342 -3.70 2.46 -28.92
CA GLU E 342 -3.90 3.11 -27.63
C GLU E 342 -4.52 2.08 -26.68
N ASN E 343 -3.96 1.96 -25.48
CA ASN E 343 -4.36 0.96 -24.48
C ASN E 343 -5.25 1.62 -23.42
N MET E 344 -6.55 1.24 -23.37
CA MET E 344 -7.54 2.08 -22.71
C MET E 344 -8.47 1.08 -22.00
N PRO E 345 -8.99 1.35 -20.81
CA PRO E 345 -10.03 0.48 -20.25
C PRO E 345 -11.39 0.85 -20.82
N SER E 346 -12.26 -0.15 -20.94
CA SER E 346 -13.60 0.09 -21.46
C SER E 346 -14.41 -1.20 -21.32
N GLY E 347 -15.70 -1.10 -21.62
CA GLY E 347 -16.58 -2.26 -21.55
C GLY E 347 -16.31 -3.31 -22.61
N GLY E 348 -15.41 -3.02 -23.55
CA GLY E 348 -15.04 -3.97 -24.58
C GLY E 348 -13.54 -4.24 -24.56
N ALA E 349 -12.87 -3.88 -23.46
CA ALA E 349 -11.43 -4.03 -23.47
C ALA E 349 -11.04 -5.49 -23.21
N THR E 350 -9.82 -5.82 -23.64
CA THR E 350 -9.26 -7.14 -23.37
C THR E 350 -9.18 -7.36 -21.86
N ARG E 351 -9.54 -8.59 -21.42
CA ARG E 351 -9.50 -8.93 -20.00
C ARG E 351 -8.27 -9.75 -19.66
N PRO E 352 -7.73 -9.61 -18.45
CA PRO E 352 -6.74 -10.59 -17.97
C PRO E 352 -7.31 -12.00 -18.11
N GLY E 353 -6.51 -12.89 -18.69
CA GLY E 353 -6.94 -14.24 -18.95
C GLY E 353 -7.49 -14.51 -20.33
N ASP E 354 -7.76 -13.48 -21.15
CA ASP E 354 -8.12 -13.75 -22.54
C ASP E 354 -6.99 -14.52 -23.21
N ILE E 355 -7.34 -15.32 -24.22
CA ILE E 355 -6.37 -16.05 -25.02
C ILE E 355 -6.60 -15.66 -26.48
N VAL E 356 -5.53 -15.25 -27.16
CA VAL E 356 -5.67 -14.75 -28.53
C VAL E 356 -4.73 -15.56 -29.40
N THR E 357 -5.00 -15.55 -30.70
CA THR E 357 -4.12 -16.20 -31.67
C THR E 357 -3.32 -15.14 -32.41
N THR E 358 -1.99 -15.21 -32.32
CA THR E 358 -1.16 -14.23 -33.00
C THR E 358 -1.09 -14.54 -34.50
N MET E 359 -0.57 -13.58 -35.26
CA MET E 359 -0.35 -13.80 -36.68
C MET E 359 0.48 -15.07 -36.95
N SER E 360 1.49 -15.33 -36.11
CA SER E 360 2.31 -16.53 -36.25
C SER E 360 1.54 -17.82 -36.00
N GLY E 361 0.34 -17.76 -35.43
CA GLY E 361 -0.39 -18.96 -35.07
C GLY E 361 -0.21 -19.41 -33.64
N GLN E 362 0.83 -18.94 -32.96
CA GLN E 362 0.99 -19.20 -31.53
C GLN E 362 -0.10 -18.48 -30.73
N THR E 363 -0.68 -19.20 -29.76
CA THR E 363 -1.68 -18.64 -28.86
C THR E 363 -1.00 -18.01 -27.64
N VAL E 364 -1.54 -16.87 -27.19
CA VAL E 364 -0.98 -16.13 -26.07
C VAL E 364 -2.06 -15.93 -25.04
N GLU E 365 -1.77 -16.26 -23.78
CA GLU E 365 -2.67 -15.95 -22.70
C GLU E 365 -2.24 -14.60 -22.11
N ILE E 366 -3.17 -13.64 -22.14
CA ILE E 366 -2.87 -12.26 -21.73
C ILE E 366 -3.17 -12.19 -20.23
N LEU E 367 -2.17 -12.50 -19.40
CA LEU E 367 -2.35 -12.47 -17.95
C LEU E 367 -2.42 -11.05 -17.41
N ASN E 368 -1.80 -10.10 -18.10
CA ASN E 368 -1.74 -8.73 -17.62
C ASN E 368 -1.86 -7.80 -18.83
N THR E 369 -2.91 -6.97 -18.86
CA THR E 369 -3.15 -6.15 -20.04
C THR E 369 -2.21 -4.95 -20.13
N ASP E 370 -1.39 -4.71 -19.10
CA ASP E 370 -0.35 -3.69 -19.11
C ASP E 370 0.98 -4.23 -19.67
N ALA E 371 1.03 -5.49 -20.07
CA ALA E 371 2.16 -6.00 -20.85
C ALA E 371 1.73 -6.04 -22.31
N GLU E 372 1.37 -4.86 -22.80
CA GLU E 372 0.72 -4.72 -24.10
C GLU E 372 1.73 -4.42 -25.22
N GLY E 373 2.89 -3.86 -24.90
CA GLY E 373 3.82 -3.53 -25.96
C GLY E 373 4.32 -4.75 -26.71
N ARG E 374 4.62 -5.83 -25.97
CA ARG E 374 5.08 -7.04 -26.63
C ARG E 374 4.01 -7.67 -27.53
N LEU E 375 2.73 -7.35 -27.26
CA LEU E 375 1.61 -7.90 -28.00
C LEU E 375 1.38 -7.22 -29.35
N VAL E 376 1.71 -5.92 -29.48
CA VAL E 376 1.70 -5.33 -30.81
C VAL E 376 3.01 -5.66 -31.53
N LEU E 377 4.11 -5.79 -30.80
CA LEU E 377 5.40 -6.07 -31.44
C LEU E 377 5.45 -7.46 -32.04
N CYS E 378 4.90 -8.47 -31.35
CA CYS E 378 5.08 -9.82 -31.85
C CYS E 378 4.39 -10.01 -33.19
N ASP E 379 3.22 -9.38 -33.39
CA ASP E 379 2.60 -9.49 -34.71
C ASP E 379 3.39 -8.70 -35.74
N ALA E 380 4.03 -7.59 -35.35
CA ALA E 380 4.86 -6.87 -36.30
C ALA E 380 6.12 -7.66 -36.66
N LEU E 381 6.68 -8.39 -35.69
CA LEU E 381 7.84 -9.22 -36.00
C LEU E 381 7.51 -10.33 -36.97
N THR E 382 6.32 -10.92 -36.87
CA THR E 382 5.89 -11.91 -37.84
C THR E 382 5.75 -11.28 -39.23
N TYR E 383 5.10 -10.10 -39.29
CA TYR E 383 4.94 -9.39 -40.55
C TYR E 383 6.29 -9.13 -41.22
N ALA E 384 7.32 -8.85 -40.42
CA ALA E 384 8.64 -8.53 -40.96
C ALA E 384 9.27 -9.66 -41.76
N GLU E 385 8.81 -10.91 -41.60
CA GLU E 385 9.42 -12.03 -42.31
C GLU E 385 9.34 -11.87 -43.82
N ARG E 386 8.31 -11.21 -44.34
CA ARG E 386 8.11 -11.12 -45.79
C ARG E 386 9.20 -10.32 -46.48
N PHE E 387 9.93 -9.46 -45.76
CA PHE E 387 10.98 -8.67 -46.38
C PHE E 387 12.30 -9.44 -46.55
N LYS E 388 12.40 -10.67 -46.03
CA LYS E 388 13.62 -11.46 -46.10
C LYS E 388 14.81 -10.64 -45.58
N PRO E 389 14.72 -10.08 -44.38
CA PRO E 389 15.70 -9.08 -43.95
C PRO E 389 17.02 -9.71 -43.52
N GLN E 390 18.09 -8.89 -43.59
CA GLN E 390 19.36 -9.30 -43.02
C GLN E 390 19.54 -8.84 -41.59
N SER E 391 18.75 -7.86 -41.12
CA SER E 391 18.64 -7.62 -39.68
C SER E 391 17.26 -7.03 -39.38
N VAL E 392 16.80 -7.28 -38.16
CA VAL E 392 15.51 -6.82 -37.66
C VAL E 392 15.76 -6.31 -36.24
N ILE E 393 15.54 -5.02 -36.00
CA ILE E 393 15.72 -4.43 -34.68
C ILE E 393 14.40 -3.84 -34.22
N ASP E 394 13.91 -4.28 -33.08
CA ASP E 394 12.74 -3.61 -32.48
C ASP E 394 13.20 -2.67 -31.37
N ILE E 395 12.50 -1.55 -31.23
CA ILE E 395 12.79 -0.49 -30.26
C ILE E 395 11.50 -0.21 -29.50
N ALA E 396 11.57 -0.22 -28.17
CA ALA E 396 10.32 -0.12 -27.41
C ALA E 396 10.60 0.33 -25.98
N THR E 397 9.73 1.21 -25.47
CA THR E 397 9.68 1.58 -24.06
C THR E 397 8.95 0.45 -23.35
N LEU E 398 9.65 -0.67 -23.16
CA LEU E 398 8.98 -1.92 -22.89
C LEU E 398 8.78 -2.23 -21.41
N THR E 399 9.82 -2.15 -20.57
CA THR E 399 9.65 -2.61 -19.19
C THR E 399 10.21 -1.60 -18.20
N GLY E 400 9.49 -1.38 -17.10
CA GLY E 400 10.06 -0.63 -15.98
C GLY E 400 11.20 -1.36 -15.31
N ALA E 401 11.21 -2.70 -15.39
CA ALA E 401 12.34 -3.47 -14.86
C ALA E 401 13.66 -3.08 -15.53
N CYS E 402 13.63 -2.57 -16.76
CA CYS E 402 14.88 -2.15 -17.38
C CYS E 402 15.48 -0.92 -16.68
N ILE E 403 14.63 -0.05 -16.13
CA ILE E 403 15.16 1.10 -15.41
C ILE E 403 15.79 0.65 -14.10
N VAL E 404 15.18 -0.35 -13.45
CA VAL E 404 15.79 -0.96 -12.27
C VAL E 404 17.15 -1.60 -12.62
N ALA E 405 17.23 -2.23 -13.79
CA ALA E 405 18.44 -2.97 -14.16
C ALA E 405 19.56 -2.07 -14.65
N LEU E 406 19.24 -1.06 -15.47
CA LEU E 406 20.24 -0.26 -16.17
C LEU E 406 20.03 1.26 -16.03
N GLY E 407 18.96 1.70 -15.39
CA GLY E 407 18.82 3.09 -15.06
C GLY E 407 18.35 3.89 -16.24
N SER E 408 18.63 5.19 -16.21
CA SER E 408 18.12 6.07 -17.23
C SER E 408 19.12 6.42 -18.31
N ASN E 409 20.36 5.93 -18.25
CA ASN E 409 21.32 6.38 -19.26
C ASN E 409 21.80 5.28 -20.19
N THR E 410 21.43 4.02 -19.99
CA THR E 410 21.89 2.92 -20.83
C THR E 410 20.69 2.09 -21.24
N SER E 411 20.50 1.91 -22.53
CA SER E 411 19.37 1.08 -22.96
C SER E 411 19.70 -0.40 -22.78
N GLY E 412 18.67 -1.20 -22.52
CA GLY E 412 18.85 -2.64 -22.54
C GLY E 412 18.83 -3.17 -23.96
N LEU E 413 19.75 -4.11 -24.23
CA LEU E 413 19.86 -4.77 -25.53
C LEU E 413 19.84 -6.29 -25.37
N MET E 414 18.97 -6.97 -26.12
CA MET E 414 18.97 -8.43 -26.25
C MET E 414 18.83 -8.83 -27.71
N GLY E 415 19.15 -10.09 -28.03
CA GLY E 415 19.05 -10.52 -29.42
C GLY E 415 19.35 -12.00 -29.59
N ASN E 416 19.04 -12.51 -30.79
CA ASN E 416 19.29 -13.92 -31.11
C ASN E 416 20.52 -14.13 -31.98
N ASN E 417 21.39 -13.12 -32.11
CA ASN E 417 22.55 -13.21 -32.99
C ASN E 417 23.68 -12.35 -32.45
N GLU E 418 24.79 -12.98 -32.06
CA GLU E 418 25.88 -12.26 -31.39
C GLU E 418 26.50 -11.19 -32.29
N ALA E 419 26.59 -11.44 -33.59
CA ALA E 419 27.21 -10.45 -34.47
C ALA E 419 26.37 -9.17 -34.50
N LEU E 420 25.06 -9.31 -34.65
CA LEU E 420 24.19 -8.13 -34.65
C LEU E 420 24.24 -7.40 -33.31
N VAL E 421 24.26 -8.14 -32.20
CA VAL E 421 24.31 -7.47 -30.90
C VAL E 421 25.62 -6.68 -30.75
N ARG E 422 26.74 -7.28 -31.15
CA ARG E 422 28.01 -6.55 -31.06
C ARG E 422 27.99 -5.29 -31.92
N GLN E 423 27.41 -5.39 -33.11
CA GLN E 423 27.31 -4.23 -33.99
C GLN E 423 26.56 -3.08 -33.31
N LEU E 424 25.45 -3.41 -32.63
CA LEU E 424 24.66 -2.35 -31.99
C LEU E 424 25.41 -1.76 -30.81
N LEU E 425 26.11 -2.58 -30.04
CA LEU E 425 26.87 -2.07 -28.92
C LEU E 425 27.96 -1.09 -29.38
N LYS E 426 28.73 -1.47 -30.42
CA LYS E 426 29.74 -0.54 -30.94
C LYS E 426 29.11 0.75 -31.44
N ALA E 427 28.02 0.66 -32.19
CA ALA E 427 27.33 1.87 -32.62
C ALA E 427 26.99 2.75 -31.41
N GLY E 428 26.50 2.16 -30.33
CA GLY E 428 26.18 2.94 -29.16
C GLY E 428 27.39 3.58 -28.52
N GLU E 429 28.52 2.86 -28.46
CA GLU E 429 29.72 3.46 -27.90
C GLU E 429 30.19 4.64 -28.74
N PHE E 430 30.18 4.48 -30.07
CA PHE E 430 30.64 5.56 -30.94
C PHE E 430 29.74 6.78 -30.81
N ALA E 431 28.42 6.58 -30.82
CA ALA E 431 27.47 7.68 -30.71
C ALA E 431 27.39 8.26 -29.29
N ASP E 432 28.02 7.65 -28.29
CA ASP E 432 27.77 8.00 -26.88
C ASP E 432 26.27 7.99 -26.59
N ASP E 433 25.60 6.94 -27.07
CA ASP E 433 24.17 6.62 -26.86
C ASP E 433 24.11 5.13 -26.52
N ARG E 434 24.60 4.78 -25.34
CA ARG E 434 25.03 3.41 -25.08
C ARG E 434 23.86 2.50 -24.72
N ALA E 435 24.00 1.22 -25.10
CA ALA E 435 23.18 0.14 -24.61
C ALA E 435 24.07 -0.87 -23.88
N TRP E 436 23.44 -1.91 -23.35
CA TRP E 436 24.16 -2.96 -22.62
C TRP E 436 23.39 -4.27 -22.78
N GLN E 437 24.11 -5.36 -23.09
CA GLN E 437 23.43 -6.62 -23.38
C GLN E 437 22.96 -7.30 -22.10
N LEU E 438 21.76 -7.89 -22.16
CA LEU E 438 21.25 -8.82 -21.15
C LEU E 438 20.99 -10.18 -21.80
N PRO E 439 21.19 -11.28 -21.08
CA PRO E 439 21.17 -12.60 -21.73
C PRO E 439 19.76 -13.13 -21.89
N LEU E 440 19.54 -13.85 -23.00
CA LEU E 440 18.30 -14.58 -23.21
C LEU E 440 18.50 -16.09 -23.02
N PHE E 441 19.20 -16.48 -21.95
CA PHE E 441 19.45 -17.91 -21.69
C PHE E 441 18.16 -18.72 -21.75
N ASP E 442 18.28 -19.95 -22.24
CA ASP E 442 17.08 -20.73 -22.46
C ASP E 442 16.31 -20.98 -21.16
N GLU E 443 17.02 -20.96 -20.02
CA GLU E 443 16.38 -21.21 -18.72
C GLU E 443 15.33 -20.15 -18.35
N TYR E 444 15.43 -18.92 -18.88
CA TYR E 444 14.42 -17.93 -18.57
C TYR E 444 13.10 -18.20 -19.28
N GLN E 445 13.14 -18.99 -20.36
CA GLN E 445 11.97 -19.13 -21.22
C GLN E 445 10.79 -19.77 -20.49
N GLU E 446 11.08 -20.60 -19.48
CA GLU E 446 10.02 -21.33 -18.81
C GLU E 446 9.14 -20.42 -17.94
N GLN E 447 9.62 -19.21 -17.62
CA GLN E 447 8.76 -18.26 -16.90
C GLN E 447 7.55 -17.83 -17.73
N LEU E 448 7.56 -18.08 -19.04
CA LEU E 448 6.44 -17.74 -19.91
C LEU E 448 5.48 -18.92 -20.15
N ASP E 449 5.70 -20.06 -19.51
CA ASP E 449 4.78 -21.17 -19.68
C ASP E 449 3.38 -20.83 -19.15
N SER E 450 2.36 -21.21 -19.92
CA SER E 450 0.97 -21.12 -19.50
C SER E 450 0.32 -22.51 -19.54
N PRO E 451 -0.46 -22.87 -18.54
CA PRO E 451 -1.24 -24.13 -18.65
C PRO E 451 -2.31 -24.09 -19.75
N PHE E 452 -2.63 -22.91 -20.29
CA PHE E 452 -3.78 -22.75 -21.15
C PHE E 452 -3.46 -22.38 -22.60
N ALA E 453 -2.24 -21.95 -22.90
CA ALA E 453 -1.91 -21.43 -24.22
C ALA E 453 -0.43 -21.67 -24.51
N ASP E 454 0.00 -21.31 -25.72
CA ASP E 454 1.38 -21.57 -26.11
C ASP E 454 2.35 -20.71 -25.30
N ILE E 455 1.95 -19.48 -24.98
CA ILE E 455 2.81 -18.52 -24.27
C ILE E 455 1.95 -17.66 -23.36
N ALA E 456 2.43 -17.39 -22.14
CA ALA E 456 1.89 -16.31 -21.32
C ALA E 456 2.61 -15.00 -21.67
N ASN E 457 1.92 -13.87 -21.50
CA ASN E 457 2.52 -12.60 -21.91
C ASN E 457 3.34 -11.94 -20.80
N ILE E 458 3.46 -12.58 -19.63
CA ILE E 458 4.30 -12.07 -18.54
C ILE E 458 4.93 -13.26 -17.85
N GLY E 459 6.10 -13.03 -17.28
CA GLY E 459 6.80 -14.09 -16.57
C GLY E 459 7.05 -13.89 -15.08
N GLY E 460 6.28 -13.04 -14.40
CA GLY E 460 6.48 -12.85 -12.97
C GLY E 460 7.52 -11.80 -12.63
N PRO E 461 7.75 -11.57 -11.33
CA PRO E 461 8.56 -10.41 -10.91
C PRO E 461 10.06 -10.55 -11.14
N LYS E 462 10.58 -11.73 -11.49
CA LYS E 462 12.02 -11.89 -11.66
C LYS E 462 12.40 -11.74 -13.13
N ALA E 463 13.46 -10.99 -13.39
CA ALA E 463 14.05 -10.91 -14.73
C ALA E 463 13.07 -10.33 -15.74
N GLY E 464 12.36 -9.25 -15.34
CA GLY E 464 11.28 -8.73 -16.17
C GLY E 464 11.73 -8.29 -17.56
N THR E 465 12.88 -7.63 -17.66
CA THR E 465 13.36 -7.20 -18.97
C THR E 465 13.73 -8.38 -19.85
N ILE E 466 14.37 -9.39 -19.25
CA ILE E 466 14.82 -10.55 -20.01
C ILE E 466 13.62 -11.38 -20.48
N THR E 467 12.64 -11.62 -19.61
CA THR E 467 11.51 -12.44 -20.07
C THR E 467 10.69 -11.72 -21.13
N ALA E 468 10.63 -10.38 -21.10
CA ALA E 468 10.00 -9.67 -22.20
C ALA E 468 10.75 -9.93 -23.53
N GLY E 469 12.09 -9.89 -23.49
CA GLY E 469 12.85 -10.24 -24.68
C GLY E 469 12.68 -11.70 -25.08
N CYS E 470 12.59 -12.60 -24.10
CA CYS E 470 12.29 -14.00 -24.41
C CYS E 470 10.97 -14.12 -25.15
N PHE E 471 9.94 -13.39 -24.70
CA PHE E 471 8.65 -13.39 -25.38
C PHE E 471 8.81 -13.01 -26.84
N LEU E 472 9.42 -11.85 -27.10
CA LEU E 472 9.63 -11.40 -28.48
C LEU E 472 10.47 -12.40 -29.28
N SER E 473 11.47 -13.02 -28.65
CA SER E 473 12.35 -13.90 -29.42
C SER E 473 11.58 -15.04 -30.08
N ARG E 474 10.47 -15.47 -29.48
CA ARG E 474 9.69 -16.56 -30.04
C ARG E 474 9.07 -16.23 -31.38
N PHE E 475 9.06 -14.95 -31.78
CA PHE E 475 8.53 -14.52 -33.06
C PHE E 475 9.64 -14.12 -34.04
N ALA E 476 10.91 -14.12 -33.61
CA ALA E 476 12.02 -13.63 -34.42
C ALA E 476 12.97 -14.74 -34.86
N LYS E 477 12.56 -16.02 -34.81
CA LYS E 477 13.51 -17.10 -35.06
C LYS E 477 14.02 -17.16 -36.50
N LYS E 478 13.27 -16.61 -37.45
CA LYS E 478 13.58 -16.74 -38.87
C LYS E 478 14.59 -15.72 -39.38
N TYR E 479 15.11 -14.83 -38.54
CA TYR E 479 16.11 -13.88 -39.00
C TYR E 479 16.98 -13.45 -37.84
N HIS E 480 18.05 -12.72 -38.19
CA HIS E 480 18.91 -12.07 -37.21
C HIS E 480 18.17 -10.89 -36.58
N TRP E 481 18.04 -10.90 -35.24
CA TRP E 481 17.14 -10.00 -34.54
C TRP E 481 17.78 -9.48 -33.25
N ALA E 482 17.53 -8.20 -32.95
CA ALA E 482 17.87 -7.60 -31.67
C ALA E 482 16.73 -6.71 -31.19
N HIS E 483 16.76 -6.40 -29.89
CA HIS E 483 15.66 -5.75 -29.19
C HIS E 483 16.23 -4.72 -28.24
N LEU E 484 15.84 -3.44 -28.43
CA LEU E 484 16.29 -2.33 -27.61
C LEU E 484 15.15 -1.89 -26.69
N ASP E 485 15.35 -2.05 -25.37
CA ASP E 485 14.39 -1.59 -24.36
C ASP E 485 14.80 -0.20 -23.90
N ILE E 486 14.00 0.80 -24.25
CA ILE E 486 14.37 2.18 -24.03
C ILE E 486 13.46 2.83 -22.98
N ALA E 487 12.82 2.03 -22.13
CA ALA E 487 11.92 2.59 -21.12
C ALA E 487 12.64 3.64 -20.27
N GLY E 488 13.94 3.47 -20.04
CA GLY E 488 14.68 4.42 -19.21
C GLY E 488 15.37 5.55 -19.95
N THR E 489 15.71 5.36 -21.23
CA THR E 489 16.51 6.34 -21.96
C THR E 489 15.69 7.24 -22.89
N ALA E 490 14.42 6.89 -23.16
CA ALA E 490 13.62 7.60 -24.15
C ALA E 490 13.09 8.96 -23.67
N TRP E 491 13.07 9.23 -22.37
CA TRP E 491 12.52 10.51 -21.92
C TRP E 491 13.06 10.84 -20.55
N ILE E 492 12.91 12.11 -20.17
CA ILE E 492 13.30 12.59 -18.85
C ILE E 492 12.04 12.86 -18.06
N SER E 493 12.00 12.36 -16.81
CA SER E 493 10.73 12.27 -16.07
C SER E 493 10.24 13.63 -15.57
N GLY E 494 11.07 14.36 -14.83
CA GLY E 494 10.64 15.63 -14.26
C GLY E 494 11.69 16.70 -14.40
N GLY E 495 11.49 17.83 -13.70
CA GLY E 495 12.42 18.94 -13.78
C GLY E 495 12.17 19.85 -14.97
N LYS E 496 13.03 20.86 -15.09
CA LYS E 496 12.87 21.79 -16.21
C LYS E 496 12.97 21.07 -17.55
N ASP E 497 13.77 20.00 -17.64
CA ASP E 497 14.05 19.31 -18.90
C ASP E 497 13.15 18.11 -19.17
N LYS E 498 12.04 17.95 -18.46
CA LYS E 498 11.12 16.84 -18.73
C LYS E 498 10.70 16.81 -20.20
N GLY E 499 10.77 15.64 -20.81
CA GLY E 499 10.40 15.50 -22.20
C GLY E 499 11.17 14.38 -22.87
N ALA E 500 10.80 14.13 -24.13
CA ALA E 500 11.47 13.07 -24.88
C ALA E 500 12.92 13.45 -25.18
N THR E 501 13.77 12.42 -25.28
CA THR E 501 15.20 12.61 -25.51
C THR E 501 15.62 12.43 -26.96
N GLY E 502 14.85 11.69 -27.75
CA GLY E 502 15.30 11.34 -29.08
C GLY E 502 16.23 10.13 -29.15
N ARG E 503 16.63 9.55 -28.01
CA ARG E 503 17.32 8.27 -28.05
C ARG E 503 16.33 7.16 -28.42
N PRO E 504 16.79 6.13 -29.15
CA PRO E 504 18.18 5.86 -29.56
C PRO E 504 18.47 6.21 -31.02
N VAL E 505 17.97 7.35 -31.54
CA VAL E 505 18.25 7.71 -32.93
C VAL E 505 19.74 7.77 -33.18
N PRO E 506 20.59 8.30 -32.28
CA PRO E 506 22.03 8.33 -32.59
C PRO E 506 22.63 6.94 -32.74
N LEU E 507 22.22 5.97 -31.89
CA LEU E 507 22.72 4.60 -32.01
C LEU E 507 22.28 3.96 -33.32
N LEU E 508 20.97 4.02 -33.62
CA LEU E 508 20.46 3.37 -34.82
C LEU E 508 21.07 3.96 -36.09
N THR E 509 21.19 5.28 -36.17
CA THR E 509 21.77 5.90 -37.37
C THR E 509 23.24 5.53 -37.54
N GLN E 510 24.00 5.49 -36.45
CA GLN E 510 25.39 5.05 -36.55
C GLN E 510 25.46 3.60 -37.00
N TYR E 511 24.55 2.74 -36.50
CA TYR E 511 24.52 1.36 -36.97
C TYR E 511 24.32 1.30 -38.48
N LEU E 512 23.33 2.04 -38.99
CA LEU E 512 23.06 2.04 -40.42
C LEU E 512 24.22 2.64 -41.22
N LEU E 513 24.83 3.73 -40.71
CA LEU E 513 25.99 4.31 -41.38
C LEU E 513 27.09 3.27 -41.56
N GLU E 514 27.35 2.47 -40.52
CA GLU E 514 28.38 1.43 -40.62
C GLU E 514 27.96 0.35 -41.60
N ARG E 515 26.68 -0.03 -41.58
CA ARG E 515 26.21 -1.07 -42.50
C ARG E 515 26.23 -0.59 -43.95
N ALA E 516 26.25 0.74 -44.16
CA ALA E 516 26.20 1.34 -45.48
C ALA E 516 27.56 1.41 -46.17
N LYS E 517 28.65 1.04 -45.51
CA LYS E 517 29.98 1.16 -46.12
C LYS E 517 30.33 -0.06 -46.96
N PHE F 19 -13.12 -2.11 39.91
CA PHE F 19 -14.49 -1.61 39.99
C PHE F 19 -15.30 -2.35 41.06
N GLN F 20 -15.98 -1.58 41.92
CA GLN F 20 -16.62 -2.09 43.13
C GLN F 20 -18.01 -2.65 42.90
N GLY F 21 -18.82 -1.97 42.08
CA GLY F 21 -20.19 -2.40 41.84
C GLY F 21 -21.08 -2.24 43.06
N GLY F 22 -21.31 -3.33 43.78
CA GLY F 22 -22.01 -3.28 45.04
C GLY F 22 -23.50 -3.01 44.95
N MET F 23 -24.12 -3.22 43.79
CA MET F 23 -25.54 -2.93 43.65
C MET F 23 -26.31 -4.15 44.12
N GLU F 24 -27.33 -3.93 44.94
CA GLU F 24 -28.08 -5.00 45.56
C GLU F 24 -29.23 -5.44 44.65
N PHE F 25 -29.35 -6.76 44.44
CA PHE F 25 -30.45 -7.34 43.70
C PHE F 25 -31.29 -8.19 44.65
N LEU F 26 -32.61 -7.94 44.65
CA LEU F 26 -33.53 -8.65 45.52
C LEU F 26 -34.68 -9.21 44.71
N VAL F 27 -35.17 -10.37 45.12
CA VAL F 27 -36.35 -10.99 44.51
C VAL F 27 -37.46 -10.98 45.55
N LYS F 28 -38.62 -10.43 45.18
CA LYS F 28 -39.77 -10.35 46.06
C LYS F 28 -41.03 -10.81 45.35
N SER F 29 -42.00 -11.29 46.13
CA SER F 29 -43.28 -11.78 45.62
C SER F 29 -44.46 -10.91 46.05
N VAL F 30 -44.24 -9.64 46.35
CA VAL F 30 -45.31 -8.77 46.83
C VAL F 30 -46.03 -8.09 45.66
N ARG F 31 -47.19 -7.51 45.94
CA ARG F 31 -47.97 -6.86 44.90
C ARG F 31 -47.26 -5.59 44.42
N PRO F 32 -47.19 -5.35 43.12
CA PRO F 32 -46.51 -4.13 42.65
C PRO F 32 -47.20 -2.84 43.08
N GLU F 33 -48.53 -2.84 43.13
CA GLU F 33 -49.25 -1.58 43.33
C GLU F 33 -49.23 -1.07 44.77
N THR F 34 -48.79 -1.87 45.74
CA THR F 34 -48.59 -1.38 47.09
C THR F 34 -47.12 -1.36 47.51
N LEU F 35 -46.19 -1.63 46.60
CA LEU F 35 -44.78 -1.67 46.96
C LEU F 35 -44.22 -0.26 47.03
N LYS F 36 -43.55 0.04 48.14
CA LYS F 36 -42.89 1.34 48.29
C LYS F 36 -41.57 1.30 47.52
N THR F 37 -41.39 2.26 46.61
CA THR F 37 -40.18 2.30 45.79
C THR F 37 -40.08 3.68 45.16
N ALA F 38 -38.85 4.08 44.83
CA ALA F 38 -38.67 5.34 44.10
C ALA F 38 -39.20 5.25 42.67
N THR F 39 -39.07 4.09 42.03
CA THR F 39 -39.51 3.91 40.64
C THR F 39 -39.99 2.48 40.44
N LEU F 40 -41.21 2.33 39.94
CA LEU F 40 -41.79 1.04 39.59
C LEU F 40 -41.81 0.94 38.07
N VAL F 41 -41.25 -0.14 37.52
CA VAL F 41 -41.04 -0.24 36.08
C VAL F 41 -42.05 -1.23 35.52
N LEU F 42 -42.83 -0.80 34.54
CA LEU F 42 -43.83 -1.66 33.92
C LEU F 42 -43.63 -1.78 32.42
N ALA F 43 -43.84 -2.98 31.88
CA ALA F 43 -43.83 -3.20 30.44
C ALA F 43 -45.16 -2.79 29.80
N VAL F 44 -45.08 -2.17 28.62
CA VAL F 44 -46.23 -1.76 27.83
C VAL F 44 -46.01 -2.30 26.42
N GLY F 45 -46.90 -3.19 25.99
CA GLY F 45 -46.82 -3.71 24.65
C GLY F 45 -47.29 -2.71 23.60
N GLU F 46 -46.91 -3.01 22.37
CA GLU F 46 -47.30 -2.23 21.20
C GLU F 46 -48.63 -2.79 20.70
N GLY F 47 -49.68 -1.98 20.74
CA GLY F 47 -50.94 -2.38 20.12
C GLY F 47 -51.54 -3.66 20.69
N ARG F 48 -51.45 -3.84 22.00
CA ARG F 48 -52.16 -4.90 22.69
C ARG F 48 -52.34 -4.50 24.15
N LYS F 49 -53.18 -5.25 24.86
CA LYS F 49 -53.65 -4.84 26.18
C LYS F 49 -52.52 -4.94 27.21
N LEU F 50 -52.46 -3.94 28.12
CA LEU F 50 -51.60 -4.06 29.30
C LEU F 50 -51.54 -5.48 29.86
N GLY F 51 -50.34 -5.93 30.20
CA GLY F 51 -50.18 -7.23 30.85
C GLY F 51 -50.75 -7.25 32.27
N ALA F 52 -50.66 -8.42 32.89
CA ALA F 52 -51.32 -8.66 34.18
C ALA F 52 -50.89 -7.64 35.23
N SER F 53 -49.58 -7.54 35.47
CA SER F 53 -49.07 -6.61 36.48
C SER F 53 -49.42 -5.18 36.15
N ALA F 54 -49.18 -4.74 34.91
CA ALA F 54 -49.44 -3.34 34.58
C ALA F 54 -50.93 -3.04 34.67
N LYS F 55 -51.77 -4.02 34.31
CA LYS F 55 -53.21 -3.86 34.44
C LYS F 55 -53.60 -3.61 35.89
N ALA F 56 -53.02 -4.38 36.81
CA ALA F 56 -53.33 -4.23 38.22
C ALA F 56 -52.90 -2.86 38.74
N VAL F 57 -51.72 -2.38 38.33
CA VAL F 57 -51.31 -1.06 38.76
C VAL F 57 -52.25 -0.01 38.17
N ASP F 58 -52.60 -0.16 36.90
CA ASP F 58 -53.50 0.80 36.25
C ASP F 58 -54.83 0.90 37.01
N ASP F 59 -55.45 -0.24 37.29
CA ASP F 59 -56.67 -0.26 38.11
C ASP F 59 -56.46 0.44 39.44
N ALA F 60 -55.36 0.10 40.14
CA ALA F 60 -55.07 0.70 41.44
C ALA F 60 -55.08 2.23 41.36
N THR F 61 -54.64 2.79 40.22
CA THR F 61 -54.63 4.25 40.05
C THR F 61 -55.94 4.79 39.51
N GLY F 62 -56.92 3.92 39.25
CA GLY F 62 -58.16 4.41 38.65
C GLY F 62 -58.04 4.71 37.18
N GLY F 63 -57.18 3.99 36.47
CA GLY F 63 -57.00 4.17 35.05
C GLY F 63 -56.11 5.33 34.64
N ALA F 64 -55.33 5.91 35.56
CA ALA F 64 -54.46 7.02 35.18
C ALA F 64 -53.42 6.60 34.15
N ILE F 65 -52.94 5.36 34.20
CA ILE F 65 -51.91 4.92 33.27
C ILE F 65 -52.51 4.68 31.89
N SER F 66 -53.62 3.96 31.80
CA SER F 66 -54.25 3.79 30.51
C SER F 66 -54.73 5.13 29.95
N ALA F 67 -55.08 6.07 30.83
CA ALA F 67 -55.47 7.40 30.36
C ALA F 67 -54.28 8.14 29.74
N VAL F 68 -53.11 8.04 30.35
CA VAL F 68 -51.91 8.64 29.75
C VAL F 68 -51.57 7.96 28.43
N LEU F 69 -51.53 6.62 28.44
CA LEU F 69 -51.17 5.89 27.23
C LEU F 69 -52.09 6.19 26.07
N LYS F 70 -53.33 6.61 26.35
CA LYS F 70 -54.25 6.90 25.27
C LYS F 70 -53.90 8.21 24.57
N ARG F 71 -53.15 9.12 25.22
CA ARG F 71 -52.72 10.31 24.51
C ARG F 71 -51.70 9.97 23.41
N GLY F 72 -51.12 8.77 23.43
CA GLY F 72 -50.31 8.30 22.32
C GLY F 72 -48.84 8.68 22.30
N ASP F 73 -48.27 9.11 23.43
CA ASP F 73 -46.86 9.46 23.43
C ASP F 73 -45.95 8.23 23.35
N LEU F 74 -46.39 7.10 23.88
CA LEU F 74 -45.58 5.88 23.94
C LEU F 74 -46.14 4.89 22.92
N ALA F 75 -45.43 4.71 21.80
CA ALA F 75 -45.88 3.76 20.79
C ALA F 75 -45.76 2.32 21.26
N GLY F 76 -44.87 2.06 22.23
CA GLY F 76 -44.68 0.72 22.73
C GLY F 76 -43.61 -0.09 22.03
N LYS F 77 -42.79 0.52 21.19
CA LYS F 77 -41.70 -0.23 20.57
C LYS F 77 -40.65 -0.60 21.64
N VAL F 78 -39.92 -1.66 21.35
CA VAL F 78 -38.97 -2.20 22.32
C VAL F 78 -38.01 -1.10 22.77
N GLY F 79 -37.97 -0.87 24.09
CA GLY F 79 -37.05 0.08 24.67
C GLY F 79 -37.52 1.52 24.72
N GLN F 80 -38.62 1.87 24.06
CA GLN F 80 -39.18 3.20 24.26
C GLN F 80 -39.63 3.34 25.71
N THR F 81 -39.61 4.57 26.22
CA THR F 81 -39.94 4.80 27.63
C THR F 81 -40.89 5.99 27.81
N LEU F 82 -41.66 5.94 28.91
CA LEU F 82 -42.45 7.08 29.37
C LEU F 82 -42.36 7.13 30.90
N LEU F 83 -41.93 8.26 31.45
CA LEU F 83 -41.70 8.38 32.88
C LEU F 83 -42.81 9.21 33.52
N LEU F 84 -43.53 8.62 34.46
CA LEU F 84 -44.60 9.32 35.19
C LEU F 84 -44.16 9.59 36.62
N GLN F 85 -44.62 10.71 37.19
CA GLN F 85 -44.33 11.03 38.58
C GLN F 85 -45.28 10.29 39.52
N SER F 86 -45.90 11.01 40.46
CA SER F 86 -46.75 10.36 41.44
C SER F 86 -48.14 10.11 40.88
N LEU F 87 -48.66 8.91 41.10
CA LEU F 87 -49.95 8.53 40.58
C LEU F 87 -50.90 8.16 41.71
N PRO F 88 -52.19 8.43 41.55
CA PRO F 88 -53.13 8.21 42.65
C PRO F 88 -53.04 6.81 43.23
N ASN F 89 -52.98 6.72 44.55
CA ASN F 89 -53.11 5.50 45.32
C ASN F 89 -51.89 4.59 45.23
N LEU F 90 -50.77 5.02 44.64
CA LEU F 90 -49.57 4.19 44.55
C LEU F 90 -48.57 4.60 45.62
N LYS F 91 -47.72 3.66 46.02
CA LYS F 91 -46.61 3.97 46.90
C LYS F 91 -45.28 4.14 46.17
N ALA F 92 -45.28 4.02 44.83
CA ALA F 92 -44.11 4.34 44.03
C ALA F 92 -44.03 5.85 43.79
N GLU F 93 -42.87 6.45 44.02
CA GLU F 93 -42.77 7.88 43.72
C GLU F 93 -42.84 8.14 42.22
N ARG F 94 -42.46 7.17 41.39
CA ARG F 94 -42.47 7.33 39.95
C ARG F 94 -42.86 6.01 39.31
N VAL F 95 -43.42 6.09 38.10
CA VAL F 95 -43.70 4.89 37.30
C VAL F 95 -43.01 5.04 35.95
N LEU F 96 -42.16 4.06 35.62
CA LEU F 96 -41.47 4.03 34.33
C LEU F 96 -42.15 2.99 33.45
N LEU F 97 -42.72 3.43 32.32
CA LEU F 97 -43.28 2.54 31.32
C LEU F 97 -42.25 2.30 30.21
N VAL F 98 -42.04 1.04 29.83
CA VAL F 98 -41.07 0.72 28.79
C VAL F 98 -41.72 -0.18 27.76
N GLY F 99 -41.57 0.17 26.48
CA GLY F 99 -42.19 -0.59 25.40
C GLY F 99 -41.61 -1.99 25.25
N ALA F 100 -42.50 -2.94 24.97
CA ALA F 100 -42.10 -4.34 24.78
C ALA F 100 -42.36 -4.88 23.37
N GLY F 101 -42.67 -4.01 22.40
CA GLY F 101 -42.91 -4.46 21.04
C GLY F 101 -44.30 -5.06 20.86
N LYS F 102 -44.57 -5.53 19.64
CA LYS F 102 -45.87 -6.17 19.39
C LYS F 102 -45.81 -7.69 19.49
N GLU F 103 -44.62 -8.27 19.60
CA GLU F 103 -44.50 -9.71 19.56
C GLU F 103 -44.94 -10.35 20.88
N ARG F 104 -45.45 -11.58 20.77
CA ARG F 104 -45.83 -12.34 21.94
C ARG F 104 -44.62 -12.66 22.80
N GLU F 105 -43.54 -13.13 22.16
CA GLU F 105 -42.28 -13.40 22.84
C GLU F 105 -41.18 -12.50 22.29
N LEU F 106 -40.28 -12.09 23.18
CA LEU F 106 -39.08 -11.37 22.79
C LEU F 106 -37.94 -12.34 22.53
N GLY F 107 -37.06 -11.97 21.59
CA GLY F 107 -35.78 -12.64 21.47
C GLY F 107 -34.78 -12.09 22.49
N ASP F 108 -33.66 -12.81 22.63
CA ASP F 108 -32.62 -12.40 23.58
C ASP F 108 -32.18 -10.96 23.34
N ARG F 109 -31.93 -10.58 22.08
CA ARG F 109 -31.45 -9.23 21.81
C ARG F 109 -32.47 -8.18 22.24
N GLN F 110 -33.76 -8.44 21.97
CA GLN F 110 -34.81 -7.51 22.38
C GLN F 110 -34.90 -7.39 23.91
N TYR F 111 -34.81 -8.52 24.62
CA TYR F 111 -34.85 -8.50 26.08
C TYR F 111 -33.71 -7.68 26.66
N ARG F 112 -32.50 -7.90 26.15
CA ARG F 112 -31.36 -7.08 26.55
C ARG F 112 -31.61 -5.62 26.25
N LYS F 113 -32.12 -5.31 25.05
CA LYS F 113 -32.35 -3.92 24.70
C LYS F 113 -33.39 -3.29 25.64
N LEU F 114 -34.46 -4.01 25.95
CA LEU F 114 -35.43 -3.52 26.94
C LEU F 114 -34.75 -3.23 28.28
N ALA F 115 -33.95 -4.17 28.78
CA ALA F 115 -33.32 -3.97 30.10
C ALA F 115 -32.35 -2.80 30.09
N SER F 116 -31.56 -2.64 29.01
CA SER F 116 -30.63 -1.52 28.93
C SER F 116 -31.35 -0.19 28.85
N ALA F 117 -32.49 -0.14 28.16
CA ALA F 117 -33.28 1.09 28.14
C ALA F 117 -33.72 1.48 29.55
N VAL F 118 -34.07 0.50 30.37
CA VAL F 118 -34.57 0.79 31.74
C VAL F 118 -33.41 1.32 32.60
N LEU F 119 -32.26 0.63 32.59
CA LEU F 119 -31.09 1.04 33.42
C LEU F 119 -30.65 2.45 33.02
N SER F 120 -30.62 2.77 31.72
CA SER F 120 -30.25 4.13 31.25
C SER F 120 -31.11 5.18 31.97
N THR F 121 -32.43 5.05 31.91
CA THR F 121 -33.34 6.01 32.58
C THR F 121 -33.07 6.05 34.09
N LEU F 122 -32.94 4.89 34.72
CA LEU F 122 -32.76 4.81 36.20
C LEU F 122 -31.44 5.49 36.63
N LYS F 123 -30.37 5.32 35.84
CA LYS F 123 -29.05 5.91 36.17
C LYS F 123 -29.13 7.44 36.21
N GLY F 124 -29.96 8.05 35.37
CA GLY F 124 -30.12 9.51 35.32
C GLY F 124 -31.06 10.05 36.38
N LEU F 125 -31.72 9.18 37.14
CA LEU F 125 -32.67 9.62 38.19
C LEU F 125 -32.02 9.64 39.57
N ALA F 126 -32.63 10.35 40.52
CA ALA F 126 -32.09 10.46 41.90
C ALA F 126 -32.76 9.43 42.81
N GLY F 127 -33.47 8.46 42.22
CA GLY F 127 -34.05 7.36 43.01
C GLY F 127 -32.99 6.43 43.55
N ALA F 128 -33.09 6.07 44.82
CA ALA F 128 -32.10 5.18 45.46
C ALA F 128 -32.43 3.72 45.14
N ASP F 129 -33.61 3.48 44.58
CA ASP F 129 -34.02 2.09 44.31
C ASP F 129 -35.05 2.05 43.17
N ALA F 130 -35.24 0.87 42.59
CA ALA F 130 -36.25 0.70 41.53
C ALA F 130 -36.81 -0.72 41.62
N ALA F 131 -38.09 -0.88 41.32
CA ALA F 131 -38.72 -2.23 41.32
C ALA F 131 -39.14 -2.60 39.91
N LEU F 132 -38.71 -3.75 39.43
CA LEU F 132 -39.02 -4.20 38.04
C LEU F 132 -40.16 -5.22 38.06
N ALA F 133 -41.30 -4.87 37.48
CA ALA F 133 -42.44 -5.80 37.38
C ALA F 133 -42.51 -6.28 35.94
N LEU F 134 -41.52 -7.04 35.50
CA LEU F 134 -41.44 -7.44 34.07
C LEU F 134 -41.62 -8.96 33.94
N GLY F 135 -42.14 -9.63 34.98
CA GLY F 135 -42.31 -11.08 34.96
C GLY F 135 -43.33 -11.56 33.96
N ASP F 136 -44.12 -10.64 33.39
CA ASP F 136 -45.13 -11.01 32.37
C ASP F 136 -44.49 -11.03 30.98
N LEU F 137 -43.26 -10.54 30.85
CA LEU F 137 -42.55 -10.57 29.55
C LEU F 137 -42.16 -12.02 29.24
N ALA F 138 -42.35 -12.43 27.99
CA ALA F 138 -41.95 -13.79 27.57
C ALA F 138 -40.70 -13.69 26.69
N VAL F 139 -39.71 -14.54 26.95
CA VAL F 139 -38.47 -14.58 26.12
C VAL F 139 -38.37 -15.98 25.52
N LYS F 140 -38.15 -16.07 24.21
CA LYS F 140 -38.16 -17.37 23.48
C LYS F 140 -37.21 -18.41 24.10
N GLY F 141 -37.73 -19.60 24.39
CA GLY F 141 -36.92 -20.71 24.93
C GLY F 141 -36.37 -20.44 26.32
N ARG F 142 -36.91 -19.43 27.00
CA ARG F 142 -36.31 -19.05 28.31
C ARG F 142 -37.36 -19.12 29.41
N GLY F 143 -37.09 -19.92 30.44
CA GLY F 143 -37.97 -19.96 31.61
C GLY F 143 -37.57 -18.91 32.64
N ALA F 144 -38.00 -19.06 33.89
CA ALA F 144 -37.76 -18.04 34.94
C ALA F 144 -36.26 -17.90 35.24
N HIS F 145 -35.58 -19.01 35.51
CA HIS F 145 -34.12 -18.98 35.81
C HIS F 145 -33.35 -18.39 34.63
N ALA F 146 -33.69 -18.79 33.41
CA ALA F 146 -32.94 -18.36 32.21
C ALA F 146 -33.16 -16.87 31.92
N LYS F 147 -34.38 -16.39 32.11
CA LYS F 147 -34.68 -14.95 31.90
C LYS F 147 -33.96 -14.12 32.98
N ALA F 148 -33.90 -14.63 34.22
CA ALA F 148 -33.25 -13.90 35.32
C ALA F 148 -31.73 -13.82 35.06
N ARG F 149 -31.14 -14.92 34.60
CA ARG F 149 -29.70 -14.93 34.26
C ARG F 149 -29.41 -13.80 33.26
N LEU F 150 -30.19 -13.73 32.19
CA LEU F 150 -29.98 -12.71 31.13
C LEU F 150 -30.24 -11.29 31.68
N LEU F 151 -31.36 -11.08 32.37
CA LEU F 151 -31.73 -9.71 32.86
C LEU F 151 -30.70 -9.19 33.87
N VAL F 152 -30.38 -9.97 34.91
CA VAL F 152 -29.47 -9.48 35.98
C VAL F 152 -28.06 -9.29 35.42
N GLU F 153 -27.63 -10.15 34.50
CA GLU F 153 -26.29 -10.01 33.88
C GLU F 153 -26.25 -8.70 33.09
N THR F 154 -27.29 -8.42 32.30
CA THR F 154 -27.36 -7.17 31.51
C THR F 154 -27.32 -5.96 32.46
N LEU F 155 -28.13 -5.98 33.51
CA LEU F 155 -28.22 -4.80 34.42
C LEU F 155 -26.89 -4.61 35.17
N ALA F 156 -26.33 -5.67 35.75
CA ALA F 156 -25.09 -5.58 36.54
C ALA F 156 -23.89 -5.15 35.68
N ASP F 157 -23.76 -5.72 34.48
CA ASP F 157 -22.62 -5.40 33.60
C ASP F 157 -22.81 -4.00 33.01
N GLY F 158 -24.06 -3.57 32.84
CA GLY F 158 -24.36 -2.21 32.34
C GLY F 158 -24.00 -1.14 33.35
N LEU F 159 -23.77 -1.53 34.60
CA LEU F 159 -23.34 -0.57 35.66
C LEU F 159 -21.82 -0.48 35.72
N TYR F 160 -21.11 -1.22 34.87
CA TYR F 160 -19.63 -1.20 34.87
C TYR F 160 -19.12 0.21 34.55
N VAL F 161 -18.11 0.65 35.29
CA VAL F 161 -17.50 1.97 35.01
C VAL F 161 -15.98 1.87 35.15
N PHE F 162 -15.24 2.39 34.18
CA PHE F 162 -13.76 2.46 34.26
C PHE F 162 -13.40 3.93 34.13
N ASP F 163 -12.87 4.54 35.18
CA ASP F 163 -12.54 6.00 35.20
C ASP F 163 -11.25 6.21 35.97
N ARG F 164 -10.50 5.14 36.22
CA ARG F 164 -9.20 5.18 36.96
C ARG F 164 -8.31 6.37 36.56
N TYR F 165 -8.11 6.58 35.26
CA TYR F 165 -7.16 7.62 34.79
C TYR F 165 -7.93 8.88 34.36
N LYS F 166 -9.17 9.04 34.81
CA LYS F 166 -9.95 10.27 34.54
C LYS F 166 -9.84 11.21 35.75
N SER F 167 -9.37 12.43 35.55
CA SER F 167 -9.23 13.42 36.63
C SER F 167 -10.64 13.89 37.05
N GLN F 168 -11.58 13.87 36.12
CA GLN F 168 -12.99 14.18 36.47
C GLN F 168 -13.75 12.86 36.50
N LYS F 169 -14.00 12.32 37.68
CA LYS F 169 -14.68 11.01 37.81
C LYS F 169 -16.19 11.23 37.69
N ALA F 170 -16.93 10.19 37.35
CA ALA F 170 -18.39 10.29 37.17
C ALA F 170 -19.09 10.53 38.50
N GLU F 171 -20.15 11.33 38.51
CA GLU F 171 -20.95 11.56 39.75
C GLU F 171 -21.54 10.23 40.20
N PRO F 172 -21.41 9.86 41.49
CA PRO F 172 -21.90 8.56 41.96
C PRO F 172 -23.39 8.36 41.66
N LEU F 173 -23.80 7.12 41.42
CA LEU F 173 -25.22 6.83 41.10
C LEU F 173 -26.05 6.84 42.38
N LYS F 174 -27.26 7.40 42.30
CA LYS F 174 -28.19 7.34 43.46
C LYS F 174 -28.77 5.93 43.54
N LEU F 175 -28.94 5.27 42.39
CA LEU F 175 -29.52 3.89 42.37
C LEU F 175 -28.58 2.93 43.08
N LYS F 176 -29.09 2.20 44.08
CA LYS F 176 -28.24 1.28 44.88
C LYS F 176 -28.97 -0.06 45.09
N LYS F 177 -30.23 -0.14 44.70
CA LYS F 177 -31.01 -1.38 44.89
C LYS F 177 -32.00 -1.61 43.73
N LEU F 178 -32.03 -2.83 43.22
CA LEU F 178 -32.98 -3.20 42.15
C LEU F 178 -33.77 -4.42 42.62
N THR F 179 -35.09 -4.34 42.60
CA THR F 179 -35.96 -5.45 43.08
C THR F 179 -36.66 -6.10 41.89
N LEU F 180 -36.52 -7.42 41.76
CA LEU F 180 -37.20 -8.18 40.69
C LEU F 180 -38.48 -8.76 41.31
N LEU F 181 -39.63 -8.29 40.84
CA LEU F 181 -40.91 -8.82 41.34
C LEU F 181 -41.20 -10.13 40.59
N ALA F 182 -41.57 -11.17 41.32
CA ALA F 182 -41.84 -12.49 40.71
C ALA F 182 -42.92 -13.22 41.50
N ASP F 183 -43.68 -14.08 40.83
CA ASP F 183 -44.69 -14.91 41.51
C ASP F 183 -43.96 -15.82 42.50
N LYS F 184 -44.62 -16.21 43.58
CA LYS F 184 -43.97 -17.06 44.62
C LYS F 184 -43.53 -18.41 44.02
N ALA F 185 -44.17 -18.84 42.94
CA ALA F 185 -43.84 -20.16 42.34
C ALA F 185 -42.54 -20.09 41.54
N ASP F 186 -42.15 -18.90 41.07
CA ASP F 186 -40.94 -18.74 40.24
C ASP F 186 -39.84 -18.06 41.06
N SER F 187 -40.13 -17.62 42.28
CA SER F 187 -39.17 -16.82 43.09
C SER F 187 -37.82 -17.53 43.26
N ALA F 188 -37.83 -18.81 43.58
CA ALA F 188 -36.57 -19.54 43.82
C ALA F 188 -35.71 -19.55 42.56
N ALA F 189 -36.31 -19.84 41.42
CA ALA F 189 -35.58 -19.87 40.13
C ALA F 189 -35.02 -18.48 39.78
N VAL F 190 -35.82 -17.43 39.96
CA VAL F 190 -35.37 -16.04 39.68
C VAL F 190 -34.20 -15.70 40.61
N GLU F 191 -34.25 -16.18 41.85
CA GLU F 191 -33.21 -15.87 42.85
C GLU F 191 -31.90 -16.60 42.48
N GLN F 192 -32.01 -17.85 42.05
CA GLN F 192 -30.82 -18.63 41.64
C GLN F 192 -30.18 -17.96 40.42
N GLY F 193 -31.00 -17.52 39.47
CA GLY F 193 -30.48 -16.84 38.27
C GLY F 193 -29.79 -15.54 38.62
N SER F 194 -30.39 -14.75 39.53
CA SER F 194 -29.77 -13.47 39.96
C SER F 194 -28.42 -13.72 40.62
N LYS F 195 -28.34 -14.72 41.51
CA LYS F 195 -27.09 -14.98 42.26
C LYS F 195 -25.98 -15.39 41.28
N GLU F 196 -26.29 -16.27 40.34
CA GLU F 196 -25.30 -16.72 39.34
C GLU F 196 -24.93 -15.55 38.43
N ALA F 197 -25.93 -14.79 37.96
CA ALA F 197 -25.70 -13.64 37.06
C ALA F 197 -24.82 -12.59 37.74
N GLN F 198 -25.00 -12.39 39.04
CA GLN F 198 -24.22 -11.38 39.80
C GLN F 198 -22.76 -11.82 39.89
N ALA F 199 -22.52 -13.11 40.13
CA ALA F 199 -21.14 -13.64 40.16
C ALA F 199 -20.48 -13.51 38.80
N ILE F 200 -21.21 -13.81 37.72
CA ILE F 200 -20.67 -13.68 36.34
C ILE F 200 -20.30 -12.22 36.05
N ALA F 201 -21.18 -11.27 36.42
CA ALA F 201 -20.92 -9.83 36.19
C ALA F 201 -19.75 -9.33 37.04
N ASN F 202 -19.57 -9.88 38.23
CA ASN F 202 -18.41 -9.50 39.08
C ASN F 202 -17.12 -9.99 38.41
N GLY F 203 -17.13 -11.21 37.88
CA GLY F 203 -15.97 -11.72 37.14
C GLY F 203 -15.71 -10.89 35.90
N MET F 204 -16.77 -10.50 35.21
CA MET F 204 -16.64 -9.72 33.95
C MET F 204 -16.01 -8.37 34.28
N ALA F 205 -16.32 -7.81 35.46
CA ALA F 205 -15.80 -6.48 35.83
C ALA F 205 -14.29 -6.58 36.07
N LEU F 206 -13.84 -7.67 36.69
CA LEU F 206 -12.39 -7.89 36.87
C LEU F 206 -11.74 -8.04 35.50
N THR F 207 -12.32 -8.85 34.62
CA THR F 207 -11.78 -9.07 33.26
C THR F 207 -11.71 -7.74 32.50
N ARG F 208 -12.78 -6.94 32.58
CA ARG F 208 -12.86 -5.66 31.84
C ARG F 208 -11.81 -4.67 32.38
N ASP F 209 -11.65 -4.60 33.71
CA ASP F 209 -10.61 -3.73 34.32
C ASP F 209 -9.23 -4.12 33.81
N LEU F 210 -8.89 -5.41 33.86
CA LEU F 210 -7.54 -5.89 33.45
C LEU F 210 -7.30 -5.55 31.98
N GLY F 211 -8.31 -5.71 31.12
CA GLY F 211 -8.19 -5.40 29.68
C GLY F 211 -8.12 -3.92 29.39
N ASN F 212 -8.84 -3.09 30.14
CA ASN F 212 -8.88 -1.63 29.89
C ASN F 212 -7.64 -0.94 30.44
N LEU F 213 -6.90 -1.61 31.33
CA LEU F 213 -5.71 -1.01 31.96
C LEU F 213 -4.65 -0.72 30.88
N PRO F 214 -3.90 0.38 31.01
CA PRO F 214 -2.84 0.72 30.05
C PRO F 214 -1.69 -0.31 30.09
N PRO F 215 -1.06 -0.62 28.95
CA PRO F 215 0.01 -1.66 28.89
C PRO F 215 1.24 -1.33 29.72
N ASN F 216 1.48 -0.05 30.02
CA ASN F 216 2.61 0.38 30.87
C ASN F 216 2.33 0.06 32.34
N VAL F 217 1.07 -0.19 32.69
CA VAL F 217 0.70 -0.60 34.08
C VAL F 217 0.45 -2.11 34.09
N CYS F 218 -0.39 -2.60 33.18
CA CYS F 218 -0.74 -4.05 33.13
C CYS F 218 0.32 -4.83 32.35
N HIS F 219 1.39 -5.19 33.02
CA HIS F 219 2.45 -6.02 32.40
C HIS F 219 2.41 -7.39 33.09
N PRO F 220 3.22 -8.37 32.68
CA PRO F 220 3.15 -9.71 33.28
C PRO F 220 3.34 -9.75 34.81
N THR F 221 4.27 -8.96 35.35
CA THR F 221 4.53 -8.93 36.81
C THR F 221 3.30 -8.39 37.55
N PHE F 222 2.63 -7.39 36.97
CA PHE F 222 1.39 -6.82 37.58
C PHE F 222 0.31 -7.91 37.68
N LEU F 223 0.12 -8.71 36.63
CA LEU F 223 -0.92 -9.77 36.61
C LEU F 223 -0.64 -10.84 37.67
N GLY F 224 0.63 -11.13 37.94
CA GLY F 224 0.99 -12.08 39.01
C GLY F 224 0.67 -11.52 40.39
N GLU F 225 0.76 -10.20 40.54
N GLU F 225 0.78 -10.20 40.54
CA GLU F 225 0.44 -9.55 41.84
CA GLU F 225 0.44 -9.55 41.84
C GLU F 225 -1.07 -9.45 42.00
C GLU F 225 -1.07 -9.48 42.00
N GLN F 226 -1.80 -9.42 40.88
CA GLN F 226 -3.29 -9.36 40.93
C GLN F 226 -3.81 -10.74 41.33
N ALA F 227 -3.19 -11.81 40.84
CA ALA F 227 -3.58 -13.19 41.23
C ALA F 227 -3.32 -13.40 42.72
N LYS F 228 -2.19 -12.92 43.22
CA LYS F 228 -1.87 -13.01 44.67
C LYS F 228 -2.94 -12.27 45.47
N GLY F 229 -3.41 -11.13 44.97
CA GLY F 229 -4.51 -10.40 45.63
C GLY F 229 -5.80 -11.20 45.64
N LEU F 230 -6.12 -11.87 44.54
CA LEU F 230 -7.33 -12.73 44.48
C LEU F 230 -7.24 -13.83 45.55
N ALA F 231 -6.04 -14.33 45.83
CA ALA F 231 -5.83 -15.38 46.85
C ALA F 231 -6.01 -14.80 48.26
N LYS F 232 -5.65 -13.53 48.45
CA LYS F 232 -5.86 -12.85 49.76
C LYS F 232 -7.36 -12.65 49.99
N GLU F 233 -8.16 -12.52 48.93
CA GLU F 233 -9.61 -12.25 49.04
C GLU F 233 -10.37 -13.59 49.14
N PHE F 234 -9.90 -14.61 48.41
CA PHE F 234 -10.55 -15.94 48.42
C PHE F 234 -9.57 -16.99 48.96
N LYS F 235 -9.79 -17.46 50.19
CA LYS F 235 -8.86 -18.43 50.82
C LYS F 235 -8.92 -19.81 50.16
N SER F 236 -9.95 -20.05 49.34
CA SER F 236 -10.07 -21.33 48.60
C SER F 236 -9.16 -21.31 47.37
N LEU F 237 -8.53 -20.17 47.07
CA LEU F 237 -7.68 -20.05 45.86
C LEU F 237 -6.20 -20.16 46.23
N LYS F 238 -5.48 -21.03 45.54
CA LYS F 238 -4.02 -21.12 45.72
C LYS F 238 -3.36 -20.58 44.45
N VAL F 239 -2.27 -19.83 44.61
CA VAL F 239 -1.64 -19.18 43.43
C VAL F 239 -0.12 -19.41 43.44
N GLU F 240 0.46 -19.74 42.29
CA GLU F 240 1.92 -19.85 42.13
C GLU F 240 2.31 -19.03 40.90
N VAL F 241 3.27 -18.11 41.06
CA VAL F 241 3.75 -17.28 39.92
C VAL F 241 5.18 -17.72 39.58
N LEU F 242 5.38 -18.24 38.37
CA LEU F 242 6.72 -18.70 37.92
C LEU F 242 7.41 -17.62 37.09
N ASP F 243 8.72 -17.47 37.26
CA ASP F 243 9.51 -16.46 36.51
C ASP F 243 10.24 -17.11 35.33
N GLU F 244 11.09 -16.34 34.65
CA GLU F 244 11.80 -16.82 33.44
C GLU F 244 12.77 -17.95 33.78
N LYS F 245 13.43 -17.86 34.94
CA LYS F 245 14.40 -18.90 35.35
C LYS F 245 13.68 -20.25 35.44
N LYS F 246 12.48 -20.28 36.00
CA LYS F 246 11.73 -21.53 36.16
C LYS F 246 11.21 -21.99 34.80
N LEU F 247 10.80 -21.05 33.95
CA LEU F 247 10.31 -21.40 32.60
C LEU F 247 11.45 -22.05 31.82
N ARG F 248 12.68 -21.60 32.04
CA ARG F 248 13.87 -22.18 31.39
C ARG F 248 14.14 -23.58 31.95
N GLU F 249 14.05 -23.76 33.27
CA GLU F 249 14.20 -25.11 33.85
C GLU F 249 13.18 -26.07 33.22
N LEU F 250 11.99 -25.57 32.90
CA LEU F 250 10.89 -26.41 32.34
C LEU F 250 11.08 -26.63 30.83
N GLY F 251 11.96 -25.87 30.19
CA GLY F 251 12.23 -26.04 28.75
C GLY F 251 11.20 -25.38 27.87
N MET F 252 10.59 -24.30 28.33
CA MET F 252 9.54 -23.60 27.54
C MET F 252 10.19 -22.59 26.59
N GLY F 253 10.73 -23.08 25.46
CA GLY F 253 11.44 -22.22 24.51
C GLY F 253 10.56 -21.32 23.66
N SER F 254 9.40 -21.81 23.22
CA SER F 254 8.46 -20.96 22.46
C SER F 254 8.03 -19.76 23.32
N PHE F 255 7.68 -19.99 24.58
CA PHE F 255 7.24 -18.92 25.51
C PHE F 255 8.37 -17.90 25.71
N LEU F 256 9.57 -18.38 26.01
CA LEU F 256 10.73 -17.49 26.28
C LEU F 256 11.13 -16.73 25.01
N ALA F 257 10.90 -17.33 23.84
CA ALA F 257 11.22 -16.65 22.55
C ALA F 257 10.33 -15.41 22.36
N VAL F 258 9.04 -15.52 22.67
CA VAL F 258 8.13 -14.34 22.57
C VAL F 258 8.54 -13.25 23.56
N ALA F 259 9.00 -13.61 24.75
CA ALA F 259 9.31 -12.64 25.82
C ALA F 259 10.70 -12.01 25.74
N GLN F 260 11.64 -12.62 25.04
CA GLN F 260 13.06 -12.15 25.05
C GLN F 260 13.22 -10.69 24.58
N GLY F 261 12.37 -10.20 23.68
CA GLY F 261 12.53 -8.84 23.11
C GLY F 261 12.17 -7.73 24.08
N SER F 262 11.43 -8.04 25.14
CA SER F 262 10.94 -6.96 26.05
C SER F 262 11.77 -6.83 27.32
N ASP F 263 11.79 -5.62 27.90
CA ASP F 263 12.45 -5.39 29.21
C ASP F 263 11.57 -5.96 30.32
N GLN F 264 10.29 -6.15 30.04
CA GLN F 264 9.32 -6.69 31.03
C GLN F 264 9.49 -8.20 31.14
N PRO F 265 9.81 -8.74 32.34
CA PRO F 265 9.96 -10.18 32.52
C PRO F 265 8.67 -10.98 32.23
N PRO F 266 8.78 -12.22 31.71
CA PRO F 266 7.61 -13.06 31.51
C PRO F 266 7.09 -13.69 32.81
N ARG F 267 5.84 -14.16 32.81
CA ARG F 267 5.26 -14.81 34.00
C ARG F 267 4.26 -15.90 33.62
N LEU F 268 4.34 -17.07 34.26
CA LEU F 268 3.30 -18.11 34.10
C LEU F 268 2.55 -18.16 35.44
N ILE F 269 1.28 -17.76 35.44
CA ILE F 269 0.47 -17.74 36.69
C ILE F 269 -0.36 -19.02 36.79
N ILE F 270 -0.25 -19.71 37.90
CA ILE F 270 -1.01 -20.97 38.13
C ILE F 270 -2.07 -20.75 39.21
N LEU F 271 -3.35 -20.86 38.85
CA LEU F 271 -4.47 -20.74 39.80
C LEU F 271 -5.01 -22.14 40.06
N GLN F 272 -5.24 -22.48 41.32
CA GLN F 272 -5.80 -23.81 41.65
C GLN F 272 -6.95 -23.65 42.67
N TYR F 273 -8.11 -24.19 42.35
CA TYR F 273 -9.28 -24.17 43.25
C TYR F 273 -9.83 -25.59 43.33
N ASN F 274 -9.97 -26.12 44.54
CA ASN F 274 -10.43 -27.52 44.73
C ASN F 274 -11.74 -27.52 45.53
N GLY F 275 -12.88 -27.41 44.84
CA GLY F 275 -14.19 -27.38 45.49
C GLY F 275 -14.88 -28.73 45.42
N ALA F 276 -14.27 -29.69 44.77
CA ALA F 276 -14.82 -31.06 44.72
C ALA F 276 -13.85 -32.01 45.43
N LYS F 277 -14.12 -33.32 45.37
CA LYS F 277 -13.26 -34.31 46.06
C LYS F 277 -11.94 -34.47 45.30
N LYS F 278 -10.90 -34.96 45.99
CA LYS F 278 -9.55 -35.13 45.38
C LYS F 278 -9.60 -36.17 44.26
N ASP F 279 -10.69 -36.95 44.17
CA ASP F 279 -10.82 -37.99 43.12
C ASP F 279 -11.31 -37.37 41.81
N GLN F 280 -11.81 -36.13 41.85
CA GLN F 280 -12.40 -35.53 40.62
C GLN F 280 -11.30 -34.87 39.79
N ALA F 281 -11.12 -35.34 38.56
CA ALA F 281 -10.12 -34.76 37.64
C ALA F 281 -10.42 -33.28 37.43
N PRO F 282 -9.39 -32.42 37.39
CA PRO F 282 -9.61 -30.99 37.27
C PRO F 282 -10.01 -30.50 35.87
N HIS F 283 -10.63 -29.32 35.82
CA HIS F 283 -10.94 -28.66 34.54
C HIS F 283 -9.87 -27.57 34.39
N VAL F 284 -9.21 -27.48 33.25
CA VAL F 284 -8.09 -26.51 33.09
C VAL F 284 -8.44 -25.40 32.10
N LEU F 285 -8.23 -24.14 32.53
CA LEU F 285 -8.46 -22.97 31.66
C LEU F 285 -7.10 -22.33 31.36
N VAL F 286 -6.74 -22.19 30.09
CA VAL F 286 -5.42 -21.64 29.67
C VAL F 286 -5.67 -20.34 28.91
N GLY F 287 -5.09 -19.24 29.37
CA GLY F 287 -5.36 -17.94 28.75
C GLY F 287 -4.14 -17.26 28.16
N LYS F 288 -4.30 -16.63 27.00
CA LYS F 288 -3.21 -15.85 26.37
C LYS F 288 -3.08 -14.51 27.10
N GLY F 289 -1.95 -14.29 27.75
CA GLY F 289 -1.71 -13.04 28.49
C GLY F 289 -0.63 -12.19 27.85
N ILE F 290 -0.79 -11.86 26.57
CA ILE F 290 0.17 -10.92 25.91
C ILE F 290 -0.25 -9.50 26.32
N THR F 291 0.46 -8.90 27.28
CA THR F 291 0.15 -7.56 27.85
C THR F 291 0.12 -6.50 26.74
N PHE F 292 1.04 -6.57 25.79
CA PHE F 292 0.98 -5.68 24.61
C PHE F 292 1.58 -6.41 23.42
N ASP F 293 0.93 -6.28 22.27
CA ASP F 293 1.41 -6.97 21.04
C ASP F 293 1.80 -5.96 19.96
N THR F 294 3.09 -5.67 19.84
CA THR F 294 3.61 -4.77 18.78
C THR F 294 3.84 -5.57 17.50
N GLY F 295 3.84 -6.90 17.60
CA GLY F 295 4.16 -7.75 16.44
C GLY F 295 5.60 -8.24 16.53
N GLY F 296 6.45 -7.53 17.26
CA GLY F 296 7.88 -7.85 17.33
C GLY F 296 8.64 -7.33 16.12
N ILE F 297 9.69 -8.04 15.68
CA ILE F 297 10.45 -7.67 14.46
C ILE F 297 9.46 -7.67 13.29
N SER F 298 8.49 -8.59 13.29
CA SER F 298 7.38 -8.59 12.31
C SER F 298 6.40 -7.53 12.83
N LEU F 299 6.82 -6.26 12.88
CA LEU F 299 6.04 -5.16 13.51
C LEU F 299 4.71 -4.89 12.82
N LYS F 300 3.68 -4.63 13.62
CA LYS F 300 2.35 -4.28 13.09
C LYS F 300 2.35 -2.82 12.63
N PRO F 301 1.35 -2.40 11.83
CA PRO F 301 1.21 -0.99 11.48
C PRO F 301 0.78 -0.21 12.74
N GLY F 302 0.91 1.11 12.72
CA GLY F 302 0.58 1.93 13.90
C GLY F 302 -0.91 2.15 14.07
N LEU F 303 -1.64 2.24 12.97
CA LEU F 303 -3.09 2.54 13.04
C LEU F 303 -3.81 1.49 13.91
N GLY F 304 -4.33 1.90 15.06
CA GLY F 304 -5.12 0.99 15.93
C GLY F 304 -4.30 0.09 16.85
N MET F 305 -3.00 0.28 16.92
CA MET F 305 -2.13 -0.64 17.71
C MET F 305 -2.41 -0.50 19.22
N ASP F 306 -3.05 0.60 19.64
CA ASP F 306 -3.43 0.79 21.07
C ASP F 306 -4.32 -0.34 21.55
N GLU F 307 -5.12 -0.94 20.66
CA GLU F 307 -6.07 -2.02 21.02
C GLU F 307 -5.32 -3.34 21.33
N MET F 308 -4.01 -3.39 21.13
CA MET F 308 -3.22 -4.61 21.42
C MET F 308 -3.02 -4.73 22.94
N LYS F 309 -3.55 -3.78 23.71
CA LYS F 309 -3.54 -3.91 25.19
C LYS F 309 -4.61 -4.95 25.56
N PHE F 310 -5.56 -5.22 24.66
CA PHE F 310 -6.64 -6.21 24.89
C PHE F 310 -6.17 -7.60 24.49
N ASP F 311 -4.86 -7.77 24.26
CA ASP F 311 -4.28 -9.06 23.80
C ASP F 311 -4.06 -10.00 25.00
N MET F 312 -4.42 -9.54 26.20
CA MET F 312 -4.31 -10.38 27.41
C MET F 312 -5.73 -10.67 27.94
N CYS F 313 -6.76 -10.43 27.12
CA CYS F 313 -8.18 -10.61 27.55
C CYS F 313 -8.50 -12.10 27.76
N GLY F 314 -7.78 -13.02 27.10
CA GLY F 314 -7.93 -14.45 27.36
C GLY F 314 -7.52 -14.80 28.78
N ALA F 315 -6.35 -14.32 29.21
CA ALA F 315 -5.91 -14.51 30.61
C ALA F 315 -6.89 -13.81 31.56
N ALA F 316 -7.34 -12.61 31.21
CA ALA F 316 -8.32 -11.87 32.04
C ALA F 316 -9.61 -12.67 32.20
N SER F 317 -10.04 -13.37 31.14
CA SER F 317 -11.27 -14.18 31.18
C SER F 317 -11.10 -15.33 32.19
N VAL F 318 -9.89 -15.86 32.34
CA VAL F 318 -9.60 -16.92 33.35
C VAL F 318 -9.74 -16.30 34.74
N PHE F 319 -9.20 -15.10 34.94
CA PHE F 319 -9.37 -14.36 36.22
C PHE F 319 -10.86 -14.19 36.51
N GLY F 320 -11.65 -13.78 35.51
CA GLY F 320 -13.08 -13.52 35.70
C GLY F 320 -13.90 -14.76 36.01
N THR F 321 -13.61 -15.87 35.32
CA THR F 321 -14.33 -17.14 35.55
C THR F 321 -13.98 -17.64 36.96
N PHE F 322 -12.71 -17.54 37.36
CA PHE F 322 -12.27 -17.94 38.72
C PHE F 322 -13.00 -17.09 39.77
N ARG F 323 -13.15 -15.79 39.53
CA ARG F 323 -13.83 -14.87 40.48
C ARG F 323 -15.29 -15.28 40.64
N ALA F 324 -15.98 -15.59 39.54
CA ALA F 324 -17.40 -16.04 39.59
C ALA F 324 -17.52 -17.38 40.32
N VAL F 325 -16.61 -18.32 40.08
CA VAL F 325 -16.67 -19.69 40.68
C VAL F 325 -16.30 -19.61 42.15
N LEU F 326 -15.38 -18.72 42.52
CA LEU F 326 -14.95 -18.56 43.93
C LEU F 326 -16.10 -17.94 44.73
N GLU F 327 -16.91 -17.09 44.12
CA GLU F 327 -18.09 -16.49 44.79
C GLU F 327 -19.20 -17.54 44.94
N LEU F 328 -19.45 -18.33 43.90
CA LEU F 328 -20.55 -19.33 43.91
C LEU F 328 -20.09 -20.62 44.63
N GLN F 329 -18.80 -20.74 44.91
CA GLN F 329 -18.24 -21.92 45.63
C GLN F 329 -18.72 -23.20 44.95
N LEU F 330 -18.57 -23.30 43.63
CA LEU F 330 -19.07 -24.47 42.86
C LEU F 330 -18.30 -25.73 43.24
N PRO F 331 -18.97 -26.90 43.26
CA PRO F 331 -18.32 -28.15 43.59
C PRO F 331 -17.53 -28.70 42.40
N ILE F 332 -16.40 -28.07 42.06
CA ILE F 332 -15.55 -28.50 40.92
C ILE F 332 -14.08 -28.21 41.26
N ASN F 333 -13.17 -28.92 40.59
CA ASN F 333 -11.72 -28.65 40.73
C ASN F 333 -11.31 -27.86 39.49
N LEU F 334 -10.78 -26.65 39.67
CA LEU F 334 -10.45 -25.77 38.52
C LEU F 334 -8.97 -25.36 38.56
N VAL F 335 -8.31 -25.41 37.41
CA VAL F 335 -6.90 -24.95 37.30
C VAL F 335 -6.85 -23.85 36.25
N GLY F 336 -6.11 -22.79 36.51
CA GLY F 336 -5.93 -21.68 35.56
C GLY F 336 -4.46 -21.53 35.20
N LEU F 337 -4.17 -21.46 33.91
CA LEU F 337 -2.78 -21.29 33.43
C LEU F 337 -2.75 -20.02 32.58
N LEU F 338 -2.14 -18.96 33.10
CA LEU F 338 -2.06 -17.66 32.38
C LEU F 338 -0.63 -17.47 31.84
N ALA F 339 -0.45 -17.64 30.54
CA ALA F 339 0.88 -17.44 29.91
C ALA F 339 1.03 -15.96 29.58
N CYS F 340 1.85 -15.25 30.36
CA CYS F 340 1.93 -13.77 30.21
C CYS F 340 3.31 -13.31 29.71
N ALA F 341 3.29 -12.46 28.68
CA ALA F 341 4.54 -11.90 28.10
C ALA F 341 4.20 -10.63 27.34
N GLU F 342 5.22 -9.85 26.99
CA GLU F 342 5.03 -8.65 26.15
C GLU F 342 5.82 -8.85 24.86
N ASN F 343 5.20 -8.66 23.70
CA ASN F 343 5.86 -8.83 22.38
C ASN F 343 6.43 -7.47 21.95
N MET F 344 7.75 -7.33 21.98
CA MET F 344 8.36 -6.01 21.69
C MET F 344 9.54 -6.13 20.73
N PRO F 345 9.77 -5.12 19.86
CA PRO F 345 10.94 -5.11 19.01
C PRO F 345 12.19 -4.69 19.80
N SER F 346 13.35 -5.30 19.52
CA SER F 346 14.60 -5.00 20.23
C SER F 346 15.82 -5.63 19.53
N GLY F 347 17.01 -5.36 20.04
CA GLY F 347 18.25 -5.95 19.49
C GLY F 347 18.48 -7.37 19.99
N GLY F 348 17.67 -7.84 20.93
CA GLY F 348 17.74 -9.24 21.39
C GLY F 348 16.43 -9.95 21.11
N ALA F 349 15.58 -9.37 20.25
CA ALA F 349 14.26 -9.97 20.00
C ALA F 349 14.35 -11.19 19.09
N THR F 350 13.33 -12.04 19.15
CA THR F 350 13.26 -13.21 18.25
C THR F 350 13.15 -12.73 16.80
N ARG F 351 13.84 -13.40 15.90
CA ARG F 351 13.82 -13.00 14.47
C ARG F 351 13.00 -14.00 13.67
N PRO F 352 12.30 -13.53 12.61
CA PRO F 352 11.63 -14.46 11.70
C PRO F 352 12.67 -15.47 11.18
N GLY F 353 12.37 -16.76 11.24
CA GLY F 353 13.33 -17.80 10.83
C GLY F 353 13.99 -18.50 12.00
N ASP F 354 13.85 -17.94 13.21
CA ASP F 354 14.41 -18.60 14.41
C ASP F 354 13.74 -19.97 14.60
N ILE F 355 14.53 -20.96 15.00
CA ILE F 355 13.95 -22.29 15.32
C ILE F 355 14.11 -22.49 16.82
N VAL F 356 13.04 -22.90 17.49
CA VAL F 356 13.07 -23.05 18.97
C VAL F 356 12.56 -24.43 19.36
N THR F 357 12.96 -24.90 20.53
CA THR F 357 12.48 -26.21 21.04
C THR F 357 11.40 -25.95 22.10
N THR F 358 10.19 -26.41 21.84
CA THR F 358 9.07 -26.28 22.81
C THR F 358 9.29 -27.25 23.98
N MET F 359 8.54 -27.08 25.07
CA MET F 359 8.60 -27.99 26.23
C MET F 359 8.31 -29.43 25.79
N SER F 360 7.43 -29.61 24.81
CA SER F 360 7.05 -30.94 24.29
C SER F 360 8.22 -31.59 23.55
N GLY F 361 9.25 -30.82 23.19
CA GLY F 361 10.37 -31.34 22.39
C GLY F 361 10.15 -31.09 20.91
N GLN F 362 8.93 -30.70 20.55
CA GLN F 362 8.65 -30.37 19.14
C GLN F 362 9.40 -29.09 18.78
N THR F 363 10.03 -29.06 17.61
CA THR F 363 10.78 -27.88 17.13
C THR F 363 9.84 -26.98 16.33
N VAL F 364 9.96 -25.68 16.52
CA VAL F 364 9.05 -24.73 15.82
C VAL F 364 9.84 -23.64 15.09
N GLU F 365 9.56 -23.45 13.81
CA GLU F 365 10.18 -22.35 13.04
C GLU F 365 9.24 -21.14 13.12
N ILE F 366 9.71 -20.06 13.73
CA ILE F 366 8.90 -18.83 13.90
C ILE F 366 9.06 -17.98 12.65
N LEU F 367 8.22 -18.22 11.64
CA LEU F 367 8.25 -17.43 10.38
C LEU F 367 7.72 -16.02 10.63
N ASN F 368 6.81 -15.85 11.59
CA ASN F 368 6.20 -14.53 11.89
C ASN F 368 6.19 -14.31 13.40
N THR F 369 6.90 -13.28 13.86
CA THR F 369 6.97 -12.95 15.30
C THR F 369 5.61 -12.41 15.79
N ASP F 370 4.70 -12.11 14.88
CA ASP F 370 3.34 -11.63 15.22
C ASP F 370 2.38 -12.82 15.37
N ALA F 371 2.88 -14.05 15.33
CA ALA F 371 2.05 -15.22 15.66
C ALA F 371 2.64 -15.78 16.95
N GLU F 372 2.63 -14.97 18.02
CA GLU F 372 3.33 -15.33 19.29
C GLU F 372 2.37 -15.90 20.33
N GLY F 373 1.08 -15.67 20.19
CA GLY F 373 0.09 -16.24 21.12
C GLY F 373 0.15 -17.75 21.17
N ARG F 374 0.25 -18.39 20.01
CA ARG F 374 0.33 -19.87 19.94
C ARG F 374 1.66 -20.34 20.56
N LEU F 375 2.68 -19.48 20.57
CA LEU F 375 4.02 -19.85 21.09
C LEU F 375 4.04 -19.82 22.63
N VAL F 376 3.17 -19.04 23.26
CA VAL F 376 3.07 -19.03 24.75
C VAL F 376 2.04 -20.08 25.19
N LEU F 377 1.04 -20.35 24.35
CA LEU F 377 -0.03 -21.32 24.71
C LEU F 377 0.46 -22.77 24.54
N CYS F 378 1.28 -23.05 23.53
CA CYS F 378 1.75 -24.44 23.25
C CYS F 378 2.52 -24.96 24.47
N ASP F 379 3.33 -24.12 25.09
CA ASP F 379 4.11 -24.53 26.29
C ASP F 379 3.17 -24.67 27.49
N ALA F 380 2.13 -23.85 27.55
CA ALA F 380 1.15 -23.91 28.66
C ALA F 380 0.33 -25.20 28.53
N LEU F 381 -0.03 -25.59 27.32
CA LEU F 381 -0.81 -26.82 27.07
C LEU F 381 0.03 -28.06 27.46
N THR F 382 1.32 -28.04 27.16
CA THR F 382 2.22 -29.14 27.57
C THR F 382 2.25 -29.21 29.11
N TYR F 383 2.40 -28.07 29.78
CA TYR F 383 2.43 -28.02 31.27
C TYR F 383 1.12 -28.55 31.86
N ALA F 384 -0.01 -28.28 31.21
CA ALA F 384 -1.34 -28.71 31.70
C ALA F 384 -1.47 -30.23 31.87
N GLU F 385 -0.66 -31.00 31.14
CA GLU F 385 -0.75 -32.48 31.19
C GLU F 385 -0.56 -33.02 32.61
N ARG F 386 0.23 -32.33 33.45
CA ARG F 386 0.55 -32.82 34.80
C ARG F 386 -0.70 -32.91 35.68
N PHE F 387 -1.74 -32.15 35.38
CA PHE F 387 -2.98 -32.12 36.19
C PHE F 387 -3.95 -33.24 35.77
N LYS F 388 -3.56 -34.08 34.81
CA LYS F 388 -4.45 -35.16 34.30
C LYS F 388 -5.85 -34.58 34.15
N PRO F 389 -6.05 -33.56 33.30
CA PRO F 389 -7.34 -32.89 33.21
C PRO F 389 -8.45 -33.68 32.50
N GLN F 390 -9.70 -33.42 32.87
CA GLN F 390 -10.85 -34.04 32.16
C GLN F 390 -11.27 -33.09 31.04
N SER F 391 -10.84 -31.83 31.11
CA SER F 391 -11.10 -30.85 30.04
C SER F 391 -10.01 -29.77 30.06
N VAL F 392 -9.58 -29.32 28.90
CA VAL F 392 -8.58 -28.21 28.80
C VAL F 392 -9.13 -27.24 27.76
N ILE F 393 -9.41 -26.01 28.19
CA ILE F 393 -9.95 -24.98 27.27
C ILE F 393 -8.99 -23.79 27.25
N ASP F 394 -8.48 -23.44 26.07
CA ASP F 394 -7.63 -22.25 25.93
C ASP F 394 -8.47 -21.09 25.38
N ILE F 395 -8.22 -19.88 25.87
CA ILE F 395 -8.97 -18.68 25.41
C ILE F 395 -7.92 -17.66 24.98
N ALA F 396 -8.06 -17.14 23.77
CA ALA F 396 -7.01 -16.22 23.26
C ALA F 396 -7.53 -15.26 22.20
N THR F 397 -7.03 -14.03 22.21
CA THR F 397 -7.31 -13.04 21.15
C THR F 397 -6.30 -13.40 20.06
N LEU F 398 -6.52 -14.52 19.37
CA LEU F 398 -5.46 -15.09 18.48
C LEU F 398 -5.45 -14.56 17.05
N THR F 399 -6.56 -14.65 16.32
CA THR F 399 -6.52 -14.32 14.88
C THR F 399 -7.50 -13.24 14.43
N GLY F 400 -7.06 -12.32 13.58
CA GLY F 400 -7.98 -11.33 12.98
C GLY F 400 -8.77 -12.02 11.88
N ALA F 401 -8.31 -13.19 11.46
CA ALA F 401 -9.04 -13.98 10.45
C ALA F 401 -10.36 -14.47 11.06
N CYS F 402 -10.43 -14.55 12.38
CA CYS F 402 -11.68 -14.96 13.08
C CYS F 402 -12.71 -13.85 12.94
N ILE F 403 -12.27 -12.59 12.91
CA ILE F 403 -13.20 -11.44 12.72
C ILE F 403 -13.73 -11.45 11.27
N VAL F 404 -12.88 -11.83 10.31
CA VAL F 404 -13.34 -11.93 8.89
C VAL F 404 -14.31 -13.12 8.78
N ALA F 405 -14.10 -14.15 9.58
CA ALA F 405 -14.94 -15.37 9.50
C ALA F 405 -16.22 -15.29 10.33
N LEU F 406 -16.17 -14.71 11.53
CA LEU F 406 -17.35 -14.76 12.45
C LEU F 406 -17.68 -13.38 13.05
N GLY F 407 -16.88 -12.37 12.75
CA GLY F 407 -17.20 -11.00 13.20
C GLY F 407 -16.88 -10.69 14.65
N SER F 408 -17.65 -9.79 15.26
CA SER F 408 -17.38 -9.33 16.64
C SER F 408 -18.46 -9.84 17.60
N ASN F 409 -19.44 -10.58 17.10
CA ASN F 409 -20.58 -11.03 17.94
C ASN F 409 -20.48 -12.52 18.27
N THR F 410 -19.71 -13.27 17.48
CA THR F 410 -19.64 -14.74 17.68
C THR F 410 -18.18 -15.17 17.79
N SER F 411 -17.83 -15.95 18.81
CA SER F 411 -16.45 -16.38 19.04
C SER F 411 -16.13 -17.67 18.27
N GLY F 412 -14.87 -17.82 17.84
CA GLY F 412 -14.45 -19.04 17.13
C GLY F 412 -14.18 -20.16 18.11
N LEU F 413 -14.69 -21.35 17.81
CA LEU F 413 -14.45 -22.53 18.69
C LEU F 413 -13.88 -23.69 17.87
N MET F 414 -12.80 -24.28 18.35
CA MET F 414 -12.22 -25.49 17.71
C MET F 414 -11.86 -26.48 18.81
N GLY F 415 -11.67 -27.75 18.47
CA GLY F 415 -11.37 -28.76 19.49
C GLY F 415 -11.08 -30.16 18.97
N ASN F 416 -10.57 -31.03 19.84
CA ASN F 416 -10.24 -32.43 19.48
C ASN F 416 -11.30 -33.38 20.05
N ASN F 417 -12.32 -32.85 20.74
CA ASN F 417 -13.38 -33.68 21.37
C ASN F 417 -14.75 -33.07 21.04
N GLU F 418 -15.60 -33.82 20.35
CA GLU F 418 -16.91 -33.29 19.90
C GLU F 418 -17.83 -33.00 21.09
N ALA F 419 -17.78 -33.83 22.13
CA ALA F 419 -18.62 -33.64 23.33
C ALA F 419 -18.28 -32.32 24.04
N LEU F 420 -17.00 -32.01 24.23
CA LEU F 420 -16.58 -30.73 24.87
C LEU F 420 -17.00 -29.54 24.01
N VAL F 421 -16.83 -29.64 22.69
CA VAL F 421 -17.20 -28.54 21.76
C VAL F 421 -18.69 -28.28 21.88
N ARG F 422 -19.50 -29.34 21.90
CA ARG F 422 -20.98 -29.21 21.99
C ARG F 422 -21.37 -28.63 23.36
N GLN F 423 -20.72 -29.06 24.43
CA GLN F 423 -20.98 -28.51 25.79
C GLN F 423 -20.72 -27.00 25.79
N LEU F 424 -19.64 -26.55 25.13
CA LEU F 424 -19.27 -25.11 25.13
C LEU F 424 -20.22 -24.32 24.22
N LEU F 425 -20.69 -24.93 23.13
CA LEU F 425 -21.68 -24.26 22.23
C LEU F 425 -23.02 -24.10 22.95
N LYS F 426 -23.44 -25.12 23.70
CA LYS F 426 -24.73 -25.06 24.44
C LYS F 426 -24.63 -24.00 25.55
N ALA F 427 -23.51 -23.93 26.25
CA ALA F 427 -23.30 -22.91 27.30
C ALA F 427 -23.35 -21.50 26.70
N GLY F 428 -22.72 -21.32 25.54
CA GLY F 428 -22.75 -20.01 24.85
C GLY F 428 -24.16 -19.63 24.45
N GLU F 429 -24.96 -20.61 24.05
CA GLU F 429 -26.37 -20.35 23.69
C GLU F 429 -27.18 -19.96 24.93
N PHE F 430 -26.95 -20.64 26.05
CA PHE F 430 -27.67 -20.30 27.30
C PHE F 430 -27.24 -18.91 27.79
N ALA F 431 -25.96 -18.60 27.71
CA ALA F 431 -25.43 -17.32 28.22
C ALA F 431 -25.68 -16.16 27.28
N ASP F 432 -26.09 -16.41 26.05
CA ASP F 432 -26.17 -15.32 25.03
C ASP F 432 -24.74 -14.78 24.83
N ASP F 433 -23.72 -15.66 24.87
CA ASP F 433 -22.29 -15.34 24.63
C ASP F 433 -21.89 -16.45 23.68
N ARG F 434 -22.44 -16.42 22.46
CA ARG F 434 -22.32 -17.57 21.55
C ARG F 434 -20.97 -17.74 20.85
N ALA F 435 -20.64 -19.00 20.61
CA ALA F 435 -19.43 -19.34 19.84
C ALA F 435 -19.90 -20.12 18.61
N TRP F 436 -19.00 -20.40 17.68
CA TRP F 436 -19.32 -21.19 16.46
C TRP F 436 -18.12 -22.09 16.13
N GLN F 437 -18.41 -23.34 15.80
CA GLN F 437 -17.31 -24.30 15.54
C GLN F 437 -16.71 -24.10 14.15
N LEU F 438 -15.40 -24.21 14.05
CA LEU F 438 -14.70 -24.19 12.75
C LEU F 438 -13.96 -25.53 12.67
N PRO F 439 -13.83 -26.16 11.49
CA PRO F 439 -13.23 -27.49 11.40
C PRO F 439 -11.70 -27.60 11.49
N LEU F 440 -11.20 -28.61 12.22
CA LEU F 440 -9.75 -28.86 12.30
C LEU F 440 -9.43 -30.09 11.45
N PHE F 441 -9.97 -30.17 10.23
CA PHE F 441 -9.69 -31.29 9.31
C PHE F 441 -8.18 -31.49 9.12
N ASP F 442 -7.74 -32.75 9.02
CA ASP F 442 -6.29 -33.07 8.90
C ASP F 442 -5.66 -32.42 7.66
N GLU F 443 -6.45 -32.13 6.64
CA GLU F 443 -5.94 -31.55 5.37
C GLU F 443 -5.38 -30.14 5.58
N TYR F 444 -5.75 -29.47 6.68
CA TYR F 444 -5.27 -28.11 6.96
C TYR F 444 -3.87 -28.17 7.60
N GLN F 445 -3.54 -29.29 8.24
CA GLN F 445 -2.26 -29.44 8.99
C GLN F 445 -1.02 -29.24 8.09
N GLU F 446 -1.09 -29.63 6.82
CA GLU F 446 0.07 -29.52 5.90
C GLU F 446 0.51 -28.06 5.73
N GLN F 447 -0.40 -27.11 5.97
CA GLN F 447 -0.05 -25.66 5.85
C GLN F 447 0.99 -25.27 6.91
N LEU F 448 1.19 -26.07 7.95
CA LEU F 448 2.18 -25.78 9.02
C LEU F 448 3.46 -26.58 8.79
N ASP F 449 3.63 -27.16 7.61
CA ASP F 449 4.84 -27.94 7.27
C ASP F 449 6.04 -27.00 7.07
N SER F 450 7.16 -27.30 7.73
CA SER F 450 8.40 -26.51 7.59
C SER F 450 9.52 -27.40 7.04
N PRO F 451 10.33 -26.94 6.08
CA PRO F 451 11.46 -27.73 5.60
C PRO F 451 12.60 -27.77 6.63
N PHE F 452 12.49 -26.98 7.71
CA PHE F 452 13.62 -26.86 8.67
C PHE F 452 13.26 -27.31 10.08
N ALA F 453 11.98 -27.49 10.39
CA ALA F 453 11.56 -27.85 11.77
C ALA F 453 10.30 -28.73 11.75
N ASP F 454 9.87 -29.18 12.93
CA ASP F 454 8.67 -30.05 13.04
C ASP F 454 7.40 -29.29 12.67
N ILE F 455 7.34 -28.01 13.01
CA ILE F 455 6.12 -27.20 12.71
C ILE F 455 6.49 -25.75 12.43
N ALA F 456 5.79 -25.15 11.46
CA ALA F 456 5.93 -23.70 11.23
C ALA F 456 4.84 -23.04 12.09
N ASN F 457 5.07 -21.83 12.57
CA ASN F 457 4.13 -21.15 13.47
C ASN F 457 3.01 -20.44 12.69
N ILE F 458 3.06 -20.49 11.36
CA ILE F 458 2.02 -19.84 10.51
C ILE F 458 1.74 -20.77 9.32
N GLY F 459 0.55 -20.64 8.72
CA GLY F 459 0.14 -21.54 7.63
C GLY F 459 -0.29 -20.80 6.38
N GLY F 460 -0.14 -19.49 6.37
CA GLY F 460 -0.45 -18.73 5.14
C GLY F 460 -1.72 -17.90 5.20
N PRO F 461 -2.12 -17.27 4.08
CA PRO F 461 -3.29 -16.39 4.05
C PRO F 461 -4.66 -17.10 4.03
N LYS F 462 -4.66 -18.43 3.93
CA LYS F 462 -5.94 -19.18 3.83
C LYS F 462 -6.23 -19.93 5.13
N ALA F 463 -7.45 -19.78 5.67
CA ALA F 463 -7.90 -20.51 6.88
C ALA F 463 -7.00 -20.23 8.09
N GLY F 464 -6.76 -18.95 8.40
CA GLY F 464 -5.87 -18.57 9.50
C GLY F 464 -6.32 -19.02 10.86
N THR F 465 -7.61 -18.90 11.16
CA THR F 465 -8.15 -19.32 12.48
C THR F 465 -7.95 -20.83 12.64
N ILE F 466 -8.31 -21.61 11.61
CA ILE F 466 -8.19 -23.09 11.66
C ILE F 466 -6.73 -23.52 11.81
N THR F 467 -5.83 -22.89 11.07
CA THR F 467 -4.39 -23.27 11.10
C THR F 467 -3.79 -22.97 12.48
N ALA F 468 -4.25 -21.89 13.12
CA ALA F 468 -3.78 -21.59 14.48
C ALA F 468 -4.26 -22.70 15.43
N GLY F 469 -5.51 -23.13 15.28
CA GLY F 469 -6.04 -24.25 16.09
C GLY F 469 -5.31 -25.56 15.80
N CYS F 470 -4.97 -25.80 14.53
CA CYS F 470 -4.22 -27.02 14.14
C CYS F 470 -2.86 -26.99 14.84
N PHE F 471 -2.24 -25.81 14.96
CA PHE F 471 -0.94 -25.67 15.65
C PHE F 471 -1.09 -26.09 17.12
N LEU F 472 -2.10 -25.54 17.80
CA LEU F 472 -2.32 -25.83 19.24
C LEU F 472 -2.70 -27.30 19.44
N SER F 473 -3.42 -27.89 18.49
CA SER F 473 -3.87 -29.31 18.58
C SER F 473 -2.66 -30.25 18.74
N ARG F 474 -1.51 -29.89 18.19
CA ARG F 474 -0.30 -30.74 18.25
C ARG F 474 0.29 -30.76 19.67
N PHE F 475 -0.30 -30.00 20.59
CA PHE F 475 0.20 -29.94 21.98
C PHE F 475 -0.93 -30.38 22.93
N ALA F 476 -2.07 -30.81 22.41
CA ALA F 476 -3.24 -31.13 23.24
C ALA F 476 -3.73 -32.57 23.02
N LYS F 477 -2.91 -33.44 22.45
CA LYS F 477 -3.37 -34.81 22.07
C LYS F 477 -3.57 -35.73 23.28
N LYS F 478 -3.09 -35.34 24.46
CA LYS F 478 -3.17 -36.24 25.66
C LYS F 478 -4.44 -35.97 26.46
N TYR F 479 -5.30 -35.06 26.03
CA TYR F 479 -6.51 -34.71 26.83
C TYR F 479 -7.62 -34.14 25.95
N HIS F 480 -8.84 -34.09 26.48
CA HIS F 480 -9.98 -33.46 25.77
C HIS F 480 -9.72 -31.96 25.77
N TRP F 481 -9.68 -31.37 24.58
CA TRP F 481 -9.26 -29.95 24.48
C TRP F 481 -10.15 -29.14 23.55
N ALA F 482 -10.33 -27.87 23.88
CA ALA F 482 -11.09 -26.96 23.00
C ALA F 482 -10.37 -25.60 22.99
N HIS F 483 -10.59 -24.81 21.95
CA HIS F 483 -9.91 -23.49 21.79
C HIS F 483 -10.94 -22.43 21.41
N LEU F 484 -10.95 -21.34 22.17
CA LEU F 484 -11.89 -20.23 21.88
C LEU F 484 -11.09 -19.03 21.35
N ASP F 485 -11.33 -18.66 20.10
CA ASP F 485 -10.70 -17.45 19.51
C ASP F 485 -11.63 -16.27 19.80
N ILE F 486 -11.20 -15.35 20.64
CA ILE F 486 -12.05 -14.21 21.08
C ILE F 486 -11.50 -12.89 20.56
N ALA F 487 -10.74 -12.93 19.47
CA ALA F 487 -10.15 -11.71 18.86
C ALA F 487 -11.21 -10.65 18.55
N GLY F 488 -12.41 -11.06 18.11
CA GLY F 488 -13.46 -10.11 17.73
C GLY F 488 -14.50 -9.88 18.82
N THR F 489 -14.53 -10.71 19.87
CA THR F 489 -15.60 -10.62 20.90
C THR F 489 -15.09 -10.08 22.23
N ALA F 490 -13.78 -9.95 22.43
CA ALA F 490 -13.19 -9.55 23.74
C ALA F 490 -13.20 -8.04 23.96
N TRP F 491 -13.47 -7.25 22.93
CA TRP F 491 -13.42 -5.78 23.09
C TRP F 491 -14.14 -5.05 21.94
N ILE F 492 -14.54 -3.81 22.18
CA ILE F 492 -15.15 -2.95 21.12
C ILE F 492 -14.02 -2.02 20.65
N SER F 493 -13.79 -1.92 19.34
CA SER F 493 -12.62 -1.19 18.79
C SER F 493 -12.70 0.33 19.00
N GLY F 494 -13.86 0.93 18.75
CA GLY F 494 -13.94 2.39 18.84
C GLY F 494 -15.30 2.86 19.30
N GLY F 495 -15.54 4.18 19.23
CA GLY F 495 -16.81 4.74 19.70
C GLY F 495 -16.75 5.10 21.17
N LYS F 496 -17.92 5.37 21.75
CA LYS F 496 -17.96 5.81 23.17
C LYS F 496 -17.89 4.58 24.09
N ASP F 497 -18.08 3.39 23.53
CA ASP F 497 -18.08 2.14 24.34
C ASP F 497 -16.83 1.31 24.02
N LYS F 498 -15.80 1.96 23.48
CA LYS F 498 -14.51 1.24 23.24
C LYS F 498 -14.00 0.66 24.56
N GLY F 499 -13.68 -0.62 24.58
CA GLY F 499 -13.13 -1.25 25.78
C GLY F 499 -13.40 -2.74 25.85
N ALA F 500 -12.92 -3.39 26.90
CA ALA F 500 -13.10 -4.83 27.09
C ALA F 500 -14.57 -5.20 27.32
N THR F 501 -14.97 -6.40 26.90
CA THR F 501 -16.37 -6.86 27.01
C THR F 501 -16.57 -7.78 28.22
N GLY F 502 -15.54 -8.53 28.62
CA GLY F 502 -15.72 -9.54 29.69
C GLY F 502 -16.02 -10.89 29.10
N ARG F 503 -16.24 -10.97 27.78
CA ARG F 503 -16.46 -12.26 27.09
C ARG F 503 -15.11 -12.96 26.91
N PRO F 504 -15.01 -14.28 27.13
CA PRO F 504 -16.18 -15.15 27.24
C PRO F 504 -16.52 -15.70 28.65
N VAL F 505 -16.43 -14.87 29.68
CA VAL F 505 -16.70 -15.30 31.08
C VAL F 505 -18.12 -15.90 31.20
N PRO F 506 -19.18 -15.28 30.63
CA PRO F 506 -20.52 -15.88 30.66
C PRO F 506 -20.58 -17.34 30.15
N LEU F 507 -20.04 -17.63 28.96
CA LEU F 507 -20.00 -19.02 28.41
C LEU F 507 -19.21 -19.96 29.33
N LEU F 508 -18.02 -19.55 29.76
CA LEU F 508 -17.14 -20.43 30.56
C LEU F 508 -17.76 -20.74 31.93
N THR F 509 -18.40 -19.77 32.58
CA THR F 509 -19.04 -19.98 33.91
C THR F 509 -20.27 -20.89 33.73
N GLN F 510 -21.06 -20.71 32.67
CA GLN F 510 -22.21 -21.60 32.37
C GLN F 510 -21.71 -23.03 32.14
N TYR F 511 -20.63 -23.19 31.39
CA TYR F 511 -20.02 -24.53 31.14
C TYR F 511 -19.66 -25.18 32.47
N LEU F 512 -18.98 -24.45 33.35
CA LEU F 512 -18.51 -25.00 34.64
C LEU F 512 -19.71 -25.27 35.56
N LEU F 513 -20.76 -24.47 35.48
CA LEU F 513 -21.99 -24.68 36.30
C LEU F 513 -22.65 -26.01 35.91
N GLU F 514 -22.76 -26.30 34.61
CA GLU F 514 -23.32 -27.59 34.12
C GLU F 514 -22.43 -28.75 34.55
N ARG F 515 -21.10 -28.57 34.53
CA ARG F 515 -20.15 -29.62 34.95
C ARG F 515 -20.22 -29.84 36.47
N ALA F 516 -20.67 -28.85 37.24
CA ALA F 516 -20.70 -28.96 38.71
C ALA F 516 -21.95 -29.69 39.19
N LYS F 517 -22.94 -29.85 38.32
CA LYS F 517 -24.22 -30.49 38.70
C LYS F 517 -24.04 -32.01 38.86
#